data_2MX1
#
_entry.id   2MX1
#
_entity_poly.entity_id   1
_entity_poly.type   'polypeptide(L)'
_entity_poly.pdbx_seq_one_letter_code
;NNNLQRDAIAAAIDVLNEERVIAYPTEAVFGVGCDPDSETAVMRLLELKQRPVDKGLILIAANYEQLKPYIDDTMLTDVQ
RETIFSRWPGPVTFVFPAPATTPRWLTGRFDSLAVRVTDHPLVVALCQAYGKPLVSTSANLSGLPPCRTVDEVRAQFGAA
FPVVPGETGGRLNPSEIRDALTGELFRQG
;
_entity_poly.pdbx_strand_id   A
#
# COMPACT_ATOMS: atom_id res chain seq x y z
N ASN A 1 22.44 -7.43 0.99
CA ASN A 1 21.98 -7.69 -0.40
C ASN A 1 21.21 -9.02 -0.45
N ASN A 2 21.93 -10.11 -0.29
CA ASN A 2 21.31 -11.43 -0.33
C ASN A 2 20.31 -11.59 0.81
N ASN A 3 20.67 -11.09 1.98
CA ASN A 3 19.80 -11.18 3.15
C ASN A 3 18.51 -10.39 2.91
N LEU A 4 18.65 -9.24 2.30
CA LEU A 4 17.50 -8.39 2.01
C LEU A 4 16.54 -9.11 1.08
N GLN A 5 17.09 -9.77 0.06
CA GLN A 5 16.27 -10.51 -0.89
C GLN A 5 15.47 -11.59 -0.18
N ARG A 6 16.14 -12.28 0.75
CA ARG A 6 15.48 -13.34 1.51
C ARG A 6 14.38 -12.75 2.39
N ASP A 7 14.65 -11.58 2.96
CA ASP A 7 13.68 -10.92 3.82
C ASP A 7 12.41 -10.62 3.04
N ALA A 8 12.56 -10.05 1.85
CA ALA A 8 11.41 -9.72 1.02
C ALA A 8 10.64 -10.99 0.65
N ILE A 9 11.37 -12.02 0.24
CA ILE A 9 10.74 -13.29 -0.12
C ILE A 9 10.05 -13.90 1.08
N ALA A 10 10.72 -13.88 2.23
CA ALA A 10 10.17 -14.44 3.45
C ALA A 10 8.83 -13.80 3.79
N ALA A 11 8.76 -12.48 3.73
CA ALA A 11 7.53 -11.77 4.04
C ALA A 11 6.42 -12.15 3.08
N ALA A 12 6.75 -12.20 1.79
CA ALA A 12 5.75 -12.54 0.77
C ALA A 12 5.16 -13.94 0.99
N ILE A 13 6.01 -14.95 1.11
CA ILE A 13 5.54 -16.33 1.29
C ILE A 13 4.90 -16.52 2.66
N ASP A 14 5.49 -15.92 3.69
CA ASP A 14 4.95 -16.07 5.03
C ASP A 14 3.52 -15.58 5.09
N VAL A 15 3.28 -14.35 4.70
CA VAL A 15 1.92 -13.80 4.72
C VAL A 15 1.02 -14.60 3.80
N LEU A 16 1.53 -14.99 2.64
CA LEU A 16 0.72 -15.77 1.71
C LEU A 16 0.12 -16.97 2.44
N ASN A 17 0.98 -17.70 3.14
CA ASN A 17 0.55 -18.90 3.86
C ASN A 17 -0.08 -18.54 5.22
N GLU A 18 0.62 -17.73 6.00
CA GLU A 18 0.16 -17.35 7.32
C GLU A 18 -1.11 -16.50 7.23
N GLU A 19 -1.19 -15.70 6.18
CA GLU A 19 -2.36 -14.84 5.95
C GLU A 19 -2.59 -13.87 7.11
N ARG A 20 -1.94 -12.71 7.06
CA ARG A 20 -2.08 -11.70 8.10
C ARG A 20 -1.64 -10.34 7.56
N VAL A 21 -0.89 -9.60 8.38
CA VAL A 21 -0.38 -8.29 8.01
C VAL A 21 1.05 -8.14 8.56
N ILE A 22 1.96 -7.57 7.77
CA ILE A 22 3.37 -7.40 8.20
C ILE A 22 3.87 -5.98 7.98
N ALA A 23 5.01 -5.67 8.59
CA ALA A 23 5.60 -4.33 8.47
C ALA A 23 5.87 -3.98 7.01
N TYR A 24 5.50 -2.76 6.62
CA TYR A 24 5.69 -2.27 5.24
C TYR A 24 6.41 -0.90 5.26
N PRO A 25 7.44 -0.65 4.44
CA PRO A 25 8.08 0.71 4.45
C PRO A 25 7.08 1.80 4.08
N THR A 26 7.23 3.00 4.66
CA THR A 26 6.33 4.12 4.37
C THR A 26 7.13 5.37 4.03
N GLU A 27 6.62 6.12 3.08
CA GLU A 27 7.29 7.34 2.64
C GLU A 27 7.07 8.47 3.63
N ALA A 28 6.72 8.11 4.87
CA ALA A 28 6.48 9.12 5.91
C ALA A 28 6.56 8.51 7.31
N VAL A 29 5.59 7.67 7.65
CA VAL A 29 5.54 7.03 8.97
C VAL A 29 5.39 5.52 8.81
N PHE A 30 6.25 4.78 9.51
CA PHE A 30 6.23 3.32 9.43
C PHE A 30 4.80 2.79 9.46
N GLY A 31 4.54 1.81 8.60
CA GLY A 31 3.21 1.20 8.50
C GLY A 31 3.32 -0.31 8.29
N VAL A 32 2.19 -0.94 7.99
CA VAL A 32 2.12 -2.39 7.77
C VAL A 32 1.33 -2.66 6.50
N GLY A 33 1.41 -3.88 5.97
CA GLY A 33 0.68 -4.22 4.73
C GLY A 33 0.38 -5.70 4.63
N CYS A 34 -0.23 -6.09 3.49
CA CYS A 34 -0.58 -7.50 3.27
C CYS A 34 -0.71 -7.78 1.77
N ASP A 35 -1.25 -8.96 1.44
CA ASP A 35 -1.39 -9.36 0.04
C ASP A 35 -2.79 -9.05 -0.56
N PRO A 36 -2.93 -8.09 -1.49
CA PRO A 36 -4.23 -7.78 -2.15
C PRO A 36 -5.09 -9.00 -2.43
N ASP A 37 -6.32 -8.73 -2.81
CA ASP A 37 -7.28 -9.78 -3.14
C ASP A 37 -7.17 -10.94 -2.15
N SER A 38 -7.58 -10.69 -0.90
CA SER A 38 -7.54 -11.71 0.15
C SER A 38 -8.62 -11.47 1.19
N GLU A 39 -9.22 -12.55 1.67
CA GLU A 39 -10.28 -12.49 2.67
C GLU A 39 -9.76 -11.95 4.00
N THR A 40 -8.51 -12.25 4.30
CA THR A 40 -7.90 -11.83 5.56
C THR A 40 -7.91 -10.31 5.69
N ALA A 41 -7.61 -9.61 4.60
CA ALA A 41 -7.58 -8.14 4.64
C ALA A 41 -8.92 -7.56 5.08
N VAL A 42 -9.99 -7.98 4.42
CA VAL A 42 -11.31 -7.47 4.77
C VAL A 42 -11.71 -7.90 6.20
N MET A 43 -11.48 -9.16 6.52
CA MET A 43 -11.83 -9.67 7.86
C MET A 43 -10.95 -9.05 8.96
N ARG A 44 -9.63 -9.01 8.75
CA ARG A 44 -8.72 -8.45 9.77
C ARG A 44 -9.02 -6.97 10.00
N LEU A 45 -9.49 -6.28 8.98
CA LEU A 45 -9.83 -4.88 9.15
C LEU A 45 -11.12 -4.76 9.95
N LEU A 46 -12.20 -5.32 9.40
CA LEU A 46 -13.50 -5.28 10.05
C LEU A 46 -13.40 -5.81 11.47
N GLU A 47 -12.37 -6.58 11.72
CA GLU A 47 -12.17 -7.18 13.01
C GLU A 47 -11.95 -6.09 14.05
N LEU A 48 -10.72 -5.65 14.19
CA LEU A 48 -10.38 -4.62 15.15
C LEU A 48 -10.81 -3.21 14.69
N LYS A 49 -10.78 -2.94 13.38
CA LYS A 49 -11.11 -1.59 12.91
C LYS A 49 -12.62 -1.37 12.93
N GLN A 50 -13.31 -2.03 12.01
CA GLN A 50 -14.76 -1.89 11.94
C GLN A 50 -15.13 -0.41 11.83
N ARG A 51 -15.01 0.12 10.60
CA ARG A 51 -15.31 1.53 10.30
C ARG A 51 -14.64 1.91 8.96
N PRO A 52 -13.33 1.89 8.88
CA PRO A 52 -12.58 2.22 7.63
C PRO A 52 -12.81 1.19 6.53
N VAL A 53 -13.39 0.04 6.88
CA VAL A 53 -13.64 -1.00 5.88
C VAL A 53 -14.19 -0.40 4.59
N ASP A 54 -15.18 0.49 4.75
CA ASP A 54 -15.80 1.12 3.59
C ASP A 54 -14.81 2.05 2.89
N LYS A 55 -14.08 2.83 3.66
CA LYS A 55 -13.11 3.77 3.10
C LYS A 55 -12.04 3.02 2.29
N GLY A 56 -11.61 1.87 2.79
CA GLY A 56 -10.60 1.10 2.08
C GLY A 56 -9.26 1.82 2.06
N LEU A 57 -8.32 1.28 2.81
CA LEU A 57 -6.98 1.83 2.91
C LEU A 57 -6.38 2.13 1.54
N ILE A 58 -5.08 2.45 1.56
CA ILE A 58 -4.34 2.74 0.33
C ILE A 58 -3.46 1.54 0.01
N LEU A 59 -3.37 1.18 -1.27
CA LEU A 59 -2.57 0.03 -1.70
C LEU A 59 -1.32 0.49 -2.43
N ILE A 60 -0.19 -0.23 -2.27
CA ILE A 60 1.06 0.15 -2.96
C ILE A 60 1.40 -0.87 -4.05
N ALA A 61 1.68 -0.37 -5.25
CA ALA A 61 2.03 -1.21 -6.38
C ALA A 61 3.43 -0.87 -6.86
N ALA A 62 4.10 -1.83 -7.47
CA ALA A 62 5.46 -1.62 -7.98
C ALA A 62 5.47 -1.70 -9.49
N ASN A 63 4.51 -2.45 -10.05
CA ASN A 63 4.43 -2.60 -11.51
C ASN A 63 3.12 -2.03 -12.04
N TYR A 64 3.19 -1.45 -13.23
CA TYR A 64 2.00 -0.88 -13.86
C TYR A 64 1.09 -2.00 -14.35
N GLU A 65 1.65 -3.20 -14.39
CA GLU A 65 0.92 -4.37 -14.84
C GLU A 65 -0.41 -4.48 -14.12
N GLN A 66 -0.44 -4.06 -12.85
CA GLN A 66 -1.67 -4.12 -12.04
C GLN A 66 -2.46 -2.79 -12.09
N LEU A 67 -1.88 -1.74 -12.67
CA LEU A 67 -2.59 -0.44 -12.77
C LEU A 67 -3.33 -0.40 -14.11
N LYS A 68 -2.94 -1.30 -15.02
CA LYS A 68 -3.54 -1.35 -16.35
C LYS A 68 -4.93 -1.99 -16.35
N PRO A 69 -5.17 -3.04 -15.59
CA PRO A 69 -6.48 -3.73 -15.55
C PRO A 69 -7.29 -3.34 -14.32
N TYR A 70 -6.68 -2.56 -13.43
CA TYR A 70 -7.34 -2.13 -12.20
C TYR A 70 -8.04 -0.78 -12.41
N ILE A 71 -7.68 -0.11 -13.52
CA ILE A 71 -8.30 1.18 -13.88
C ILE A 71 -8.66 1.17 -15.36
N ASP A 72 -9.59 2.02 -15.76
CA ASP A 72 -9.96 2.10 -17.17
C ASP A 72 -8.74 2.55 -17.97
N ASP A 73 -8.61 2.04 -19.18
CA ASP A 73 -7.45 2.37 -20.02
C ASP A 73 -7.61 3.74 -20.68
N THR A 74 -8.76 4.36 -20.48
CA THR A 74 -9.01 5.67 -21.07
C THR A 74 -8.21 6.73 -20.33
N MET A 75 -8.12 6.58 -19.01
CA MET A 75 -7.39 7.52 -18.17
C MET A 75 -5.91 7.48 -18.54
N LEU A 76 -5.41 6.25 -18.62
CA LEU A 76 -4.02 5.99 -18.92
C LEU A 76 -3.75 6.12 -20.40
N THR A 77 -2.65 6.79 -20.70
CA THR A 77 -2.25 7.04 -22.07
C THR A 77 -0.76 7.38 -22.12
N ASP A 78 -0.15 7.20 -23.30
CA ASP A 78 1.28 7.46 -23.47
C ASP A 78 1.74 8.69 -22.70
N VAL A 79 0.99 9.79 -22.80
CA VAL A 79 1.36 11.01 -22.10
C VAL A 79 1.30 10.81 -20.59
N GLN A 80 0.36 10.00 -20.13
CA GLN A 80 0.21 9.75 -18.69
C GLN A 80 1.43 9.00 -18.15
N ARG A 81 1.93 8.05 -18.93
CA ARG A 81 3.08 7.27 -18.51
C ARG A 81 4.28 8.18 -18.38
N GLU A 82 4.52 8.90 -19.45
CA GLU A 82 5.63 9.82 -19.49
C GLU A 82 5.56 10.78 -18.32
N THR A 83 4.40 11.37 -18.18
CA THR A 83 4.15 12.35 -17.15
C THR A 83 4.33 11.77 -15.76
N ILE A 84 3.71 10.63 -15.46
CA ILE A 84 3.84 10.04 -14.15
C ILE A 84 5.27 9.55 -13.95
N PHE A 85 5.89 9.11 -15.05
CA PHE A 85 7.26 8.61 -15.00
C PHE A 85 8.26 9.76 -14.92
N SER A 86 7.96 10.88 -15.57
CA SER A 86 8.87 12.03 -15.58
C SER A 86 8.61 12.95 -14.38
N ARG A 87 7.45 12.77 -13.74
CA ARG A 87 7.08 13.59 -12.57
C ARG A 87 6.96 12.71 -11.32
N TRP A 88 8.12 12.33 -10.78
CA TRP A 88 8.17 11.49 -9.58
C TRP A 88 7.40 10.17 -9.80
N PRO A 89 7.81 9.08 -9.18
CA PRO A 89 7.13 7.76 -9.38
C PRO A 89 5.73 7.76 -8.78
N GLY A 90 5.51 8.56 -7.74
CA GLY A 90 4.20 8.64 -7.10
C GLY A 90 4.33 8.97 -5.61
N PRO A 91 4.53 10.21 -5.28
CA PRO A 91 4.70 10.67 -3.86
C PRO A 91 3.36 10.92 -3.17
N VAL A 92 2.29 10.90 -3.97
CA VAL A 92 0.93 11.14 -3.45
C VAL A 92 -0.05 10.12 -4.04
N THR A 93 -1.07 9.77 -3.25
CA THR A 93 -2.06 8.79 -3.68
C THR A 93 -3.19 9.45 -4.49
N PHE A 94 -3.64 8.75 -5.53
CA PHE A 94 -4.71 9.24 -6.41
C PHE A 94 -5.86 8.24 -6.43
N VAL A 95 -7.10 8.73 -6.46
CA VAL A 95 -8.28 7.83 -6.50
C VAL A 95 -8.89 7.80 -7.89
N PHE A 96 -8.79 6.64 -8.54
CA PHE A 96 -9.32 6.45 -9.90
C PHE A 96 -10.69 5.77 -9.86
N PRO A 97 -11.55 6.04 -10.83
CA PRO A 97 -12.92 5.43 -10.86
C PRO A 97 -12.86 3.94 -11.21
N ALA A 98 -12.67 3.11 -10.20
CA ALA A 98 -12.59 1.66 -10.41
C ALA A 98 -13.75 1.19 -11.30
N PRO A 99 -13.58 0.15 -12.06
CA PRO A 99 -14.68 -0.37 -12.95
C PRO A 99 -15.83 -0.96 -12.16
N ALA A 100 -17.04 -0.78 -12.67
CA ALA A 100 -18.24 -1.29 -12.02
C ALA A 100 -18.24 -2.83 -11.98
N THR A 101 -17.73 -3.43 -13.05
CA THR A 101 -17.69 -4.88 -13.15
C THR A 101 -17.03 -5.52 -11.93
N THR A 102 -15.92 -4.95 -11.49
CA THR A 102 -15.21 -5.49 -10.34
C THR A 102 -16.13 -5.49 -9.11
N PRO A 103 -15.89 -6.35 -8.13
CA PRO A 103 -16.72 -6.40 -6.88
C PRO A 103 -16.94 -5.02 -6.24
N ARG A 104 -17.26 -5.02 -4.95
CA ARG A 104 -17.50 -3.76 -4.22
C ARG A 104 -17.02 -3.87 -2.76
N TRP A 105 -16.49 -5.04 -2.39
CA TRP A 105 -16.01 -5.25 -1.03
C TRP A 105 -14.67 -4.55 -0.84
N LEU A 106 -14.10 -4.06 -1.94
CA LEU A 106 -12.80 -3.39 -1.87
C LEU A 106 -12.97 -1.97 -1.32
N THR A 107 -14.17 -1.41 -1.47
CA THR A 107 -14.46 -0.07 -0.96
C THR A 107 -15.89 -0.01 -0.47
N GLY A 108 -16.80 -0.60 -1.23
CA GLY A 108 -18.21 -0.61 -0.85
C GLY A 108 -18.76 0.77 -0.46
N ARG A 109 -17.92 1.81 -0.53
CA ARG A 109 -18.35 3.17 -0.19
C ARG A 109 -18.80 3.91 -1.45
N PHE A 110 -17.86 4.10 -2.38
CA PHE A 110 -18.13 4.80 -3.63
C PHE A 110 -17.28 4.23 -4.75
N ASP A 111 -17.58 4.64 -5.98
CA ASP A 111 -16.84 4.13 -7.15
C ASP A 111 -15.55 4.93 -7.38
N SER A 112 -14.56 4.69 -6.52
CA SER A 112 -13.26 5.34 -6.65
C SER A 112 -12.27 4.67 -5.72
N LEU A 113 -11.13 4.23 -6.26
CA LEU A 113 -10.10 3.52 -5.49
C LEU A 113 -8.75 4.28 -5.42
N ALA A 114 -8.35 4.60 -4.18
CA ALA A 114 -7.09 5.26 -3.87
C ALA A 114 -5.94 4.26 -3.86
N VAL A 115 -4.99 4.45 -4.78
CA VAL A 115 -3.82 3.57 -4.88
C VAL A 115 -2.58 4.39 -5.20
N ARG A 116 -1.40 3.83 -4.91
CA ARG A 116 -0.14 4.54 -5.16
C ARG A 116 0.92 3.59 -5.72
N VAL A 117 1.84 4.14 -6.52
CA VAL A 117 2.93 3.35 -7.11
C VAL A 117 4.28 3.92 -6.66
N THR A 118 5.17 3.05 -6.19
CA THR A 118 6.50 3.47 -5.73
C THR A 118 7.55 2.52 -6.28
N ASP A 119 8.65 3.08 -6.78
CA ASP A 119 9.74 2.28 -7.34
C ASP A 119 11.09 2.88 -6.93
N HIS A 120 11.57 2.48 -5.76
CA HIS A 120 12.85 2.99 -5.26
C HIS A 120 13.31 2.27 -3.99
N PRO A 121 12.44 1.89 -3.08
CA PRO A 121 12.84 1.22 -1.82
C PRO A 121 12.74 -0.30 -1.92
N LEU A 122 12.67 -0.97 -0.79
CA LEU A 122 12.59 -2.41 -0.75
C LEU A 122 11.17 -2.88 -1.08
N VAL A 123 10.28 -1.92 -1.21
CA VAL A 123 8.89 -2.22 -1.51
C VAL A 123 8.81 -3.01 -2.81
N VAL A 124 9.54 -2.56 -3.83
CA VAL A 124 9.51 -3.29 -5.09
C VAL A 124 9.84 -4.74 -4.82
N ALA A 125 11.03 -5.00 -4.32
CA ALA A 125 11.45 -6.35 -4.02
C ALA A 125 10.30 -7.16 -3.38
N LEU A 126 9.61 -6.56 -2.42
CA LEU A 126 8.49 -7.25 -1.78
C LEU A 126 7.31 -7.42 -2.74
N CYS A 127 6.95 -6.34 -3.45
CA CYS A 127 5.84 -6.39 -4.40
C CYS A 127 6.20 -7.22 -5.63
N GLN A 128 7.36 -6.89 -6.18
CA GLN A 128 7.87 -7.58 -7.35
C GLN A 128 7.92 -9.07 -7.04
N ALA A 129 8.36 -9.38 -5.84
CA ALA A 129 8.50 -10.75 -5.43
C ALA A 129 7.17 -11.47 -5.52
N TYR A 130 6.20 -10.90 -4.83
CA TYR A 130 4.87 -11.45 -4.83
C TYR A 130 4.30 -11.37 -6.24
N GLY A 131 4.87 -10.47 -7.01
CA GLY A 131 4.44 -10.26 -8.38
C GLY A 131 3.22 -9.37 -8.40
N LYS A 132 2.80 -8.89 -7.21
CA LYS A 132 1.62 -8.04 -7.14
C LYS A 132 1.72 -7.08 -5.93
N PRO A 133 0.99 -5.98 -5.97
CA PRO A 133 1.00 -4.95 -4.89
C PRO A 133 0.97 -5.53 -3.48
N LEU A 134 1.01 -4.62 -2.52
CA LEU A 134 0.93 -4.94 -1.10
C LEU A 134 -0.06 -3.96 -0.48
N VAL A 135 -1.10 -4.43 0.17
CA VAL A 135 -2.04 -3.47 0.76
C VAL A 135 -1.31 -2.69 1.81
N SER A 136 -1.64 -1.40 1.94
CA SER A 136 -0.96 -0.53 2.92
C SER A 136 -1.92 -0.07 4.02
N THR A 137 -1.56 -0.36 5.27
CA THR A 137 -2.36 0.04 6.44
C THR A 137 -1.48 0.77 7.45
N SER A 138 -2.10 1.50 8.36
CA SER A 138 -1.36 2.23 9.39
C SER A 138 -0.82 1.26 10.45
N ALA A 139 0.32 1.61 11.05
CA ALA A 139 0.92 0.75 12.08
C ALA A 139 0.21 0.96 13.42
N ASN A 140 -0.92 0.30 13.60
CA ASN A 140 -1.67 0.40 14.85
C ASN A 140 -2.62 -0.77 14.99
N LEU A 141 -3.09 -0.95 16.22
CA LEU A 141 -3.98 -2.05 16.57
C LEU A 141 -5.16 -1.53 17.43
N SER A 142 -5.88 -2.45 18.05
CA SER A 142 -7.01 -2.08 18.89
C SER A 142 -6.55 -1.18 20.03
N GLY A 143 -5.43 -1.55 20.65
CA GLY A 143 -4.89 -0.76 21.75
C GLY A 143 -3.43 -1.12 22.01
N LEU A 144 -2.84 -1.85 21.08
CA LEU A 144 -1.44 -2.26 21.21
C LEU A 144 -0.52 -1.18 20.59
N PRO A 145 0.47 -0.67 21.31
CA PRO A 145 1.39 0.37 20.75
C PRO A 145 1.75 0.10 19.28
N PRO A 146 2.15 1.11 18.55
CA PRO A 146 2.53 0.95 17.11
C PRO A 146 3.92 0.34 16.96
N CYS A 147 4.52 0.51 15.78
CA CYS A 147 5.86 -0.01 15.49
C CYS A 147 6.74 1.12 14.98
N ARG A 148 7.35 1.85 15.90
CA ARG A 148 8.21 2.97 15.53
C ARG A 148 9.26 2.53 14.52
N THR A 149 9.79 1.33 14.68
CA THR A 149 10.78 0.80 13.74
C THR A 149 10.76 -0.72 13.81
N VAL A 150 11.47 -1.35 12.91
CA VAL A 150 11.53 -2.77 12.88
C VAL A 150 12.08 -3.28 14.21
N ASP A 151 12.81 -2.41 14.91
CA ASP A 151 13.35 -2.79 16.20
C ASP A 151 12.18 -3.01 17.15
N GLU A 152 11.07 -2.35 16.84
CA GLU A 152 9.88 -2.48 17.65
C GLU A 152 9.25 -3.87 17.43
N VAL A 153 8.53 -4.04 16.31
CA VAL A 153 7.90 -5.33 15.92
C VAL A 153 8.79 -6.49 16.37
N ARG A 154 10.08 -6.23 16.41
CA ARG A 154 11.05 -7.25 16.81
C ARG A 154 11.00 -7.49 18.32
N ALA A 155 11.08 -6.41 19.08
CA ALA A 155 11.02 -6.54 20.53
C ALA A 155 9.62 -6.93 20.91
N GLN A 156 8.74 -6.66 19.98
CA GLN A 156 7.32 -6.91 20.09
C GLN A 156 6.97 -8.37 19.75
N PHE A 157 7.54 -8.89 18.64
CA PHE A 157 7.24 -10.26 18.21
C PHE A 157 8.52 -11.06 17.92
N GLY A 158 9.63 -10.38 17.64
CA GLY A 158 10.89 -11.07 17.34
C GLY A 158 11.01 -11.33 15.85
N ALA A 159 10.29 -10.53 15.07
CA ALA A 159 10.31 -10.66 13.62
C ALA A 159 11.75 -10.85 13.12
N ALA A 160 12.37 -9.77 12.67
CA ALA A 160 13.72 -9.85 12.13
C ALA A 160 13.72 -10.75 10.90
N PHE A 161 12.63 -10.68 10.14
CA PHE A 161 12.47 -11.48 8.93
C PHE A 161 11.18 -11.07 8.22
N PRO A 162 10.03 -11.22 8.84
CA PRO A 162 8.73 -10.79 8.23
C PRO A 162 8.60 -9.26 8.26
N VAL A 163 9.76 -8.59 8.21
CA VAL A 163 9.81 -7.13 8.26
C VAL A 163 10.70 -6.59 7.15
N VAL A 164 10.62 -5.27 6.92
CA VAL A 164 11.44 -4.60 5.90
C VAL A 164 12.27 -3.47 6.53
N PRO A 165 13.20 -3.81 7.38
CA PRO A 165 14.09 -2.82 8.06
C PRO A 165 14.50 -1.65 7.21
N GLY A 166 14.57 -0.50 7.86
CA GLY A 166 14.97 0.72 7.21
C GLY A 166 14.62 1.94 8.07
N GLU A 167 14.71 3.13 7.47
CA GLU A 167 14.39 4.37 8.17
C GLU A 167 13.92 5.43 7.18
N THR A 168 13.56 6.60 7.69
CA THR A 168 13.10 7.70 6.84
C THR A 168 13.54 9.04 7.40
N GLY A 169 13.69 10.03 6.53
CA GLY A 169 14.12 11.36 6.96
C GLY A 169 13.25 11.88 8.10
N GLY A 170 11.99 12.17 7.78
CA GLY A 170 11.05 12.68 8.78
C GLY A 170 10.22 13.82 8.20
N ARG A 171 8.96 13.54 7.89
CA ARG A 171 8.06 14.53 7.31
C ARG A 171 6.68 14.44 7.96
N LEU A 172 5.97 15.57 7.99
CA LEU A 172 4.65 15.62 8.62
C LEU A 172 3.68 14.66 7.93
N ASN A 173 3.23 15.03 6.73
CA ASN A 173 2.28 14.21 5.99
C ASN A 173 2.03 14.79 4.59
N PRO A 174 3.07 14.93 3.80
CA PRO A 174 2.95 15.49 2.42
C PRO A 174 2.18 14.56 1.49
N SER A 175 2.05 13.29 1.89
CA SER A 175 1.33 12.30 1.08
C SER A 175 -0.13 12.25 1.50
N GLU A 176 -1.00 12.49 0.53
CA GLU A 176 -2.42 12.53 0.75
C GLU A 176 -3.16 11.75 -0.34
N ILE A 177 -4.49 11.87 -0.37
CA ILE A 177 -5.31 11.20 -1.37
C ILE A 177 -6.15 12.21 -2.16
N ARG A 178 -5.72 12.50 -3.38
CA ARG A 178 -6.41 13.46 -4.23
C ARG A 178 -7.38 12.78 -5.19
N ASP A 179 -8.37 13.53 -5.62
CA ASP A 179 -9.36 13.00 -6.55
C ASP A 179 -8.77 12.93 -7.94
N ALA A 180 -8.46 11.72 -8.37
CA ALA A 180 -7.87 11.50 -9.70
C ALA A 180 -8.85 11.91 -10.80
N LEU A 181 -10.11 12.13 -10.41
CA LEU A 181 -11.13 12.52 -11.38
C LEU A 181 -10.77 13.87 -12.00
N THR A 182 -10.31 14.80 -11.17
CA THR A 182 -9.94 16.15 -11.63
C THR A 182 -8.44 16.39 -11.44
N GLY A 183 -7.91 15.97 -10.29
CA GLY A 183 -6.49 16.15 -10.02
C GLY A 183 -6.17 17.60 -9.70
N GLU A 184 -7.20 18.37 -9.33
CA GLU A 184 -7.02 19.77 -9.01
C GLU A 184 -6.31 19.94 -7.67
N LEU A 185 -5.60 21.05 -7.54
CA LEU A 185 -4.86 21.34 -6.31
C LEU A 185 -5.83 21.61 -5.16
N PHE A 186 -5.28 21.86 -3.98
CA PHE A 186 -6.11 22.15 -2.80
C PHE A 186 -6.36 23.65 -2.65
N ARG A 187 -5.39 24.45 -3.08
CA ARG A 187 -5.52 25.90 -2.99
C ARG A 187 -6.42 26.45 -4.09
N GLN A 188 -7.25 27.43 -3.74
CA GLN A 188 -8.17 28.07 -4.70
C GLN A 188 -8.02 29.58 -4.63
N GLY A 189 -7.39 30.07 -3.57
CA GLY A 189 -7.18 31.50 -3.40
C GLY A 189 -8.51 32.22 -3.21
N ASN A 1 25.89 -13.33 -1.74
CA ASN A 1 25.50 -13.20 -0.31
C ASN A 1 24.23 -12.37 -0.20
N ASN A 2 23.13 -12.91 -0.74
CA ASN A 2 21.86 -12.20 -0.71
C ASN A 2 21.15 -12.42 0.63
N ASN A 3 20.50 -11.38 1.14
CA ASN A 3 19.79 -11.45 2.41
C ASN A 3 18.52 -10.58 2.36
N LEU A 4 18.66 -9.37 1.84
CA LEU A 4 17.53 -8.46 1.72
C LEU A 4 16.45 -9.07 0.81
N GLN A 5 16.89 -9.67 -0.29
CA GLN A 5 15.96 -10.28 -1.24
C GLN A 5 15.22 -11.43 -0.56
N ARG A 6 15.98 -12.21 0.19
CA ARG A 6 15.42 -13.35 0.90
C ARG A 6 14.38 -12.88 1.93
N ASP A 7 14.69 -11.79 2.61
CA ASP A 7 13.78 -11.26 3.61
C ASP A 7 12.46 -10.83 2.97
N ALA A 8 12.55 -10.12 1.85
CA ALA A 8 11.35 -9.67 1.14
C ALA A 8 10.54 -10.86 0.64
N ILE A 9 11.24 -11.83 0.05
CA ILE A 9 10.58 -13.02 -0.46
C ILE A 9 9.95 -13.78 0.70
N ALA A 10 10.69 -13.90 1.79
CA ALA A 10 10.19 -14.62 2.96
C ALA A 10 8.88 -14.00 3.43
N ALA A 11 8.84 -12.67 3.49
CA ALA A 11 7.65 -11.95 3.92
C ALA A 11 6.49 -12.23 2.98
N ALA A 12 6.78 -12.30 1.68
CA ALA A 12 5.74 -12.54 0.69
C ALA A 12 5.07 -13.90 0.91
N ILE A 13 5.88 -14.96 0.96
CA ILE A 13 5.33 -16.30 1.16
C ILE A 13 4.81 -16.49 2.58
N ASP A 14 5.44 -15.80 3.53
CA ASP A 14 5.01 -15.90 4.91
C ASP A 14 3.56 -15.46 5.04
N VAL A 15 3.26 -14.24 4.58
CA VAL A 15 1.90 -13.74 4.65
C VAL A 15 0.96 -14.59 3.79
N LEU A 16 1.41 -14.99 2.62
CA LEU A 16 0.59 -15.80 1.75
C LEU A 16 0.05 -17.00 2.53
N ASN A 17 0.97 -17.70 3.19
CA ASN A 17 0.61 -18.89 3.96
C ASN A 17 0.01 -18.53 5.32
N GLU A 18 0.71 -17.67 6.06
CA GLU A 18 0.30 -17.27 7.39
C GLU A 18 -1.01 -16.47 7.34
N GLU A 19 -1.16 -15.69 6.27
CA GLU A 19 -2.37 -14.89 6.06
C GLU A 19 -2.61 -13.85 7.16
N ARG A 20 -1.94 -12.70 7.05
CA ARG A 20 -2.12 -11.61 8.00
C ARG A 20 -1.55 -10.31 7.44
N VAL A 21 -0.89 -9.53 8.28
CA VAL A 21 -0.30 -8.26 7.88
C VAL A 21 1.13 -8.14 8.45
N ILE A 22 2.06 -7.57 7.67
CA ILE A 22 3.46 -7.44 8.12
C ILE A 22 3.96 -6.01 7.96
N ALA A 23 5.07 -5.69 8.62
CA ALA A 23 5.63 -4.34 8.56
C ALA A 23 6.06 -4.00 7.13
N TYR A 24 5.63 -2.81 6.68
CA TYR A 24 5.95 -2.31 5.33
C TYR A 24 6.70 -0.97 5.48
N PRO A 25 7.71 -0.69 4.68
CA PRO A 25 8.47 0.59 4.81
C PRO A 25 7.73 1.76 4.15
N THR A 26 8.01 2.99 4.61
CA THR A 26 7.37 4.17 4.05
C THR A 26 8.34 5.34 3.98
N GLU A 27 8.24 6.10 2.90
CA GLU A 27 9.11 7.24 2.70
C GLU A 27 8.69 8.40 3.60
N ALA A 28 7.99 8.08 4.69
CA ALA A 28 7.53 9.11 5.62
C ALA A 28 7.35 8.53 7.02
N VAL A 29 6.26 7.77 7.22
CA VAL A 29 5.96 7.16 8.53
C VAL A 29 5.77 5.65 8.38
N PHE A 30 6.48 4.90 9.20
CA PHE A 30 6.39 3.44 9.15
C PHE A 30 4.94 2.98 9.09
N GLY A 31 4.71 1.86 8.41
CA GLY A 31 3.35 1.31 8.27
C GLY A 31 3.40 -0.21 8.09
N VAL A 32 2.24 -0.80 7.84
CA VAL A 32 2.13 -2.26 7.64
C VAL A 32 1.43 -2.54 6.32
N GLY A 33 1.45 -3.79 5.86
CA GLY A 33 0.78 -4.13 4.61
C GLY A 33 0.44 -5.61 4.51
N CYS A 34 -0.21 -6.00 3.41
CA CYS A 34 -0.61 -7.39 3.21
C CYS A 34 -0.74 -7.70 1.71
N ASP A 35 -1.36 -8.84 1.40
CA ASP A 35 -1.52 -9.27 0.00
C ASP A 35 -2.89 -8.89 -0.61
N PRO A 36 -2.96 -7.93 -1.54
CA PRO A 36 -4.25 -7.55 -2.21
C PRO A 36 -5.17 -8.73 -2.51
N ASP A 37 -6.35 -8.40 -2.99
CA ASP A 37 -7.35 -9.39 -3.36
C ASP A 37 -7.34 -10.58 -2.40
N SER A 38 -7.80 -10.35 -1.17
CA SER A 38 -7.86 -11.40 -0.15
C SER A 38 -9.02 -11.17 0.81
N GLU A 39 -9.64 -12.25 1.24
CA GLU A 39 -10.76 -12.18 2.16
C GLU A 39 -10.29 -11.71 3.55
N THR A 40 -9.11 -12.17 3.92
CA THR A 40 -8.53 -11.84 5.22
C THR A 40 -8.26 -10.34 5.35
N ALA A 41 -7.70 -9.74 4.30
CA ALA A 41 -7.38 -8.32 4.34
C ALA A 41 -8.64 -7.47 4.55
N VAL A 42 -9.67 -7.72 3.75
CA VAL A 42 -10.92 -6.97 3.87
C VAL A 42 -11.55 -7.18 5.25
N MET A 43 -11.57 -8.43 5.70
CA MET A 43 -12.12 -8.75 7.03
C MET A 43 -11.28 -8.08 8.11
N ARG A 44 -9.96 -8.10 7.94
CA ARG A 44 -9.03 -7.47 8.88
C ARG A 44 -9.34 -5.98 8.94
N LEU A 45 -9.57 -5.42 7.78
CA LEU A 45 -9.84 -4.00 7.69
C LEU A 45 -11.14 -3.69 8.42
N LEU A 46 -12.19 -4.38 8.04
CA LEU A 46 -13.51 -4.19 8.63
C LEU A 46 -13.57 -4.69 10.08
N GLU A 47 -12.55 -5.41 10.50
CA GLU A 47 -12.52 -5.97 11.82
C GLU A 47 -12.37 -4.88 12.87
N LEU A 48 -11.14 -4.47 13.09
CA LEU A 48 -10.85 -3.45 14.09
C LEU A 48 -11.20 -2.03 13.65
N LYS A 49 -11.03 -1.70 12.37
CA LYS A 49 -11.31 -0.32 11.93
C LYS A 49 -12.80 -0.08 11.83
N GLN A 50 -13.48 -0.98 11.13
CA GLN A 50 -14.93 -0.89 10.93
C GLN A 50 -15.39 0.57 10.79
N ARG A 51 -14.98 1.22 9.70
CA ARG A 51 -15.36 2.62 9.45
C ARG A 51 -14.71 3.15 8.16
N PRO A 52 -13.41 3.04 8.01
CA PRO A 52 -12.67 3.56 6.81
C PRO A 52 -12.76 2.61 5.62
N VAL A 53 -13.35 1.45 5.84
CA VAL A 53 -13.48 0.47 4.77
C VAL A 53 -13.92 1.12 3.46
N ASP A 54 -14.92 1.99 3.55
CA ASP A 54 -15.42 2.67 2.35
C ASP A 54 -14.35 3.59 1.77
N LYS A 55 -13.64 4.27 2.65
CA LYS A 55 -12.59 5.18 2.22
C LYS A 55 -11.51 4.37 1.49
N GLY A 56 -11.22 3.18 2.00
CA GLY A 56 -10.23 2.32 1.40
C GLY A 56 -8.82 2.88 1.61
N LEU A 57 -8.06 2.20 2.44
CA LEU A 57 -6.69 2.60 2.77
C LEU A 57 -5.85 2.83 1.51
N ILE A 58 -4.53 2.86 1.71
CA ILE A 58 -3.59 3.08 0.60
C ILE A 58 -2.91 1.76 0.23
N LEU A 59 -2.79 1.51 -1.07
CA LEU A 59 -2.15 0.28 -1.57
C LEU A 59 -0.88 0.65 -2.33
N ILE A 60 0.19 -0.17 -2.21
CA ILE A 60 1.45 0.12 -2.92
C ILE A 60 1.71 -0.92 -4.02
N ALA A 61 2.07 -0.44 -5.21
CA ALA A 61 2.36 -1.30 -6.37
C ALA A 61 3.76 -1.03 -6.86
N ALA A 62 4.39 -2.04 -7.44
CA ALA A 62 5.76 -1.90 -7.96
C ALA A 62 5.74 -1.91 -9.47
N ASN A 63 4.77 -2.61 -10.05
CA ASN A 63 4.66 -2.68 -11.52
C ASN A 63 3.40 -1.97 -12.02
N TYR A 64 3.48 -1.43 -13.23
CA TYR A 64 2.35 -0.74 -13.83
C TYR A 64 1.37 -1.77 -14.38
N GLU A 65 1.87 -3.01 -14.48
CA GLU A 65 1.08 -4.11 -15.00
C GLU A 65 -0.22 -4.25 -14.24
N GLN A 66 -0.21 -3.88 -12.97
CA GLN A 66 -1.43 -3.97 -12.14
C GLN A 66 -2.21 -2.65 -12.09
N LEU A 67 -1.64 -1.55 -12.58
CA LEU A 67 -2.38 -0.26 -12.59
C LEU A 67 -3.13 -0.14 -13.92
N LYS A 68 -2.70 -0.92 -14.90
CA LYS A 68 -3.29 -0.88 -16.23
C LYS A 68 -4.66 -1.56 -16.31
N PRO A 69 -4.86 -2.69 -15.65
CA PRO A 69 -6.14 -3.43 -15.69
C PRO A 69 -6.97 -3.24 -14.42
N TYR A 70 -6.41 -2.51 -13.45
CA TYR A 70 -7.09 -2.29 -12.17
C TYR A 70 -7.82 -0.94 -12.18
N ILE A 71 -7.55 -0.12 -13.19
CA ILE A 71 -8.21 1.19 -13.34
C ILE A 71 -8.80 1.31 -14.74
N ASP A 72 -9.81 2.17 -14.88
CA ASP A 72 -10.45 2.36 -16.18
C ASP A 72 -9.45 2.95 -17.17
N ASP A 73 -9.73 2.77 -18.45
CA ASP A 73 -8.86 3.27 -19.51
C ASP A 73 -9.33 4.64 -20.00
N THR A 74 -10.30 5.21 -19.32
CA THR A 74 -10.85 6.51 -19.70
C THR A 74 -9.88 7.63 -19.33
N MET A 75 -9.30 7.54 -18.15
CA MET A 75 -8.36 8.54 -17.64
C MET A 75 -6.92 8.13 -17.92
N LEU A 76 -6.72 6.86 -18.24
CA LEU A 76 -5.38 6.34 -18.50
C LEU A 76 -5.05 6.39 -19.98
N THR A 77 -3.92 6.99 -20.31
CA THR A 77 -3.51 7.15 -21.70
C THR A 77 -2.00 7.35 -21.81
N ASP A 78 -1.46 7.13 -23.00
CA ASP A 78 -0.02 7.27 -23.22
C ASP A 78 0.57 8.46 -22.46
N VAL A 79 -0.08 9.61 -22.57
CA VAL A 79 0.41 10.80 -21.88
C VAL A 79 0.39 10.61 -20.37
N GLN A 80 -0.60 9.84 -19.89
CA GLN A 80 -0.72 9.58 -18.46
C GLN A 80 0.50 8.82 -17.96
N ARG A 81 0.94 7.85 -18.76
CA ARG A 81 2.08 7.03 -18.41
C ARG A 81 3.33 7.90 -18.36
N GLU A 82 3.52 8.60 -19.44
CA GLU A 82 4.68 9.47 -19.57
C GLU A 82 4.72 10.43 -18.40
N THR A 83 3.60 11.08 -18.18
CA THR A 83 3.49 12.06 -17.13
C THR A 83 3.75 11.46 -15.75
N ILE A 84 3.09 10.36 -15.43
CA ILE A 84 3.29 9.75 -14.11
C ILE A 84 4.72 9.19 -14.02
N PHE A 85 5.23 8.73 -15.15
CA PHE A 85 6.58 8.17 -15.21
C PHE A 85 7.65 9.26 -15.19
N SER A 86 7.36 10.40 -15.83
CA SER A 86 8.32 11.51 -15.91
C SER A 86 8.19 12.43 -14.70
N ARG A 87 7.10 12.30 -13.94
CA ARG A 87 6.85 13.13 -12.77
C ARG A 87 6.84 12.28 -11.50
N TRP A 88 8.04 11.87 -11.05
CA TRP A 88 8.16 11.05 -9.85
C TRP A 88 7.33 9.77 -9.97
N PRO A 89 7.71 8.70 -9.30
CA PRO A 89 6.96 7.41 -9.37
C PRO A 89 5.58 7.52 -8.70
N GLY A 90 5.44 8.50 -7.82
CA GLY A 90 4.18 8.71 -7.11
C GLY A 90 4.40 9.51 -5.82
N PRO A 91 4.49 10.82 -5.92
CA PRO A 91 4.74 11.69 -4.74
C PRO A 91 3.46 11.93 -3.93
N VAL A 92 2.32 11.68 -4.55
CA VAL A 92 1.01 11.86 -3.89
C VAL A 92 0.09 10.69 -4.21
N THR A 93 -0.75 10.32 -3.24
CA THR A 93 -1.70 9.21 -3.42
C THR A 93 -3.04 9.72 -3.97
N PHE A 94 -3.52 9.09 -5.04
CA PHE A 94 -4.79 9.49 -5.68
C PHE A 94 -5.81 8.35 -5.60
N VAL A 95 -7.07 8.71 -5.30
CA VAL A 95 -8.15 7.71 -5.21
C VAL A 95 -8.86 7.56 -6.54
N PHE A 96 -8.56 6.45 -7.22
CA PHE A 96 -9.15 6.19 -8.54
C PHE A 96 -10.49 5.48 -8.39
N PRO A 97 -11.45 5.73 -9.28
CA PRO A 97 -12.79 5.07 -9.20
C PRO A 97 -12.73 3.62 -9.66
N ALA A 98 -12.35 2.73 -8.75
CA ALA A 98 -12.25 1.31 -9.08
C ALA A 98 -13.51 0.86 -9.85
N PRO A 99 -13.41 -0.15 -10.69
CA PRO A 99 -14.58 -0.64 -11.48
C PRO A 99 -15.61 -1.33 -10.57
N ALA A 100 -16.86 -1.36 -11.03
CA ALA A 100 -17.95 -1.99 -10.28
C ALA A 100 -18.82 -2.83 -11.20
N THR A 101 -18.18 -3.74 -11.93
CA THR A 101 -18.90 -4.61 -12.85
C THR A 101 -19.79 -5.58 -12.08
N THR A 102 -19.34 -5.99 -10.90
CA THR A 102 -20.11 -6.95 -10.09
C THR A 102 -19.60 -7.07 -8.64
N PRO A 103 -18.32 -7.02 -8.41
CA PRO A 103 -17.75 -7.15 -7.03
C PRO A 103 -18.13 -5.99 -6.11
N ARG A 104 -17.43 -5.95 -4.97
CA ARG A 104 -17.65 -4.91 -3.97
C ARG A 104 -16.69 -5.13 -2.80
N TRP A 105 -15.92 -6.21 -2.88
CA TRP A 105 -14.95 -6.53 -1.83
C TRP A 105 -13.70 -5.72 -2.04
N LEU A 106 -13.65 -5.07 -3.19
CA LEU A 106 -12.53 -4.24 -3.56
C LEU A 106 -12.59 -2.90 -2.83
N THR A 107 -13.76 -2.60 -2.29
CA THR A 107 -13.97 -1.35 -1.55
C THR A 107 -14.90 -1.60 -0.35
N GLY A 108 -15.95 -2.41 -0.58
CA GLY A 108 -16.89 -2.75 0.50
C GLY A 108 -18.10 -1.82 0.56
N ARG A 109 -18.01 -0.64 -0.02
CA ARG A 109 -19.12 0.32 0.03
C ARG A 109 -19.24 1.13 -1.27
N PHE A 110 -18.41 2.16 -1.40
CA PHE A 110 -18.46 3.01 -2.58
C PHE A 110 -17.82 2.30 -3.78
N ASP A 111 -16.86 2.96 -4.41
CA ASP A 111 -16.19 2.38 -5.56
C ASP A 111 -14.98 3.21 -5.96
N SER A 112 -14.08 3.43 -5.00
CA SER A 112 -12.86 4.20 -5.26
C SER A 112 -11.79 3.83 -4.24
N LEU A 113 -10.52 4.02 -4.59
CA LEU A 113 -9.45 3.68 -3.65
C LEU A 113 -8.09 4.35 -3.96
N ALA A 114 -7.46 4.82 -2.87
CA ALA A 114 -6.15 5.45 -2.89
C ALA A 114 -5.07 4.42 -3.21
N VAL A 115 -4.14 4.78 -4.10
CA VAL A 115 -3.06 3.86 -4.48
C VAL A 115 -1.80 4.64 -4.85
N ARG A 116 -0.65 4.00 -4.69
CA ARG A 116 0.64 4.63 -5.00
C ARG A 116 1.60 3.61 -5.61
N VAL A 117 2.53 4.10 -6.44
CA VAL A 117 3.54 3.24 -7.09
C VAL A 117 4.92 3.69 -6.67
N THR A 118 5.75 2.72 -6.27
CA THR A 118 7.12 3.02 -5.84
C THR A 118 8.07 1.99 -6.43
N ASP A 119 9.23 2.46 -6.89
CA ASP A 119 10.25 1.59 -7.47
C ASP A 119 11.63 2.10 -7.12
N HIS A 120 12.12 1.70 -5.94
CA HIS A 120 13.44 2.15 -5.48
C HIS A 120 13.86 1.45 -4.18
N PRO A 121 12.95 1.16 -3.26
CA PRO A 121 13.30 0.51 -1.98
C PRO A 121 13.11 -1.01 -2.04
N LEU A 122 13.02 -1.62 -0.88
CA LEU A 122 12.85 -3.07 -0.80
C LEU A 122 11.41 -3.45 -1.11
N VAL A 123 10.58 -2.44 -1.25
CA VAL A 123 9.18 -2.67 -1.54
C VAL A 123 9.04 -3.49 -2.80
N VAL A 124 9.79 -3.12 -3.84
CA VAL A 124 9.71 -3.88 -5.07
C VAL A 124 9.95 -5.34 -4.78
N ALA A 125 11.12 -5.67 -4.27
CA ALA A 125 11.44 -7.04 -3.93
C ALA A 125 10.24 -7.73 -3.28
N LEU A 126 9.59 -7.06 -2.35
CA LEU A 126 8.42 -7.63 -1.68
C LEU A 126 7.23 -7.74 -2.64
N CYS A 127 6.93 -6.67 -3.38
CA CYS A 127 5.81 -6.67 -4.32
C CYS A 127 6.12 -7.55 -5.51
N GLN A 128 7.30 -7.33 -6.08
CA GLN A 128 7.77 -8.09 -7.22
C GLN A 128 7.70 -9.57 -6.88
N ALA A 129 8.11 -9.88 -5.67
CA ALA A 129 8.15 -11.25 -5.21
C ALA A 129 6.76 -11.84 -5.28
N TYR A 130 5.83 -11.16 -4.64
CA TYR A 130 4.45 -11.59 -4.62
C TYR A 130 3.92 -11.57 -6.04
N GLY A 131 4.59 -10.78 -6.86
CA GLY A 131 4.19 -10.63 -8.24
C GLY A 131 3.05 -9.63 -8.34
N LYS A 132 2.60 -9.12 -7.18
CA LYS A 132 1.51 -8.17 -7.16
C LYS A 132 1.66 -7.20 -5.96
N PRO A 133 1.03 -6.05 -6.02
CA PRO A 133 1.11 -5.01 -4.95
C PRO A 133 1.06 -5.59 -3.54
N LEU A 134 1.16 -4.68 -2.58
CA LEU A 134 1.06 -5.00 -1.16
C LEU A 134 0.11 -3.98 -0.55
N VAL A 135 -0.98 -4.40 0.08
CA VAL A 135 -1.87 -3.40 0.65
C VAL A 135 -1.10 -2.67 1.72
N SER A 136 -1.46 -1.41 1.98
CA SER A 136 -0.73 -0.62 3.00
C SER A 136 -1.70 0.02 3.99
N THR A 137 -1.36 -0.09 5.28
CA THR A 137 -2.18 0.47 6.36
C THR A 137 -1.27 1.20 7.36
N SER A 138 -1.88 2.02 8.21
CA SER A 138 -1.11 2.76 9.20
C SER A 138 -0.59 1.81 10.29
N ALA A 139 0.57 2.14 10.84
CA ALA A 139 1.18 1.32 11.88
C ALA A 139 0.28 1.21 13.11
N ASN A 140 -0.39 2.31 13.43
CA ASN A 140 -1.27 2.32 14.60
C ASN A 140 -2.47 1.42 14.36
N LEU A 141 -2.91 0.76 15.44
CA LEU A 141 -4.05 -0.16 15.37
C LEU A 141 -4.78 -0.19 16.71
N SER A 142 -6.01 -0.71 16.69
CA SER A 142 -6.86 -0.80 17.89
C SER A 142 -6.54 0.29 18.91
N GLY A 143 -5.58 0.02 19.79
CA GLY A 143 -5.18 0.98 20.81
C GLY A 143 -3.76 0.68 21.28
N LEU A 144 -3.06 -0.12 20.48
CA LEU A 144 -1.69 -0.51 20.79
C LEU A 144 -0.71 0.45 20.08
N PRO A 145 0.27 1.03 20.77
CA PRO A 145 1.24 1.97 20.13
C PRO A 145 1.62 1.53 18.70
N PRO A 146 2.07 2.44 17.88
CA PRO A 146 2.45 2.12 16.46
C PRO A 146 3.80 1.40 16.36
N CYS A 147 4.34 1.37 15.13
CA CYS A 147 5.61 0.74 14.83
C CYS A 147 6.63 1.82 14.49
N ARG A 148 7.19 2.46 15.50
CA ARG A 148 8.15 3.53 15.25
C ARG A 148 9.28 3.01 14.36
N THR A 149 9.64 1.75 14.55
CA THR A 149 10.69 1.14 13.74
C THR A 149 10.60 -0.38 13.87
N VAL A 150 11.34 -1.09 13.03
CA VAL A 150 11.34 -2.52 13.08
C VAL A 150 11.75 -2.96 14.48
N ASP A 151 12.45 -2.09 15.18
CA ASP A 151 12.84 -2.38 16.55
C ASP A 151 11.58 -2.52 17.38
N GLU A 152 10.55 -1.78 16.98
CA GLU A 152 9.27 -1.83 17.67
C GLU A 152 8.68 -3.24 17.54
N VAL A 153 8.07 -3.54 16.38
CA VAL A 153 7.49 -4.87 16.07
C VAL A 153 8.35 -5.99 16.66
N ARG A 154 9.65 -5.74 16.75
CA ARG A 154 10.59 -6.74 17.27
C ARG A 154 10.41 -6.97 18.76
N ALA A 155 10.42 -5.89 19.51
CA ALA A 155 10.25 -6.00 20.96
C ALA A 155 8.81 -6.38 21.25
N GLN A 156 8.03 -6.15 20.22
CA GLN A 156 6.60 -6.40 20.24
C GLN A 156 6.26 -7.87 19.92
N PHE A 157 6.91 -8.43 18.89
CA PHE A 157 6.66 -9.81 18.46
C PHE A 157 7.95 -10.62 18.28
N GLY A 158 9.06 -9.92 18.04
CA GLY A 158 10.34 -10.61 17.83
C GLY A 158 10.52 -10.97 16.36
N ALA A 159 9.88 -10.18 15.50
CA ALA A 159 9.97 -10.41 14.07
C ALA A 159 11.41 -10.72 13.65
N ALA A 160 12.12 -9.70 13.18
CA ALA A 160 13.49 -9.88 12.72
C ALA A 160 13.50 -10.77 11.49
N PHE A 161 12.44 -10.65 10.69
CA PHE A 161 12.30 -11.43 9.48
C PHE A 161 11.05 -10.99 8.72
N PRO A 162 9.87 -11.13 9.30
CA PRO A 162 8.61 -10.69 8.65
C PRO A 162 8.51 -9.16 8.64
N VAL A 163 9.67 -8.52 8.55
CA VAL A 163 9.78 -7.07 8.56
C VAL A 163 10.73 -6.59 7.47
N VAL A 164 10.70 -5.27 7.21
CA VAL A 164 11.57 -4.66 6.20
C VAL A 164 12.40 -3.53 6.83
N PRO A 165 13.30 -3.86 7.73
CA PRO A 165 14.19 -2.88 8.42
C PRO A 165 14.68 -1.74 7.56
N GLY A 166 14.84 -0.60 8.21
CA GLY A 166 15.34 0.59 7.55
C GLY A 166 15.08 1.83 8.38
N GLU A 167 15.36 3.00 7.80
CA GLU A 167 15.16 4.28 8.50
C GLU A 167 14.75 5.36 7.52
N THR A 168 13.97 6.33 8.00
CA THR A 168 13.51 7.44 7.16
C THR A 168 13.39 8.72 7.99
N GLY A 169 13.53 9.86 7.32
CA GLY A 169 13.44 11.15 8.02
C GLY A 169 12.08 11.32 8.68
N GLY A 170 11.04 11.49 7.87
CA GLY A 170 9.67 11.69 8.38
C GLY A 170 9.29 13.15 8.30
N ARG A 171 10.18 13.95 7.70
CA ARG A 171 9.94 15.38 7.55
C ARG A 171 8.75 15.64 6.64
N LEU A 172 8.65 14.83 5.58
CA LEU A 172 7.57 14.99 4.63
C LEU A 172 6.22 14.77 5.32
N ASN A 173 5.15 14.68 4.53
CA ASN A 173 3.82 14.47 5.07
C ASN A 173 3.60 12.96 5.31
N PRO A 174 2.79 12.58 6.28
CA PRO A 174 2.53 11.13 6.57
C PRO A 174 1.90 10.42 5.37
N SER A 175 0.94 11.08 4.74
CA SER A 175 0.26 10.51 3.58
C SER A 175 -0.65 11.54 2.92
N GLU A 176 -0.47 11.71 1.62
CA GLU A 176 -1.24 12.66 0.83
C GLU A 176 -2.27 11.94 -0.04
N ILE A 177 -3.53 11.98 0.38
CA ILE A 177 -4.64 11.34 -0.36
C ILE A 177 -5.56 12.41 -0.93
N ARG A 178 -5.71 12.43 -2.27
CA ARG A 178 -6.57 13.42 -2.95
C ARG A 178 -7.60 12.72 -3.84
N ASP A 179 -8.60 13.50 -4.21
CA ASP A 179 -9.66 13.01 -5.08
C ASP A 179 -9.13 12.96 -6.50
N ALA A 180 -8.87 11.76 -6.97
CA ALA A 180 -8.33 11.56 -8.31
C ALA A 180 -9.28 12.07 -9.39
N LEU A 181 -10.56 12.19 -9.04
CA LEU A 181 -11.55 12.67 -10.01
C LEU A 181 -11.23 14.11 -10.44
N THR A 182 -10.85 14.94 -9.46
CA THR A 182 -10.53 16.35 -9.74
C THR A 182 -9.10 16.66 -9.31
N GLY A 183 -8.72 16.24 -8.11
CA GLY A 183 -7.37 16.50 -7.62
C GLY A 183 -7.21 17.94 -7.17
N GLU A 184 -8.34 18.60 -6.89
CA GLU A 184 -8.31 19.99 -6.44
C GLU A 184 -8.06 20.09 -4.95
N LEU A 185 -7.99 21.32 -4.44
CA LEU A 185 -7.76 21.55 -3.02
C LEU A 185 -9.07 21.46 -2.24
N PHE A 186 -9.00 21.64 -0.92
CA PHE A 186 -10.19 21.60 -0.08
C PHE A 186 -10.88 22.95 -0.05
N ARG A 187 -10.09 24.02 0.01
CA ARG A 187 -10.64 25.37 0.04
C ARG A 187 -11.23 25.75 -1.31
N GLN A 188 -12.42 26.38 -1.28
CA GLN A 188 -13.11 26.80 -2.50
C GLN A 188 -13.62 28.23 -2.35
N GLY A 189 -13.73 28.68 -1.12
CA GLY A 189 -14.21 30.03 -0.84
C GLY A 189 -15.49 30.32 -1.62
N ASN A 1 24.41 -13.02 2.38
CA ASN A 1 24.25 -11.94 1.37
C ASN A 1 22.81 -11.92 0.87
N ASN A 2 22.39 -10.77 0.35
CA ASN A 2 21.05 -10.62 -0.17
C ASN A 2 20.02 -10.94 0.91
N ASN A 3 20.36 -10.60 2.16
CA ASN A 3 19.47 -10.84 3.27
C ASN A 3 18.17 -10.05 3.11
N LEU A 4 18.29 -8.80 2.67
CA LEU A 4 17.12 -7.95 2.50
C LEU A 4 16.18 -8.55 1.44
N GLN A 5 16.75 -9.04 0.35
CA GLN A 5 15.95 -9.64 -0.71
C GLN A 5 15.26 -10.90 -0.21
N ARG A 6 16.00 -11.71 0.54
CA ARG A 6 15.46 -12.96 1.08
C ARG A 6 14.31 -12.66 2.04
N ASP A 7 14.50 -11.65 2.88
CA ASP A 7 13.47 -11.27 3.85
C ASP A 7 12.20 -10.84 3.13
N ALA A 8 12.36 -10.04 2.07
CA ALA A 8 11.21 -9.58 1.32
C ALA A 8 10.44 -10.77 0.74
N ILE A 9 11.18 -11.70 0.14
CA ILE A 9 10.56 -12.87 -0.44
C ILE A 9 9.91 -13.70 0.66
N ALA A 10 10.60 -13.85 1.78
CA ALA A 10 10.08 -14.62 2.90
C ALA A 10 8.76 -14.03 3.38
N ALA A 11 8.70 -12.70 3.43
CA ALA A 11 7.49 -12.03 3.88
C ALA A 11 6.33 -12.28 2.93
N ALA A 12 6.60 -12.20 1.63
CA ALA A 12 5.55 -12.42 0.63
C ALA A 12 4.95 -13.81 0.73
N ILE A 13 5.80 -14.84 0.71
CA ILE A 13 5.31 -16.21 0.78
C ILE A 13 4.71 -16.51 2.15
N ASP A 14 5.33 -16.01 3.21
CA ASP A 14 4.82 -16.26 4.55
C ASP A 14 3.39 -15.78 4.66
N VAL A 15 3.14 -14.51 4.35
CA VAL A 15 1.79 -13.97 4.42
C VAL A 15 0.85 -14.73 3.49
N LEU A 16 1.33 -15.08 2.31
CA LEU A 16 0.49 -15.80 1.36
C LEU A 16 -0.12 -17.02 2.05
N ASN A 17 0.74 -17.79 2.70
CA ASN A 17 0.32 -19.01 3.40
C ASN A 17 -0.26 -18.69 4.78
N GLU A 18 0.50 -17.95 5.58
CA GLU A 18 0.13 -17.59 6.93
C GLU A 18 -1.13 -16.72 6.95
N GLU A 19 -1.26 -15.87 5.94
CA GLU A 19 -2.42 -14.98 5.81
C GLU A 19 -2.59 -14.04 7.01
N ARG A 20 -1.85 -12.93 7.01
CA ARG A 20 -1.93 -11.93 8.07
C ARG A 20 -1.47 -10.57 7.53
N VAL A 21 -0.68 -9.87 8.33
CA VAL A 21 -0.17 -8.56 7.95
C VAL A 21 1.28 -8.42 8.45
N ILE A 22 2.16 -7.83 7.65
CA ILE A 22 3.57 -7.68 8.03
C ILE A 22 4.03 -6.23 7.90
N ALA A 23 5.19 -5.93 8.49
CA ALA A 23 5.71 -4.57 8.46
C ALA A 23 6.04 -4.15 7.04
N TYR A 24 5.54 -2.97 6.65
CA TYR A 24 5.76 -2.40 5.32
C TYR A 24 6.70 -1.17 5.44
N PRO A 25 7.73 -1.03 4.61
CA PRO A 25 8.64 0.14 4.72
C PRO A 25 8.10 1.37 3.97
N THR A 26 8.28 2.56 4.56
CA THR A 26 7.80 3.79 3.94
C THR A 26 8.85 4.89 4.04
N GLU A 27 9.05 5.61 2.93
CA GLU A 27 10.01 6.69 2.91
C GLU A 27 9.46 7.91 3.68
N ALA A 28 8.61 7.65 4.67
CA ALA A 28 8.01 8.72 5.45
C ALA A 28 7.53 8.21 6.81
N VAL A 29 6.38 7.52 6.83
CA VAL A 29 5.82 7.00 8.09
C VAL A 29 5.67 5.49 8.03
N PHE A 30 6.24 4.81 9.02
CA PHE A 30 6.20 3.36 9.07
C PHE A 30 4.77 2.85 9.14
N GLY A 31 4.54 1.70 8.50
CA GLY A 31 3.21 1.08 8.48
C GLY A 31 3.33 -0.42 8.27
N VAL A 32 2.20 -1.06 7.96
CA VAL A 32 2.16 -2.51 7.73
C VAL A 32 1.40 -2.79 6.44
N GLY A 33 1.41 -4.04 5.96
CA GLY A 33 0.70 -4.35 4.73
C GLY A 33 0.39 -5.82 4.58
N CYS A 34 -0.19 -6.20 3.43
CA CYS A 34 -0.54 -7.60 3.22
C CYS A 34 -0.81 -7.91 1.75
N ASP A 35 -1.46 -9.06 1.51
CA ASP A 35 -1.76 -9.52 0.15
C ASP A 35 -3.15 -9.03 -0.38
N PRO A 36 -3.21 -8.07 -1.30
CA PRO A 36 -4.51 -7.60 -1.88
C PRO A 36 -5.48 -8.76 -2.09
N ASP A 37 -5.08 -9.68 -2.93
CA ASP A 37 -5.92 -10.83 -3.26
C ASP A 37 -6.03 -11.78 -2.07
N SER A 38 -6.61 -11.29 -0.97
CA SER A 38 -6.78 -12.12 0.22
C SER A 38 -7.95 -11.61 1.08
N GLU A 39 -8.81 -12.53 1.49
CA GLU A 39 -9.97 -12.21 2.28
C GLU A 39 -9.56 -11.77 3.70
N THR A 40 -8.34 -12.11 4.07
CA THR A 40 -7.82 -11.78 5.39
C THR A 40 -7.78 -10.28 5.63
N ALA A 41 -7.36 -9.53 4.60
CA ALA A 41 -7.26 -8.08 4.73
C ALA A 41 -8.62 -7.45 5.10
N VAL A 42 -9.66 -7.79 4.34
CA VAL A 42 -11.00 -7.25 4.60
C VAL A 42 -11.48 -7.69 5.98
N MET A 43 -11.30 -8.96 6.29
CA MET A 43 -11.70 -9.48 7.59
C MET A 43 -10.88 -8.83 8.70
N ARG A 44 -9.58 -8.66 8.43
CA ARG A 44 -8.66 -8.04 9.36
C ARG A 44 -9.07 -6.60 9.65
N LEU A 45 -9.66 -5.93 8.67
CA LEU A 45 -10.10 -4.56 8.91
C LEU A 45 -11.40 -4.60 9.70
N LEU A 46 -12.39 -5.28 9.15
CA LEU A 46 -13.68 -5.40 9.80
C LEU A 46 -13.52 -6.01 11.18
N GLU A 47 -12.38 -6.62 11.42
CA GLU A 47 -12.12 -7.26 12.67
C GLU A 47 -12.01 -6.21 13.77
N LEU A 48 -10.82 -5.68 13.93
CA LEU A 48 -10.57 -4.66 14.95
C LEU A 48 -11.11 -3.28 14.56
N LYS A 49 -11.12 -2.94 13.25
CA LYS A 49 -11.57 -1.61 12.86
C LYS A 49 -13.09 -1.54 12.85
N GLN A 50 -13.70 -2.21 11.88
CA GLN A 50 -15.15 -2.23 11.76
C GLN A 50 -15.67 -0.78 11.71
N ARG A 51 -15.57 -0.19 10.52
CA ARG A 51 -15.99 1.19 10.25
C ARG A 51 -15.31 1.70 8.96
N PRO A 52 -14.01 1.79 8.92
CA PRO A 52 -13.26 2.26 7.71
C PRO A 52 -13.34 1.24 6.57
N VAL A 53 -13.89 0.07 6.87
CA VAL A 53 -14.00 -0.98 5.87
C VAL A 53 -14.49 -0.40 4.54
N ASP A 54 -15.53 0.43 4.62
CA ASP A 54 -16.08 1.03 3.41
C ASP A 54 -15.05 1.98 2.79
N LYS A 55 -14.39 2.77 3.64
CA LYS A 55 -13.39 3.71 3.17
C LYS A 55 -12.24 2.98 2.48
N GLY A 56 -11.84 1.86 3.05
CA GLY A 56 -10.76 1.08 2.47
C GLY A 56 -9.44 1.84 2.50
N LEU A 57 -8.48 1.30 3.24
CA LEU A 57 -7.16 1.89 3.37
C LEU A 57 -6.54 2.22 2.01
N ILE A 58 -5.22 2.47 2.03
CA ILE A 58 -4.47 2.76 0.80
C ILE A 58 -3.64 1.53 0.43
N LEU A 59 -3.48 1.30 -0.87
CA LEU A 59 -2.73 0.14 -1.36
C LEU A 59 -1.51 0.59 -2.15
N ILE A 60 -0.40 -0.17 -2.09
CA ILE A 60 0.83 0.21 -2.82
C ILE A 60 1.16 -0.80 -3.92
N ALA A 61 1.46 -0.28 -5.11
CA ALA A 61 1.80 -1.10 -6.28
C ALA A 61 3.20 -0.73 -6.75
N ALA A 62 3.87 -1.68 -7.39
CA ALA A 62 5.22 -1.45 -7.90
C ALA A 62 5.22 -1.53 -9.40
N ASN A 63 4.28 -2.31 -9.96
CA ASN A 63 4.19 -2.45 -11.41
C ASN A 63 2.90 -1.85 -11.94
N TYR A 64 2.98 -1.25 -13.13
CA TYR A 64 1.82 -0.65 -13.76
C TYR A 64 0.90 -1.75 -14.28
N GLU A 65 1.46 -2.96 -14.33
CA GLU A 65 0.73 -4.11 -14.82
C GLU A 65 -0.61 -4.22 -14.12
N GLN A 66 -0.67 -3.82 -12.85
CA GLN A 66 -1.91 -3.88 -12.07
C GLN A 66 -2.71 -2.56 -12.11
N LEU A 67 -2.12 -1.47 -12.59
CA LEU A 67 -2.85 -0.18 -12.68
C LEU A 67 -3.51 -0.09 -14.05
N LYS A 68 -3.07 -0.93 -14.97
CA LYS A 68 -3.58 -0.93 -16.33
C LYS A 68 -4.95 -1.62 -16.46
N PRO A 69 -5.18 -2.72 -15.78
CA PRO A 69 -6.46 -3.47 -15.88
C PRO A 69 -7.35 -3.25 -14.66
N TYR A 70 -6.86 -2.49 -13.68
CA TYR A 70 -7.59 -2.23 -12.45
C TYR A 70 -8.32 -0.89 -12.51
N ILE A 71 -8.02 -0.11 -13.55
CA ILE A 71 -8.66 1.21 -13.75
C ILE A 71 -9.32 1.22 -15.14
N ASP A 72 -10.14 2.23 -15.41
CA ASP A 72 -10.83 2.33 -16.69
C ASP A 72 -9.84 2.41 -17.84
N ASP A 73 -8.56 2.63 -17.53
CA ASP A 73 -7.55 2.72 -18.57
C ASP A 73 -7.92 3.78 -19.60
N THR A 74 -8.64 4.82 -19.14
CA THR A 74 -9.07 5.91 -20.01
C THR A 74 -8.09 7.07 -19.92
N MET A 75 -7.68 7.40 -18.70
CA MET A 75 -6.74 8.49 -18.48
C MET A 75 -5.32 8.00 -18.65
N LEU A 76 -5.17 6.68 -18.83
CA LEU A 76 -3.86 6.06 -18.99
C LEU A 76 -3.49 5.97 -20.46
N THR A 77 -2.31 6.47 -20.78
CA THR A 77 -1.85 6.48 -22.15
C THR A 77 -0.32 6.64 -22.21
N ASP A 78 0.27 6.31 -23.35
CA ASP A 78 1.71 6.38 -23.53
C ASP A 78 2.31 7.61 -22.85
N VAL A 79 1.71 8.77 -23.10
CA VAL A 79 2.21 10.00 -22.51
C VAL A 79 2.10 9.96 -20.98
N GLN A 80 1.07 9.29 -20.48
CA GLN A 80 0.87 9.19 -19.04
C GLN A 80 1.98 8.38 -18.40
N ARG A 81 2.40 7.31 -19.08
CA ARG A 81 3.46 6.46 -18.57
C ARG A 81 4.74 7.28 -18.47
N GLU A 82 5.07 7.88 -19.58
CA GLU A 82 6.27 8.71 -19.65
C GLU A 82 6.22 9.76 -18.56
N THR A 83 5.11 10.45 -18.51
CA THR A 83 4.92 11.52 -17.57
C THR A 83 5.03 11.03 -16.12
N ILE A 84 4.30 9.98 -15.77
CA ILE A 84 4.37 9.47 -14.40
C ILE A 84 5.74 8.88 -14.12
N PHE A 85 6.34 8.31 -15.15
CA PHE A 85 7.68 7.73 -15.03
C PHE A 85 8.74 8.83 -14.92
N SER A 86 8.59 9.89 -15.71
CA SER A 86 9.53 11.00 -15.71
C SER A 86 9.29 11.91 -14.51
N ARG A 87 8.03 12.02 -14.11
CA ARG A 87 7.64 12.86 -12.98
C ARG A 87 7.53 12.01 -11.72
N TRP A 88 7.64 12.66 -10.56
CA TRP A 88 7.56 11.98 -9.26
C TRP A 88 6.63 10.76 -9.32
N PRO A 89 6.89 9.72 -8.55
CA PRO A 89 6.04 8.49 -8.57
C PRO A 89 4.64 8.77 -8.02
N GLY A 90 4.50 9.88 -7.31
CA GLY A 90 3.22 10.28 -6.73
C GLY A 90 3.20 10.12 -5.22
N PRO A 91 3.88 11.00 -4.51
CA PRO A 91 3.94 10.97 -3.02
C PRO A 91 2.55 10.94 -2.40
N VAL A 92 1.62 11.66 -3.02
CA VAL A 92 0.24 11.75 -2.55
C VAL A 92 -0.60 10.64 -3.19
N THR A 93 -1.59 10.15 -2.45
CA THR A 93 -2.46 9.08 -2.94
C THR A 93 -3.62 9.67 -3.74
N PHE A 94 -4.08 8.93 -4.76
CA PHE A 94 -5.18 9.36 -5.62
C PHE A 94 -6.27 8.29 -5.69
N VAL A 95 -7.53 8.72 -5.75
CA VAL A 95 -8.66 7.78 -5.83
C VAL A 95 -9.13 7.66 -7.27
N PHE A 96 -8.79 6.53 -7.89
CA PHE A 96 -9.14 6.29 -9.30
C PHE A 96 -10.52 5.62 -9.41
N PRO A 97 -11.25 5.87 -10.48
CA PRO A 97 -12.60 5.25 -10.68
C PRO A 97 -12.47 3.79 -11.12
N ALA A 98 -12.83 2.87 -10.22
CA ALA A 98 -12.74 1.46 -10.54
C ALA A 98 -13.78 1.10 -11.61
N PRO A 99 -13.51 0.14 -12.48
CA PRO A 99 -14.46 -0.25 -13.56
C PRO A 99 -15.76 -0.83 -13.00
N ALA A 100 -15.67 -1.40 -11.79
CA ALA A 100 -16.83 -2.00 -11.11
C ALA A 100 -16.92 -3.50 -11.40
N THR A 101 -16.39 -3.91 -12.56
CA THR A 101 -16.43 -5.32 -12.94
C THR A 101 -15.82 -6.19 -11.84
N THR A 102 -14.68 -5.77 -11.32
CA THR A 102 -14.00 -6.51 -10.26
C THR A 102 -14.90 -6.50 -9.01
N PRO A 103 -14.48 -7.08 -7.91
CA PRO A 103 -15.30 -7.10 -6.67
C PRO A 103 -15.68 -5.69 -6.22
N ARG A 104 -15.94 -5.53 -4.93
CA ARG A 104 -16.33 -4.22 -4.40
C ARG A 104 -16.07 -4.16 -2.89
N TRP A 105 -15.47 -5.21 -2.35
CA TRP A 105 -15.17 -5.29 -0.94
C TRP A 105 -13.92 -4.48 -0.61
N LEU A 106 -13.24 -3.98 -1.65
CA LEU A 106 -12.04 -3.18 -1.46
C LEU A 106 -12.44 -1.81 -0.91
N THR A 107 -13.62 -1.34 -1.31
CA THR A 107 -14.13 -0.05 -0.84
C THR A 107 -15.63 -0.13 -0.59
N GLY A 108 -16.36 -0.79 -1.46
CA GLY A 108 -17.81 -0.92 -1.29
C GLY A 108 -18.52 0.41 -0.98
N ARG A 109 -17.76 1.51 -0.91
CA ARG A 109 -18.36 2.82 -0.63
C ARG A 109 -18.81 3.45 -1.96
N PHE A 110 -17.90 3.48 -2.93
CA PHE A 110 -18.19 4.03 -4.25
C PHE A 110 -17.34 3.36 -5.32
N ASP A 111 -17.62 3.68 -6.58
CA ASP A 111 -16.88 3.09 -7.69
C ASP A 111 -15.53 3.77 -7.87
N SER A 112 -14.76 3.86 -6.79
CA SER A 112 -13.45 4.48 -6.85
C SER A 112 -12.61 4.07 -5.64
N LEU A 113 -11.28 4.17 -5.75
CA LEU A 113 -10.43 3.77 -4.63
C LEU A 113 -9.02 4.40 -4.64
N ALA A 114 -8.61 4.83 -3.44
CA ALA A 114 -7.31 5.42 -3.17
C ALA A 114 -6.20 4.37 -3.32
N VAL A 115 -5.21 4.67 -4.16
CA VAL A 115 -4.09 3.75 -4.38
C VAL A 115 -2.85 4.55 -4.77
N ARG A 116 -1.67 3.94 -4.63
CA ARG A 116 -0.42 4.63 -4.97
C ARG A 116 0.63 3.68 -5.52
N VAL A 117 1.56 4.22 -6.31
CA VAL A 117 2.65 3.43 -6.90
C VAL A 117 4.00 3.98 -6.44
N THR A 118 4.88 3.07 -6.01
CA THR A 118 6.23 3.46 -5.55
C THR A 118 7.27 2.56 -6.20
N ASP A 119 8.30 3.18 -6.78
CA ASP A 119 9.38 2.44 -7.45
C ASP A 119 10.73 3.04 -7.08
N HIS A 120 11.18 2.76 -5.86
CA HIS A 120 12.44 3.28 -5.37
C HIS A 120 12.92 2.56 -4.10
N PRO A 121 12.05 2.17 -3.18
CA PRO A 121 12.47 1.49 -1.93
C PRO A 121 12.49 -0.02 -2.07
N LEU A 122 12.49 -0.71 -0.94
CA LEU A 122 12.50 -2.17 -0.91
C LEU A 122 11.10 -2.69 -1.22
N VAL A 123 10.16 -1.76 -1.31
CA VAL A 123 8.78 -2.12 -1.58
C VAL A 123 8.70 -2.88 -2.88
N VAL A 124 9.40 -2.40 -3.90
CA VAL A 124 9.38 -3.10 -5.17
C VAL A 124 9.72 -4.56 -4.92
N ALA A 125 10.91 -4.81 -4.43
CA ALA A 125 11.34 -6.18 -4.14
C ALA A 125 10.21 -6.97 -3.48
N LEU A 126 9.53 -6.36 -2.52
CA LEU A 126 8.43 -7.04 -1.84
C LEU A 126 7.23 -7.25 -2.79
N CYS A 127 6.82 -6.18 -3.47
CA CYS A 127 5.70 -6.26 -4.40
C CYS A 127 6.05 -7.06 -5.64
N GLN A 128 7.21 -6.73 -6.22
CA GLN A 128 7.71 -7.40 -7.40
C GLN A 128 7.75 -8.89 -7.11
N ALA A 129 8.21 -9.19 -5.91
CA ALA A 129 8.35 -10.57 -5.50
C ALA A 129 7.01 -11.26 -5.58
N TYR A 130 6.03 -10.66 -4.90
CA TYR A 130 4.68 -11.18 -4.90
C TYR A 130 4.13 -11.06 -6.30
N GLY A 131 4.74 -10.15 -7.04
CA GLY A 131 4.32 -9.90 -8.40
C GLY A 131 3.07 -9.03 -8.40
N LYS A 132 2.61 -8.61 -7.19
CA LYS A 132 1.41 -7.79 -7.10
C LYS A 132 1.49 -6.85 -5.88
N PRO A 133 0.72 -5.78 -5.87
CA PRO A 133 0.69 -4.76 -4.78
C PRO A 133 0.60 -5.38 -3.39
N LEU A 134 0.92 -4.53 -2.42
CA LEU A 134 0.84 -4.90 -1.01
C LEU A 134 -0.13 -3.93 -0.36
N VAL A 135 -1.18 -4.43 0.29
CA VAL A 135 -2.10 -3.50 0.90
C VAL A 135 -1.34 -2.75 1.95
N SER A 136 -1.69 -1.48 2.19
CA SER A 136 -0.96 -0.68 3.20
C SER A 136 -1.90 -0.14 4.27
N THR A 137 -1.55 -0.41 5.54
CA THR A 137 -2.35 0.05 6.69
C THR A 137 -1.43 0.79 7.68
N SER A 138 -2.05 1.50 8.62
CA SER A 138 -1.29 2.25 9.62
C SER A 138 -0.65 1.30 10.63
N ALA A 139 0.51 1.70 11.16
CA ALA A 139 1.22 0.87 12.13
C ALA A 139 0.38 0.66 13.38
N ASN A 140 -0.37 1.67 13.78
CA ASN A 140 -1.19 1.57 14.98
C ASN A 140 -2.24 0.48 14.84
N LEU A 141 -2.62 -0.07 15.98
CA LEU A 141 -3.59 -1.15 16.05
C LEU A 141 -4.78 -0.71 16.92
N SER A 142 -5.47 -1.68 17.49
CA SER A 142 -6.62 -1.39 18.35
C SER A 142 -6.18 -0.59 19.57
N GLY A 143 -5.02 -0.93 20.11
CA GLY A 143 -4.49 -0.24 21.28
C GLY A 143 -3.04 -0.62 21.51
N LEU A 144 -2.49 -1.36 20.56
CA LEU A 144 -1.10 -1.81 20.67
C LEU A 144 -0.17 -0.74 20.09
N PRO A 145 0.87 -0.31 20.81
CA PRO A 145 1.81 0.72 20.30
C PRO A 145 2.09 0.55 18.80
N PRO A 146 2.50 1.60 18.11
CA PRO A 146 2.80 1.55 16.65
C PRO A 146 4.13 0.84 16.36
N CYS A 147 4.56 0.93 15.11
CA CYS A 147 5.82 0.32 14.67
C CYS A 147 6.79 1.41 14.22
N ARG A 148 7.38 2.10 15.18
CA ARG A 148 8.31 3.18 14.84
C ARG A 148 9.36 2.67 13.87
N THR A 149 9.82 1.45 14.06
CA THR A 149 10.82 0.86 13.18
C THR A 149 10.80 -0.64 13.33
N VAL A 150 11.51 -1.33 12.45
CA VAL A 150 11.58 -2.75 12.51
C VAL A 150 12.13 -3.16 13.87
N ASP A 151 12.80 -2.21 14.52
CA ASP A 151 13.31 -2.48 15.85
C ASP A 151 12.10 -2.69 16.76
N GLU A 152 11.03 -1.96 16.46
CA GLU A 152 9.80 -2.06 17.24
C GLU A 152 9.25 -3.50 17.15
N VAL A 153 8.57 -3.82 16.04
CA VAL A 153 8.00 -5.15 15.76
C VAL A 153 8.90 -6.25 16.31
N ARG A 154 10.21 -6.00 16.28
CA ARG A 154 11.19 -6.99 16.76
C ARG A 154 11.10 -7.18 18.27
N ALA A 155 11.14 -6.08 18.99
CA ALA A 155 11.07 -6.15 20.45
C ALA A 155 9.67 -6.55 20.83
N GLN A 156 8.82 -6.37 19.85
CA GLN A 156 7.40 -6.64 19.96
C GLN A 156 7.08 -8.12 19.71
N PHE A 157 7.68 -8.71 18.66
CA PHE A 157 7.42 -10.13 18.32
C PHE A 157 8.72 -10.89 18.09
N GLY A 158 9.78 -10.18 17.69
CA GLY A 158 11.07 -10.82 17.42
C GLY A 158 11.19 -11.17 15.95
N ALA A 159 10.43 -10.44 15.12
CA ALA A 159 10.44 -10.65 13.68
C ALA A 159 11.87 -10.85 13.17
N ALA A 160 12.48 -9.77 12.69
CA ALA A 160 13.83 -9.86 12.14
C ALA A 160 13.83 -10.83 10.97
N PHE A 161 12.73 -10.83 10.21
CA PHE A 161 12.58 -11.69 9.04
C PHE A 161 11.29 -11.32 8.29
N PRO A 162 10.13 -11.45 8.91
CA PRO A 162 8.84 -11.06 8.27
C PRO A 162 8.72 -9.54 8.19
N VAL A 163 9.87 -8.86 8.18
CA VAL A 163 9.94 -7.40 8.14
C VAL A 163 10.85 -6.94 7.01
N VAL A 164 10.78 -5.64 6.68
CA VAL A 164 11.63 -5.05 5.63
C VAL A 164 12.45 -3.88 6.19
N PRO A 165 13.35 -4.15 7.10
CA PRO A 165 14.22 -3.11 7.73
C PRO A 165 14.65 -1.99 6.80
N GLY A 166 14.70 -0.81 7.38
CA GLY A 166 15.13 0.36 6.64
C GLY A 166 15.01 1.62 7.50
N GLU A 167 15.14 2.78 6.85
CA GLU A 167 15.05 4.06 7.56
C GLU A 167 14.63 5.16 6.60
N THR A 168 13.92 6.16 7.12
CA THR A 168 13.45 7.29 6.31
C THR A 168 14.24 8.53 6.67
N GLY A 169 14.66 9.28 5.65
CA GLY A 169 15.43 10.49 5.88
C GLY A 169 14.70 11.43 6.83
N GLY A 170 13.60 12.01 6.36
CA GLY A 170 12.81 12.95 7.17
C GLY A 170 12.24 14.06 6.29
N ARG A 171 11.17 13.72 5.55
CA ARG A 171 10.52 14.67 4.64
C ARG A 171 9.05 14.83 5.00
N LEU A 172 8.67 14.36 6.19
CA LEU A 172 7.29 14.43 6.65
C LEU A 172 6.35 13.73 5.67
N ASN A 173 6.11 14.35 4.53
CA ASN A 173 5.23 13.78 3.51
C ASN A 173 4.04 13.05 4.13
N PRO A 174 3.11 13.78 4.68
CA PRO A 174 1.89 13.20 5.32
C PRO A 174 1.08 12.39 4.31
N SER A 175 0.48 11.30 4.78
CA SER A 175 -0.32 10.46 3.90
C SER A 175 -1.69 11.08 3.68
N GLU A 176 -1.94 11.47 2.43
CA GLU A 176 -3.17 12.13 2.06
C GLU A 176 -3.73 11.55 0.76
N ILE A 177 -5.04 11.74 0.55
CA ILE A 177 -5.74 11.26 -0.64
C ILE A 177 -6.34 12.42 -1.40
N ARG A 178 -6.34 12.35 -2.73
CA ARG A 178 -6.90 13.40 -3.58
C ARG A 178 -7.83 12.84 -4.63
N ASP A 179 -8.59 13.75 -5.24
CA ASP A 179 -9.53 13.36 -6.27
C ASP A 179 -8.81 13.14 -7.58
N ALA A 180 -8.67 11.87 -7.94
CA ALA A 180 -8.00 11.51 -9.18
C ALA A 180 -8.78 12.01 -10.39
N LEU A 181 -10.05 12.31 -10.19
CA LEU A 181 -10.89 12.80 -11.27
C LEU A 181 -10.35 14.13 -11.82
N THR A 182 -9.93 15.01 -10.91
CA THR A 182 -9.38 16.31 -11.30
C THR A 182 -7.87 16.24 -11.27
N GLY A 183 -7.33 15.61 -10.24
CA GLY A 183 -5.89 15.48 -10.11
C GLY A 183 -5.24 16.86 -9.95
N GLU A 184 -6.01 17.80 -9.44
CA GLU A 184 -5.52 19.15 -9.25
C GLU A 184 -4.37 19.17 -8.25
N LEU A 185 -3.33 19.93 -8.58
CA LEU A 185 -2.14 20.06 -7.73
C LEU A 185 -2.13 21.43 -7.04
N PHE A 186 -1.10 21.66 -6.23
CA PHE A 186 -0.95 22.93 -5.50
C PHE A 186 0.41 23.56 -5.80
N ARG A 187 0.60 24.00 -7.04
CA ARG A 187 1.86 24.62 -7.43
C ARG A 187 1.99 26.01 -6.81
N GLN A 188 0.86 26.58 -6.42
CA GLN A 188 0.85 27.91 -5.80
C GLN A 188 1.58 27.84 -4.47
N GLY A 189 1.50 26.67 -3.83
CA GLY A 189 2.14 26.46 -2.55
C GLY A 189 1.64 25.18 -1.90
N ASN A 1 24.62 -10.06 1.48
CA ASN A 1 24.44 -9.15 0.32
C ASN A 1 23.03 -9.31 -0.23
N ASN A 2 22.66 -10.55 -0.54
CA ASN A 2 21.32 -10.84 -1.08
C ASN A 2 20.36 -11.21 0.04
N ASN A 3 20.82 -11.04 1.28
CA ASN A 3 19.99 -11.35 2.44
C ASN A 3 18.75 -10.46 2.47
N LEU A 4 18.94 -9.18 2.14
CA LEU A 4 17.82 -8.25 2.15
C LEU A 4 16.77 -8.68 1.11
N GLN A 5 17.25 -9.09 -0.06
CA GLN A 5 16.34 -9.54 -1.12
C GLN A 5 15.60 -10.80 -0.67
N ARG A 6 16.34 -11.69 0.00
CA ARG A 6 15.75 -12.93 0.49
C ARG A 6 14.68 -12.61 1.53
N ASP A 7 14.98 -11.65 2.40
CA ASP A 7 14.03 -11.26 3.43
C ASP A 7 12.73 -10.75 2.83
N ALA A 8 12.84 -9.90 1.79
CA ALA A 8 11.66 -9.37 1.13
C ALA A 8 10.84 -10.51 0.52
N ILE A 9 11.54 -11.42 -0.15
CA ILE A 9 10.89 -12.57 -0.77
C ILE A 9 10.25 -13.43 0.32
N ALA A 10 10.99 -13.62 1.41
CA ALA A 10 10.48 -14.41 2.53
C ALA A 10 9.16 -13.82 3.03
N ALA A 11 9.12 -12.50 3.13
CA ALA A 11 7.91 -11.81 3.59
C ALA A 11 6.75 -12.06 2.63
N ALA A 12 7.03 -12.04 1.32
CA ALA A 12 5.98 -12.25 0.33
C ALA A 12 5.34 -13.63 0.49
N ILE A 13 6.16 -14.67 0.47
CA ILE A 13 5.64 -16.03 0.60
C ILE A 13 5.08 -16.28 2.00
N ASP A 14 5.70 -15.69 3.01
CA ASP A 14 5.23 -15.88 4.36
C ASP A 14 3.79 -15.40 4.48
N VAL A 15 3.52 -14.18 4.06
CA VAL A 15 2.15 -13.68 4.15
C VAL A 15 1.22 -14.51 3.30
N LEU A 16 1.67 -14.92 2.12
CA LEU A 16 0.83 -15.72 1.25
C LEU A 16 0.30 -16.92 2.04
N ASN A 17 1.22 -17.63 2.68
CA ASN A 17 0.86 -18.82 3.47
C ASN A 17 0.26 -18.44 4.83
N GLU A 18 0.93 -17.56 5.56
CA GLU A 18 0.50 -17.15 6.88
C GLU A 18 -0.80 -16.37 6.80
N GLU A 19 -0.97 -15.67 5.69
CA GLU A 19 -2.18 -14.87 5.46
C GLU A 19 -2.37 -13.84 6.57
N ARG A 20 -1.41 -12.94 6.73
CA ARG A 20 -1.49 -11.90 7.75
C ARG A 20 -0.64 -10.68 7.35
N VAL A 21 -0.98 -9.55 7.95
CA VAL A 21 -0.28 -8.29 7.66
C VAL A 21 1.11 -8.25 8.30
N ILE A 22 2.11 -7.76 7.53
CA ILE A 22 3.50 -7.65 8.04
C ILE A 22 4.00 -6.22 7.90
N ALA A 23 5.11 -5.92 8.57
CA ALA A 23 5.67 -4.58 8.52
C ALA A 23 6.11 -4.22 7.11
N TYR A 24 5.77 -2.99 6.69
CA TYR A 24 6.09 -2.48 5.36
C TYR A 24 6.87 -1.16 5.52
N PRO A 25 7.89 -0.89 4.72
CA PRO A 25 8.67 0.39 4.85
C PRO A 25 7.95 1.55 4.17
N THR A 26 8.06 2.75 4.74
CA THR A 26 7.40 3.93 4.18
C THR A 26 8.37 5.10 4.10
N GLU A 27 8.37 5.79 2.96
CA GLU A 27 9.24 6.93 2.76
C GLU A 27 8.73 8.14 3.55
N ALA A 28 8.09 7.87 4.69
CA ALA A 28 7.55 8.93 5.53
C ALA A 28 7.38 8.44 6.97
N VAL A 29 6.30 7.68 7.21
CA VAL A 29 6.02 7.13 8.54
C VAL A 29 5.80 5.63 8.44
N PHE A 30 6.51 4.89 9.27
CA PHE A 30 6.40 3.44 9.28
C PHE A 30 4.96 2.98 9.17
N GLY A 31 4.74 1.86 8.50
CA GLY A 31 3.40 1.30 8.30
C GLY A 31 3.46 -0.21 8.13
N VAL A 32 2.32 -0.81 7.79
CA VAL A 32 2.21 -2.26 7.59
C VAL A 32 1.50 -2.54 6.28
N GLY A 33 1.54 -3.80 5.82
CA GLY A 33 0.88 -4.14 4.57
C GLY A 33 0.57 -5.62 4.47
N CYS A 34 -0.11 -6.02 3.40
CA CYS A 34 -0.48 -7.42 3.20
C CYS A 34 -0.65 -7.74 1.72
N ASP A 35 -1.32 -8.86 1.42
CA ASP A 35 -1.50 -9.31 0.03
C ASP A 35 -2.88 -8.91 -0.55
N PRO A 36 -2.97 -7.96 -1.49
CA PRO A 36 -4.27 -7.56 -2.13
C PRO A 36 -5.18 -8.74 -2.42
N ASP A 37 -6.38 -8.40 -2.88
CA ASP A 37 -7.39 -9.40 -3.23
C ASP A 37 -7.36 -10.59 -2.28
N SER A 38 -7.93 -10.41 -1.10
CA SER A 38 -7.98 -11.48 -0.09
C SER A 38 -9.18 -11.29 0.82
N GLU A 39 -9.81 -12.39 1.22
CA GLU A 39 -10.96 -12.35 2.09
C GLU A 39 -10.52 -11.94 3.50
N THR A 40 -9.34 -12.41 3.89
CA THR A 40 -8.78 -12.14 5.21
C THR A 40 -8.49 -10.64 5.39
N ALA A 41 -7.90 -10.03 4.37
CA ALA A 41 -7.57 -8.61 4.45
C ALA A 41 -8.81 -7.75 4.67
N VAL A 42 -9.84 -7.97 3.88
CA VAL A 42 -11.07 -7.20 4.02
C VAL A 42 -11.73 -7.47 5.38
N MET A 43 -11.85 -8.74 5.77
CA MET A 43 -12.45 -9.08 7.06
C MET A 43 -11.62 -8.58 8.25
N ARG A 44 -10.30 -8.84 8.23
CA ARG A 44 -9.44 -8.39 9.34
C ARG A 44 -9.47 -6.86 9.41
N LEU A 45 -9.62 -6.24 8.25
CA LEU A 45 -9.68 -4.79 8.15
C LEU A 45 -11.01 -4.27 8.72
N LEU A 46 -12.11 -4.90 8.33
CA LEU A 46 -13.46 -4.51 8.81
C LEU A 46 -13.69 -4.97 10.25
N GLU A 47 -12.81 -5.82 10.72
CA GLU A 47 -12.95 -6.40 12.03
C GLU A 47 -12.76 -5.36 13.13
N LEU A 48 -11.51 -5.06 13.43
CA LEU A 48 -11.20 -4.12 14.50
C LEU A 48 -11.49 -2.67 14.10
N LYS A 49 -11.26 -2.30 12.84
CA LYS A 49 -11.47 -0.90 12.44
C LYS A 49 -12.95 -0.61 12.31
N GLN A 50 -13.65 -1.47 11.58
CA GLN A 50 -15.09 -1.32 11.34
C GLN A 50 -15.50 0.16 11.26
N ARG A 51 -15.04 0.84 10.22
CA ARG A 51 -15.36 2.27 10.02
C ARG A 51 -14.69 2.84 8.75
N PRO A 52 -13.39 2.70 8.61
CA PRO A 52 -12.64 3.26 7.44
C PRO A 52 -12.83 2.43 6.17
N VAL A 53 -13.50 1.29 6.29
CA VAL A 53 -13.73 0.43 5.14
C VAL A 53 -14.14 1.26 3.92
N ASP A 54 -15.07 2.18 4.12
CA ASP A 54 -15.53 3.04 3.03
C ASP A 54 -14.39 3.92 2.53
N LYS A 55 -13.64 4.46 3.48
CA LYS A 55 -12.53 5.33 3.13
C LYS A 55 -11.51 4.55 2.31
N GLY A 56 -11.29 3.29 2.68
CA GLY A 56 -10.34 2.45 1.97
C GLY A 56 -8.93 3.00 2.10
N LEU A 57 -8.11 2.26 2.82
CA LEU A 57 -6.73 2.65 3.05
C LEU A 57 -5.99 2.93 1.75
N ILE A 58 -4.67 2.85 1.81
CA ILE A 58 -3.81 3.08 0.64
C ILE A 58 -3.12 1.77 0.26
N LEU A 59 -2.91 1.56 -1.04
CA LEU A 59 -2.26 0.35 -1.54
C LEU A 59 -1.02 0.74 -2.32
N ILE A 60 0.02 -0.12 -2.34
CA ILE A 60 1.26 0.20 -3.09
C ILE A 60 1.52 -0.86 -4.17
N ALA A 61 1.79 -0.39 -5.38
CA ALA A 61 2.08 -1.28 -6.52
C ALA A 61 3.48 -0.99 -7.03
N ALA A 62 4.13 -2.01 -7.57
CA ALA A 62 5.50 -1.85 -8.08
C ALA A 62 5.50 -1.91 -9.59
N ASN A 63 4.54 -2.65 -10.15
CA ASN A 63 4.44 -2.78 -11.61
C ASN A 63 3.15 -2.18 -12.13
N TYR A 64 3.18 -1.69 -13.36
CA TYR A 64 2.00 -1.10 -13.98
C TYR A 64 1.10 -2.23 -14.46
N GLU A 65 1.66 -3.43 -14.49
CA GLU A 65 0.93 -4.62 -14.92
C GLU A 65 -0.39 -4.72 -14.19
N GLN A 66 -0.43 -4.24 -12.94
CA GLN A 66 -1.66 -4.29 -12.13
C GLN A 66 -2.48 -2.98 -12.22
N LEU A 67 -1.91 -1.91 -12.76
CA LEU A 67 -2.65 -0.64 -12.90
C LEU A 67 -3.30 -0.59 -14.28
N LYS A 68 -2.89 -1.51 -15.14
CA LYS A 68 -3.40 -1.56 -16.51
C LYS A 68 -4.76 -2.25 -16.60
N PRO A 69 -5.00 -3.31 -15.85
CA PRO A 69 -6.27 -4.06 -15.90
C PRO A 69 -7.15 -3.80 -14.67
N TYR A 70 -6.65 -2.97 -13.74
CA TYR A 70 -7.37 -2.68 -12.51
C TYR A 70 -8.15 -1.37 -12.59
N ILE A 71 -7.97 -0.63 -13.69
CA ILE A 71 -8.66 0.66 -13.89
C ILE A 71 -9.38 0.64 -15.24
N ASP A 72 -10.27 1.60 -15.45
CA ASP A 72 -11.04 1.67 -16.69
C ASP A 72 -10.12 1.92 -17.89
N ASP A 73 -8.86 2.23 -17.62
CA ASP A 73 -7.90 2.49 -18.68
C ASP A 73 -8.39 3.59 -19.60
N THR A 74 -9.10 4.56 -19.03
CA THR A 74 -9.62 5.69 -19.81
C THR A 74 -8.68 6.88 -19.69
N MET A 75 -8.21 7.11 -18.46
CA MET A 75 -7.28 8.21 -18.18
C MET A 75 -5.84 7.74 -18.31
N LEU A 76 -5.68 6.44 -18.51
CA LEU A 76 -4.34 5.83 -18.64
C LEU A 76 -3.92 5.75 -20.09
N THR A 77 -2.76 6.30 -20.37
CA THR A 77 -2.25 6.36 -21.73
C THR A 77 -0.74 6.57 -21.74
N ASP A 78 -0.10 6.25 -22.88
CA ASP A 78 1.34 6.39 -23.01
C ASP A 78 1.86 7.65 -22.33
N VAL A 79 1.21 8.77 -22.58
CA VAL A 79 1.64 10.03 -21.98
C VAL A 79 1.50 9.98 -20.45
N GLN A 80 0.49 9.27 -19.96
CA GLN A 80 0.27 9.16 -18.53
C GLN A 80 1.43 8.41 -17.86
N ARG A 81 1.89 7.36 -18.53
CA ARG A 81 3.00 6.58 -17.99
C ARG A 81 4.23 7.45 -17.90
N GLU A 82 4.52 8.08 -19.00
CA GLU A 82 5.68 8.95 -19.08
C GLU A 82 5.58 10.01 -18.01
N THR A 83 4.44 10.65 -17.98
CA THR A 83 4.19 11.73 -17.05
C THR A 83 4.30 11.28 -15.60
N ILE A 84 3.61 10.20 -15.25
CA ILE A 84 3.68 9.72 -13.87
C ILE A 84 5.08 9.21 -13.56
N PHE A 85 5.74 8.66 -14.58
CA PHE A 85 7.09 8.14 -14.43
C PHE A 85 8.13 9.25 -14.42
N SER A 86 7.90 10.31 -15.20
CA SER A 86 8.85 11.43 -15.29
C SER A 86 8.58 12.47 -14.19
N ARG A 87 7.39 12.39 -13.59
CA ARG A 87 7.00 13.33 -12.52
C ARG A 87 6.87 12.60 -11.19
N TRP A 88 8.01 12.26 -10.59
CA TRP A 88 8.04 11.55 -9.32
C TRP A 88 7.25 10.22 -9.42
N PRO A 89 7.65 9.19 -8.70
CA PRO A 89 6.96 7.87 -8.75
C PRO A 89 5.56 7.91 -8.14
N GLY A 90 5.33 8.88 -7.25
CA GLY A 90 4.03 9.01 -6.59
C GLY A 90 4.16 9.75 -5.26
N PRO A 91 4.26 11.05 -5.29
CA PRO A 91 4.41 11.88 -4.07
C PRO A 91 3.05 12.18 -3.42
N VAL A 92 1.96 11.85 -4.12
CA VAL A 92 0.61 12.10 -3.61
C VAL A 92 -0.29 10.90 -3.89
N THR A 93 -1.24 10.65 -2.99
CA THR A 93 -2.16 9.53 -3.13
C THR A 93 -3.40 9.95 -3.92
N PHE A 94 -3.71 9.23 -5.00
CA PHE A 94 -4.87 9.52 -5.84
C PHE A 94 -5.87 8.36 -5.82
N VAL A 95 -7.18 8.68 -5.77
CA VAL A 95 -8.22 7.62 -5.74
C VAL A 95 -8.82 7.39 -7.11
N PHE A 96 -8.49 6.23 -7.67
CA PHE A 96 -8.96 5.83 -9.01
C PHE A 96 -10.20 4.94 -8.91
N PRO A 97 -11.08 4.96 -9.89
CA PRO A 97 -12.30 4.11 -9.87
C PRO A 97 -11.96 2.63 -9.94
N ALA A 98 -12.06 1.92 -8.81
CA ALA A 98 -11.75 0.50 -8.78
C ALA A 98 -12.90 -0.30 -9.41
N PRO A 99 -12.70 -1.54 -9.81
CA PRO A 99 -13.81 -2.34 -10.42
C PRO A 99 -15.03 -2.42 -9.50
N ALA A 100 -16.22 -2.34 -10.09
CA ALA A 100 -17.47 -2.41 -9.32
C ALA A 100 -18.62 -2.86 -10.21
N THR A 101 -18.44 -4.00 -10.85
CA THR A 101 -19.46 -4.55 -11.74
C THR A 101 -20.65 -5.10 -10.95
N THR A 102 -20.42 -5.45 -9.69
CA THR A 102 -21.49 -5.99 -8.85
C THR A 102 -21.13 -6.03 -7.37
N PRO A 103 -19.91 -6.38 -7.01
CA PRO A 103 -19.49 -6.46 -5.59
C PRO A 103 -19.38 -5.09 -4.93
N ARG A 104 -18.74 -5.07 -3.77
CA ARG A 104 -18.57 -3.83 -3.01
C ARG A 104 -17.60 -4.03 -1.86
N TRP A 105 -17.07 -5.25 -1.72
CA TRP A 105 -16.14 -5.55 -0.64
C TRP A 105 -14.79 -4.86 -0.87
N LEU A 106 -14.62 -4.28 -2.05
CA LEU A 106 -13.37 -3.59 -2.37
C LEU A 106 -13.33 -2.22 -1.70
N THR A 107 -14.50 -1.72 -1.29
CA THR A 107 -14.57 -0.42 -0.63
C THR A 107 -15.61 -0.45 0.50
N GLY A 108 -16.72 -1.14 0.24
CA GLY A 108 -17.78 -1.24 1.24
C GLY A 108 -18.70 -0.03 1.21
N ARG A 109 -18.60 0.77 0.16
CA ARG A 109 -19.44 1.97 0.03
C ARG A 109 -19.46 2.45 -1.42
N PHE A 110 -18.38 3.13 -1.83
CA PHE A 110 -18.26 3.66 -3.18
C PHE A 110 -17.42 2.72 -4.04
N ASP A 111 -16.91 3.24 -5.16
CA ASP A 111 -16.09 2.44 -6.07
C ASP A 111 -14.86 3.23 -6.51
N SER A 112 -14.01 3.59 -5.55
CA SER A 112 -12.79 4.33 -5.84
C SER A 112 -11.78 4.12 -4.72
N LEU A 113 -10.55 3.74 -5.08
CA LEU A 113 -9.50 3.47 -4.07
C LEU A 113 -8.21 4.28 -4.26
N ALA A 114 -7.73 4.82 -3.13
CA ALA A 114 -6.47 5.56 -3.06
C ALA A 114 -5.30 4.57 -3.20
N VAL A 115 -4.47 4.77 -4.22
CA VAL A 115 -3.33 3.87 -4.47
C VAL A 115 -2.13 4.67 -4.98
N ARG A 116 -0.94 4.09 -4.83
CA ARG A 116 0.30 4.73 -5.28
C ARG A 116 1.29 3.70 -5.81
N VAL A 117 2.28 4.17 -6.58
CA VAL A 117 3.32 3.29 -7.13
C VAL A 117 4.69 3.79 -6.70
N THR A 118 5.51 2.87 -6.17
CA THR A 118 6.87 3.21 -5.74
C THR A 118 7.87 2.23 -6.33
N ASP A 119 8.90 2.75 -6.96
CA ASP A 119 9.95 1.93 -7.58
C ASP A 119 11.32 2.46 -7.22
N HIS A 120 11.80 2.08 -6.04
CA HIS A 120 13.10 2.54 -5.57
C HIS A 120 13.55 1.84 -4.27
N PRO A 121 12.65 1.53 -3.35
CA PRO A 121 13.03 0.88 -2.07
C PRO A 121 12.94 -0.64 -2.16
N LEU A 122 12.87 -1.28 -1.00
CA LEU A 122 12.78 -2.73 -0.94
C LEU A 122 11.35 -3.16 -1.21
N VAL A 123 10.48 -2.18 -1.34
CA VAL A 123 9.07 -2.44 -1.58
C VAL A 123 8.92 -3.25 -2.85
N VAL A 124 9.63 -2.84 -3.90
CA VAL A 124 9.54 -3.59 -5.15
C VAL A 124 9.82 -5.05 -4.87
N ALA A 125 11.01 -5.34 -4.39
CA ALA A 125 11.37 -6.71 -4.06
C ALA A 125 10.22 -7.42 -3.35
N LEU A 126 9.57 -6.73 -2.42
CA LEU A 126 8.44 -7.31 -1.70
C LEU A 126 7.23 -7.50 -2.63
N CYS A 127 6.86 -6.44 -3.36
CA CYS A 127 5.73 -6.50 -4.28
C CYS A 127 6.04 -7.39 -5.48
N GLN A 128 7.19 -7.14 -6.07
CA GLN A 128 7.64 -7.89 -7.21
C GLN A 128 7.62 -9.37 -6.85
N ALA A 129 8.08 -9.63 -5.64
CA ALA A 129 8.17 -10.99 -5.16
C ALA A 129 6.80 -11.63 -5.22
N TYR A 130 5.86 -10.97 -4.56
CA TYR A 130 4.49 -11.45 -4.53
C TYR A 130 3.94 -11.48 -5.94
N GLY A 131 4.58 -10.69 -6.79
CA GLY A 131 4.17 -10.59 -8.17
C GLY A 131 3.01 -9.63 -8.27
N LYS A 132 2.58 -9.08 -7.12
CA LYS A 132 1.46 -8.16 -7.11
C LYS A 132 1.60 -7.17 -5.93
N PRO A 133 0.93 -6.03 -6.00
CA PRO A 133 1.00 -4.97 -4.95
C PRO A 133 0.98 -5.52 -3.54
N LEU A 134 1.11 -4.60 -2.60
CA LEU A 134 1.05 -4.91 -1.18
C LEU A 134 0.08 -3.91 -0.57
N VAL A 135 -0.98 -4.36 0.10
CA VAL A 135 -1.89 -3.38 0.67
C VAL A 135 -1.11 -2.64 1.72
N SER A 136 -1.48 -1.39 2.00
CA SER A 136 -0.76 -0.59 3.02
C SER A 136 -1.73 0.03 4.03
N THR A 137 -1.38 -0.10 5.32
CA THR A 137 -2.20 0.44 6.41
C THR A 137 -1.30 1.13 7.44
N SER A 138 -1.91 1.93 8.29
CA SER A 138 -1.15 2.64 9.32
C SER A 138 -0.67 1.65 10.38
N ALA A 139 0.49 1.91 10.95
CA ALA A 139 1.03 1.02 11.98
C ALA A 139 0.28 1.19 13.30
N ASN A 140 -0.89 0.55 13.40
CA ASN A 140 -1.68 0.62 14.61
C ASN A 140 -2.65 -0.55 14.68
N LEU A 141 -3.25 -0.71 15.86
CA LEU A 141 -4.18 -1.81 16.10
C LEU A 141 -5.32 -1.34 17.01
N SER A 142 -6.03 -2.29 17.60
CA SER A 142 -7.16 -1.97 18.48
C SER A 142 -6.67 -1.15 19.68
N GLY A 143 -5.51 -1.53 20.21
CA GLY A 143 -4.95 -0.82 21.35
C GLY A 143 -3.49 -1.16 21.53
N LEU A 144 -2.94 -1.92 20.59
CA LEU A 144 -1.53 -2.30 20.66
C LEU A 144 -0.65 -1.15 20.12
N PRO A 145 0.35 -0.69 20.85
CA PRO A 145 1.24 0.41 20.37
C PRO A 145 1.55 0.27 18.88
N PRO A 146 1.93 1.35 18.21
CA PRO A 146 2.25 1.33 16.75
C PRO A 146 3.57 0.64 16.46
N CYS A 147 4.09 0.87 15.24
CA CYS A 147 5.36 0.29 14.81
C CYS A 147 6.35 1.40 14.49
N ARG A 148 6.87 2.04 15.54
CA ARG A 148 7.81 3.13 15.33
C ARG A 148 8.97 2.67 14.46
N THR A 149 9.37 1.42 14.62
CA THR A 149 10.46 0.88 13.81
C THR A 149 10.44 -0.64 13.93
N VAL A 150 11.19 -1.32 13.06
CA VAL A 150 11.24 -2.74 13.11
C VAL A 150 11.66 -3.19 14.50
N ASP A 151 12.25 -2.27 15.25
CA ASP A 151 12.64 -2.57 16.61
C ASP A 151 11.38 -2.85 17.42
N GLU A 152 10.34 -2.10 17.10
CA GLU A 152 9.04 -2.22 17.76
C GLU A 152 8.48 -3.65 17.61
N VAL A 153 8.05 -3.95 16.39
CA VAL A 153 7.50 -5.26 16.03
C VAL A 153 8.38 -6.41 16.53
N ARG A 154 9.68 -6.15 16.61
CA ARG A 154 10.64 -7.17 17.07
C ARG A 154 10.70 -7.19 18.58
N ALA A 155 10.76 -6.01 19.13
CA ALA A 155 10.83 -5.85 20.57
C ALA A 155 9.62 -6.49 21.20
N GLN A 156 8.51 -6.27 20.55
CA GLN A 156 7.24 -6.73 21.02
C GLN A 156 7.01 -8.21 20.66
N PHE A 157 7.25 -8.57 19.38
CA PHE A 157 7.00 -9.95 18.90
C PHE A 157 8.30 -10.73 18.66
N GLY A 158 9.36 -10.07 18.18
CA GLY A 158 10.63 -10.75 17.90
C GLY A 158 10.76 -11.12 16.43
N ALA A 159 10.04 -10.39 15.57
CA ALA A 159 10.09 -10.64 14.14
C ALA A 159 11.52 -10.88 13.67
N ALA A 160 12.18 -9.83 13.22
CA ALA A 160 13.56 -9.96 12.74
C ALA A 160 13.61 -10.90 11.54
N PHE A 161 12.56 -10.83 10.73
CA PHE A 161 12.45 -11.68 9.54
C PHE A 161 11.20 -11.27 8.75
N PRO A 162 10.01 -11.41 9.32
CA PRO A 162 8.74 -11.00 8.64
C PRO A 162 8.62 -9.47 8.59
N VAL A 163 9.77 -8.81 8.57
CA VAL A 163 9.84 -7.34 8.56
C VAL A 163 10.79 -6.85 7.49
N VAL A 164 10.74 -5.53 7.22
CA VAL A 164 11.62 -4.90 6.22
C VAL A 164 12.43 -3.75 6.86
N PRO A 165 13.31 -4.05 7.78
CA PRO A 165 14.15 -3.04 8.48
C PRO A 165 14.64 -1.91 7.62
N GLY A 166 14.63 -0.73 8.20
CA GLY A 166 15.09 0.46 7.53
C GLY A 166 14.53 1.71 8.20
N GLU A 167 15.00 2.87 7.73
CA GLU A 167 14.55 4.14 8.28
C GLU A 167 14.81 5.25 7.29
N THR A 168 13.81 6.11 7.09
CA THR A 168 13.94 7.23 6.16
C THR A 168 14.51 8.44 6.89
N GLY A 169 14.18 8.56 8.17
CA GLY A 169 14.65 9.67 8.99
C GLY A 169 13.63 10.01 10.08
N GLY A 170 12.35 9.96 9.72
CA GLY A 170 11.27 10.27 10.67
C GLY A 170 10.69 11.63 10.35
N ARG A 171 11.15 12.22 9.25
CA ARG A 171 10.68 13.52 8.81
C ARG A 171 9.38 13.38 8.03
N LEU A 172 8.46 14.30 8.26
CA LEU A 172 7.16 14.26 7.57
C LEU A 172 7.31 14.74 6.13
N ASN A 173 6.44 14.23 5.26
CA ASN A 173 6.43 14.59 3.84
C ASN A 173 5.04 15.07 3.42
N PRO A 174 4.92 15.97 2.47
CA PRO A 174 3.59 16.48 2.01
C PRO A 174 2.85 15.44 1.15
N SER A 175 2.10 14.56 1.80
CA SER A 175 1.33 13.52 1.10
C SER A 175 -0.12 13.54 1.56
N GLU A 176 -1.01 13.71 0.59
CA GLU A 176 -2.44 13.79 0.85
C GLU A 176 -3.22 12.92 -0.13
N ILE A 177 -4.53 12.83 0.10
CA ILE A 177 -5.43 12.03 -0.75
C ILE A 177 -6.31 12.95 -1.59
N ARG A 178 -6.33 12.73 -2.91
CA ARG A 178 -7.13 13.56 -3.82
C ARG A 178 -8.04 12.72 -4.72
N ASP A 179 -9.01 13.41 -5.32
CA ASP A 179 -9.94 12.75 -6.23
C ASP A 179 -9.32 12.59 -7.60
N ALA A 180 -8.97 11.37 -7.93
CA ALA A 180 -8.35 11.07 -9.22
C ALA A 180 -9.40 11.22 -10.34
N LEU A 181 -10.66 11.30 -9.95
CA LEU A 181 -11.74 11.45 -10.92
C LEU A 181 -11.59 12.78 -11.66
N THR A 182 -11.23 13.83 -10.91
CA THR A 182 -11.06 15.17 -11.49
C THR A 182 -9.58 15.46 -11.68
N GLY A 183 -8.78 15.08 -10.69
CA GLY A 183 -7.35 15.32 -10.78
C GLY A 183 -7.07 16.82 -10.89
N GLU A 184 -7.98 17.61 -10.36
CA GLU A 184 -7.87 19.05 -10.40
C GLU A 184 -6.58 19.50 -9.71
N LEU A 185 -5.87 20.42 -10.35
CA LEU A 185 -4.61 20.97 -9.83
C LEU A 185 -4.80 22.41 -9.39
N PHE A 186 -3.70 23.06 -8.96
CA PHE A 186 -3.75 24.45 -8.51
C PHE A 186 -3.29 25.39 -9.62
N ARG A 187 -3.99 25.33 -10.77
CA ARG A 187 -3.65 26.18 -11.92
C ARG A 187 -4.88 26.93 -12.40
N GLN A 188 -4.70 28.21 -12.75
CA GLN A 188 -5.79 29.06 -13.23
C GLN A 188 -5.32 29.91 -14.41
N GLY A 189 -6.17 30.01 -15.43
CA GLY A 189 -5.83 30.78 -16.62
C GLY A 189 -4.62 30.20 -17.32
N ASN A 1 24.14 -8.95 0.96
CA ASN A 1 24.04 -8.73 -0.52
C ASN A 1 22.61 -9.01 -0.96
N ASN A 2 22.30 -10.29 -1.12
CA ASN A 2 20.95 -10.71 -1.56
C ASN A 2 20.10 -11.07 -0.34
N ASN A 3 20.64 -10.82 0.85
CA ASN A 3 19.91 -11.13 2.08
C ASN A 3 18.65 -10.29 2.17
N LEU A 4 18.75 -9.02 1.79
CA LEU A 4 17.59 -8.12 1.86
C LEU A 4 16.50 -8.64 0.93
N GLN A 5 16.89 -9.07 -0.26
CA GLN A 5 15.94 -9.60 -1.22
C GLN A 5 15.29 -10.86 -0.68
N ARG A 6 16.09 -11.70 -0.04
CA ARG A 6 15.59 -12.93 0.53
C ARG A 6 14.56 -12.62 1.61
N ASP A 7 14.86 -11.63 2.43
CA ASP A 7 13.95 -11.25 3.51
C ASP A 7 12.61 -10.81 2.94
N ALA A 8 12.64 -9.99 1.89
CA ALA A 8 11.41 -9.51 1.28
C ALA A 8 10.60 -10.69 0.73
N ILE A 9 11.30 -11.63 0.09
CA ILE A 9 10.64 -12.80 -0.46
C ILE A 9 10.02 -13.63 0.67
N ALA A 10 10.77 -13.79 1.74
CA ALA A 10 10.28 -14.56 2.89
C ALA A 10 8.95 -13.99 3.39
N ALA A 11 8.92 -12.68 3.55
CA ALA A 11 7.70 -12.02 4.03
C ALA A 11 6.55 -12.22 3.05
N ALA A 12 6.87 -12.19 1.76
CA ALA A 12 5.86 -12.37 0.73
C ALA A 12 5.17 -13.73 0.84
N ILE A 13 5.96 -14.79 0.88
CA ILE A 13 5.40 -16.13 0.98
C ILE A 13 4.78 -16.38 2.35
N ASP A 14 5.37 -15.77 3.38
CA ASP A 14 4.85 -15.94 4.73
C ASP A 14 3.41 -15.49 4.79
N VAL A 15 3.14 -14.27 4.38
CA VAL A 15 1.78 -13.74 4.41
C VAL A 15 0.90 -14.54 3.46
N LEU A 16 1.42 -14.90 2.30
CA LEU A 16 0.63 -15.67 1.35
C LEU A 16 0.06 -16.89 2.05
N ASN A 17 0.92 -17.60 2.76
CA ASN A 17 0.53 -18.81 3.48
C ASN A 17 -0.15 -18.50 4.82
N GLU A 18 0.51 -17.69 5.64
CA GLU A 18 0.00 -17.34 6.95
C GLU A 18 -1.25 -16.48 6.86
N GLU A 19 -1.31 -15.63 5.84
CA GLU A 19 -2.46 -14.74 5.62
C GLU A 19 -2.70 -13.80 6.80
N ARG A 20 -2.03 -12.64 6.77
CA ARG A 20 -2.18 -11.64 7.82
C ARG A 20 -1.68 -10.29 7.31
N VAL A 21 -0.92 -9.58 8.14
CA VAL A 21 -0.35 -8.29 7.78
C VAL A 21 1.07 -8.20 8.33
N ILE A 22 2.00 -7.61 7.55
CA ILE A 22 3.40 -7.49 8.00
C ILE A 22 3.93 -6.07 7.87
N ALA A 23 5.07 -5.81 8.49
CA ALA A 23 5.67 -4.49 8.47
C ALA A 23 6.11 -4.11 7.06
N TYR A 24 5.69 -2.92 6.64
CA TYR A 24 6.00 -2.37 5.31
C TYR A 24 6.88 -1.10 5.50
N PRO A 25 7.92 -0.88 4.72
CA PRO A 25 8.78 0.33 4.89
C PRO A 25 8.16 1.56 4.23
N THR A 26 8.33 2.73 4.85
CA THR A 26 7.77 3.97 4.30
C THR A 26 8.79 5.11 4.34
N GLU A 27 8.92 5.81 3.22
CA GLU A 27 9.85 6.93 3.14
C GLU A 27 9.34 8.12 3.94
N ALA A 28 8.58 7.85 5.01
CA ALA A 28 8.04 8.92 5.84
C ALA A 28 7.69 8.40 7.23
N VAL A 29 6.57 7.68 7.33
CA VAL A 29 6.11 7.12 8.62
C VAL A 29 5.90 5.61 8.48
N PHE A 30 6.51 4.86 9.39
CA PHE A 30 6.40 3.40 9.41
C PHE A 30 4.95 2.96 9.29
N GLY A 31 4.75 1.83 8.62
CA GLY A 31 3.42 1.26 8.43
C GLY A 31 3.50 -0.25 8.20
N VAL A 32 2.36 -0.86 7.89
CA VAL A 32 2.27 -2.31 7.64
C VAL A 32 1.50 -2.56 6.35
N GLY A 33 1.50 -3.80 5.87
CA GLY A 33 0.78 -4.10 4.63
C GLY A 33 0.44 -5.57 4.49
N CYS A 34 -0.17 -5.92 3.35
CA CYS A 34 -0.57 -7.31 3.11
C CYS A 34 -0.72 -7.57 1.61
N ASP A 35 -1.33 -8.71 1.27
CA ASP A 35 -1.51 -9.10 -0.14
C ASP A 35 -2.88 -8.68 -0.71
N PRO A 36 -2.98 -7.71 -1.62
CA PRO A 36 -4.27 -7.31 -2.26
C PRO A 36 -5.21 -8.47 -2.54
N ASP A 37 -6.41 -8.11 -2.96
CA ASP A 37 -7.44 -9.10 -3.31
C ASP A 37 -7.44 -10.26 -2.32
N SER A 38 -7.91 -10.00 -1.10
CA SER A 38 -7.96 -11.04 -0.07
C SER A 38 -9.07 -10.75 0.93
N GLU A 39 -9.80 -11.79 1.30
CA GLU A 39 -10.90 -11.67 2.23
C GLU A 39 -10.40 -11.30 3.63
N THR A 40 -9.22 -11.80 3.97
CA THR A 40 -8.63 -11.56 5.29
C THR A 40 -8.37 -10.08 5.52
N ALA A 41 -7.77 -9.40 4.54
CA ALA A 41 -7.45 -7.99 4.68
C ALA A 41 -8.68 -7.16 4.98
N VAL A 42 -9.72 -7.33 4.17
CA VAL A 42 -10.95 -6.57 4.36
C VAL A 42 -11.58 -6.92 5.70
N MET A 43 -11.62 -8.21 6.02
CA MET A 43 -12.16 -8.66 7.30
C MET A 43 -11.32 -8.12 8.46
N ARG A 44 -10.00 -8.11 8.26
CA ARG A 44 -9.05 -7.61 9.25
C ARG A 44 -9.33 -6.13 9.50
N LEU A 45 -9.72 -5.41 8.47
CA LEU A 45 -10.03 -4.00 8.66
C LEU A 45 -11.36 -3.87 9.37
N LEU A 46 -12.38 -4.43 8.75
CA LEU A 46 -13.72 -4.38 9.32
C LEU A 46 -13.71 -4.97 10.72
N GLU A 47 -12.68 -5.69 11.05
CA GLU A 47 -12.58 -6.33 12.33
C GLU A 47 -12.42 -5.27 13.41
N LEU A 48 -11.19 -4.89 13.65
CA LEU A 48 -10.88 -3.90 14.66
C LEU A 48 -11.18 -2.44 14.22
N LYS A 49 -11.00 -2.12 12.92
CA LYS A 49 -11.22 -0.75 12.47
C LYS A 49 -12.70 -0.44 12.38
N GLN A 50 -13.42 -1.32 11.70
CA GLN A 50 -14.86 -1.17 11.51
C GLN A 50 -15.26 0.30 11.36
N ARG A 51 -14.81 0.91 10.27
CA ARG A 51 -15.12 2.32 9.99
C ARG A 51 -14.46 2.79 8.68
N PRO A 52 -13.17 2.64 8.51
CA PRO A 52 -12.44 3.08 7.28
C PRO A 52 -12.68 2.14 6.11
N VAL A 53 -13.35 1.02 6.36
CA VAL A 53 -13.61 0.04 5.32
C VAL A 53 -14.06 0.73 4.03
N ASP A 54 -15.03 1.63 4.15
CA ASP A 54 -15.54 2.36 2.99
C ASP A 54 -14.47 3.28 2.42
N LYS A 55 -13.73 3.92 3.31
CA LYS A 55 -12.70 4.84 2.87
C LYS A 55 -11.66 4.11 2.04
N GLY A 56 -11.31 2.89 2.47
CA GLY A 56 -10.33 2.10 1.74
C GLY A 56 -8.95 2.77 1.81
N LEU A 57 -8.07 2.16 2.60
CA LEU A 57 -6.73 2.67 2.79
C LEU A 57 -6.01 2.91 1.46
N ILE A 58 -4.69 3.00 1.53
CA ILE A 58 -3.85 3.21 0.35
C ILE A 58 -3.13 1.91 0.01
N LEU A 59 -2.97 1.64 -1.28
CA LEU A 59 -2.31 0.42 -1.75
C LEU A 59 -1.07 0.79 -2.54
N ILE A 60 0.03 0.01 -2.41
CA ILE A 60 1.28 0.32 -3.14
C ILE A 60 1.57 -0.73 -4.21
N ALA A 61 1.80 -0.24 -5.44
CA ALA A 61 2.12 -1.10 -6.59
C ALA A 61 3.51 -0.77 -7.08
N ALA A 62 4.21 -1.77 -7.60
CA ALA A 62 5.56 -1.57 -8.09
C ALA A 62 5.58 -1.64 -9.61
N ASN A 63 4.63 -2.37 -10.18
CA ASN A 63 4.54 -2.51 -11.64
C ASN A 63 3.24 -1.94 -12.16
N TYR A 64 3.26 -1.46 -13.41
CA TYR A 64 2.06 -0.90 -14.03
C TYR A 64 1.19 -2.05 -14.53
N GLU A 65 1.80 -3.23 -14.55
CA GLU A 65 1.11 -4.43 -15.00
C GLU A 65 -0.21 -4.60 -14.26
N GLN A 66 -0.23 -4.16 -12.99
CA GLN A 66 -1.45 -4.26 -12.17
C GLN A 66 -2.31 -2.99 -12.23
N LEU A 67 -1.80 -1.91 -12.81
CA LEU A 67 -2.59 -0.67 -12.92
C LEU A 67 -3.35 -0.68 -14.24
N LYS A 68 -2.90 -1.51 -15.16
CA LYS A 68 -3.52 -1.60 -16.48
C LYS A 68 -4.85 -2.37 -16.48
N PRO A 69 -4.98 -3.45 -15.73
CA PRO A 69 -6.21 -4.27 -15.70
C PRO A 69 -7.04 -4.04 -14.44
N TYR A 70 -6.52 -3.20 -13.53
CA TYR A 70 -7.20 -2.93 -12.26
C TYR A 70 -8.06 -1.68 -12.36
N ILE A 71 -7.88 -0.92 -13.45
CA ILE A 71 -8.66 0.29 -13.71
C ILE A 71 -9.33 0.17 -15.08
N ASP A 72 -10.26 1.08 -15.39
CA ASP A 72 -10.95 1.03 -16.68
C ASP A 72 -9.98 1.23 -17.83
N ASP A 73 -8.76 1.67 -17.50
CA ASP A 73 -7.74 1.88 -18.51
C ASP A 73 -8.24 2.85 -19.60
N THR A 74 -9.24 3.65 -19.25
CA THR A 74 -9.80 4.62 -20.19
C THR A 74 -9.05 5.94 -20.06
N MET A 75 -9.01 6.46 -18.84
CA MET A 75 -8.31 7.71 -18.59
C MET A 75 -6.80 7.51 -18.77
N LEU A 76 -6.32 6.34 -18.35
CA LEU A 76 -4.90 6.03 -18.44
C LEU A 76 -4.43 5.97 -19.88
N THR A 77 -3.24 6.52 -20.10
CA THR A 77 -2.66 6.63 -21.42
C THR A 77 -1.14 6.57 -21.34
N ASP A 78 -0.49 6.51 -22.51
CA ASP A 78 0.98 6.45 -22.56
C ASP A 78 1.61 7.67 -21.90
N VAL A 79 1.06 8.85 -22.18
CA VAL A 79 1.61 10.07 -21.61
C VAL A 79 1.54 10.04 -20.09
N GLN A 80 0.52 9.38 -19.54
CA GLN A 80 0.36 9.29 -18.09
C GLN A 80 1.51 8.52 -17.48
N ARG A 81 1.93 7.46 -18.15
CA ARG A 81 3.04 6.64 -17.67
C ARG A 81 4.29 7.48 -17.65
N GLU A 82 4.53 8.10 -18.78
CA GLU A 82 5.69 8.95 -18.92
C GLU A 82 5.68 10.04 -17.88
N THR A 83 4.53 10.70 -17.81
CA THR A 83 4.34 11.80 -16.89
C THR A 83 4.49 11.39 -15.43
N ILE A 84 3.82 10.31 -15.03
CA ILE A 84 3.92 9.87 -13.64
C ILE A 84 5.32 9.36 -13.36
N PHE A 85 6.00 8.89 -14.42
CA PHE A 85 7.36 8.37 -14.29
C PHE A 85 8.40 9.49 -14.40
N SER A 86 8.10 10.52 -15.19
CA SER A 86 9.03 11.64 -15.37
C SER A 86 8.81 12.71 -14.31
N ARG A 87 7.73 12.57 -13.53
CA ARG A 87 7.40 13.53 -12.49
C ARG A 87 7.16 12.81 -11.16
N TRP A 88 8.25 12.45 -10.48
CA TRP A 88 8.15 11.76 -9.19
C TRP A 88 7.32 10.47 -9.31
N PRO A 89 7.55 9.48 -8.48
CA PRO A 89 6.78 8.20 -8.55
C PRO A 89 5.33 8.40 -8.15
N GLY A 90 5.06 9.46 -7.38
CA GLY A 90 3.68 9.73 -6.94
C GLY A 90 3.67 10.61 -5.68
N PRO A 91 3.87 11.89 -5.84
CA PRO A 91 3.88 12.86 -4.70
C PRO A 91 2.60 12.76 -3.84
N VAL A 92 1.46 12.52 -4.51
CA VAL A 92 0.16 12.43 -3.82
C VAL A 92 -0.61 11.20 -4.30
N THR A 93 -1.40 10.62 -3.40
CA THR A 93 -2.19 9.44 -3.72
C THR A 93 -3.52 9.84 -4.37
N PHE A 94 -3.96 9.08 -5.38
CA PHE A 94 -5.21 9.37 -6.10
C PHE A 94 -6.21 8.22 -5.94
N VAL A 95 -7.49 8.57 -5.77
CA VAL A 95 -8.56 7.57 -5.62
C VAL A 95 -9.23 7.35 -6.96
N PHE A 96 -8.88 6.23 -7.59
CA PHE A 96 -9.42 5.89 -8.92
C PHE A 96 -10.69 5.05 -8.80
N PRO A 97 -11.59 5.11 -9.76
CA PRO A 97 -12.84 4.30 -9.72
C PRO A 97 -12.57 2.83 -10.02
N ALA A 98 -12.72 1.99 -9.00
CA ALA A 98 -12.50 0.56 -9.16
C ALA A 98 -13.74 -0.10 -9.77
N PRO A 99 -13.59 -1.20 -10.46
CA PRO A 99 -14.75 -1.92 -11.09
C PRO A 99 -15.67 -2.52 -10.03
N ALA A 100 -16.95 -2.66 -10.37
CA ALA A 100 -17.94 -3.23 -9.46
C ALA A 100 -19.07 -3.90 -10.24
N THR A 101 -18.74 -5.03 -10.86
CA THR A 101 -19.72 -5.77 -11.64
C THR A 101 -20.81 -6.34 -10.74
N THR A 102 -20.44 -6.66 -9.50
CA THR A 102 -21.40 -7.23 -8.56
C THR A 102 -20.89 -7.24 -7.12
N PRO A 103 -19.63 -7.51 -6.89
CA PRO A 103 -19.06 -7.56 -5.51
C PRO A 103 -19.05 -6.19 -4.83
N ARG A 104 -18.25 -6.07 -3.77
CA ARG A 104 -18.16 -4.82 -3.04
C ARG A 104 -16.98 -4.84 -2.07
N TRP A 105 -16.22 -5.93 -2.09
CA TRP A 105 -15.06 -6.07 -1.21
C TRP A 105 -13.91 -5.18 -1.67
N LEU A 106 -14.06 -4.60 -2.86
CA LEU A 106 -13.02 -3.73 -3.41
C LEU A 106 -12.99 -2.40 -2.65
N THR A 107 -14.12 -2.04 -2.05
CA THR A 107 -14.22 -0.80 -1.28
C THR A 107 -15.08 -1.01 -0.04
N GLY A 108 -16.15 -1.79 -0.21
CA GLY A 108 -17.06 -2.07 0.90
C GLY A 108 -18.19 -1.03 1.00
N ARG A 109 -18.29 -0.16 0.01
CA ARG A 109 -19.33 0.87 0.01
C ARG A 109 -19.59 1.36 -1.42
N PHE A 110 -18.71 2.24 -1.92
CA PHE A 110 -18.85 2.79 -3.27
C PHE A 110 -18.03 1.95 -4.26
N ASP A 111 -17.21 2.63 -5.06
CA ASP A 111 -16.38 1.95 -6.05
C ASP A 111 -15.19 2.80 -6.43
N SER A 112 -14.35 3.11 -5.45
CA SER A 112 -13.15 3.91 -5.69
C SER A 112 -12.12 3.66 -4.60
N LEU A 113 -10.83 3.85 -4.91
CA LEU A 113 -9.81 3.60 -3.91
C LEU A 113 -8.47 4.29 -4.23
N ALA A 114 -7.88 4.82 -3.14
CA ALA A 114 -6.58 5.49 -3.15
C ALA A 114 -5.47 4.49 -3.44
N VAL A 115 -4.57 4.85 -4.36
CA VAL A 115 -3.46 3.96 -4.72
C VAL A 115 -2.24 4.78 -5.15
N ARG A 116 -1.06 4.20 -4.98
CA ARG A 116 0.18 4.89 -5.34
C ARG A 116 1.24 3.88 -5.81
N VAL A 117 2.22 4.38 -6.58
CA VAL A 117 3.31 3.53 -7.09
C VAL A 117 4.65 4.06 -6.61
N THR A 118 5.50 3.14 -6.13
CA THR A 118 6.84 3.50 -5.66
C THR A 118 7.86 2.54 -6.25
N ASP A 119 8.92 3.09 -6.82
CA ASP A 119 9.98 2.27 -7.43
C ASP A 119 11.34 2.82 -7.01
N HIS A 120 11.81 2.39 -5.84
CA HIS A 120 13.10 2.85 -5.33
C HIS A 120 13.53 2.09 -4.07
N PRO A 121 12.64 1.75 -3.15
CA PRO A 121 13.01 1.04 -1.91
C PRO A 121 12.90 -0.48 -2.06
N LEU A 122 12.85 -1.16 -0.92
CA LEU A 122 12.77 -2.61 -0.92
C LEU A 122 11.33 -3.03 -1.23
N VAL A 123 10.47 -2.05 -1.34
CA VAL A 123 9.07 -2.31 -1.60
C VAL A 123 8.93 -3.08 -2.89
N VAL A 124 9.65 -2.65 -3.93
CA VAL A 124 9.58 -3.36 -5.20
C VAL A 124 9.88 -4.83 -4.95
N ALA A 125 11.07 -5.11 -4.47
CA ALA A 125 11.46 -6.48 -4.17
C ALA A 125 10.31 -7.24 -3.50
N LEU A 126 9.63 -6.60 -2.56
CA LEU A 126 8.51 -7.24 -1.88
C LEU A 126 7.31 -7.39 -2.83
N CYS A 127 6.95 -6.31 -3.53
CA CYS A 127 5.82 -6.35 -4.46
C CYS A 127 6.15 -7.20 -5.68
N GLN A 128 7.31 -6.93 -6.25
CA GLN A 128 7.79 -7.64 -7.42
C GLN A 128 7.80 -9.13 -7.09
N ALA A 129 8.25 -9.42 -5.88
CA ALA A 129 8.37 -10.80 -5.43
C ALA A 129 7.03 -11.48 -5.52
N TYR A 130 6.06 -10.89 -4.85
CA TYR A 130 4.73 -11.42 -4.83
C TYR A 130 4.18 -11.38 -6.24
N GLY A 131 4.72 -10.44 -7.00
CA GLY A 131 4.31 -10.24 -8.37
C GLY A 131 3.09 -9.31 -8.40
N LYS A 132 2.69 -8.81 -7.22
CA LYS A 132 1.54 -7.92 -7.14
C LYS A 132 1.69 -6.92 -5.97
N PRO A 133 1.01 -5.79 -6.03
CA PRO A 133 1.06 -4.73 -4.98
C PRO A 133 1.02 -5.30 -3.57
N LEU A 134 1.10 -4.38 -2.62
CA LEU A 134 1.02 -4.71 -1.20
C LEU A 134 0.07 -3.70 -0.57
N VAL A 135 -0.99 -4.15 0.07
CA VAL A 135 -1.90 -3.17 0.66
C VAL A 135 -1.13 -2.45 1.73
N SER A 136 -1.38 -1.15 1.89
CA SER A 136 -0.66 -0.36 2.91
C SER A 136 -1.63 0.19 3.96
N THR A 137 -1.35 -0.14 5.23
CA THR A 137 -2.17 0.32 6.36
C THR A 137 -1.28 0.96 7.43
N SER A 138 -1.91 1.68 8.36
CA SER A 138 -1.16 2.34 9.43
C SER A 138 -0.63 1.30 10.41
N ALA A 139 0.51 1.62 11.03
CA ALA A 139 1.13 0.72 12.00
C ALA A 139 0.26 0.56 13.24
N ASN A 140 -0.38 1.64 13.67
CA ASN A 140 -1.22 1.60 14.85
C ASN A 140 -2.30 0.53 14.72
N LEU A 141 -2.71 0.02 15.87
CA LEU A 141 -3.71 -1.03 15.95
C LEU A 141 -4.88 -0.55 16.82
N SER A 142 -5.62 -1.50 17.38
CA SER A 142 -6.76 -1.17 18.23
C SER A 142 -6.30 -0.36 19.44
N GLY A 143 -5.21 -0.81 20.06
CA GLY A 143 -4.67 -0.12 21.22
C GLY A 143 -3.23 -0.53 21.45
N LEU A 144 -2.70 -1.33 20.54
CA LEU A 144 -1.32 -1.79 20.66
C LEU A 144 -0.37 -0.75 20.05
N PRO A 145 0.65 -0.30 20.77
CA PRO A 145 1.61 0.71 20.23
C PRO A 145 1.90 0.51 18.74
N PRO A 146 2.32 1.53 18.04
CA PRO A 146 2.65 1.44 16.59
C PRO A 146 3.98 0.74 16.32
N CYS A 147 4.49 0.92 15.10
CA CYS A 147 5.76 0.31 14.69
C CYS A 147 6.78 1.42 14.42
N ARG A 148 7.36 1.95 15.48
CA ARG A 148 8.35 3.02 15.32
C ARG A 148 9.49 2.54 14.46
N THR A 149 9.84 1.27 14.59
CA THR A 149 10.91 0.69 13.79
C THR A 149 10.78 -0.84 13.85
N VAL A 150 11.48 -1.52 12.95
CA VAL A 150 11.43 -2.95 12.95
C VAL A 150 11.83 -3.47 14.32
N ASP A 151 12.50 -2.62 15.08
CA ASP A 151 12.88 -2.99 16.44
C ASP A 151 11.60 -3.17 17.26
N GLU A 152 10.60 -2.35 16.93
CA GLU A 152 9.32 -2.40 17.62
C GLU A 152 8.67 -3.80 17.47
N VAL A 153 8.24 -4.08 16.25
CA VAL A 153 7.61 -5.35 15.88
C VAL A 153 8.45 -6.54 16.36
N ARG A 154 9.76 -6.35 16.44
CA ARG A 154 10.67 -7.41 16.87
C ARG A 154 10.74 -7.46 18.40
N ALA A 155 10.85 -6.29 18.96
CA ALA A 155 10.94 -6.14 20.40
C ALA A 155 9.72 -6.73 21.04
N GLN A 156 8.62 -6.46 20.39
CA GLN A 156 7.32 -6.88 20.85
C GLN A 156 7.01 -8.34 20.47
N PHE A 157 7.22 -8.68 19.19
CA PHE A 157 6.91 -10.04 18.69
C PHE A 157 8.15 -10.89 18.44
N GLY A 158 9.22 -10.27 17.95
CA GLY A 158 10.46 -11.01 17.64
C GLY A 158 10.55 -11.37 16.17
N ALA A 159 9.88 -10.60 15.31
CA ALA A 159 9.91 -10.83 13.88
C ALA A 159 11.33 -11.15 13.41
N ALA A 160 12.04 -10.13 12.94
CA ALA A 160 13.40 -10.32 12.44
C ALA A 160 13.38 -11.23 11.22
N PHE A 161 12.34 -11.06 10.41
CA PHE A 161 12.18 -11.87 9.21
C PHE A 161 10.93 -11.39 8.44
N PRO A 162 9.76 -11.48 9.04
CA PRO A 162 8.50 -11.01 8.39
C PRO A 162 8.45 -9.48 8.38
N VAL A 163 9.63 -8.86 8.35
CA VAL A 163 9.75 -7.41 8.37
C VAL A 163 10.72 -6.94 7.29
N VAL A 164 10.73 -5.62 7.05
CA VAL A 164 11.63 -5.02 6.03
C VAL A 164 12.48 -3.92 6.66
N PRO A 165 13.36 -4.27 7.58
CA PRO A 165 14.27 -3.31 8.29
C PRO A 165 14.81 -2.19 7.42
N GLY A 166 14.95 -1.04 8.06
CA GLY A 166 15.50 0.12 7.38
C GLY A 166 15.27 1.39 8.18
N GLU A 167 16.36 2.03 8.61
CA GLU A 167 16.26 3.26 9.38
C GLU A 167 16.13 4.45 8.44
N THR A 168 15.37 5.45 8.86
CA THR A 168 15.17 6.66 8.06
C THR A 168 14.99 7.88 8.96
N GLY A 169 15.39 9.04 8.45
CA GLY A 169 15.28 10.28 9.22
C GLY A 169 13.81 10.58 9.57
N GLY A 170 13.04 10.93 8.56
CA GLY A 170 11.62 11.25 8.77
C GLY A 170 11.05 11.92 7.53
N ARG A 171 11.40 13.20 7.36
CA ARG A 171 10.94 13.96 6.21
C ARG A 171 9.42 14.02 6.18
N LEU A 172 8.89 15.20 5.90
CA LEU A 172 7.45 15.38 5.84
C LEU A 172 6.85 14.41 4.82
N ASN A 173 6.61 14.91 3.61
CA ASN A 173 6.05 14.08 2.55
C ASN A 173 4.95 13.16 3.07
N PRO A 174 3.86 13.71 3.56
CA PRO A 174 2.72 12.91 4.11
C PRO A 174 1.91 12.26 3.00
N SER A 175 1.16 11.22 3.35
CA SER A 175 0.32 10.51 2.38
C SER A 175 -1.09 11.06 2.42
N GLU A 176 -1.48 11.66 1.30
CA GLU A 176 -2.77 12.27 1.15
C GLU A 176 -3.50 11.72 -0.08
N ILE A 177 -4.82 11.59 0.02
CA ILE A 177 -5.64 11.07 -1.08
C ILE A 177 -6.43 12.20 -1.73
N ARG A 178 -6.42 12.23 -3.06
CA ARG A 178 -7.12 13.26 -3.83
C ARG A 178 -8.16 12.63 -4.73
N ASP A 179 -9.14 13.43 -5.11
CA ASP A 179 -10.19 12.95 -5.98
C ASP A 179 -9.62 12.77 -7.37
N ALA A 180 -9.39 11.52 -7.74
CA ALA A 180 -8.83 11.21 -9.04
C ALA A 180 -9.85 11.53 -10.13
N LEU A 181 -11.11 11.64 -9.73
CA LEU A 181 -12.18 11.95 -10.68
C LEU A 181 -11.96 13.35 -11.27
N THR A 182 -11.55 14.30 -10.41
CA THR A 182 -11.31 15.68 -10.84
C THR A 182 -9.87 16.09 -10.56
N GLY A 183 -9.43 15.88 -9.31
CA GLY A 183 -8.08 16.24 -8.91
C GLY A 183 -8.07 17.64 -8.30
N GLU A 184 -9.09 17.90 -7.49
CA GLU A 184 -9.24 19.19 -6.83
C GLU A 184 -8.54 19.23 -5.48
N LEU A 185 -7.94 20.37 -5.18
CA LEU A 185 -7.22 20.55 -3.92
C LEU A 185 -8.19 20.70 -2.76
N PHE A 186 -7.66 20.88 -1.54
CA PHE A 186 -8.48 21.03 -0.34
C PHE A 186 -8.53 22.50 0.10
N ARG A 187 -7.65 23.31 -0.46
CA ARG A 187 -7.60 24.74 -0.12
C ARG A 187 -8.59 25.51 -0.98
N GLN A 188 -9.25 26.50 -0.37
CA GLN A 188 -10.22 27.31 -1.09
C GLN A 188 -10.27 28.73 -0.51
N GLY A 189 -9.97 28.84 0.78
CA GLY A 189 -9.97 30.13 1.46
C GLY A 189 -8.81 31.00 0.97
N ASN A 1 24.54 -9.63 1.20
CA ASN A 1 23.60 -8.59 0.72
C ASN A 1 22.31 -9.25 0.25
N ASN A 2 22.35 -10.57 0.11
CA ASN A 2 21.19 -11.33 -0.33
C ASN A 2 20.23 -11.53 0.84
N ASN A 3 20.65 -11.13 2.03
CA ASN A 3 19.81 -11.27 3.22
C ASN A 3 18.53 -10.44 3.07
N LEU A 4 18.67 -9.24 2.52
CA LEU A 4 17.52 -8.37 2.33
C LEU A 4 16.52 -9.00 1.37
N GLN A 5 17.04 -9.59 0.29
CA GLN A 5 16.18 -10.24 -0.69
C GLN A 5 15.43 -11.41 -0.06
N ARG A 6 16.14 -12.19 0.76
CA ARG A 6 15.52 -13.33 1.43
C ARG A 6 14.41 -12.86 2.36
N ASP A 7 14.66 -11.75 3.05
CA ASP A 7 13.68 -11.20 3.97
C ASP A 7 12.40 -10.82 3.25
N ALA A 8 12.54 -10.19 2.08
CA ALA A 8 11.38 -9.78 1.31
C ALA A 8 10.59 -11.00 0.84
N ILE A 9 11.31 -12.00 0.33
CA ILE A 9 10.69 -13.23 -0.14
C ILE A 9 10.02 -13.94 1.02
N ALA A 10 10.71 -13.99 2.16
CA ALA A 10 10.17 -14.64 3.35
C ALA A 10 8.83 -14.03 3.71
N ALA A 11 8.77 -12.71 3.74
CA ALA A 11 7.55 -11.99 4.07
C ALA A 11 6.44 -12.32 3.07
N ALA A 12 6.79 -12.38 1.79
CA ALA A 12 5.79 -12.67 0.76
C ALA A 12 5.13 -14.03 0.99
N ILE A 13 5.95 -15.07 1.10
CA ILE A 13 5.42 -16.42 1.31
C ILE A 13 4.82 -16.55 2.71
N ASP A 14 5.43 -15.91 3.70
CA ASP A 14 4.94 -15.99 5.06
C ASP A 14 3.50 -15.53 5.12
N VAL A 15 3.22 -14.32 4.66
CA VAL A 15 1.87 -13.80 4.67
C VAL A 15 0.96 -14.64 3.78
N LEU A 16 1.47 -15.05 2.63
CA LEU A 16 0.66 -15.87 1.74
C LEU A 16 0.07 -17.04 2.50
N ASN A 17 0.94 -17.75 3.22
CA ASN A 17 0.53 -18.91 3.99
C ASN A 17 -0.11 -18.52 5.33
N GLU A 18 0.59 -17.69 6.08
CA GLU A 18 0.15 -17.24 7.40
C GLU A 18 -1.12 -16.39 7.31
N GLU A 19 -1.20 -15.61 6.24
CA GLU A 19 -2.36 -14.74 6.00
C GLU A 19 -2.59 -13.74 7.14
N ARG A 20 -1.94 -12.58 7.04
CA ARG A 20 -2.10 -11.55 8.05
C ARG A 20 -1.61 -10.21 7.49
N VAL A 21 -0.82 -9.48 8.29
CA VAL A 21 -0.29 -8.19 7.88
C VAL A 21 1.16 -8.06 8.41
N ILE A 22 2.07 -7.48 7.62
CA ILE A 22 3.49 -7.35 8.04
C ILE A 22 3.99 -5.93 7.89
N ALA A 23 5.16 -5.66 8.48
CA ALA A 23 5.76 -4.33 8.42
C ALA A 23 6.16 -3.95 7.01
N TYR A 24 5.73 -2.75 6.61
CA TYR A 24 6.00 -2.18 5.29
C TYR A 24 6.84 -0.89 5.48
N PRO A 25 7.85 -0.63 4.67
CA PRO A 25 8.68 0.60 4.85
C PRO A 25 8.00 1.83 4.27
N THR A 26 8.19 2.98 4.93
CA THR A 26 7.58 4.24 4.48
C THR A 26 8.60 5.36 4.46
N GLU A 27 8.57 6.12 3.38
CA GLU A 27 9.50 7.22 3.23
C GLU A 27 9.10 8.41 4.12
N ALA A 28 8.40 8.11 5.21
CA ALA A 28 7.97 9.16 6.14
C ALA A 28 7.62 8.58 7.51
N VAL A 29 6.52 7.82 7.57
CA VAL A 29 6.08 7.20 8.83
C VAL A 29 5.84 5.72 8.63
N PHE A 30 6.53 4.90 9.43
CA PHE A 30 6.41 3.45 9.34
C PHE A 30 4.97 3.00 9.17
N GLY A 31 4.80 1.85 8.51
CA GLY A 31 3.48 1.30 8.26
C GLY A 31 3.55 -0.20 8.07
N VAL A 32 2.39 -0.83 7.80
CA VAL A 32 2.30 -2.28 7.60
C VAL A 32 1.53 -2.56 6.32
N GLY A 33 1.53 -3.81 5.85
CA GLY A 33 0.80 -4.12 4.62
C GLY A 33 0.49 -5.61 4.50
N CYS A 34 -0.12 -5.99 3.37
CA CYS A 34 -0.49 -7.39 3.13
C CYS A 34 -0.67 -7.62 1.64
N ASP A 35 -1.17 -8.81 1.28
CA ASP A 35 -1.38 -9.17 -0.12
C ASP A 35 -2.80 -8.83 -0.63
N PRO A 36 -2.98 -7.87 -1.54
CA PRO A 36 -4.32 -7.53 -2.12
C PRO A 36 -5.23 -8.73 -2.30
N ASP A 37 -6.48 -8.42 -2.56
CA ASP A 37 -7.50 -9.45 -2.80
C ASP A 37 -7.32 -10.63 -1.84
N SER A 38 -7.77 -10.43 -0.59
CA SER A 38 -7.65 -11.48 0.42
C SER A 38 -8.74 -11.34 1.47
N GLU A 39 -9.14 -12.47 2.04
CA GLU A 39 -10.17 -12.51 3.05
C GLU A 39 -9.65 -11.90 4.35
N THR A 40 -8.37 -12.11 4.59
CA THR A 40 -7.72 -11.63 5.82
C THR A 40 -7.73 -10.11 5.90
N ALA A 41 -7.42 -9.46 4.79
CA ALA A 41 -7.39 -7.99 4.76
C ALA A 41 -8.74 -7.41 5.16
N VAL A 42 -9.81 -7.88 4.53
CA VAL A 42 -11.14 -7.38 4.84
C VAL A 42 -11.53 -7.75 6.29
N MET A 43 -11.28 -9.00 6.68
CA MET A 43 -11.61 -9.44 8.05
C MET A 43 -10.75 -8.74 9.11
N ARG A 44 -9.43 -8.63 8.88
CA ARG A 44 -8.54 -8.00 9.86
C ARG A 44 -8.89 -6.53 10.00
N LEU A 45 -9.39 -5.92 8.95
CA LEU A 45 -9.79 -4.52 9.04
C LEU A 45 -11.09 -4.42 9.84
N LEU A 46 -12.12 -5.07 9.34
CA LEU A 46 -13.42 -5.05 9.97
C LEU A 46 -13.31 -5.50 11.41
N GLU A 47 -12.24 -6.18 11.71
CA GLU A 47 -12.04 -6.71 13.03
C GLU A 47 -11.90 -5.56 14.01
N LEU A 48 -10.68 -5.08 14.14
CA LEU A 48 -10.39 -3.97 15.05
C LEU A 48 -10.82 -2.59 14.52
N LYS A 49 -10.73 -2.36 13.19
CA LYS A 49 -11.06 -1.03 12.66
C LYS A 49 -12.56 -0.81 12.63
N GLN A 50 -13.26 -1.79 12.07
CA GLN A 50 -14.71 -1.74 11.96
C GLN A 50 -15.22 -0.32 11.67
N ARG A 51 -14.87 0.21 10.50
CA ARG A 51 -15.29 1.55 10.11
C ARG A 51 -14.73 1.95 8.72
N PRO A 52 -13.43 1.87 8.52
CA PRO A 52 -12.78 2.24 7.22
C PRO A 52 -12.96 1.16 6.15
N VAL A 53 -13.55 0.04 6.54
CA VAL A 53 -13.75 -1.06 5.60
C VAL A 53 -14.29 -0.55 4.28
N ASP A 54 -15.33 0.28 4.34
CA ASP A 54 -15.93 0.83 3.14
C ASP A 54 -14.96 1.77 2.43
N LYS A 55 -14.32 2.63 3.21
CA LYS A 55 -13.37 3.59 2.65
C LYS A 55 -12.23 2.86 1.94
N GLY A 56 -11.75 1.77 2.55
CA GLY A 56 -10.65 1.02 1.95
C GLY A 56 -9.35 1.82 1.99
N LEU A 57 -8.40 1.30 2.74
CA LEU A 57 -7.10 1.93 2.89
C LEU A 57 -6.45 2.25 1.55
N ILE A 58 -5.16 2.54 1.59
CA ILE A 58 -4.39 2.85 0.39
C ILE A 58 -3.54 1.63 0.04
N LEU A 59 -3.36 1.39 -1.25
CA LEU A 59 -2.59 0.22 -1.71
C LEU A 59 -1.35 0.68 -2.49
N ILE A 60 -0.22 -0.06 -2.35
CA ILE A 60 1.01 0.30 -3.07
C ILE A 60 1.34 -0.72 -4.17
N ALA A 61 1.55 -0.24 -5.39
CA ALA A 61 1.88 -1.10 -6.53
C ALA A 61 3.27 -0.76 -7.01
N ALA A 62 3.93 -1.75 -7.63
CA ALA A 62 5.29 -1.57 -8.12
C ALA A 62 5.30 -1.66 -9.63
N ASN A 63 4.34 -2.44 -10.19
CA ASN A 63 4.26 -2.60 -11.65
C ASN A 63 2.96 -1.97 -12.18
N TYR A 64 3.06 -1.36 -13.35
CA TYR A 64 1.90 -0.74 -13.98
C TYR A 64 0.98 -1.83 -14.50
N GLU A 65 1.53 -3.05 -14.55
CA GLU A 65 0.80 -4.20 -15.04
C GLU A 65 -0.55 -4.30 -14.34
N GLN A 66 -0.60 -3.89 -13.06
CA GLN A 66 -1.85 -3.94 -12.28
C GLN A 66 -2.62 -2.61 -12.33
N LEU A 67 -2.02 -1.53 -12.82
CA LEU A 67 -2.74 -0.25 -12.90
C LEU A 67 -3.45 -0.15 -14.25
N LYS A 68 -3.04 -0.97 -15.19
CA LYS A 68 -3.60 -0.95 -16.54
C LYS A 68 -4.96 -1.66 -16.62
N PRO A 69 -5.16 -2.77 -15.94
CA PRO A 69 -6.44 -3.51 -16.01
C PRO A 69 -7.29 -3.30 -14.76
N TYR A 70 -6.77 -2.55 -13.79
CA TYR A 70 -7.50 -2.31 -12.54
C TYR A 70 -8.28 -1.00 -12.61
N ILE A 71 -8.01 -0.20 -13.65
CA ILE A 71 -8.69 1.08 -13.86
C ILE A 71 -9.37 1.07 -15.23
N ASP A 72 -10.24 2.04 -15.48
CA ASP A 72 -10.95 2.11 -16.75
C ASP A 72 -9.98 2.23 -17.92
N ASP A 73 -8.72 2.55 -17.63
CA ASP A 73 -7.70 2.69 -18.66
C ASP A 73 -8.13 3.74 -19.69
N THR A 74 -8.93 4.71 -19.23
CA THR A 74 -9.40 5.78 -20.10
C THR A 74 -8.50 7.00 -19.96
N MET A 75 -8.13 7.33 -18.72
CA MET A 75 -7.25 8.46 -18.45
C MET A 75 -5.79 8.03 -18.58
N LEU A 76 -5.59 6.73 -18.73
CA LEU A 76 -4.24 6.18 -18.84
C LEU A 76 -3.77 6.20 -20.28
N THR A 77 -2.59 6.77 -20.48
CA THR A 77 -2.05 6.92 -21.81
C THR A 77 -0.53 7.08 -21.78
N ASP A 78 0.10 6.91 -22.94
CA ASP A 78 1.56 7.00 -23.04
C ASP A 78 2.11 8.24 -22.29
N VAL A 79 1.49 9.39 -22.51
CA VAL A 79 1.95 10.61 -21.86
C VAL A 79 1.86 10.49 -20.34
N GLN A 80 0.87 9.75 -19.87
CA GLN A 80 0.67 9.56 -18.43
C GLN A 80 1.84 8.79 -17.83
N ARG A 81 2.32 7.80 -18.57
CA ARG A 81 3.44 6.98 -18.10
C ARG A 81 4.67 7.84 -18.01
N GLU A 82 4.92 8.51 -19.11
CA GLU A 82 6.08 9.38 -19.18
C GLU A 82 6.04 10.38 -18.06
N THR A 83 4.91 11.03 -17.95
CA THR A 83 4.72 12.06 -16.95
C THR A 83 4.88 11.53 -15.53
N ILE A 84 4.21 10.43 -15.20
CA ILE A 84 4.33 9.88 -13.83
C ILE A 84 5.74 9.35 -13.62
N PHE A 85 6.35 8.86 -14.71
CA PHE A 85 7.70 8.33 -14.66
C PHE A 85 8.74 9.45 -14.61
N SER A 86 8.48 10.56 -15.31
CA SER A 86 9.41 11.69 -15.37
C SER A 86 9.19 12.63 -14.19
N ARG A 87 7.93 12.95 -13.90
CA ARG A 87 7.60 13.84 -12.80
C ARG A 87 7.88 13.17 -11.46
N TRP A 88 6.99 12.27 -11.07
CA TRP A 88 7.14 11.55 -9.81
C TRP A 88 6.31 10.26 -9.86
N PRO A 89 6.73 9.21 -9.18
CA PRO A 89 5.98 7.91 -9.20
C PRO A 89 4.62 8.03 -8.53
N GLY A 90 4.49 9.01 -7.63
CA GLY A 90 3.22 9.20 -6.92
C GLY A 90 3.45 9.85 -5.55
N PRO A 91 3.58 11.15 -5.48
CA PRO A 91 3.79 11.85 -4.18
C PRO A 91 2.50 11.93 -3.36
N VAL A 92 1.37 11.78 -4.05
CA VAL A 92 0.04 11.81 -3.41
C VAL A 92 -0.82 10.67 -3.96
N THR A 93 -1.72 10.15 -3.12
CA THR A 93 -2.59 9.05 -3.54
C THR A 93 -3.79 9.58 -4.31
N PHE A 94 -4.12 8.95 -5.45
CA PHE A 94 -5.24 9.38 -6.29
C PHE A 94 -6.34 8.32 -6.31
N VAL A 95 -7.61 8.75 -6.24
CA VAL A 95 -8.75 7.81 -6.27
C VAL A 95 -9.27 7.69 -7.68
N PHE A 96 -8.91 6.57 -8.31
CA PHE A 96 -9.31 6.33 -9.70
C PHE A 96 -10.67 5.67 -9.77
N PRO A 97 -11.46 5.90 -10.80
CA PRO A 97 -12.80 5.27 -10.93
C PRO A 97 -12.69 3.81 -11.37
N ALA A 98 -12.98 2.90 -10.44
CA ALA A 98 -12.90 1.48 -10.74
C ALA A 98 -13.99 1.08 -11.75
N PRO A 99 -13.82 0.02 -12.50
CA PRO A 99 -14.85 -0.42 -13.49
C PRO A 99 -16.26 -0.39 -12.89
N ALA A 100 -16.35 -0.66 -11.59
CA ALA A 100 -17.63 -0.69 -10.89
C ALA A 100 -18.31 -2.05 -11.05
N THR A 101 -18.22 -2.62 -12.23
CA THR A 101 -18.84 -3.92 -12.49
C THR A 101 -18.25 -4.98 -11.59
N THR A 102 -16.96 -4.82 -11.25
CA THR A 102 -16.29 -5.77 -10.37
C THR A 102 -17.08 -5.89 -9.06
N PRO A 103 -16.63 -6.68 -8.11
CA PRO A 103 -17.33 -6.85 -6.81
C PRO A 103 -17.54 -5.51 -6.09
N ARG A 104 -17.63 -5.55 -4.76
CA ARG A 104 -17.85 -4.33 -3.96
C ARG A 104 -17.01 -4.36 -2.67
N TRP A 105 -16.49 -5.52 -2.32
CA TRP A 105 -15.69 -5.62 -1.11
C TRP A 105 -14.37 -4.87 -1.23
N LEU A 106 -14.03 -4.42 -2.44
CA LEU A 106 -12.77 -3.68 -2.61
C LEU A 106 -12.90 -2.33 -1.94
N THR A 107 -14.08 -1.73 -2.07
CA THR A 107 -14.38 -0.43 -1.46
C THR A 107 -15.82 -0.39 -0.98
N GLY A 108 -16.72 -0.94 -1.80
CA GLY A 108 -18.14 -0.98 -1.46
C GLY A 108 -18.72 0.41 -1.16
N ARG A 109 -17.88 1.44 -1.06
CA ARG A 109 -18.37 2.79 -0.78
C ARG A 109 -18.79 3.47 -2.08
N PHE A 110 -17.88 3.48 -3.06
CA PHE A 110 -18.17 4.10 -4.35
C PHE A 110 -17.36 3.42 -5.45
N ASP A 111 -17.68 3.75 -6.70
CA ASP A 111 -16.97 3.16 -7.83
C ASP A 111 -15.62 3.82 -8.06
N SER A 112 -14.84 3.96 -6.99
CA SER A 112 -13.52 4.56 -7.09
C SER A 112 -12.67 4.16 -5.90
N LEU A 113 -11.34 4.24 -6.03
CA LEU A 113 -10.47 3.85 -4.91
C LEU A 113 -9.05 4.46 -4.99
N ALA A 114 -8.59 4.91 -3.82
CA ALA A 114 -7.26 5.50 -3.63
C ALA A 114 -6.17 4.42 -3.76
N VAL A 115 -5.14 4.73 -4.54
CA VAL A 115 -4.03 3.81 -4.75
C VAL A 115 -2.78 4.60 -5.15
N ARG A 116 -1.61 3.99 -5.06
CA ARG A 116 -0.37 4.68 -5.43
C ARG A 116 0.71 3.69 -5.87
N VAL A 117 1.71 4.21 -6.61
CA VAL A 117 2.82 3.39 -7.12
C VAL A 117 4.16 4.00 -6.68
N THR A 118 5.10 3.13 -6.29
CA THR A 118 6.43 3.56 -5.87
C THR A 118 7.48 2.59 -6.38
N ASP A 119 8.51 3.12 -7.01
CA ASP A 119 9.61 2.31 -7.55
C ASP A 119 10.94 2.91 -7.13
N HIS A 120 11.45 2.48 -5.97
CA HIS A 120 12.70 3.00 -5.46
C HIS A 120 13.17 2.26 -4.20
N PRO A 121 12.30 1.86 -3.30
CA PRO A 121 12.71 1.16 -2.06
C PRO A 121 12.65 -0.36 -2.21
N LEU A 122 12.61 -1.04 -1.08
CA LEU A 122 12.56 -2.49 -1.07
C LEU A 122 11.14 -2.96 -1.37
N VAL A 123 10.24 -2.00 -1.44
CA VAL A 123 8.85 -2.30 -1.70
C VAL A 123 8.72 -3.07 -3.00
N VAL A 124 9.42 -2.60 -4.04
CA VAL A 124 9.36 -3.30 -5.31
C VAL A 124 9.68 -4.76 -5.10
N ALA A 125 10.87 -5.04 -4.63
CA ALA A 125 11.29 -6.41 -4.37
C ALA A 125 10.15 -7.20 -3.72
N LEU A 126 9.50 -6.62 -2.72
CA LEU A 126 8.39 -7.33 -2.07
C LEU A 126 7.19 -7.47 -3.02
N CYS A 127 6.81 -6.37 -3.67
CA CYS A 127 5.67 -6.39 -4.59
C CYS A 127 6.00 -7.18 -5.84
N GLN A 128 7.15 -6.86 -6.43
CA GLN A 128 7.61 -7.51 -7.63
C GLN A 128 7.65 -9.01 -7.39
N ALA A 129 8.11 -9.36 -6.21
CA ALA A 129 8.27 -10.76 -5.85
C ALA A 129 6.94 -11.45 -5.93
N TYR A 130 6.00 -10.90 -5.20
CA TYR A 130 4.65 -11.44 -5.15
C TYR A 130 4.04 -11.34 -6.53
N GLY A 131 4.57 -10.40 -7.29
CA GLY A 131 4.09 -10.16 -8.64
C GLY A 131 2.88 -9.25 -8.61
N LYS A 132 2.49 -8.78 -7.41
CA LYS A 132 1.34 -7.89 -7.29
C LYS A 132 1.51 -6.94 -6.09
N PRO A 133 0.80 -5.82 -6.09
CA PRO A 133 0.88 -4.80 -5.00
C PRO A 133 0.90 -5.40 -3.60
N LEU A 134 0.96 -4.49 -2.64
CA LEU A 134 0.93 -4.82 -1.22
C LEU A 134 -0.05 -3.85 -0.57
N VAL A 135 -1.08 -4.33 0.10
CA VAL A 135 -2.00 -3.37 0.69
C VAL A 135 -1.24 -2.59 1.74
N SER A 136 -1.55 -1.30 1.89
CA SER A 136 -0.84 -0.45 2.88
C SER A 136 -1.78 0.06 3.96
N THR A 137 -1.41 -0.18 5.22
CA THR A 137 -2.19 0.26 6.38
C THR A 137 -1.28 0.93 7.41
N SER A 138 -1.89 1.68 8.32
CA SER A 138 -1.13 2.36 9.35
C SER A 138 -0.60 1.34 10.36
N ALA A 139 0.56 1.65 10.95
CA ALA A 139 1.17 0.75 11.94
C ALA A 139 0.52 0.96 13.30
N ASN A 140 -0.66 0.37 13.49
CA ASN A 140 -1.37 0.48 14.76
C ASN A 140 -2.35 -0.66 14.90
N LEU A 141 -2.84 -0.84 16.13
CA LEU A 141 -3.77 -1.92 16.45
C LEU A 141 -4.82 -1.42 17.44
N SER A 142 -5.55 -2.36 18.04
CA SER A 142 -6.59 -2.03 19.00
C SER A 142 -6.00 -1.34 20.23
N GLY A 143 -4.85 -1.84 20.70
CA GLY A 143 -4.20 -1.26 21.86
C GLY A 143 -2.73 -1.59 21.88
N LEU A 144 -2.26 -2.26 20.83
CA LEU A 144 -0.85 -2.64 20.74
C LEU A 144 -0.04 -1.46 20.17
N PRO A 145 0.84 -0.81 20.94
CA PRO A 145 1.64 0.35 20.43
C PRO A 145 2.04 0.20 18.96
N PRO A 146 2.31 1.29 18.28
CA PRO A 146 2.70 1.26 16.83
C PRO A 146 4.10 0.69 16.61
N CYS A 147 4.45 0.46 15.35
CA CYS A 147 5.75 -0.07 14.97
C CYS A 147 6.68 1.07 14.60
N ARG A 148 7.20 1.75 15.61
CA ARG A 148 8.09 2.88 15.36
C ARG A 148 9.25 2.48 14.45
N THR A 149 9.74 1.25 14.62
CA THR A 149 10.80 0.76 13.76
C THR A 149 10.79 -0.76 13.81
N VAL A 150 11.52 -1.39 12.90
CA VAL A 150 11.56 -2.82 12.87
C VAL A 150 12.06 -3.33 14.22
N ASP A 151 12.70 -2.45 14.97
CA ASP A 151 13.16 -2.82 16.29
C ASP A 151 11.93 -3.14 17.13
N GLU A 152 10.88 -2.36 16.88
CA GLU A 152 9.61 -2.52 17.59
C GLU A 152 9.02 -3.94 17.39
N VAL A 153 8.50 -4.17 16.19
CA VAL A 153 7.92 -5.45 15.80
C VAL A 153 8.81 -6.61 16.22
N ARG A 154 10.11 -6.37 16.27
CA ARG A 154 11.08 -7.39 16.65
C ARG A 154 11.18 -7.47 18.16
N ALA A 155 11.25 -6.31 18.78
CA ALA A 155 11.37 -6.21 20.21
C ALA A 155 10.20 -6.88 20.85
N GLN A 156 9.07 -6.64 20.24
CA GLN A 156 7.81 -7.14 20.71
C GLN A 156 7.56 -8.60 20.29
N PHE A 157 7.75 -8.90 18.99
CA PHE A 157 7.48 -10.26 18.45
C PHE A 157 8.76 -11.03 18.14
N GLY A 158 9.80 -10.35 17.67
CA GLY A 158 11.06 -11.02 17.31
C GLY A 158 11.13 -11.33 15.82
N ALA A 159 10.40 -10.54 15.03
CA ALA A 159 10.39 -10.71 13.58
C ALA A 159 11.80 -10.93 13.05
N ALA A 160 12.46 -9.86 12.59
CA ALA A 160 13.80 -9.97 12.06
C ALA A 160 13.80 -10.86 10.82
N PHE A 161 12.74 -10.72 10.03
CA PHE A 161 12.58 -11.50 8.80
C PHE A 161 11.30 -11.08 8.09
N PRO A 162 10.14 -11.23 8.71
CA PRO A 162 8.84 -10.81 8.09
C PRO A 162 8.71 -9.29 8.07
N VAL A 163 9.86 -8.62 8.13
CA VAL A 163 9.93 -7.16 8.17
C VAL A 163 10.87 -6.64 7.09
N VAL A 164 10.83 -5.33 6.86
CA VAL A 164 11.70 -4.68 5.86
C VAL A 164 12.51 -3.55 6.51
N PRO A 165 13.41 -3.88 7.42
CA PRO A 165 14.28 -2.90 8.13
C PRO A 165 14.73 -1.71 7.31
N GLY A 166 14.76 -0.56 7.97
CA GLY A 166 15.19 0.67 7.34
C GLY A 166 15.05 1.85 8.30
N GLU A 167 15.35 3.05 7.81
CA GLU A 167 15.25 4.26 8.63
C GLU A 167 14.92 5.47 7.75
N THR A 168 14.24 6.46 8.33
CA THR A 168 13.87 7.67 7.61
C THR A 168 14.44 8.90 8.32
N GLY A 169 14.97 9.84 7.54
CA GLY A 169 15.55 11.05 8.11
C GLY A 169 14.57 11.75 9.04
N GLY A 170 13.44 12.17 8.48
CA GLY A 170 12.41 12.86 9.27
C GLY A 170 11.61 13.79 8.38
N ARG A 171 11.78 13.64 7.07
CA ARG A 171 11.07 14.47 6.11
C ARG A 171 9.59 14.23 6.24
N LEU A 172 8.83 15.32 6.30
CA LEU A 172 7.39 15.19 6.46
C LEU A 172 6.78 14.44 5.28
N ASN A 173 7.18 14.81 4.07
CA ASN A 173 6.66 14.16 2.86
C ASN A 173 5.16 13.87 2.99
N PRO A 174 4.36 14.90 2.95
CA PRO A 174 2.87 14.76 3.08
C PRO A 174 2.28 13.87 1.98
N SER A 175 1.30 13.06 2.36
CA SER A 175 0.62 12.17 1.40
C SER A 175 -0.82 11.96 1.81
N GLU A 176 -1.72 12.35 0.93
CA GLU A 176 -3.14 12.24 1.18
C GLU A 176 -3.86 11.71 -0.05
N ILE A 177 -5.19 11.54 0.06
CA ILE A 177 -6.00 11.05 -1.04
C ILE A 177 -6.70 12.22 -1.74
N ARG A 178 -6.61 12.27 -3.07
CA ARG A 178 -7.23 13.35 -3.84
C ARG A 178 -8.15 12.80 -4.92
N ASP A 179 -8.97 13.69 -5.46
CA ASP A 179 -9.91 13.31 -6.51
C ASP A 179 -9.18 13.15 -7.83
N ALA A 180 -9.00 11.90 -8.22
CA ALA A 180 -8.31 11.60 -9.48
C ALA A 180 -9.15 12.07 -10.67
N LEU A 181 -10.43 12.34 -10.41
CA LEU A 181 -11.33 12.80 -11.46
C LEU A 181 -10.88 14.17 -12.00
N THR A 182 -10.46 15.06 -11.09
CA THR A 182 -10.01 16.42 -11.47
C THR A 182 -8.58 16.65 -11.02
N GLY A 183 -8.17 15.96 -9.96
CA GLY A 183 -6.81 16.11 -9.43
C GLY A 183 -6.73 17.31 -8.50
N GLU A 184 -7.81 17.56 -7.77
CA GLU A 184 -7.86 18.66 -6.82
C GLU A 184 -9.08 18.53 -5.92
N LEU A 185 -8.94 18.98 -4.67
CA LEU A 185 -10.04 18.92 -3.69
C LEU A 185 -10.65 20.32 -3.48
N PHE A 186 -11.71 20.37 -2.67
CA PHE A 186 -12.39 21.64 -2.36
C PHE A 186 -12.09 22.07 -0.93
N ARG A 187 -11.53 21.15 -0.14
CA ARG A 187 -11.18 21.44 1.25
C ARG A 187 -9.84 22.15 1.33
N GLN A 188 -9.72 23.07 2.29
CA GLN A 188 -8.47 23.82 2.48
C GLN A 188 -8.18 24.01 3.97
N GLY A 189 -6.92 23.94 4.35
CA GLY A 189 -6.53 24.09 5.74
C GLY A 189 -7.15 25.36 6.33
N ASN A 1 23.16 -8.29 -0.28
CA ASN A 1 22.01 -7.97 -1.18
C ASN A 1 21.11 -9.20 -1.28
N ASN A 2 21.72 -10.38 -1.23
CA ASN A 2 20.96 -11.63 -1.32
C ASN A 2 20.01 -11.77 -0.13
N ASN A 3 20.49 -11.40 1.05
CA ASN A 3 19.67 -11.49 2.26
C ASN A 3 18.44 -10.59 2.15
N LEU A 4 18.64 -9.39 1.61
CA LEU A 4 17.54 -8.43 1.47
C LEU A 4 16.46 -9.00 0.53
N GLN A 5 16.89 -9.61 -0.57
CA GLN A 5 15.95 -10.20 -1.53
C GLN A 5 15.19 -11.35 -0.89
N ARG A 6 15.90 -12.15 -0.13
CA ARG A 6 15.28 -13.28 0.54
C ARG A 6 14.28 -12.80 1.59
N ASP A 7 14.65 -11.75 2.31
CA ASP A 7 13.78 -11.21 3.35
C ASP A 7 12.46 -10.72 2.74
N ALA A 8 12.56 -9.95 1.66
CA ALA A 8 11.36 -9.43 1.00
C ALA A 8 10.50 -10.56 0.47
N ILE A 9 11.14 -11.51 -0.19
CA ILE A 9 10.43 -12.64 -0.75
C ILE A 9 9.83 -13.46 0.38
N ALA A 10 10.62 -13.67 1.44
CA ALA A 10 10.14 -14.43 2.58
C ALA A 10 8.89 -13.80 3.16
N ALA A 11 8.89 -12.47 3.24
CA ALA A 11 7.75 -11.75 3.77
C ALA A 11 6.53 -12.01 2.90
N ALA A 12 6.74 -12.01 1.59
CA ALA A 12 5.64 -12.24 0.66
C ALA A 12 4.98 -13.61 0.89
N ILE A 13 5.78 -14.67 0.86
CA ILE A 13 5.23 -16.00 1.08
C ILE A 13 4.79 -16.18 2.53
N ASP A 14 5.42 -15.45 3.45
CA ASP A 14 5.06 -15.57 4.85
C ASP A 14 3.60 -15.17 5.05
N VAL A 15 3.25 -13.96 4.62
CA VAL A 15 1.87 -13.49 4.77
C VAL A 15 0.91 -14.32 3.93
N LEU A 16 1.30 -14.68 2.73
CA LEU A 16 0.42 -15.48 1.89
C LEU A 16 0.03 -16.75 2.62
N ASN A 17 1.02 -17.42 3.18
CA ASN A 17 0.77 -18.66 3.92
C ASN A 17 0.20 -18.39 5.32
N GLU A 18 0.84 -17.48 6.05
CA GLU A 18 0.44 -17.15 7.41
C GLU A 18 -0.90 -16.40 7.43
N GLU A 19 -1.11 -15.58 6.40
CA GLU A 19 -2.35 -14.81 6.24
C GLU A 19 -2.58 -13.79 7.37
N ARG A 20 -1.90 -12.64 7.29
CA ARG A 20 -2.08 -11.57 8.28
C ARG A 20 -1.55 -10.25 7.74
N VAL A 21 -0.88 -9.50 8.62
CA VAL A 21 -0.29 -8.20 8.25
C VAL A 21 1.13 -8.11 8.81
N ILE A 22 2.07 -7.54 8.04
CA ILE A 22 3.46 -7.42 8.49
C ILE A 22 3.97 -6.00 8.36
N ALA A 23 5.07 -5.70 9.05
CA ALA A 23 5.63 -4.36 9.01
C ALA A 23 6.01 -3.97 7.58
N TYR A 24 5.56 -2.80 7.15
CA TYR A 24 5.82 -2.28 5.80
C TYR A 24 6.51 -0.90 5.94
N PRO A 25 7.37 -0.51 5.02
CA PRO A 25 8.09 0.80 5.10
C PRO A 25 7.20 1.96 4.65
N THR A 26 7.41 3.14 5.23
CA THR A 26 6.64 4.33 4.88
C THR A 26 7.57 5.50 4.62
N GLU A 27 7.33 6.21 3.52
CA GLU A 27 8.17 7.37 3.20
C GLU A 27 7.82 8.55 4.11
N ALA A 28 7.25 8.24 5.28
CA ALA A 28 6.87 9.28 6.25
C ALA A 28 6.83 8.72 7.67
N VAL A 29 5.79 7.93 7.97
CA VAL A 29 5.61 7.33 9.30
C VAL A 29 5.42 5.84 9.21
N PHE A 30 6.18 5.10 10.01
CA PHE A 30 6.11 3.64 10.03
C PHE A 30 4.67 3.15 9.88
N GLY A 31 4.50 2.01 9.20
CA GLY A 31 3.18 1.43 9.00
C GLY A 31 3.27 -0.07 8.75
N VAL A 32 2.12 -0.68 8.42
CA VAL A 32 2.05 -2.13 8.15
C VAL A 32 1.29 -2.38 6.86
N GLY A 33 1.34 -3.61 6.33
CA GLY A 33 0.62 -3.90 5.09
C GLY A 33 0.32 -5.38 4.94
N CYS A 34 -0.32 -5.74 3.80
CA CYS A 34 -0.69 -7.12 3.56
C CYS A 34 -0.92 -7.39 2.07
N ASP A 35 -1.55 -8.52 1.76
CA ASP A 35 -1.81 -8.92 0.37
C ASP A 35 -3.18 -8.45 -0.18
N PRO A 36 -3.23 -7.45 -1.09
CA PRO A 36 -4.52 -6.99 -1.68
C PRO A 36 -5.44 -8.16 -2.07
N ASP A 37 -4.94 -8.98 -2.98
CA ASP A 37 -5.69 -10.13 -3.47
C ASP A 37 -5.79 -11.21 -2.42
N SER A 38 -6.51 -10.92 -1.33
CA SER A 38 -6.68 -11.90 -0.25
C SER A 38 -7.96 -11.60 0.55
N GLU A 39 -8.74 -12.65 0.81
CA GLU A 39 -9.97 -12.52 1.56
C GLU A 39 -9.69 -12.09 3.00
N THR A 40 -8.57 -12.56 3.53
CA THR A 40 -8.20 -12.25 4.90
C THR A 40 -8.01 -10.74 5.08
N ALA A 41 -7.39 -10.10 4.10
CA ALA A 41 -7.13 -8.67 4.17
C ALA A 41 -8.41 -7.86 4.38
N VAL A 42 -9.42 -8.11 3.54
CA VAL A 42 -10.69 -7.40 3.67
C VAL A 42 -11.36 -7.74 4.99
N MET A 43 -11.32 -9.00 5.37
CA MET A 43 -11.91 -9.42 6.64
C MET A 43 -11.13 -8.76 7.80
N ARG A 44 -9.81 -8.70 7.66
CA ARG A 44 -8.95 -8.06 8.66
C ARG A 44 -9.37 -6.60 8.80
N LEU A 45 -9.63 -5.98 7.68
CA LEU A 45 -10.00 -4.59 7.67
C LEU A 45 -11.34 -4.41 8.38
N LEU A 46 -12.32 -5.17 7.95
CA LEU A 46 -13.66 -5.12 8.53
C LEU A 46 -13.70 -5.70 9.94
N GLU A 47 -12.65 -6.37 10.34
CA GLU A 47 -12.61 -7.01 11.62
C GLU A 47 -12.53 -5.98 12.75
N LEU A 48 -11.33 -5.51 13.01
CA LEU A 48 -11.10 -4.55 14.09
C LEU A 48 -11.56 -3.14 13.74
N LYS A 49 -11.40 -2.71 12.48
CA LYS A 49 -11.76 -1.34 12.13
C LYS A 49 -13.27 -1.19 12.02
N GLN A 50 -13.86 -2.08 11.25
CA GLN A 50 -15.30 -2.09 11.02
C GLN A 50 -15.88 -0.67 10.95
N ARG A 51 -15.48 0.09 9.93
CA ARG A 51 -15.96 1.45 9.76
C ARG A 51 -15.33 2.13 8.52
N PRO A 52 -14.02 2.13 8.42
CA PRO A 52 -13.31 2.78 7.27
C PRO A 52 -13.30 1.89 6.03
N VAL A 53 -13.84 0.68 6.15
CA VAL A 53 -13.86 -0.24 5.00
C VAL A 53 -14.26 0.50 3.72
N ASP A 54 -15.30 1.35 3.82
CA ASP A 54 -15.75 2.12 2.67
C ASP A 54 -14.68 3.13 2.25
N LYS A 55 -14.06 3.76 3.23
CA LYS A 55 -13.04 4.74 2.95
C LYS A 55 -11.90 4.06 2.20
N GLY A 56 -11.59 2.83 2.60
CA GLY A 56 -10.54 2.07 1.95
C GLY A 56 -9.20 2.78 2.09
N LEU A 57 -8.34 2.20 2.92
CA LEU A 57 -7.03 2.75 3.17
C LEU A 57 -6.26 2.97 1.87
N ILE A 58 -4.95 3.14 1.99
CA ILE A 58 -4.08 3.34 0.84
C ILE A 58 -3.37 2.05 0.48
N LEU A 59 -3.17 1.81 -0.81
CA LEU A 59 -2.52 0.59 -1.30
C LEU A 59 -1.29 0.98 -2.10
N ILE A 60 -0.20 0.20 -2.00
CA ILE A 60 1.04 0.53 -2.75
C ILE A 60 1.34 -0.54 -3.81
N ALA A 61 1.56 -0.08 -5.04
CA ALA A 61 1.88 -0.95 -6.17
C ALA A 61 3.29 -0.66 -6.63
N ALA A 62 3.90 -1.65 -7.29
CA ALA A 62 5.27 -1.50 -7.78
C ALA A 62 5.29 -1.63 -9.28
N ASN A 63 4.30 -2.36 -9.83
CA ASN A 63 4.20 -2.56 -11.28
C ASN A 63 2.92 -1.98 -11.84
N TYR A 64 3.01 -1.39 -13.02
CA TYR A 64 1.85 -0.82 -13.67
C TYR A 64 0.89 -1.92 -14.10
N GLU A 65 1.39 -3.15 -14.07
CA GLU A 65 0.59 -4.29 -14.49
C GLU A 65 -0.76 -4.29 -13.79
N GLN A 66 -0.81 -3.76 -12.56
CA GLN A 66 -2.07 -3.71 -11.80
C GLN A 66 -2.77 -2.36 -11.93
N LEU A 67 -2.10 -1.34 -12.46
CA LEU A 67 -2.72 -0.01 -12.63
C LEU A 67 -3.33 0.07 -14.03
N LYS A 68 -2.94 -0.88 -14.89
CA LYS A 68 -3.41 -0.90 -16.27
C LYS A 68 -4.80 -1.51 -16.42
N PRO A 69 -5.15 -2.55 -15.67
CA PRO A 69 -6.47 -3.18 -15.76
C PRO A 69 -7.38 -2.76 -14.60
N TYR A 70 -6.82 -1.97 -13.68
CA TYR A 70 -7.58 -1.49 -12.52
C TYR A 70 -8.22 -0.13 -12.82
N ILE A 71 -7.75 0.53 -13.88
CA ILE A 71 -8.30 1.83 -14.30
C ILE A 71 -8.81 1.74 -15.75
N ASP A 72 -9.68 2.66 -16.12
CA ASP A 72 -10.22 2.67 -17.48
C ASP A 72 -9.12 2.96 -18.49
N ASP A 73 -9.22 2.33 -19.66
CA ASP A 73 -8.21 2.50 -20.72
C ASP A 73 -8.54 3.70 -21.61
N THR A 74 -9.55 4.47 -21.23
CA THR A 74 -9.94 5.64 -22.02
C THR A 74 -9.00 6.81 -21.76
N MET A 75 -8.69 7.03 -20.49
CA MET A 75 -7.81 8.13 -20.09
C MET A 75 -6.36 7.68 -20.17
N LEU A 76 -6.15 6.36 -20.17
CA LEU A 76 -4.80 5.79 -20.20
C LEU A 76 -4.25 5.77 -21.62
N THR A 77 -3.04 6.29 -21.77
CA THR A 77 -2.41 6.37 -23.07
C THR A 77 -0.88 6.48 -22.93
N ASP A 78 -0.18 6.29 -24.04
CA ASP A 78 1.29 6.32 -24.03
C ASP A 78 1.82 7.55 -23.28
N VAL A 79 1.23 8.71 -23.54
CA VAL A 79 1.67 9.92 -22.89
C VAL A 79 1.50 9.82 -21.37
N GLN A 80 0.48 9.09 -20.94
CA GLN A 80 0.21 8.93 -19.51
C GLN A 80 1.36 8.16 -18.83
N ARG A 81 1.86 7.16 -19.52
CA ARG A 81 2.95 6.34 -19.01
C ARG A 81 4.21 7.17 -18.91
N GLU A 82 4.51 7.80 -20.01
CA GLU A 82 5.70 8.64 -20.09
C GLU A 82 5.67 9.69 -19.01
N THR A 83 4.55 10.37 -18.94
CA THR A 83 4.36 11.45 -18.00
C THR A 83 4.48 10.98 -16.55
N ILE A 84 3.76 9.92 -16.20
CA ILE A 84 3.82 9.41 -14.83
C ILE A 84 5.21 8.84 -14.54
N PHE A 85 5.83 8.34 -15.59
CA PHE A 85 7.16 7.76 -15.48
C PHE A 85 8.24 8.84 -15.46
N SER A 86 8.03 9.92 -16.20
CA SER A 86 9.01 11.01 -16.29
C SER A 86 8.77 12.07 -15.22
N ARG A 87 7.59 12.05 -14.60
CA ARG A 87 7.26 13.05 -13.56
C ARG A 87 7.06 12.37 -12.21
N TRP A 88 8.16 11.96 -11.59
CA TRP A 88 8.09 11.33 -10.28
C TRP A 88 7.24 10.05 -10.34
N PRO A 89 7.51 9.06 -9.51
CA PRO A 89 6.72 7.80 -9.51
C PRO A 89 5.29 8.06 -9.02
N GLY A 90 5.10 9.22 -8.38
CA GLY A 90 3.80 9.64 -7.86
C GLY A 90 3.72 9.51 -6.34
N PRO A 91 4.43 10.34 -5.62
CA PRO A 91 4.43 10.33 -4.12
C PRO A 91 3.01 10.49 -3.56
N VAL A 92 2.22 11.35 -4.19
CA VAL A 92 0.86 11.60 -3.74
C VAL A 92 -0.07 10.46 -4.12
N THR A 93 -1.07 10.21 -3.27
CA THR A 93 -2.06 9.15 -3.48
C THR A 93 -3.37 9.73 -4.01
N PHE A 94 -3.85 9.20 -5.15
CA PHE A 94 -5.09 9.69 -5.77
C PHE A 94 -6.17 8.59 -5.79
N VAL A 95 -7.43 9.00 -5.60
CA VAL A 95 -8.57 8.06 -5.59
C VAL A 95 -9.05 7.78 -6.99
N PHE A 96 -8.61 6.65 -7.54
CA PHE A 96 -9.00 6.27 -8.90
C PHE A 96 -10.36 5.56 -8.86
N PRO A 97 -11.25 5.82 -9.81
CA PRO A 97 -12.57 5.16 -9.84
C PRO A 97 -12.47 3.74 -10.41
N ALA A 98 -12.54 2.74 -9.53
CA ALA A 98 -12.43 1.37 -9.98
C ALA A 98 -13.60 1.04 -10.94
N PRO A 99 -13.42 0.15 -11.88
CA PRO A 99 -14.49 -0.21 -12.86
C PRO A 99 -15.59 -1.06 -12.22
N ALA A 100 -16.71 -1.19 -12.92
CA ALA A 100 -17.82 -1.98 -12.41
C ALA A 100 -17.42 -3.45 -12.27
N THR A 101 -16.50 -3.88 -13.13
CA THR A 101 -16.06 -5.28 -13.11
C THR A 101 -15.54 -5.70 -11.73
N THR A 102 -14.76 -4.83 -11.10
CA THR A 102 -14.23 -5.14 -9.76
C THR A 102 -15.39 -5.57 -8.85
N PRO A 103 -15.15 -6.39 -7.86
CA PRO A 103 -16.23 -6.86 -6.95
C PRO A 103 -16.74 -5.73 -6.02
N ARG A 104 -16.34 -5.75 -4.76
CA ARG A 104 -16.77 -4.75 -3.80
C ARG A 104 -16.08 -4.97 -2.45
N TRP A 105 -15.32 -6.05 -2.35
CA TRP A 105 -14.62 -6.38 -1.13
C TRP A 105 -13.39 -5.52 -0.99
N LEU A 106 -13.09 -4.84 -2.09
CA LEU A 106 -11.94 -3.96 -2.18
C LEU A 106 -12.25 -2.60 -1.58
N THR A 107 -13.53 -2.31 -1.40
CA THR A 107 -13.97 -1.03 -0.82
C THR A 107 -15.14 -1.26 0.12
N GLY A 108 -16.08 -2.10 -0.31
CA GLY A 108 -17.25 -2.41 0.50
C GLY A 108 -18.30 -1.30 0.45
N ARG A 109 -18.25 -0.45 -0.57
CA ARG A 109 -19.22 0.63 -0.70
C ARG A 109 -19.24 1.18 -2.14
N PHE A 110 -18.22 1.98 -2.48
CA PHE A 110 -18.11 2.58 -3.81
C PHE A 110 -16.95 1.97 -4.57
N ASP A 111 -16.96 2.15 -5.89
CA ASP A 111 -15.90 1.61 -6.74
C ASP A 111 -14.82 2.65 -7.01
N SER A 112 -14.17 3.13 -5.94
CA SER A 112 -13.10 4.12 -6.07
C SER A 112 -12.21 4.07 -4.83
N LEU A 113 -10.90 4.29 -5.01
CA LEU A 113 -10.01 4.24 -3.84
C LEU A 113 -8.61 4.81 -4.09
N ALA A 114 -8.08 5.44 -3.03
CA ALA A 114 -6.74 6.04 -3.02
C ALA A 114 -5.69 4.94 -3.15
N VAL A 115 -4.80 5.09 -4.12
CA VAL A 115 -3.74 4.12 -4.35
C VAL A 115 -2.47 4.84 -4.81
N ARG A 116 -1.32 4.18 -4.70
CA ARG A 116 -0.06 4.82 -5.08
C ARG A 116 0.94 3.81 -5.63
N VAL A 117 1.87 4.31 -6.45
CA VAL A 117 2.93 3.47 -7.04
C VAL A 117 4.28 4.00 -6.60
N THR A 118 5.18 3.09 -6.21
CA THR A 118 6.53 3.47 -5.77
C THR A 118 7.57 2.56 -6.40
N ASP A 119 8.76 3.08 -6.60
CA ASP A 119 9.84 2.31 -7.21
C ASP A 119 11.19 2.86 -6.77
N HIS A 120 11.62 2.46 -5.58
CA HIS A 120 12.89 2.94 -5.06
C HIS A 120 13.31 2.21 -3.77
N PRO A 121 12.39 1.84 -2.89
CA PRO A 121 12.75 1.15 -1.63
C PRO A 121 12.61 -0.36 -1.74
N LEU A 122 12.51 -1.03 -0.60
CA LEU A 122 12.36 -2.47 -0.58
C LEU A 122 10.94 -2.88 -0.93
N VAL A 123 10.09 -1.90 -1.08
CA VAL A 123 8.70 -2.17 -1.39
C VAL A 123 8.59 -2.96 -2.67
N VAL A 124 9.34 -2.55 -3.69
CA VAL A 124 9.29 -3.29 -4.95
C VAL A 124 9.59 -4.74 -4.68
N ALA A 125 10.78 -5.01 -4.19
CA ALA A 125 11.17 -6.38 -3.87
C ALA A 125 10.02 -7.14 -3.20
N LEU A 126 9.36 -6.51 -2.24
CA LEU A 126 8.23 -7.15 -1.56
C LEU A 126 7.03 -7.31 -2.49
N CYS A 127 6.67 -6.23 -3.21
CA CYS A 127 5.54 -6.27 -4.14
C CYS A 127 5.86 -7.11 -5.37
N GLN A 128 7.02 -6.83 -5.94
CA GLN A 128 7.48 -7.55 -7.11
C GLN A 128 7.47 -9.03 -6.79
N ALA A 129 7.92 -9.34 -5.59
CA ALA A 129 8.00 -10.71 -5.15
C ALA A 129 6.63 -11.34 -5.17
N TYR A 130 5.71 -10.66 -4.50
CA TYR A 130 4.33 -11.10 -4.43
C TYR A 130 3.73 -11.10 -5.81
N GLY A 131 4.31 -10.27 -6.65
CA GLY A 131 3.83 -10.12 -8.01
C GLY A 131 2.64 -9.18 -8.02
N LYS A 132 2.27 -8.63 -6.85
CA LYS A 132 1.14 -7.71 -6.78
C LYS A 132 1.32 -6.76 -5.58
N PRO A 133 0.67 -5.61 -5.62
CA PRO A 133 0.75 -4.56 -4.55
C PRO A 133 0.75 -5.13 -3.14
N LEU A 134 0.91 -4.22 -2.20
CA LEU A 134 0.89 -4.53 -0.77
C LEU A 134 -0.08 -3.53 -0.14
N VAL A 135 -1.13 -3.99 0.53
CA VAL A 135 -2.05 -3.02 1.12
C VAL A 135 -1.30 -2.28 2.19
N SER A 136 -1.58 -0.99 2.33
CA SER A 136 -0.89 -0.18 3.35
C SER A 136 -1.88 0.31 4.39
N THR A 137 -1.61 -0.04 5.65
CA THR A 137 -2.47 0.35 6.79
C THR A 137 -1.61 0.96 7.90
N SER A 138 -2.26 1.67 8.82
CA SER A 138 -1.55 2.30 9.93
C SER A 138 -1.09 1.24 10.93
N ALA A 139 0.08 1.47 11.53
CA ALA A 139 0.62 0.53 12.50
C ALA A 139 -0.16 0.57 13.81
N ASN A 140 -1.29 -0.12 13.85
CA ASN A 140 -2.12 -0.15 15.05
C ASN A 140 -3.07 -1.34 15.03
N LEU A 141 -3.57 -1.68 16.21
CA LEU A 141 -4.47 -2.80 16.38
C LEU A 141 -5.67 -2.41 17.25
N SER A 142 -6.43 -3.40 17.70
CA SER A 142 -7.60 -3.13 18.53
C SER A 142 -7.19 -2.43 19.82
N GLY A 143 -6.11 -2.90 20.43
CA GLY A 143 -5.61 -2.31 21.68
C GLY A 143 -4.15 -2.63 21.88
N LEU A 144 -3.54 -3.29 20.90
CA LEU A 144 -2.13 -3.65 20.99
C LEU A 144 -1.25 -2.45 20.56
N PRO A 145 -0.28 -2.04 21.37
CA PRO A 145 0.60 -0.88 20.99
C PRO A 145 0.98 -0.91 19.50
N PRO A 146 1.36 0.22 18.94
CA PRO A 146 1.75 0.32 17.50
C PRO A 146 3.16 -0.23 17.26
N CYS A 147 3.74 0.11 16.11
CA CYS A 147 5.08 -0.33 15.73
C CYS A 147 5.93 0.89 15.37
N ARG A 148 6.41 1.60 16.39
CA ARG A 148 7.20 2.80 16.15
C ARG A 148 8.31 2.51 15.15
N THR A 149 8.92 1.34 15.26
CA THR A 149 9.98 0.96 14.35
C THR A 149 10.12 -0.55 14.35
N VAL A 150 10.89 -1.08 13.43
CA VAL A 150 11.09 -2.49 13.35
C VAL A 150 11.66 -2.99 14.67
N ASP A 151 12.25 -2.06 15.41
CA ASP A 151 12.78 -2.41 16.72
C ASP A 151 11.60 -2.82 17.60
N GLU A 152 10.47 -2.16 17.37
CA GLU A 152 9.26 -2.45 18.12
C GLU A 152 8.84 -3.91 17.90
N VAL A 153 8.20 -4.17 16.75
CA VAL A 153 7.74 -5.51 16.34
C VAL A 153 8.74 -6.58 16.79
N ARG A 154 10.02 -6.23 16.81
CA ARG A 154 11.08 -7.15 17.21
C ARG A 154 11.00 -7.48 18.70
N ALA A 155 10.99 -6.45 19.53
CA ALA A 155 10.91 -6.67 20.97
C ALA A 155 9.55 -7.23 21.29
N GLN A 156 8.68 -7.02 20.34
CA GLN A 156 7.29 -7.43 20.41
C GLN A 156 7.12 -8.92 20.02
N PHE A 157 7.77 -9.33 18.93
CA PHE A 157 7.65 -10.72 18.44
C PHE A 157 9.03 -11.33 18.18
N GLY A 158 10.00 -10.50 17.81
CA GLY A 158 11.35 -10.99 17.50
C GLY A 158 11.51 -11.18 16.00
N ALA A 159 10.70 -10.47 15.25
CA ALA A 159 10.73 -10.54 13.79
C ALA A 159 12.18 -10.55 13.28
N ALA A 160 12.67 -9.39 12.88
CA ALA A 160 14.02 -9.29 12.34
C ALA A 160 14.12 -10.14 11.08
N PHE A 161 13.03 -10.16 10.34
CA PHE A 161 12.95 -10.94 9.09
C PHE A 161 11.61 -10.62 8.39
N PRO A 162 10.49 -10.92 8.98
CA PRO A 162 9.15 -10.59 8.39
C PRO A 162 8.87 -9.10 8.46
N VAL A 163 9.94 -8.31 8.48
CA VAL A 163 9.87 -6.85 8.58
C VAL A 163 10.71 -6.20 7.50
N VAL A 164 10.52 -4.89 7.33
CA VAL A 164 11.27 -4.11 6.33
C VAL A 164 11.98 -2.92 7.00
N PRO A 165 12.93 -3.19 7.85
CA PRO A 165 13.71 -2.13 8.57
C PRO A 165 14.02 -0.89 7.76
N GLY A 166 13.92 0.24 8.43
CA GLY A 166 14.21 1.52 7.83
C GLY A 166 13.60 2.66 8.64
N GLU A 167 13.96 3.90 8.29
CA GLU A 167 13.45 5.07 9.01
C GLU A 167 13.56 6.31 8.12
N THR A 168 12.60 7.23 8.28
CA THR A 168 12.60 8.47 7.49
C THR A 168 11.99 9.61 8.30
N GLY A 169 12.33 10.84 7.92
CA GLY A 169 11.81 12.02 8.63
C GLY A 169 10.30 12.12 8.46
N GLY A 170 9.86 12.54 7.27
CA GLY A 170 8.42 12.69 7.00
C GLY A 170 7.99 14.09 7.38
N ARG A 171 8.91 15.02 7.20
CA ARG A 171 8.70 16.41 7.52
C ARG A 171 7.62 17.03 6.63
N LEU A 172 7.64 16.71 5.34
CA LEU A 172 6.66 17.25 4.40
C LEU A 172 5.36 16.45 4.46
N ASN A 173 5.08 15.68 3.40
CA ASN A 173 3.86 14.87 3.34
C ASN A 173 2.64 15.66 3.80
N PRO A 174 2.43 16.82 3.24
CA PRO A 174 1.28 17.69 3.60
C PRO A 174 -0.07 17.05 3.24
N SER A 175 -0.09 16.24 2.19
CA SER A 175 -1.32 15.57 1.76
C SER A 175 -0.99 14.42 0.83
N GLU A 176 -1.54 13.26 1.15
CA GLU A 176 -1.30 12.05 0.39
C GLU A 176 -2.54 11.64 -0.42
N ILE A 177 -3.68 11.57 0.26
CA ILE A 177 -4.93 11.16 -0.40
C ILE A 177 -5.69 12.35 -0.95
N ARG A 178 -5.96 12.30 -2.26
CA ARG A 178 -6.71 13.37 -2.93
C ARG A 178 -7.78 12.80 -3.85
N ASP A 179 -8.62 13.71 -4.36
CA ASP A 179 -9.69 13.32 -5.26
C ASP A 179 -9.20 13.31 -6.70
N ALA A 180 -9.04 12.10 -7.22
CA ALA A 180 -8.55 11.93 -8.58
C ALA A 180 -9.59 12.40 -9.60
N LEU A 181 -10.80 12.65 -9.13
CA LEU A 181 -11.86 13.11 -10.02
C LEU A 181 -11.50 14.49 -10.56
N THR A 182 -10.98 15.36 -9.69
CA THR A 182 -10.59 16.73 -10.07
C THR A 182 -9.07 16.88 -10.04
N GLY A 183 -8.43 16.32 -9.02
CA GLY A 183 -7.00 16.42 -8.90
C GLY A 183 -6.56 17.86 -8.69
N GLU A 184 -7.49 18.66 -8.17
CA GLU A 184 -7.22 20.07 -7.92
C GLU A 184 -6.09 20.25 -6.91
N LEU A 185 -5.20 21.17 -7.22
CA LEU A 185 -4.07 21.48 -6.35
C LEU A 185 -4.51 22.43 -5.23
N PHE A 186 -3.56 22.77 -4.35
CA PHE A 186 -3.84 23.68 -3.24
C PHE A 186 -3.41 25.10 -3.61
N ARG A 187 -4.13 25.69 -4.57
CA ARG A 187 -3.84 27.06 -5.03
C ARG A 187 -5.12 27.88 -5.02
N GLN A 188 -5.00 29.15 -4.62
CA GLN A 188 -6.14 30.06 -4.56
C GLN A 188 -5.70 31.49 -4.87
N GLY A 189 -4.39 31.74 -4.77
CA GLY A 189 -3.84 33.06 -5.03
C GLY A 189 -2.33 33.07 -4.84
N ASN A 1 22.91 -6.42 1.64
CA ASN A 1 23.26 -7.86 1.45
C ASN A 1 22.06 -8.62 0.91
N ASN A 2 22.25 -9.91 0.63
CA ASN A 2 21.18 -10.74 0.10
C ASN A 2 20.18 -11.11 1.19
N ASN A 3 20.56 -10.86 2.44
CA ASN A 3 19.69 -11.17 3.57
C ASN A 3 18.43 -10.34 3.50
N LEU A 4 18.57 -9.07 3.15
CA LEU A 4 17.43 -8.16 3.05
C LEU A 4 16.48 -8.64 1.96
N GLN A 5 17.03 -9.06 0.83
CA GLN A 5 16.21 -9.55 -0.28
C GLN A 5 15.47 -10.81 0.14
N ARG A 6 16.16 -11.68 0.87
CA ARG A 6 15.56 -12.92 1.33
C ARG A 6 14.41 -12.61 2.28
N ASP A 7 14.63 -11.63 3.15
CA ASP A 7 13.61 -11.24 4.11
C ASP A 7 12.36 -10.75 3.38
N ALA A 8 12.55 -9.93 2.36
CA ALA A 8 11.42 -9.42 1.60
C ALA A 8 10.64 -10.57 0.97
N ILE A 9 11.37 -11.50 0.36
CA ILE A 9 10.74 -12.65 -0.27
C ILE A 9 10.03 -13.49 0.80
N ALA A 10 10.71 -13.69 1.93
CA ALA A 10 10.15 -14.45 3.02
C ALA A 10 8.82 -13.85 3.47
N ALA A 11 8.78 -12.53 3.53
CA ALA A 11 7.58 -11.81 3.94
C ALA A 11 6.44 -12.06 2.96
N ALA A 12 6.74 -11.98 1.67
CA ALA A 12 5.72 -12.18 0.64
C ALA A 12 5.08 -13.56 0.74
N ILE A 13 5.90 -14.59 0.75
CA ILE A 13 5.39 -15.96 0.83
C ILE A 13 4.78 -16.24 2.19
N ASP A 14 5.39 -15.73 3.25
CA ASP A 14 4.87 -15.98 4.58
C ASP A 14 3.43 -15.47 4.68
N VAL A 15 3.20 -14.21 4.34
CA VAL A 15 1.87 -13.66 4.40
C VAL A 15 0.91 -14.42 3.48
N LEU A 16 1.39 -14.77 2.30
CA LEU A 16 0.53 -15.50 1.37
C LEU A 16 -0.06 -16.72 2.07
N ASN A 17 0.81 -17.50 2.72
CA ASN A 17 0.37 -18.71 3.41
C ASN A 17 -0.19 -18.40 4.81
N GLU A 18 0.56 -17.61 5.59
CA GLU A 18 0.18 -17.26 6.94
C GLU A 18 -1.08 -16.41 6.95
N GLU A 19 -1.24 -15.61 5.90
CA GLU A 19 -2.42 -14.75 5.78
C GLU A 19 -2.58 -13.80 6.97
N ARG A 20 -1.87 -12.68 6.90
CA ARG A 20 -1.93 -11.67 7.94
C ARG A 20 -1.33 -10.36 7.43
N VAL A 21 -0.93 -9.49 8.35
CA VAL A 21 -0.32 -8.19 8.01
C VAL A 21 1.11 -8.14 8.57
N ILE A 22 2.07 -7.62 7.78
CA ILE A 22 3.48 -7.54 8.22
C ILE A 22 4.01 -6.11 8.08
N ALA A 23 5.17 -5.87 8.69
CA ALA A 23 5.78 -4.55 8.65
C ALA A 23 6.15 -4.14 7.22
N TYR A 24 5.86 -2.88 6.88
CA TYR A 24 6.15 -2.32 5.56
C TYR A 24 6.88 -0.97 5.76
N PRO A 25 7.89 -0.65 4.97
CA PRO A 25 8.66 0.64 5.16
C PRO A 25 7.88 1.83 4.62
N THR A 26 8.00 2.97 5.29
CA THR A 26 7.31 4.20 4.87
C THR A 26 8.22 5.40 5.06
N GLU A 27 8.21 6.30 4.08
CA GLU A 27 9.06 7.48 4.15
C GLU A 27 8.76 8.29 5.42
N ALA A 28 7.48 8.48 5.72
CA ALA A 28 7.09 9.24 6.90
C ALA A 28 7.36 8.44 8.19
N VAL A 29 6.45 7.51 8.50
CA VAL A 29 6.58 6.67 9.71
C VAL A 29 6.28 5.22 9.36
N PHE A 30 7.17 4.32 9.76
CA PHE A 30 6.99 2.89 9.50
C PHE A 30 5.54 2.47 9.63
N GLY A 31 5.11 1.59 8.71
CA GLY A 31 3.74 1.09 8.70
C GLY A 31 3.72 -0.40 8.42
N VAL A 32 2.54 -0.94 8.14
CA VAL A 32 2.38 -2.39 7.87
C VAL A 32 1.63 -2.58 6.55
N GLY A 33 1.55 -3.81 6.08
CA GLY A 33 0.84 -4.09 4.83
C GLY A 33 0.50 -5.55 4.68
N CYS A 34 -0.11 -5.92 3.54
CA CYS A 34 -0.49 -7.32 3.33
C CYS A 34 -0.72 -7.63 1.85
N ASP A 35 -1.43 -8.74 1.59
CA ASP A 35 -1.72 -9.19 0.23
C ASP A 35 -3.06 -8.65 -0.34
N PRO A 36 -3.05 -7.71 -1.28
CA PRO A 36 -4.30 -7.19 -1.90
C PRO A 36 -5.26 -8.32 -2.28
N ASP A 37 -4.73 -9.24 -3.08
CA ASP A 37 -5.50 -10.39 -3.57
C ASP A 37 -6.20 -11.14 -2.43
N SER A 38 -5.57 -11.16 -1.25
CA SER A 38 -6.15 -11.86 -0.12
C SER A 38 -7.28 -11.04 0.49
N GLU A 39 -8.46 -11.62 0.48
CA GLU A 39 -9.64 -10.98 1.03
C GLU A 39 -9.51 -10.79 2.53
N THR A 40 -8.81 -11.70 3.19
CA THR A 40 -8.64 -11.62 4.63
C THR A 40 -8.31 -10.18 5.06
N ALA A 41 -7.68 -9.43 4.15
CA ALA A 41 -7.32 -8.05 4.44
C ALA A 41 -8.57 -7.19 4.66
N VAL A 42 -9.51 -7.23 3.73
CA VAL A 42 -10.73 -6.44 3.87
C VAL A 42 -11.53 -6.92 5.08
N MET A 43 -11.57 -8.22 5.28
CA MET A 43 -12.28 -8.78 6.43
C MET A 43 -11.57 -8.36 7.72
N ARG A 44 -10.24 -8.36 7.67
CA ARG A 44 -9.41 -7.97 8.80
C ARG A 44 -9.66 -6.50 9.15
N LEU A 45 -9.95 -5.68 8.15
CA LEU A 45 -10.26 -4.29 8.42
C LEU A 45 -11.65 -4.20 9.01
N LEU A 46 -12.63 -4.68 8.25
CA LEU A 46 -14.02 -4.66 8.70
C LEU A 46 -14.15 -5.33 10.06
N GLU A 47 -13.16 -6.12 10.41
CA GLU A 47 -13.18 -6.82 11.65
C GLU A 47 -13.09 -5.84 12.81
N LEU A 48 -11.88 -5.46 13.15
CA LEU A 48 -11.66 -4.52 14.25
C LEU A 48 -11.95 -3.06 13.87
N LYS A 49 -11.66 -2.65 12.61
CA LYS A 49 -11.85 -1.25 12.23
C LYS A 49 -13.33 -0.94 12.06
N GLN A 50 -13.99 -1.78 11.28
CA GLN A 50 -15.42 -1.63 11.00
C GLN A 50 -15.84 -0.16 10.84
N ARG A 51 -15.27 0.51 9.85
CA ARG A 51 -15.61 1.90 9.58
C ARG A 51 -14.83 2.45 8.35
N PRO A 52 -13.52 2.49 8.39
CA PRO A 52 -12.68 2.99 7.24
C PRO A 52 -12.84 2.12 5.99
N VAL A 53 -13.46 0.95 6.15
CA VAL A 53 -13.62 0.03 5.02
C VAL A 53 -14.01 0.79 3.74
N ASP A 54 -15.00 1.67 3.85
CA ASP A 54 -15.45 2.43 2.68
C ASP A 54 -14.37 3.40 2.22
N LYS A 55 -13.70 4.02 3.18
CA LYS A 55 -12.64 4.97 2.86
C LYS A 55 -11.55 4.27 2.06
N GLY A 56 -11.24 3.04 2.47
CA GLY A 56 -10.21 2.26 1.79
C GLY A 56 -8.85 2.91 1.95
N LEU A 57 -8.01 2.29 2.76
CA LEU A 57 -6.67 2.79 3.02
C LEU A 57 -5.89 3.04 1.73
N ILE A 58 -4.57 3.08 1.87
CA ILE A 58 -3.67 3.29 0.73
C ILE A 58 -3.03 1.96 0.35
N LEU A 59 -2.82 1.74 -0.94
CA LEU A 59 -2.21 0.49 -1.43
C LEU A 59 -0.95 0.85 -2.22
N ILE A 60 0.11 0.03 -2.12
CA ILE A 60 1.37 0.33 -2.84
C ILE A 60 1.63 -0.72 -3.92
N ALA A 61 2.01 -0.24 -5.11
CA ALA A 61 2.30 -1.12 -6.26
C ALA A 61 3.71 -0.85 -6.74
N ALA A 62 4.34 -1.87 -7.30
CA ALA A 62 5.70 -1.74 -7.80
C ALA A 62 5.71 -1.83 -9.31
N ASN A 63 4.72 -2.53 -9.86
CA ASN A 63 4.62 -2.69 -11.33
C ASN A 63 3.34 -2.05 -11.85
N TYR A 64 3.39 -1.58 -13.09
CA TYR A 64 2.23 -0.96 -13.72
C TYR A 64 1.29 -2.06 -14.19
N GLU A 65 1.82 -3.29 -14.22
CA GLU A 65 1.05 -4.44 -14.67
C GLU A 65 -0.27 -4.52 -13.94
N GLN A 66 -0.28 -4.05 -12.68
CA GLN A 66 -1.49 -4.08 -11.85
C GLN A 66 -2.30 -2.77 -11.92
N LEU A 67 -1.73 -1.69 -12.46
CA LEU A 67 -2.46 -0.42 -12.57
C LEU A 67 -3.17 -0.35 -13.93
N LYS A 68 -2.73 -1.21 -14.84
CA LYS A 68 -3.29 -1.24 -16.19
C LYS A 68 -4.65 -1.95 -16.26
N PRO A 69 -4.86 -3.02 -15.52
CA PRO A 69 -6.13 -3.77 -15.56
C PRO A 69 -7.00 -3.51 -14.32
N TYR A 70 -6.48 -2.72 -13.39
CA TYR A 70 -7.18 -2.41 -12.15
C TYR A 70 -7.94 -1.08 -12.27
N ILE A 71 -7.69 -0.35 -13.36
CA ILE A 71 -8.38 0.94 -13.61
C ILE A 71 -9.01 0.89 -15.00
N ASP A 72 -9.97 1.78 -15.25
CA ASP A 72 -10.65 1.81 -16.53
C ASP A 72 -9.64 2.01 -17.67
N ASP A 73 -10.13 1.98 -18.90
CA ASP A 73 -9.28 2.18 -20.09
C ASP A 73 -9.53 3.56 -20.64
N THR A 74 -10.15 4.39 -19.81
CA THR A 74 -10.49 5.75 -20.18
C THR A 74 -9.29 6.67 -20.04
N MET A 75 -8.84 6.83 -18.81
CA MET A 75 -7.70 7.68 -18.54
C MET A 75 -6.44 7.01 -19.08
N LEU A 76 -6.62 5.80 -19.58
CA LEU A 76 -5.50 5.02 -20.12
C LEU A 76 -5.25 5.41 -21.57
N THR A 77 -4.24 6.23 -21.78
CA THR A 77 -3.92 6.73 -23.11
C THR A 77 -2.44 7.13 -23.20
N ASP A 78 -1.93 7.20 -24.43
CA ASP A 78 -0.53 7.54 -24.66
C ASP A 78 -0.04 8.63 -23.71
N VAL A 79 -0.81 9.71 -23.58
CA VAL A 79 -0.42 10.80 -22.70
C VAL A 79 -0.33 10.34 -21.24
N GLN A 80 -1.20 9.40 -20.87
CA GLN A 80 -1.21 8.89 -19.50
C GLN A 80 0.08 8.13 -19.20
N ARG A 81 0.53 7.35 -20.16
CA ARG A 81 1.75 6.56 -19.99
C ARG A 81 2.92 7.49 -19.81
N GLU A 82 3.02 8.41 -20.75
CA GLU A 82 4.10 9.37 -20.72
C GLU A 82 4.12 10.10 -19.41
N THR A 83 2.95 10.59 -19.05
CA THR A 83 2.78 11.36 -17.83
C THR A 83 3.14 10.53 -16.59
N ILE A 84 2.62 9.32 -16.46
CA ILE A 84 2.94 8.51 -15.29
C ILE A 84 4.41 8.10 -15.33
N PHE A 85 4.90 7.81 -16.53
CA PHE A 85 6.30 7.41 -16.71
C PHE A 85 7.26 8.59 -16.48
N SER A 86 6.89 9.75 -17.01
CA SER A 86 7.72 10.95 -16.87
C SER A 86 7.61 11.52 -15.47
N ARG A 87 6.40 11.46 -14.93
CA ARG A 87 6.15 11.97 -13.59
C ARG A 87 6.67 11.00 -12.52
N TRP A 88 7.06 11.56 -11.38
CA TRP A 88 7.59 10.77 -10.26
C TRP A 88 6.87 9.41 -10.16
N PRO A 89 7.51 8.40 -9.61
CA PRO A 89 6.90 7.04 -9.47
C PRO A 89 5.68 7.08 -8.55
N GLY A 90 5.65 8.06 -7.65
CA GLY A 90 4.53 8.19 -6.72
C GLY A 90 4.77 9.34 -5.74
N PRO A 91 4.54 10.57 -6.15
CA PRO A 91 4.74 11.75 -5.27
C PRO A 91 3.59 11.93 -4.26
N VAL A 92 2.36 11.78 -4.74
CA VAL A 92 1.18 11.91 -3.88
C VAL A 92 0.16 10.81 -4.20
N THR A 93 -0.55 10.35 -3.18
CA THR A 93 -1.55 9.29 -3.36
C THR A 93 -2.88 9.90 -3.83
N PHE A 94 -3.45 9.33 -4.90
CA PHE A 94 -4.73 9.82 -5.45
C PHE A 94 -5.79 8.73 -5.37
N VAL A 95 -7.03 9.11 -5.03
CA VAL A 95 -8.15 8.15 -4.94
C VAL A 95 -8.85 8.04 -6.27
N PHE A 96 -8.52 6.95 -6.99
CA PHE A 96 -9.08 6.72 -8.33
C PHE A 96 -10.37 5.91 -8.24
N PRO A 97 -11.27 6.06 -9.21
CA PRO A 97 -12.55 5.29 -9.23
C PRO A 97 -12.32 3.83 -9.64
N ALA A 98 -12.54 2.93 -8.70
CA ALA A 98 -12.35 1.51 -8.96
C ALA A 98 -13.55 0.94 -9.73
N PRO A 99 -13.36 -0.08 -10.54
CA PRO A 99 -14.47 -0.69 -11.33
C PRO A 99 -15.43 -1.49 -10.44
N ALA A 100 -16.67 -1.65 -10.91
CA ALA A 100 -17.70 -2.39 -10.17
C ALA A 100 -18.52 -3.24 -11.13
N THR A 101 -17.84 -4.12 -11.85
CA THR A 101 -18.51 -5.00 -12.80
C THR A 101 -19.41 -5.98 -12.08
N THR A 102 -18.98 -6.43 -10.90
CA THR A 102 -19.77 -7.40 -10.14
C THR A 102 -19.29 -7.52 -8.68
N PRO A 103 -18.00 -7.50 -8.44
CA PRO A 103 -17.45 -7.64 -7.06
C PRO A 103 -17.69 -6.38 -6.23
N ARG A 104 -16.99 -6.29 -5.10
CA ARG A 104 -17.13 -5.15 -4.21
C ARG A 104 -16.12 -5.21 -3.06
N TRP A 105 -15.22 -6.17 -3.13
CA TRP A 105 -14.21 -6.32 -2.09
C TRP A 105 -13.13 -5.26 -2.23
N LEU A 106 -13.18 -4.50 -3.32
CA LEU A 106 -12.17 -3.46 -3.54
C LEU A 106 -12.39 -2.32 -2.55
N THR A 107 -13.65 -2.11 -2.15
CA THR A 107 -14.01 -1.04 -1.20
C THR A 107 -15.06 -1.53 -0.22
N GLY A 108 -16.03 -2.31 -0.71
CA GLY A 108 -17.09 -2.83 0.14
C GLY A 108 -18.26 -1.87 0.29
N ARG A 109 -18.10 -0.62 -0.16
CA ARG A 109 -19.16 0.38 -0.06
C ARG A 109 -19.17 1.27 -1.30
N PHE A 110 -18.18 2.16 -1.42
CA PHE A 110 -18.11 3.07 -2.57
C PHE A 110 -17.29 2.43 -3.67
N ASP A 111 -16.91 3.22 -4.68
CA ASP A 111 -16.12 2.72 -5.80
C ASP A 111 -14.92 3.62 -6.06
N SER A 112 -14.07 3.79 -5.04
CA SER A 112 -12.88 4.62 -5.17
C SER A 112 -11.84 4.22 -4.14
N LEU A 113 -10.56 4.51 -4.42
CA LEU A 113 -9.53 4.14 -3.47
C LEU A 113 -8.15 4.78 -3.77
N ALA A 114 -7.50 5.20 -2.68
CA ALA A 114 -6.17 5.80 -2.70
C ALA A 114 -5.13 4.73 -3.04
N VAL A 115 -4.24 5.04 -3.97
CA VAL A 115 -3.18 4.08 -4.37
C VAL A 115 -1.92 4.83 -4.78
N ARG A 116 -0.78 4.17 -4.67
CA ARG A 116 0.51 4.78 -5.00
C ARG A 116 1.47 3.75 -5.59
N VAL A 117 2.41 4.23 -6.43
CA VAL A 117 3.41 3.36 -7.05
C VAL A 117 4.80 3.84 -6.63
N THR A 118 5.68 2.90 -6.28
CA THR A 118 7.03 3.24 -5.86
C THR A 118 8.04 2.25 -6.42
N ASP A 119 9.20 2.76 -6.82
CA ASP A 119 10.26 1.94 -7.38
C ASP A 119 11.62 2.48 -6.97
N HIS A 120 12.05 2.13 -5.75
CA HIS A 120 13.32 2.63 -5.24
C HIS A 120 13.72 1.95 -3.91
N PRO A 121 12.81 1.63 -3.02
CA PRO A 121 13.14 1.00 -1.72
C PRO A 121 13.03 -0.53 -1.78
N LEU A 122 12.93 -1.15 -0.61
CA LEU A 122 12.81 -2.60 -0.53
C LEU A 122 11.39 -3.03 -0.85
N VAL A 123 10.53 -2.04 -1.01
CA VAL A 123 9.13 -2.30 -1.29
C VAL A 123 9.01 -3.12 -2.56
N VAL A 124 9.74 -2.74 -3.60
CA VAL A 124 9.68 -3.51 -4.83
C VAL A 124 9.93 -4.96 -4.52
N ALA A 125 11.11 -5.26 -4.03
CA ALA A 125 11.47 -6.63 -3.68
C ALA A 125 10.29 -7.33 -2.99
N LEU A 126 9.65 -6.64 -2.06
CA LEU A 126 8.50 -7.21 -1.37
C LEU A 126 7.29 -7.37 -2.30
N CYS A 127 6.98 -6.32 -3.06
CA CYS A 127 5.84 -6.36 -3.99
C CYS A 127 6.15 -7.27 -5.17
N GLN A 128 7.32 -7.05 -5.76
CA GLN A 128 7.77 -7.82 -6.90
C GLN A 128 7.74 -9.29 -6.51
N ALA A 129 8.18 -9.56 -5.29
CA ALA A 129 8.24 -10.91 -4.78
C ALA A 129 6.86 -11.53 -4.84
N TYR A 130 5.93 -10.84 -4.19
CA TYR A 130 4.54 -11.29 -4.16
C TYR A 130 4.00 -11.32 -5.57
N GLY A 131 4.65 -10.55 -6.42
CA GLY A 131 4.25 -10.44 -7.80
C GLY A 131 3.09 -9.49 -7.92
N LYS A 132 2.66 -8.89 -6.78
CA LYS A 132 1.55 -7.97 -6.80
C LYS A 132 1.68 -6.94 -5.65
N PRO A 133 0.99 -5.83 -5.76
CA PRO A 133 1.02 -4.74 -4.73
C PRO A 133 0.91 -5.27 -3.30
N LEU A 134 1.25 -4.41 -2.35
CA LEU A 134 1.14 -4.72 -0.93
C LEU A 134 0.18 -3.72 -0.33
N VAL A 135 -0.90 -4.17 0.30
CA VAL A 135 -1.81 -3.18 0.87
C VAL A 135 -1.05 -2.45 1.94
N SER A 136 -1.31 -1.15 2.10
CA SER A 136 -0.61 -0.34 3.11
C SER A 136 -1.56 0.19 4.17
N THR A 137 -1.23 -0.11 5.43
CA THR A 137 -2.04 0.33 6.58
C THR A 137 -1.13 0.89 7.67
N SER A 138 -1.69 1.71 8.55
CA SER A 138 -0.91 2.29 9.63
C SER A 138 -0.55 1.22 10.66
N ALA A 139 0.65 1.30 11.20
CA ALA A 139 1.09 0.33 12.19
C ALA A 139 0.29 0.47 13.48
N ASN A 140 -0.88 -0.17 13.53
CA ASN A 140 -1.72 -0.11 14.71
C ASN A 140 -2.72 -1.26 14.74
N LEU A 141 -3.32 -1.45 15.92
CA LEU A 141 -4.27 -2.52 16.13
C LEU A 141 -5.36 -2.08 17.11
N SER A 142 -6.11 -3.04 17.64
CA SER A 142 -7.18 -2.76 18.58
C SER A 142 -6.62 -2.08 19.84
N GLY A 143 -5.50 -2.59 20.34
CA GLY A 143 -4.89 -2.04 21.55
C GLY A 143 -3.41 -2.39 21.61
N LEU A 144 -2.93 -3.04 20.56
CA LEU A 144 -1.52 -3.42 20.50
C LEU A 144 -0.67 -2.22 20.05
N PRO A 145 0.17 -1.64 20.89
CA PRO A 145 1.01 -0.47 20.51
C PRO A 145 1.46 -0.51 19.04
N PRO A 146 1.78 0.63 18.45
CA PRO A 146 2.21 0.68 17.02
C PRO A 146 3.61 0.11 16.79
N CYS A 147 4.10 0.24 15.56
CA CYS A 147 5.42 -0.24 15.19
C CYS A 147 6.31 0.93 14.83
N ARG A 148 6.90 1.55 15.84
CA ARG A 148 7.77 2.69 15.61
C ARG A 148 8.92 2.28 14.71
N THR A 149 9.39 1.05 14.87
CA THR A 149 10.48 0.55 14.04
C THR A 149 10.50 -0.98 14.12
N VAL A 150 11.28 -1.61 13.27
CA VAL A 150 11.38 -3.03 13.26
C VAL A 150 11.82 -3.51 14.65
N ASP A 151 12.46 -2.63 15.38
CA ASP A 151 12.88 -2.96 16.72
C ASP A 151 11.62 -3.24 17.53
N GLU A 152 10.55 -2.53 17.18
CA GLU A 152 9.28 -2.69 17.88
C GLU A 152 8.77 -4.13 17.67
N VAL A 153 8.15 -4.38 16.50
CA VAL A 153 7.63 -5.71 16.10
C VAL A 153 8.56 -6.83 16.60
N ARG A 154 9.84 -6.51 16.75
CA ARG A 154 10.82 -7.49 17.19
C ARG A 154 10.69 -7.79 18.68
N ALA A 155 10.67 -6.73 19.48
CA ALA A 155 10.53 -6.92 20.93
C ALA A 155 9.12 -7.39 21.20
N GLN A 156 8.31 -7.16 20.21
CA GLN A 156 6.90 -7.49 20.22
C GLN A 156 6.66 -8.96 19.86
N PHE A 157 7.12 -9.38 18.68
CA PHE A 157 6.91 -10.76 18.20
C PHE A 157 8.23 -11.50 17.95
N GLY A 158 9.31 -10.76 17.78
CA GLY A 158 10.61 -11.39 17.51
C GLY A 158 10.78 -11.69 16.04
N ALA A 159 10.11 -10.89 15.21
CA ALA A 159 10.16 -11.07 13.76
C ALA A 159 11.59 -11.34 13.29
N ALA A 160 12.28 -10.30 12.82
CA ALA A 160 13.64 -10.46 12.32
C ALA A 160 13.62 -11.29 11.04
N PHE A 161 12.56 -11.11 10.26
CA PHE A 161 12.39 -11.82 9.00
C PHE A 161 11.12 -11.32 8.30
N PRO A 162 9.96 -11.47 8.90
CA PRO A 162 8.69 -10.96 8.31
C PRO A 162 8.61 -9.45 8.40
N VAL A 163 9.78 -8.81 8.34
CA VAL A 163 9.89 -7.35 8.46
C VAL A 163 10.82 -6.80 7.40
N VAL A 164 10.81 -5.46 7.26
CA VAL A 164 11.69 -4.76 6.30
C VAL A 164 12.53 -3.69 7.00
N PRO A 165 13.41 -4.07 7.90
CA PRO A 165 14.29 -3.14 8.66
C PRO A 165 14.85 -2.00 7.85
N GLY A 166 15.10 -0.91 8.55
CA GLY A 166 15.66 0.28 7.94
C GLY A 166 15.46 1.51 8.83
N GLU A 167 15.84 2.67 8.31
CA GLU A 167 15.69 3.93 9.05
C GLU A 167 15.28 5.04 8.09
N THR A 168 14.47 5.98 8.57
CA THR A 168 14.01 7.09 7.73
C THR A 168 13.78 8.33 8.57
N GLY A 169 13.74 9.48 7.91
CA GLY A 169 13.53 10.76 8.59
C GLY A 169 12.87 11.76 7.65
N GLY A 170 11.57 11.60 7.50
CA GLY A 170 10.76 12.48 6.63
C GLY A 170 9.72 13.22 7.45
N ARG A 171 8.87 12.46 8.13
CA ARG A 171 7.81 13.04 8.96
C ARG A 171 7.16 14.21 8.25
N LEU A 172 7.00 14.09 6.94
CA LEU A 172 6.40 15.15 6.15
C LEU A 172 4.92 15.32 6.54
N ASN A 173 4.05 15.31 5.53
CA ASN A 173 2.62 15.47 5.79
C ASN A 173 2.06 14.20 6.45
N PRO A 174 1.06 14.33 7.30
CA PRO A 174 0.44 13.14 7.98
C PRO A 174 -0.28 12.23 7.00
N SER A 175 -0.66 12.78 5.85
CA SER A 175 -1.36 12.01 4.84
C SER A 175 -1.26 12.69 3.48
N GLU A 176 -0.81 11.91 2.50
CA GLU A 176 -0.64 12.40 1.14
C GLU A 176 -1.74 11.86 0.23
N ILE A 177 -3.01 11.98 0.68
CA ILE A 177 -4.15 11.50 -0.11
C ILE A 177 -4.96 12.67 -0.65
N ARG A 178 -5.25 12.64 -1.96
CA ARG A 178 -6.03 13.71 -2.60
C ARG A 178 -7.14 13.16 -3.47
N ASP A 179 -8.03 14.06 -3.86
CA ASP A 179 -9.17 13.71 -4.71
C ASP A 179 -8.74 13.62 -6.16
N ALA A 180 -8.65 12.40 -6.65
CA ALA A 180 -8.24 12.15 -8.02
C ALA A 180 -9.26 12.72 -9.01
N LEU A 181 -10.48 12.96 -8.54
CA LEU A 181 -11.53 13.49 -9.40
C LEU A 181 -11.15 14.89 -9.92
N THR A 182 -10.61 15.73 -9.02
CA THR A 182 -10.21 17.10 -9.39
C THR A 182 -8.71 17.28 -9.27
N GLY A 183 -8.14 16.80 -8.17
CA GLY A 183 -6.71 16.94 -7.95
C GLY A 183 -6.33 18.41 -7.76
N GLU A 184 -7.31 19.20 -7.34
CA GLU A 184 -7.09 20.62 -7.12
C GLU A 184 -6.15 20.86 -5.95
N LEU A 185 -5.35 21.91 -6.06
CA LEU A 185 -4.40 22.26 -5.01
C LEU A 185 -5.13 22.74 -3.76
N PHE A 186 -4.36 23.05 -2.71
CA PHE A 186 -4.92 23.54 -1.44
C PHE A 186 -4.26 24.87 -1.05
N ARG A 187 -4.80 25.97 -1.58
CA ARG A 187 -4.26 27.29 -1.28
C ARG A 187 -4.56 27.66 0.16
N GLN A 188 -3.56 28.26 0.81
CA GLN A 188 -3.74 28.71 2.17
C GLN A 188 -2.51 29.50 2.63
N GLY A 189 -1.38 29.22 2.00
CA GLY A 189 -0.14 29.90 2.35
C GLY A 189 0.99 29.52 1.39
N ASN A 1 23.17 -8.92 -1.31
CA ASN A 1 21.81 -8.46 -1.71
C ASN A 1 20.84 -9.63 -1.63
N ASN A 2 21.38 -10.83 -1.61
CA ASN A 2 20.55 -12.03 -1.53
C ASN A 2 19.76 -12.05 -0.23
N ASN A 3 20.41 -11.66 0.86
CA ASN A 3 19.76 -11.64 2.17
C ASN A 3 18.56 -10.70 2.15
N LEU A 4 18.71 -9.56 1.50
CA LEU A 4 17.63 -8.59 1.43
C LEU A 4 16.44 -9.20 0.71
N GLN A 5 16.73 -9.90 -0.39
CA GLN A 5 15.69 -10.55 -1.17
C GLN A 5 15.09 -11.69 -0.37
N ARG A 6 15.93 -12.37 0.42
CA ARG A 6 15.46 -13.48 1.23
C ARG A 6 14.39 -13.03 2.21
N ASP A 7 14.61 -11.88 2.85
CA ASP A 7 13.63 -11.37 3.81
C ASP A 7 12.38 -10.88 3.09
N ALA A 8 12.57 -10.23 1.94
CA ALA A 8 11.44 -9.73 1.16
C ALA A 8 10.56 -10.89 0.71
N ILE A 9 11.20 -11.92 0.16
CA ILE A 9 10.47 -13.09 -0.30
C ILE A 9 9.79 -13.78 0.87
N ALA A 10 10.52 -13.90 1.98
CA ALA A 10 9.98 -14.55 3.17
C ALA A 10 8.67 -13.86 3.61
N ALA A 11 8.69 -12.54 3.62
CA ALA A 11 7.51 -11.76 4.02
C ALA A 11 6.34 -12.03 3.08
N ALA A 12 6.60 -12.00 1.77
CA ALA A 12 5.55 -12.22 0.79
C ALA A 12 4.89 -13.60 0.94
N ILE A 13 5.70 -14.64 0.97
CA ILE A 13 5.17 -16.00 1.07
C ILE A 13 4.57 -16.25 2.45
N ASP A 14 5.21 -15.75 3.49
CA ASP A 14 4.72 -15.96 4.83
C ASP A 14 3.31 -15.40 4.95
N VAL A 15 3.12 -14.14 4.60
CA VAL A 15 1.79 -13.53 4.69
C VAL A 15 0.81 -14.28 3.80
N LEU A 16 1.24 -14.67 2.61
CA LEU A 16 0.34 -15.39 1.71
C LEU A 16 -0.28 -16.57 2.45
N ASN A 17 0.56 -17.37 3.08
CA ASN A 17 0.10 -18.55 3.81
C ASN A 17 -0.44 -18.18 5.20
N GLU A 18 0.35 -17.43 5.96
CA GLU A 18 -0.01 -17.03 7.30
C GLU A 18 -1.25 -16.14 7.30
N GLU A 19 -1.38 -15.37 6.24
CA GLU A 19 -2.53 -14.47 6.07
C GLU A 19 -2.67 -13.47 7.22
N ARG A 20 -1.95 -12.35 7.12
CA ARG A 20 -2.02 -11.30 8.13
C ARG A 20 -1.51 -9.98 7.56
N VAL A 21 -0.78 -9.21 8.38
CA VAL A 21 -0.21 -7.93 7.98
C VAL A 21 1.22 -7.83 8.51
N ILE A 22 2.15 -7.29 7.70
CA ILE A 22 3.55 -7.19 8.13
C ILE A 22 4.11 -5.79 7.92
N ALA A 23 5.25 -5.51 8.54
CA ALA A 23 5.87 -4.20 8.45
C ALA A 23 6.23 -3.86 7.00
N TYR A 24 5.95 -2.62 6.62
CA TYR A 24 6.21 -2.10 5.27
C TYR A 24 6.87 -0.71 5.41
N PRO A 25 7.82 -0.35 4.58
CA PRO A 25 8.50 0.99 4.70
C PRO A 25 7.63 2.11 4.13
N THR A 26 7.80 3.31 4.66
CA THR A 26 7.02 4.48 4.22
C THR A 26 7.93 5.67 3.96
N GLU A 27 7.68 6.37 2.86
CA GLU A 27 8.47 7.54 2.51
C GLU A 27 8.08 8.72 3.39
N ALA A 28 7.52 8.43 4.57
CA ALA A 28 7.11 9.47 5.50
C ALA A 28 7.04 8.94 6.93
N VAL A 29 6.01 8.12 7.22
CA VAL A 29 5.84 7.55 8.56
C VAL A 29 5.68 6.02 8.47
N PHE A 30 6.51 5.30 9.23
CA PHE A 30 6.48 3.85 9.24
C PHE A 30 5.04 3.32 9.21
N GLY A 31 4.85 2.16 8.57
CA GLY A 31 3.53 1.56 8.46
C GLY A 31 3.62 0.06 8.24
N VAL A 32 2.49 -0.57 7.90
CA VAL A 32 2.42 -2.02 7.68
C VAL A 32 1.64 -2.30 6.38
N GLY A 33 1.65 -3.55 5.93
CA GLY A 33 0.93 -3.87 4.69
C GLY A 33 0.60 -5.35 4.60
N CYS A 34 0.02 -5.76 3.46
CA CYS A 34 -0.35 -7.16 3.26
C CYS A 34 -0.48 -7.46 1.77
N ASP A 35 -1.13 -8.59 1.45
CA ASP A 35 -1.29 -9.02 0.06
C ASP A 35 -2.68 -8.66 -0.53
N PRO A 36 -2.79 -7.70 -1.46
CA PRO A 36 -4.09 -7.35 -2.09
C PRO A 36 -5.02 -8.53 -2.33
N ASP A 37 -6.24 -8.19 -2.71
CA ASP A 37 -7.26 -9.19 -3.01
C ASP A 37 -7.23 -10.32 -1.98
N SER A 38 -7.68 -10.02 -0.76
CA SER A 38 -7.70 -11.02 0.32
C SER A 38 -8.88 -10.75 1.26
N GLU A 39 -9.54 -11.82 1.68
CA GLU A 39 -10.66 -11.71 2.59
C GLU A 39 -10.20 -11.28 3.97
N THR A 40 -9.02 -11.76 4.35
CA THR A 40 -8.46 -11.46 5.64
C THR A 40 -8.19 -9.96 5.82
N ALA A 41 -7.65 -9.33 4.78
CA ALA A 41 -7.34 -7.90 4.86
C ALA A 41 -8.60 -7.07 5.14
N VAL A 42 -9.63 -7.27 4.34
CA VAL A 42 -10.89 -6.54 4.51
C VAL A 42 -11.50 -6.86 5.87
N MET A 43 -11.48 -8.15 6.23
CA MET A 43 -12.01 -8.58 7.52
C MET A 43 -11.18 -7.97 8.66
N ARG A 44 -9.86 -7.93 8.45
CA ARG A 44 -8.93 -7.37 9.41
C ARG A 44 -9.23 -5.89 9.62
N LEU A 45 -9.67 -5.21 8.58
CA LEU A 45 -10.00 -3.81 8.72
C LEU A 45 -11.33 -3.69 9.46
N LEU A 46 -12.36 -4.28 8.86
CA LEU A 46 -13.69 -4.26 9.44
C LEU A 46 -13.65 -4.80 10.87
N GLU A 47 -12.59 -5.50 11.19
CA GLU A 47 -12.46 -6.10 12.49
C GLU A 47 -12.30 -5.02 13.55
N LEU A 48 -11.07 -4.59 13.73
CA LEU A 48 -10.77 -3.55 14.70
C LEU A 48 -11.17 -2.15 14.22
N LYS A 49 -11.09 -1.86 12.90
CA LYS A 49 -11.40 -0.52 12.42
C LYS A 49 -12.90 -0.31 12.37
N GLN A 50 -13.54 -0.97 11.42
CA GLN A 50 -14.98 -0.85 11.27
C GLN A 50 -15.36 0.63 11.17
N ARG A 51 -15.20 1.17 9.96
CA ARG A 51 -15.48 2.57 9.65
C ARG A 51 -14.77 2.96 8.34
N PRO A 52 -13.44 2.92 8.30
CA PRO A 52 -12.65 3.25 7.07
C PRO A 52 -12.85 2.22 5.96
N VAL A 53 -13.47 1.09 6.30
CA VAL A 53 -13.69 0.03 5.32
C VAL A 53 -14.14 0.61 3.98
N ASP A 54 -15.14 1.48 4.01
CA ASP A 54 -15.64 2.09 2.78
C ASP A 54 -14.60 3.02 2.15
N LYS A 55 -13.90 3.76 3.00
CA LYS A 55 -12.88 4.68 2.54
C LYS A 55 -11.78 3.90 1.81
N GLY A 56 -11.44 2.73 2.35
CA GLY A 56 -10.41 1.92 1.73
C GLY A 56 -9.06 2.61 1.80
N LEU A 57 -8.18 2.03 2.59
CA LEU A 57 -6.84 2.57 2.79
C LEU A 57 -6.12 2.83 1.47
N ILE A 58 -4.80 2.98 1.55
CA ILE A 58 -3.96 3.21 0.38
C ILE A 58 -3.21 1.92 0.05
N LEU A 59 -2.99 1.67 -1.24
CA LEU A 59 -2.29 0.46 -1.68
C LEU A 59 -1.05 0.87 -2.49
N ILE A 60 0.06 0.12 -2.33
CA ILE A 60 1.30 0.46 -3.08
C ILE A 60 1.59 -0.60 -4.15
N ALA A 61 1.80 -0.14 -5.39
CA ALA A 61 2.10 -1.01 -6.53
C ALA A 61 3.47 -0.67 -7.07
N ALA A 62 4.17 -1.68 -7.60
CA ALA A 62 5.50 -1.48 -8.13
C ALA A 62 5.47 -1.51 -9.64
N ASN A 63 4.49 -2.25 -10.20
CA ASN A 63 4.35 -2.36 -11.65
C ASN A 63 3.06 -1.74 -12.13
N TYR A 64 3.06 -1.23 -13.35
CA TYR A 64 1.87 -0.63 -13.93
C TYR A 64 0.96 -1.74 -14.44
N GLU A 65 1.55 -2.94 -14.53
CA GLU A 65 0.84 -4.11 -15.01
C GLU A 65 -0.45 -4.31 -14.23
N GLN A 66 -0.46 -3.90 -12.96
CA GLN A 66 -1.64 -4.06 -12.11
C GLN A 66 -2.55 -2.82 -12.10
N LEU A 67 -2.07 -1.68 -12.62
CA LEU A 67 -2.90 -0.46 -12.65
C LEU A 67 -3.67 -0.40 -13.97
N LYS A 68 -3.18 -1.13 -14.96
CA LYS A 68 -3.80 -1.13 -16.28
C LYS A 68 -5.07 -1.97 -16.34
N PRO A 69 -5.15 -3.10 -15.67
CA PRO A 69 -6.35 -3.97 -15.71
C PRO A 69 -7.20 -3.83 -14.45
N TYR A 70 -6.73 -3.03 -13.49
CA TYR A 70 -7.44 -2.85 -12.22
C TYR A 70 -8.27 -1.56 -12.24
N ILE A 71 -8.14 -0.80 -13.33
CA ILE A 71 -8.88 0.46 -13.52
C ILE A 71 -9.49 0.47 -14.92
N ASP A 72 -10.41 1.37 -15.19
CA ASP A 72 -11.05 1.42 -16.50
C ASP A 72 -10.00 1.63 -17.59
N ASP A 73 -8.77 1.91 -17.17
CA ASP A 73 -7.69 2.12 -18.12
C ASP A 73 -8.02 3.26 -19.07
N THR A 74 -8.79 4.24 -18.59
CA THR A 74 -9.17 5.40 -19.40
C THR A 74 -8.21 6.56 -19.13
N MET A 75 -7.79 6.69 -17.88
CA MET A 75 -6.88 7.77 -17.48
C MET A 75 -5.43 7.38 -17.77
N LEU A 76 -5.19 6.08 -17.95
CA LEU A 76 -3.84 5.61 -18.23
C LEU A 76 -3.56 5.66 -19.72
N THR A 77 -2.48 6.33 -20.08
CA THR A 77 -2.14 6.51 -21.48
C THR A 77 -0.67 6.90 -21.64
N ASP A 78 -0.15 6.73 -22.84
CA ASP A 78 1.25 7.04 -23.14
C ASP A 78 1.72 8.30 -22.43
N VAL A 79 0.94 9.37 -22.54
CA VAL A 79 1.32 10.63 -21.89
C VAL A 79 1.37 10.48 -20.38
N GLN A 80 0.51 9.62 -19.83
CA GLN A 80 0.46 9.39 -18.40
C GLN A 80 1.77 8.73 -17.92
N ARG A 81 2.27 7.80 -18.71
CA ARG A 81 3.49 7.08 -18.36
C ARG A 81 4.65 8.05 -18.36
N GLU A 82 4.77 8.75 -19.46
CA GLU A 82 5.84 9.74 -19.61
C GLU A 82 5.83 10.70 -18.47
N THR A 83 4.65 11.25 -18.23
CA THR A 83 4.45 12.25 -17.21
C THR A 83 4.78 11.69 -15.81
N ILE A 84 4.24 10.54 -15.46
CA ILE A 84 4.51 9.98 -14.14
C ILE A 84 5.97 9.55 -14.06
N PHE A 85 6.51 9.08 -15.19
CA PHE A 85 7.90 8.66 -15.24
C PHE A 85 8.84 9.85 -15.24
N SER A 86 8.46 10.93 -15.92
CA SER A 86 9.30 12.12 -16.00
C SER A 86 9.10 13.02 -14.79
N ARG A 87 7.88 13.06 -14.29
CA ARG A 87 7.56 13.89 -13.13
C ARG A 87 7.97 13.19 -11.84
N TRP A 88 7.19 12.21 -11.44
CA TRP A 88 7.48 11.45 -10.21
C TRP A 88 6.71 10.12 -10.23
N PRO A 89 7.20 9.10 -9.57
CA PRO A 89 6.54 7.75 -9.54
C PRO A 89 5.18 7.79 -8.86
N GLY A 90 4.98 8.79 -8.00
CA GLY A 90 3.71 8.91 -7.28
C GLY A 90 3.85 9.82 -6.05
N PRO A 91 3.87 11.11 -6.24
CA PRO A 91 4.01 12.07 -5.10
C PRO A 91 2.71 12.23 -4.30
N VAL A 92 1.59 11.94 -4.95
CA VAL A 92 0.27 12.05 -4.30
C VAL A 92 -0.60 10.83 -4.64
N THR A 93 -1.45 10.43 -3.70
CA THR A 93 -2.33 9.28 -3.90
C THR A 93 -3.66 9.74 -4.51
N PHE A 94 -4.17 8.96 -5.47
CA PHE A 94 -5.42 9.26 -6.17
C PHE A 94 -6.39 8.08 -6.05
N VAL A 95 -7.69 8.36 -5.84
CA VAL A 95 -8.71 7.29 -5.71
C VAL A 95 -9.43 7.07 -7.03
N PHE A 96 -9.15 5.92 -7.64
CA PHE A 96 -9.75 5.57 -8.93
C PHE A 96 -11.03 4.76 -8.71
N PRO A 97 -12.02 4.87 -9.57
CA PRO A 97 -13.29 4.11 -9.44
C PRO A 97 -13.09 2.65 -9.83
N ALA A 98 -12.90 1.79 -8.83
CA ALA A 98 -12.69 0.37 -9.09
C ALA A 98 -13.75 -0.12 -10.11
N PRO A 99 -13.43 -1.08 -10.94
CA PRO A 99 -14.40 -1.60 -11.97
C PRO A 99 -15.63 -2.26 -11.34
N ALA A 100 -15.45 -2.81 -10.15
CA ALA A 100 -16.56 -3.47 -9.45
C ALA A 100 -17.39 -4.30 -10.43
N THR A 101 -16.80 -5.38 -10.95
CA THR A 101 -17.48 -6.23 -11.92
C THR A 101 -18.70 -6.92 -11.31
N THR A 102 -18.59 -7.28 -10.03
CA THR A 102 -19.70 -7.95 -9.35
C THR A 102 -19.49 -8.05 -7.84
N PRO A 103 -18.28 -8.33 -7.38
CA PRO A 103 -17.98 -8.45 -5.93
C PRO A 103 -18.10 -7.12 -5.19
N ARG A 104 -17.52 -7.07 -3.99
CA ARG A 104 -17.57 -5.86 -3.19
C ARG A 104 -16.50 -5.93 -2.09
N TRP A 105 -15.72 -7.00 -2.10
CA TRP A 105 -14.67 -7.15 -1.10
C TRP A 105 -13.51 -6.21 -1.39
N LEU A 106 -13.56 -5.54 -2.53
CA LEU A 106 -12.50 -4.60 -2.90
C LEU A 106 -12.65 -3.29 -2.12
N THR A 107 -13.86 -3.03 -1.63
CA THR A 107 -14.12 -1.81 -0.85
C THR A 107 -15.11 -2.12 0.29
N GLY A 108 -16.10 -2.94 -0.03
CA GLY A 108 -17.10 -3.35 0.96
C GLY A 108 -18.31 -2.42 0.99
N ARG A 109 -18.20 -1.24 0.39
CA ARG A 109 -19.31 -0.28 0.39
C ARG A 109 -19.34 0.51 -0.93
N PHE A 110 -18.46 1.49 -1.05
CA PHE A 110 -18.41 2.34 -2.25
C PHE A 110 -17.53 1.68 -3.31
N ASP A 111 -17.19 2.44 -4.35
CA ASP A 111 -16.35 1.91 -5.42
C ASP A 111 -15.26 2.92 -5.82
N SER A 112 -14.27 3.07 -4.96
CA SER A 112 -13.17 3.98 -5.22
C SER A 112 -11.97 3.59 -4.36
N LEU A 113 -10.80 3.44 -4.97
CA LEU A 113 -9.59 3.01 -4.22
C LEU A 113 -8.38 3.92 -4.41
N ALA A 114 -7.89 4.44 -3.27
CA ALA A 114 -6.69 5.26 -3.21
C ALA A 114 -5.49 4.33 -3.46
N VAL A 115 -4.64 4.69 -4.43
CA VAL A 115 -3.47 3.87 -4.76
C VAL A 115 -2.28 4.74 -5.14
N ARG A 116 -1.09 4.21 -4.92
CA ARG A 116 0.16 4.91 -5.22
C ARG A 116 1.18 3.94 -5.81
N VAL A 117 2.11 4.46 -6.61
CA VAL A 117 3.16 3.64 -7.22
C VAL A 117 4.53 4.18 -6.84
N THR A 118 5.42 3.28 -6.42
CA THR A 118 6.78 3.65 -6.02
C THR A 118 7.79 2.72 -6.69
N ASP A 119 8.98 3.24 -6.95
CA ASP A 119 10.04 2.46 -7.60
C ASP A 119 11.41 2.99 -7.19
N HIS A 120 11.87 2.59 -6.00
CA HIS A 120 13.15 3.06 -5.51
C HIS A 120 13.59 2.33 -4.23
N PRO A 121 12.70 1.98 -3.33
CA PRO A 121 13.07 1.30 -2.08
C PRO A 121 12.97 -0.22 -2.19
N LEU A 122 12.91 -0.89 -1.04
CA LEU A 122 12.80 -2.34 -1.01
C LEU A 122 11.37 -2.76 -1.31
N VAL A 123 10.50 -1.78 -1.44
CA VAL A 123 9.10 -2.06 -1.71
C VAL A 123 8.97 -2.85 -2.98
N VAL A 124 9.69 -2.44 -4.03
CA VAL A 124 9.62 -3.17 -5.28
C VAL A 124 9.93 -4.62 -5.03
N ALA A 125 11.12 -4.88 -4.55
CA ALA A 125 11.53 -6.26 -4.25
C ALA A 125 10.40 -7.01 -3.55
N LEU A 126 9.74 -6.35 -2.61
CA LEU A 126 8.64 -6.98 -1.89
C LEU A 126 7.41 -7.17 -2.81
N CYS A 127 7.04 -6.11 -3.54
CA CYS A 127 5.89 -6.18 -4.44
C CYS A 127 6.21 -7.06 -5.65
N GLN A 128 7.36 -6.78 -6.25
CA GLN A 128 7.82 -7.52 -7.41
C GLN A 128 7.83 -8.99 -7.05
N ALA A 129 8.30 -9.27 -5.84
CA ALA A 129 8.42 -10.63 -5.37
C ALA A 129 7.05 -11.29 -5.40
N TYR A 130 6.11 -10.64 -4.73
CA TYR A 130 4.75 -11.14 -4.65
C TYR A 130 4.17 -11.17 -6.05
N GLY A 131 4.74 -10.36 -6.91
CA GLY A 131 4.28 -10.25 -8.28
C GLY A 131 3.09 -9.31 -8.34
N LYS A 132 2.71 -8.75 -7.18
CA LYS A 132 1.58 -7.84 -7.13
C LYS A 132 1.72 -6.88 -5.94
N PRO A 133 1.04 -5.75 -5.98
CA PRO A 133 1.12 -4.70 -4.92
C PRO A 133 1.12 -5.27 -3.51
N LEU A 134 1.21 -4.33 -2.57
CA LEU A 134 1.16 -4.64 -1.14
C LEU A 134 0.18 -3.65 -0.53
N VAL A 135 -0.86 -4.11 0.16
CA VAL A 135 -1.78 -3.14 0.73
C VAL A 135 -1.03 -2.37 1.78
N SER A 136 -1.36 -1.09 1.94
CA SER A 136 -0.66 -0.24 2.94
C SER A 136 -1.63 0.28 4.00
N THR A 137 -1.29 0.03 5.26
CA THR A 137 -2.11 0.47 6.40
C THR A 137 -1.23 1.15 7.45
N SER A 138 -1.87 1.89 8.36
CA SER A 138 -1.13 2.58 9.41
C SER A 138 -0.65 1.58 10.47
N ALA A 139 0.51 1.86 11.06
CA ALA A 139 1.07 0.98 12.08
C ALA A 139 0.32 1.13 13.40
N ASN A 140 -0.80 0.42 13.53
CA ASN A 140 -1.60 0.48 14.75
C ASN A 140 -2.49 -0.75 14.87
N LEU A 141 -3.01 -0.95 16.08
CA LEU A 141 -3.86 -2.09 16.38
C LEU A 141 -4.98 -1.67 17.34
N SER A 142 -5.66 -2.67 17.91
CA SER A 142 -6.74 -2.39 18.85
C SER A 142 -6.23 -1.59 20.04
N GLY A 143 -5.06 -1.98 20.57
CA GLY A 143 -4.48 -1.28 21.71
C GLY A 143 -2.99 -1.56 21.83
N LEU A 144 -2.46 -2.28 20.85
CA LEU A 144 -1.04 -2.61 20.86
C LEU A 144 -0.21 -1.42 20.34
N PRO A 145 0.81 -0.97 21.06
CA PRO A 145 1.65 0.19 20.59
C PRO A 145 1.90 0.12 19.08
N PRO A 146 2.08 1.25 18.42
CA PRO A 146 2.33 1.28 16.95
C PRO A 146 3.74 0.84 16.58
N CYS A 147 3.86 0.22 15.40
CA CYS A 147 5.14 -0.24 14.89
C CYS A 147 6.06 0.95 14.69
N ARG A 148 6.50 1.52 15.80
CA ARG A 148 7.37 2.67 15.73
C ARG A 148 8.63 2.35 14.94
N THR A 149 9.08 1.10 15.01
CA THR A 149 10.25 0.69 14.25
C THR A 149 10.28 -0.83 14.19
N VAL A 150 11.08 -1.39 13.28
CA VAL A 150 11.17 -2.81 13.17
C VAL A 150 11.57 -3.38 14.53
N ASP A 151 12.11 -2.52 15.37
CA ASP A 151 12.48 -2.96 16.69
C ASP A 151 11.20 -3.35 17.43
N GLU A 152 10.14 -2.62 17.14
CA GLU A 152 8.83 -2.85 17.74
C GLU A 152 8.34 -4.28 17.43
N VAL A 153 7.92 -4.48 16.18
CA VAL A 153 7.43 -5.76 15.67
C VAL A 153 8.34 -6.91 16.09
N ARG A 154 9.62 -6.62 16.26
CA ARG A 154 10.60 -7.64 16.68
C ARG A 154 10.60 -7.80 18.18
N ALA A 155 10.58 -6.66 18.84
CA ALA A 155 10.58 -6.63 20.29
C ALA A 155 9.39 -7.39 20.81
N GLN A 156 8.30 -7.14 20.13
CA GLN A 156 7.03 -7.70 20.48
C GLN A 156 6.87 -9.15 19.96
N PHE A 157 7.17 -9.36 18.67
CA PHE A 157 7.00 -10.69 18.05
C PHE A 157 8.33 -11.41 17.79
N GLY A 158 9.36 -10.66 17.41
CA GLY A 158 10.68 -11.27 17.13
C GLY A 158 10.88 -11.49 15.63
N ALA A 159 10.16 -10.71 14.83
CA ALA A 159 10.27 -10.80 13.38
C ALA A 159 11.73 -10.95 12.94
N ALA A 160 12.37 -9.82 12.60
CA ALA A 160 13.75 -9.87 12.15
C ALA A 160 13.86 -10.69 10.87
N PHE A 161 12.84 -10.54 10.02
CA PHE A 161 12.79 -11.27 8.75
C PHE A 161 11.54 -10.83 7.96
N PRO A 162 10.35 -11.05 8.49
CA PRO A 162 9.08 -10.63 7.82
C PRO A 162 8.90 -9.13 7.92
N VAL A 163 10.02 -8.42 8.01
CA VAL A 163 10.03 -6.97 8.14
C VAL A 163 10.97 -6.33 7.14
N VAL A 164 10.87 -5.00 7.00
CA VAL A 164 11.74 -4.25 6.09
C VAL A 164 12.47 -3.13 6.85
N PRO A 165 13.35 -3.48 7.77
CA PRO A 165 14.13 -2.51 8.59
C PRO A 165 14.57 -1.26 7.85
N GLY A 166 14.51 -0.15 8.58
CA GLY A 166 14.91 1.14 8.05
C GLY A 166 14.19 2.26 8.79
N GLU A 167 14.87 3.39 8.97
CA GLU A 167 14.27 4.54 9.67
C GLU A 167 14.70 5.85 9.02
N THR A 168 13.71 6.71 8.79
CA THR A 168 13.96 8.02 8.19
C THR A 168 12.82 8.98 8.52
N GLY A 169 13.13 10.27 8.64
CA GLY A 169 12.10 11.25 8.95
C GLY A 169 11.12 11.40 7.81
N GLY A 170 11.64 11.41 6.59
CA GLY A 170 10.82 11.55 5.38
C GLY A 170 11.50 12.47 4.38
N ARG A 171 11.54 13.77 4.71
CA ARG A 171 12.15 14.79 3.87
C ARG A 171 11.41 14.94 2.55
N LEU A 172 10.84 13.86 2.05
CA LEU A 172 10.10 13.92 0.79
C LEU A 172 8.70 14.48 1.03
N ASN A 173 8.12 15.03 -0.03
CA ASN A 173 6.79 15.60 0.06
C ASN A 173 5.84 14.64 0.77
N PRO A 174 4.83 15.14 1.47
CA PRO A 174 3.85 14.29 2.20
C PRO A 174 2.92 13.54 1.24
N SER A 175 2.33 12.45 1.73
CA SER A 175 1.40 11.64 0.93
C SER A 175 -0.02 12.03 1.24
N GLU A 176 -0.75 12.43 0.21
CA GLU A 176 -2.12 12.87 0.35
C GLU A 176 -3.04 12.11 -0.59
N ILE A 177 -4.34 12.10 -0.25
CA ILE A 177 -5.35 11.41 -1.04
C ILE A 177 -6.28 12.41 -1.73
N ARG A 178 -6.45 12.27 -3.05
CA ARG A 178 -7.30 13.19 -3.81
C ARG A 178 -8.30 12.45 -4.68
N ASP A 179 -9.25 13.22 -5.18
CA ASP A 179 -10.29 12.67 -6.05
C ASP A 179 -9.76 12.49 -7.46
N ALA A 180 -9.53 11.23 -7.82
CA ALA A 180 -9.02 10.90 -9.15
C ALA A 180 -10.06 11.23 -10.22
N LEU A 181 -11.31 11.40 -9.80
CA LEU A 181 -12.39 11.71 -10.73
C LEU A 181 -12.14 13.06 -11.39
N THR A 182 -11.70 14.03 -10.58
CA THR A 182 -11.42 15.38 -11.07
C THR A 182 -9.96 15.74 -10.82
N GLY A 183 -9.53 15.59 -9.55
CA GLY A 183 -8.14 15.92 -9.18
C GLY A 183 -8.07 17.33 -8.64
N GLU A 184 -9.07 17.67 -7.83
CA GLU A 184 -9.19 19.00 -7.22
C GLU A 184 -9.05 18.93 -5.70
N LEU A 185 -8.52 20.01 -5.14
CA LEU A 185 -8.32 20.08 -3.69
C LEU A 185 -9.67 20.07 -2.95
N PHE A 186 -9.63 20.29 -1.63
CA PHE A 186 -10.84 20.31 -0.81
C PHE A 186 -10.95 21.64 -0.05
N ARG A 187 -10.82 22.73 -0.80
CA ARG A 187 -10.90 24.08 -0.21
C ARG A 187 -12.33 24.58 -0.23
N GLN A 188 -12.87 24.75 -1.43
CA GLN A 188 -14.24 25.23 -1.59
C GLN A 188 -15.21 24.17 -1.09
N GLY A 189 -14.76 22.92 -1.13
CA GLY A 189 -15.58 21.80 -0.68
C GLY A 189 -14.84 20.48 -0.84
N ASN A 1 25.20 -9.54 3.15
CA ASN A 1 25.00 -10.97 2.82
C ASN A 1 23.97 -11.10 1.70
N ASN A 2 23.50 -9.96 1.21
CA ASN A 2 22.51 -9.94 0.13
C ASN A 2 21.29 -10.74 0.53
N ASN A 3 20.93 -10.69 1.81
CA ASN A 3 19.76 -11.41 2.32
C ASN A 3 18.51 -10.53 2.25
N LEU A 4 18.66 -9.34 1.66
CA LEU A 4 17.54 -8.42 1.53
C LEU A 4 16.44 -9.03 0.68
N GLN A 5 16.84 -9.68 -0.41
CA GLN A 5 15.87 -10.32 -1.30
C GLN A 5 15.13 -11.42 -0.56
N ARG A 6 15.85 -12.18 0.25
CA ARG A 6 15.24 -13.26 1.01
C ARG A 6 14.22 -12.72 1.99
N ASP A 7 14.55 -11.59 2.63
CA ASP A 7 13.65 -10.98 3.59
C ASP A 7 12.35 -10.56 2.92
N ALA A 8 12.47 -9.88 1.79
CA ALA A 8 11.29 -9.42 1.05
C ALA A 8 10.45 -10.62 0.59
N ILE A 9 11.13 -11.63 0.04
CA ILE A 9 10.43 -12.81 -0.42
C ILE A 9 9.78 -13.54 0.73
N ALA A 10 10.51 -13.66 1.84
CA ALA A 10 9.99 -14.33 3.03
C ALA A 10 8.68 -13.69 3.49
N ALA A 11 8.66 -12.36 3.52
CA ALA A 11 7.47 -11.64 3.96
C ALA A 11 6.30 -11.88 3.00
N ALA A 12 6.58 -11.83 1.70
CA ALA A 12 5.53 -12.03 0.70
C ALA A 12 4.87 -13.41 0.84
N ILE A 13 5.70 -14.46 0.84
CA ILE A 13 5.18 -15.81 0.94
C ILE A 13 4.57 -16.07 2.31
N ASP A 14 5.20 -15.55 3.36
CA ASP A 14 4.67 -15.76 4.69
C ASP A 14 3.25 -15.25 4.79
N VAL A 15 3.02 -14.00 4.46
CA VAL A 15 1.68 -13.44 4.55
C VAL A 15 0.73 -14.21 3.63
N LEU A 16 1.19 -14.56 2.44
CA LEU A 16 0.34 -15.30 1.52
C LEU A 16 -0.24 -16.51 2.22
N ASN A 17 0.62 -17.29 2.86
CA ASN A 17 0.20 -18.50 3.56
C ASN A 17 -0.36 -18.18 4.95
N GLU A 18 0.40 -17.43 5.74
CA GLU A 18 0.04 -17.07 7.09
C GLU A 18 -1.22 -16.23 7.12
N GLU A 19 -1.37 -15.38 6.09
CA GLU A 19 -2.54 -14.51 5.96
C GLU A 19 -2.73 -13.58 7.16
N ARG A 20 -2.06 -12.43 7.12
CA ARG A 20 -2.19 -11.43 8.18
C ARG A 20 -1.68 -10.08 7.69
N VAL A 21 -0.88 -9.41 8.53
CA VAL A 21 -0.31 -8.12 8.19
C VAL A 21 1.14 -8.06 8.71
N ILE A 22 2.06 -7.47 7.93
CA ILE A 22 3.47 -7.40 8.34
C ILE A 22 4.00 -5.98 8.21
N ALA A 23 5.16 -5.74 8.81
CA ALA A 23 5.76 -4.42 8.79
C ALA A 23 6.12 -4.01 7.36
N TYR A 24 5.85 -2.73 7.04
CA TYR A 24 6.11 -2.17 5.71
C TYR A 24 6.88 -0.84 5.88
N PRO A 25 7.84 -0.51 5.04
CA PRO A 25 8.60 0.77 5.18
C PRO A 25 7.81 1.97 4.69
N THR A 26 7.98 3.12 5.36
CA THR A 26 7.28 4.35 4.99
C THR A 26 8.23 5.54 5.01
N GLU A 27 8.13 6.35 3.96
CA GLU A 27 8.97 7.53 3.84
C GLU A 27 8.52 8.62 4.82
N ALA A 28 8.02 8.20 5.98
CA ALA A 28 7.57 9.16 6.98
C ALA A 28 7.44 8.51 8.35
N VAL A 29 6.37 7.73 8.53
CA VAL A 29 6.11 7.03 9.80
C VAL A 29 5.91 5.54 9.55
N PHE A 30 6.66 4.74 10.29
CA PHE A 30 6.57 3.30 10.15
C PHE A 30 5.13 2.83 10.12
N GLY A 31 4.85 1.82 9.29
CA GLY A 31 3.49 1.27 9.16
C GLY A 31 3.54 -0.22 8.84
N VAL A 32 2.39 -0.77 8.49
CA VAL A 32 2.26 -2.19 8.16
C VAL A 32 1.46 -2.37 6.86
N GLY A 33 1.44 -3.58 6.31
CA GLY A 33 0.71 -3.82 5.08
C GLY A 33 0.33 -5.28 4.91
N CYS A 34 -0.34 -5.61 3.80
CA CYS A 34 -0.76 -7.00 3.56
C CYS A 34 -1.00 -7.27 2.08
N ASP A 35 -1.65 -8.39 1.79
CA ASP A 35 -1.93 -8.81 0.40
C ASP A 35 -3.28 -8.26 -0.14
N PRO A 36 -3.29 -7.28 -1.05
CA PRO A 36 -4.56 -6.75 -1.63
C PRO A 36 -5.56 -7.86 -1.98
N ASP A 37 -5.13 -8.74 -2.88
CA ASP A 37 -5.99 -9.84 -3.34
C ASP A 37 -6.03 -10.97 -2.32
N SER A 38 -6.71 -10.70 -1.20
CA SER A 38 -6.83 -11.70 -0.14
C SER A 38 -8.07 -11.42 0.72
N GLU A 39 -8.72 -12.48 1.17
CA GLU A 39 -9.92 -12.36 2.00
C GLU A 39 -9.57 -11.86 3.39
N THR A 40 -8.40 -12.27 3.87
CA THR A 40 -7.96 -11.90 5.20
C THR A 40 -7.83 -10.39 5.34
N ALA A 41 -7.29 -9.76 4.31
CA ALA A 41 -7.10 -8.31 4.32
C ALA A 41 -8.42 -7.56 4.53
N VAL A 42 -9.43 -7.86 3.72
CA VAL A 42 -10.72 -7.19 3.85
C VAL A 42 -11.33 -7.49 5.21
N MET A 43 -11.24 -8.73 5.65
CA MET A 43 -11.76 -9.11 6.96
C MET A 43 -10.98 -8.40 8.06
N ARG A 44 -9.65 -8.33 7.89
CA ARG A 44 -8.78 -7.65 8.84
C ARG A 44 -9.19 -6.18 8.94
N LEU A 45 -9.47 -5.61 7.79
CA LEU A 45 -9.84 -4.22 7.74
C LEU A 45 -11.15 -4.01 8.49
N LEU A 46 -12.15 -4.79 8.10
CA LEU A 46 -13.48 -4.70 8.70
C LEU A 46 -13.50 -5.23 10.14
N GLU A 47 -12.43 -5.88 10.54
CA GLU A 47 -12.36 -6.48 11.83
C GLU A 47 -12.28 -5.42 12.91
N LEU A 48 -11.09 -4.92 13.15
CA LEU A 48 -10.86 -3.91 14.19
C LEU A 48 -11.33 -2.50 13.78
N LYS A 49 -11.19 -2.12 12.51
CA LYS A 49 -11.56 -0.77 12.11
C LYS A 49 -13.06 -0.63 12.00
N GLN A 50 -13.66 -1.57 11.27
CA GLN A 50 -15.10 -1.58 11.05
C GLN A 50 -15.69 -0.17 10.92
N ARG A 51 -15.28 0.54 9.84
CA ARG A 51 -15.78 1.90 9.60
C ARG A 51 -15.14 2.52 8.33
N PRO A 52 -13.83 2.53 8.22
CA PRO A 52 -13.11 3.11 7.05
C PRO A 52 -13.08 2.17 5.84
N VAL A 53 -13.62 0.98 6.01
CA VAL A 53 -13.61 0.00 4.93
C VAL A 53 -14.00 0.65 3.61
N ASP A 54 -15.07 1.46 3.63
CA ASP A 54 -15.54 2.13 2.43
C ASP A 54 -14.49 3.11 1.91
N LYS A 55 -13.85 3.82 2.84
CA LYS A 55 -12.84 4.78 2.45
C LYS A 55 -11.70 4.05 1.73
N GLY A 56 -11.42 2.83 2.17
CA GLY A 56 -10.37 2.04 1.57
C GLY A 56 -9.03 2.75 1.66
N LEU A 57 -8.22 2.32 2.60
CA LEU A 57 -6.90 2.90 2.83
C LEU A 57 -6.11 3.04 1.53
N ILE A 58 -4.84 3.41 1.68
CA ILE A 58 -3.94 3.58 0.54
C ILE A 58 -3.21 2.27 0.28
N LEU A 59 -3.03 1.94 -0.98
CA LEU A 59 -2.36 0.70 -1.39
C LEU A 59 -1.12 1.06 -2.19
N ILE A 60 -0.03 0.26 -2.06
CA ILE A 60 1.21 0.56 -2.81
C ILE A 60 1.49 -0.52 -3.86
N ALA A 61 1.70 -0.10 -5.10
CA ALA A 61 2.01 -1.00 -6.22
C ALA A 61 3.43 -0.74 -6.69
N ALA A 62 4.06 -1.77 -7.23
CA ALA A 62 5.43 -1.65 -7.72
C ALA A 62 5.44 -1.77 -9.23
N ASN A 63 4.45 -2.49 -9.77
CA ASN A 63 4.36 -2.68 -11.23
C ASN A 63 3.09 -2.04 -11.78
N TYR A 64 3.18 -1.57 -13.02
CA TYR A 64 2.03 -0.96 -13.68
C TYR A 64 1.09 -2.06 -14.14
N GLU A 65 1.61 -3.29 -14.13
CA GLU A 65 0.83 -4.44 -14.56
C GLU A 65 -0.51 -4.48 -13.84
N GLN A 66 -0.53 -3.99 -12.59
CA GLN A 66 -1.76 -3.99 -11.80
C GLN A 66 -2.51 -2.65 -11.90
N LEU A 67 -1.89 -1.63 -12.50
CA LEU A 67 -2.56 -0.32 -12.67
C LEU A 67 -3.27 -0.29 -14.02
N LYS A 68 -2.89 -1.21 -14.91
CA LYS A 68 -3.45 -1.28 -16.25
C LYS A 68 -4.84 -1.91 -16.28
N PRO A 69 -5.13 -2.92 -15.47
CA PRO A 69 -6.45 -3.60 -15.46
C PRO A 69 -7.29 -3.18 -14.25
N TYR A 70 -6.70 -2.35 -13.39
CA TYR A 70 -7.38 -1.89 -12.17
C TYR A 70 -8.12 -0.58 -12.41
N ILE A 71 -7.85 0.07 -13.55
CA ILE A 71 -8.51 1.33 -13.91
C ILE A 71 -9.19 1.17 -15.27
N ASP A 72 -10.11 2.08 -15.58
CA ASP A 72 -10.84 2.03 -16.84
C ASP A 72 -9.90 2.20 -18.04
N ASP A 73 -8.62 2.44 -17.75
CA ASP A 73 -7.62 2.62 -18.81
C ASP A 73 -8.15 3.54 -19.91
N THR A 74 -9.13 4.36 -19.56
CA THR A 74 -9.71 5.30 -20.53
C THR A 74 -8.94 6.61 -20.51
N MET A 75 -8.63 7.09 -19.31
CA MET A 75 -7.88 8.31 -19.14
C MET A 75 -6.38 8.03 -19.31
N LEU A 76 -6.04 6.76 -19.27
CA LEU A 76 -4.64 6.34 -19.40
C LEU A 76 -4.22 6.35 -20.86
N THR A 77 -3.04 6.90 -21.11
CA THR A 77 -2.55 7.04 -22.47
C THR A 77 -1.03 7.20 -22.47
N ASP A 78 -0.42 6.93 -23.63
CA ASP A 78 1.04 7.02 -23.79
C ASP A 78 1.61 8.22 -23.03
N VAL A 79 1.02 9.40 -23.20
CA VAL A 79 1.50 10.59 -22.53
C VAL A 79 1.38 10.46 -21.02
N GLN A 80 0.35 9.76 -20.57
CA GLN A 80 0.14 9.57 -19.13
C GLN A 80 1.29 8.74 -18.54
N ARG A 81 1.72 7.74 -19.29
CA ARG A 81 2.81 6.88 -18.82
C ARG A 81 4.08 7.71 -18.69
N GLU A 82 4.39 8.38 -19.77
CA GLU A 82 5.57 9.22 -19.80
C GLU A 82 5.55 10.19 -18.65
N THR A 83 4.42 10.87 -18.52
CA THR A 83 4.24 11.87 -17.51
C THR A 83 4.34 11.28 -16.09
N ILE A 84 3.65 10.19 -15.81
CA ILE A 84 3.74 9.60 -14.48
C ILE A 84 5.12 8.98 -14.28
N PHE A 85 5.70 8.50 -15.38
CA PHE A 85 7.02 7.88 -15.35
C PHE A 85 8.14 8.93 -15.32
N SER A 86 7.90 10.08 -15.95
CA SER A 86 8.91 11.15 -16.01
C SER A 86 8.76 12.10 -14.83
N ARG A 87 7.65 11.99 -14.11
CA ARG A 87 7.39 12.85 -12.94
C ARG A 87 7.18 11.99 -11.69
N TRP A 88 8.28 11.46 -11.16
CA TRP A 88 8.23 10.61 -9.97
C TRP A 88 7.30 9.41 -10.20
N PRO A 89 7.53 8.31 -9.53
CA PRO A 89 6.67 7.09 -9.69
C PRO A 89 5.28 7.29 -9.13
N GLY A 90 5.14 8.29 -8.25
CA GLY A 90 3.85 8.59 -7.63
C GLY A 90 4.03 9.38 -6.35
N PRO A 91 4.22 10.69 -6.43
CA PRO A 91 4.42 11.55 -5.24
C PRO A 91 3.09 11.93 -4.57
N VAL A 92 1.99 11.61 -5.24
CA VAL A 92 0.64 11.92 -4.72
C VAL A 92 -0.28 10.72 -4.92
N THR A 93 -1.20 10.51 -3.98
CA THR A 93 -2.13 9.38 -4.05
C THR A 93 -3.46 9.83 -4.65
N PHE A 94 -3.89 9.16 -5.73
CA PHE A 94 -5.15 9.51 -6.42
C PHE A 94 -6.18 8.40 -6.28
N VAL A 95 -7.47 8.80 -6.14
CA VAL A 95 -8.57 7.84 -6.01
C VAL A 95 -9.12 7.45 -7.36
N PHE A 96 -8.74 6.25 -7.80
CA PHE A 96 -9.21 5.74 -9.10
C PHE A 96 -10.51 4.95 -8.91
N PRO A 97 -11.42 4.97 -9.87
CA PRO A 97 -12.71 4.23 -9.76
C PRO A 97 -12.53 2.74 -10.07
N ALA A 98 -12.18 1.95 -9.05
CA ALA A 98 -11.98 0.53 -9.25
C ALA A 98 -13.16 -0.08 -10.03
N PRO A 99 -12.95 -1.13 -10.78
CA PRO A 99 -14.05 -1.77 -11.57
C PRO A 99 -15.13 -2.35 -10.66
N ALA A 100 -16.38 -2.26 -11.13
CA ALA A 100 -17.53 -2.76 -10.37
C ALA A 100 -18.38 -3.69 -11.24
N THR A 101 -17.73 -4.66 -11.86
CA THR A 101 -18.42 -5.59 -12.74
C THR A 101 -19.40 -6.46 -11.96
N THR A 102 -19.03 -6.81 -10.73
CA THR A 102 -19.90 -7.65 -9.90
C THR A 102 -19.48 -7.73 -8.43
N PRO A 103 -18.20 -7.77 -8.12
CA PRO A 103 -17.71 -7.88 -6.71
C PRO A 103 -18.11 -6.70 -5.84
N ARG A 104 -17.49 -6.64 -4.66
CA ARG A 104 -17.74 -5.59 -3.68
C ARG A 104 -16.82 -5.77 -2.49
N TRP A 105 -16.10 -6.90 -2.47
CA TRP A 105 -15.19 -7.20 -1.37
C TRP A 105 -13.90 -6.42 -1.57
N LEU A 106 -13.78 -5.85 -2.76
CA LEU A 106 -12.61 -5.07 -3.11
C LEU A 106 -12.67 -3.69 -2.47
N THR A 107 -13.85 -3.30 -1.99
CA THR A 107 -14.04 -2.02 -1.33
C THR A 107 -15.03 -2.17 -0.18
N GLY A 108 -16.10 -2.93 -0.41
CA GLY A 108 -17.11 -3.17 0.63
C GLY A 108 -18.27 -2.17 0.58
N ARG A 109 -18.11 -1.07 -0.17
CA ARG A 109 -19.16 -0.05 -0.25
C ARG A 109 -19.17 0.62 -1.62
N PHE A 110 -18.27 1.59 -1.85
CA PHE A 110 -18.21 2.27 -3.14
C PHE A 110 -17.23 1.53 -4.05
N ASP A 111 -16.98 2.09 -5.24
CA ASP A 111 -16.07 1.46 -6.19
C ASP A 111 -14.96 2.43 -6.60
N SER A 112 -14.16 2.86 -5.62
CA SER A 112 -13.04 3.76 -5.89
C SER A 112 -12.13 3.86 -4.68
N LEU A 113 -10.84 4.13 -4.90
CA LEU A 113 -9.92 4.24 -3.76
C LEU A 113 -8.54 4.80 -4.12
N ALA A 114 -7.98 5.53 -3.15
CA ALA A 114 -6.65 6.15 -3.25
C ALA A 114 -5.58 5.06 -3.37
N VAL A 115 -4.64 5.24 -4.28
CA VAL A 115 -3.56 4.27 -4.49
C VAL A 115 -2.29 4.98 -4.93
N ARG A 116 -1.14 4.33 -4.77
CA ARG A 116 0.14 4.93 -5.13
C ARG A 116 1.13 3.90 -5.67
N VAL A 117 2.08 4.35 -6.49
CA VAL A 117 3.10 3.47 -7.07
C VAL A 117 4.49 3.99 -6.69
N THR A 118 5.36 3.07 -6.31
CA THR A 118 6.73 3.41 -5.92
C THR A 118 7.71 2.40 -6.49
N ASP A 119 8.92 2.85 -6.76
CA ASP A 119 9.95 1.97 -7.31
C ASP A 119 11.33 2.50 -6.93
N HIS A 120 11.79 2.14 -5.73
CA HIS A 120 13.09 2.61 -5.26
C HIS A 120 13.52 1.92 -3.97
N PRO A 121 12.62 1.62 -3.05
CA PRO A 121 13.00 0.98 -1.76
C PRO A 121 12.84 -0.54 -1.82
N LEU A 122 12.73 -1.16 -0.65
CA LEU A 122 12.57 -2.60 -0.57
C LEU A 122 11.13 -3.01 -0.87
N VAL A 123 10.29 -2.00 -1.02
CA VAL A 123 8.89 -2.25 -1.29
C VAL A 123 8.74 -3.06 -2.56
N VAL A 124 9.49 -2.71 -3.59
CA VAL A 124 9.41 -3.46 -4.83
C VAL A 124 9.65 -4.92 -4.51
N ALA A 125 10.82 -5.24 -4.02
CA ALA A 125 11.15 -6.61 -3.67
C ALA A 125 9.96 -7.31 -2.97
N LEU A 126 9.32 -6.61 -2.05
CA LEU A 126 8.17 -7.17 -1.34
C LEU A 126 6.97 -7.33 -2.29
N CYS A 127 6.65 -6.27 -3.02
CA CYS A 127 5.52 -6.29 -3.96
C CYS A 127 5.82 -7.19 -5.16
N GLN A 128 7.00 -6.99 -5.73
CA GLN A 128 7.45 -7.75 -6.87
C GLN A 128 7.38 -9.24 -6.50
N ALA A 129 7.82 -9.52 -5.29
CA ALA A 129 7.86 -10.89 -4.81
C ALA A 129 6.47 -11.50 -4.88
N TYR A 130 5.55 -10.84 -4.20
CA TYR A 130 4.17 -11.28 -4.17
C TYR A 130 3.63 -11.23 -5.58
N GLY A 131 4.22 -10.35 -6.37
CA GLY A 131 3.81 -10.16 -7.74
C GLY A 131 2.64 -9.20 -7.79
N LYS A 132 2.18 -8.74 -6.62
CA LYS A 132 1.06 -7.80 -6.57
C LYS A 132 1.28 -6.77 -5.43
N PRO A 133 0.67 -5.61 -5.52
CA PRO A 133 0.81 -4.53 -4.51
C PRO A 133 0.76 -5.05 -3.07
N LEU A 134 0.96 -4.13 -2.15
CA LEU A 134 0.91 -4.42 -0.71
C LEU A 134 -0.04 -3.38 -0.10
N VAL A 135 -1.10 -3.80 0.58
CA VAL A 135 -1.99 -2.79 1.14
C VAL A 135 -1.21 -2.07 2.20
N SER A 136 -1.42 -0.76 2.31
CA SER A 136 -0.70 0.05 3.31
C SER A 136 -1.65 0.54 4.40
N THR A 137 -1.39 0.13 5.65
CA THR A 137 -2.20 0.53 6.80
C THR A 137 -1.31 1.11 7.90
N SER A 138 -1.86 2.02 8.68
CA SER A 138 -1.10 2.64 9.76
C SER A 138 -0.71 1.61 10.81
N ALA A 139 0.43 1.83 11.46
CA ALA A 139 0.92 0.92 12.48
C ALA A 139 -0.14 0.67 13.55
N ASN A 140 0.30 0.12 14.68
CA ASN A 140 -0.59 -0.17 15.81
C ASN A 140 -1.77 -1.01 15.38
N LEU A 141 -2.33 -1.71 16.36
CA LEU A 141 -3.46 -2.60 16.15
C LEU A 141 -4.64 -2.21 17.05
N SER A 142 -5.40 -3.20 17.48
CA SER A 142 -6.54 -2.96 18.35
C SER A 142 -6.07 -2.36 19.68
N GLY A 143 -4.95 -2.88 20.17
CA GLY A 143 -4.38 -2.41 21.43
C GLY A 143 -2.93 -2.80 21.55
N LEU A 144 -2.44 -3.53 20.55
CA LEU A 144 -1.06 -3.97 20.57
C LEU A 144 -0.11 -2.79 20.32
N PRO A 145 0.91 -2.57 21.15
CA PRO A 145 1.86 -1.45 20.97
C PRO A 145 2.14 -1.15 19.50
N PRO A 146 2.57 0.06 19.17
CA PRO A 146 2.86 0.45 17.76
C PRO A 146 4.11 -0.23 17.21
N CYS A 147 4.63 0.32 16.10
CA CYS A 147 5.81 -0.21 15.42
C CYS A 147 6.79 0.91 15.11
N ARG A 148 7.39 1.48 16.16
CA ARG A 148 8.33 2.57 15.98
C ARG A 148 9.46 2.17 15.04
N THR A 149 9.89 0.92 15.15
CA THR A 149 10.95 0.42 14.27
C THR A 149 10.91 -1.09 14.26
N VAL A 150 11.64 -1.71 13.35
CA VAL A 150 11.65 -3.13 13.28
C VAL A 150 12.13 -3.71 14.60
N ASP A 151 12.78 -2.88 15.41
CA ASP A 151 13.22 -3.32 16.71
C ASP A 151 11.97 -3.61 17.55
N GLU A 152 10.93 -2.80 17.31
CA GLU A 152 9.66 -2.94 18.00
C GLU A 152 9.03 -4.33 17.74
N VAL A 153 8.52 -4.50 16.54
CA VAL A 153 7.90 -5.75 16.10
C VAL A 153 8.75 -6.95 16.50
N ARG A 154 10.07 -6.75 16.56
CA ARG A 154 10.99 -7.84 16.94
C ARG A 154 11.08 -7.96 18.44
N ALA A 155 11.16 -6.81 19.08
CA ALA A 155 11.26 -6.76 20.52
C ALA A 155 10.06 -7.42 21.13
N GLN A 156 8.95 -7.11 20.51
CA GLN A 156 7.66 -7.58 20.95
C GLN A 156 7.38 -9.02 20.49
N PHE A 157 7.58 -9.29 19.18
CA PHE A 157 7.29 -10.62 18.61
C PHE A 157 8.56 -11.43 18.29
N GLY A 158 9.61 -10.76 17.82
CA GLY A 158 10.86 -11.46 17.46
C GLY A 158 10.93 -11.71 15.97
N ALA A 159 10.25 -10.88 15.19
CA ALA A 159 10.25 -11.01 13.74
C ALA A 159 11.67 -11.27 13.21
N ALA A 160 12.36 -10.21 12.76
CA ALA A 160 13.70 -10.35 12.21
C ALA A 160 13.66 -11.19 10.94
N PHE A 161 12.60 -10.99 10.17
CA PHE A 161 12.41 -11.72 8.92
C PHE A 161 11.13 -11.24 8.24
N PRO A 162 9.99 -11.39 8.86
CA PRO A 162 8.68 -10.91 8.29
C PRO A 162 8.60 -9.38 8.39
N VAL A 163 9.76 -8.74 8.34
CA VAL A 163 9.87 -7.28 8.45
C VAL A 163 10.79 -6.71 7.36
N VAL A 164 10.75 -5.39 7.21
CA VAL A 164 11.60 -4.69 6.22
C VAL A 164 12.46 -3.61 6.90
N PRO A 165 13.38 -4.01 7.76
CA PRO A 165 14.30 -3.09 8.49
C PRO A 165 14.76 -1.89 7.70
N GLY A 166 14.84 -0.78 8.41
CA GLY A 166 15.29 0.46 7.82
C GLY A 166 14.90 1.66 8.70
N GLU A 167 14.92 2.85 8.10
CA GLU A 167 14.56 4.07 8.83
C GLU A 167 13.89 5.08 7.89
N THR A 168 13.44 6.19 8.45
CA THR A 168 12.78 7.23 7.66
C THR A 168 13.11 8.62 8.21
N GLY A 169 12.99 9.62 7.36
CA GLY A 169 13.27 11.00 7.76
C GLY A 169 12.48 11.37 9.01
N GLY A 170 11.15 11.42 8.88
CA GLY A 170 10.26 11.75 10.00
C GLY A 170 9.29 12.87 9.62
N ARG A 171 9.34 13.28 8.35
CA ARG A 171 8.46 14.34 7.87
C ARG A 171 7.09 13.76 7.49
N LEU A 172 6.03 14.43 7.93
CA LEU A 172 4.67 13.98 7.64
C LEU A 172 4.21 14.53 6.29
N ASN A 173 3.10 13.98 5.79
CA ASN A 173 2.53 14.40 4.52
C ASN A 173 3.39 13.93 3.34
N PRO A 174 3.85 12.71 3.37
CA PRO A 174 4.68 12.13 2.27
C PRO A 174 3.89 11.99 0.96
N SER A 175 2.57 11.94 1.11
CA SER A 175 1.68 11.82 -0.04
C SER A 175 0.25 12.13 0.37
N GLU A 176 -0.37 13.02 -0.39
CA GLU A 176 -1.72 13.45 -0.11
C GLU A 176 -2.73 12.72 -0.99
N ILE A 177 -3.93 12.55 -0.46
CA ILE A 177 -5.01 11.87 -1.17
C ILE A 177 -5.90 12.87 -1.90
N ARG A 178 -6.15 12.62 -3.19
CA ARG A 178 -6.99 13.52 -3.99
C ARG A 178 -8.02 12.74 -4.80
N ASP A 179 -8.97 13.49 -5.37
CA ASP A 179 -10.03 12.90 -6.18
C ASP A 179 -9.58 12.77 -7.63
N ALA A 180 -9.32 11.53 -8.04
CA ALA A 180 -8.87 11.28 -9.41
C ALA A 180 -10.03 11.48 -10.39
N LEU A 181 -11.24 11.53 -9.86
CA LEU A 181 -12.43 11.73 -10.69
C LEU A 181 -12.38 13.11 -11.34
N THR A 182 -11.97 14.12 -10.58
CA THR A 182 -11.88 15.49 -11.07
C THR A 182 -10.41 15.88 -11.27
N GLY A 183 -9.59 15.53 -10.28
CA GLY A 183 -8.16 15.85 -10.35
C GLY A 183 -7.94 17.35 -10.27
N GLU A 184 -8.91 18.06 -9.67
CA GLU A 184 -8.82 19.49 -9.54
C GLU A 184 -7.67 19.89 -8.61
N LEU A 185 -6.95 20.93 -9.00
CA LEU A 185 -5.83 21.42 -8.21
C LEU A 185 -6.33 22.15 -6.97
N PHE A 186 -5.39 22.60 -6.14
CA PHE A 186 -5.73 23.35 -4.91
C PHE A 186 -5.45 24.83 -5.13
N ARG A 187 -6.32 25.48 -5.91
CA ARG A 187 -6.17 26.91 -6.22
C ARG A 187 -7.48 27.64 -6.01
N GLN A 188 -7.40 28.87 -5.52
CA GLN A 188 -8.60 29.69 -5.28
C GLN A 188 -8.27 31.17 -5.50
N GLY A 189 -9.23 31.92 -6.03
CA GLY A 189 -9.03 33.34 -6.27
C GLY A 189 -8.89 34.11 -4.96
N ASN A 1 24.45 -10.61 4.59
CA ASN A 1 25.30 -10.68 3.37
C ASN A 1 24.42 -10.66 2.14
N ASN A 2 23.93 -9.47 1.80
CA ASN A 2 23.07 -9.31 0.63
C ASN A 2 21.85 -10.22 0.73
N ASN A 3 21.29 -10.33 1.94
CA ASN A 3 20.11 -11.17 2.17
C ASN A 3 18.85 -10.33 2.17
N LEU A 4 18.98 -9.07 1.78
CA LEU A 4 17.83 -8.17 1.75
C LEU A 4 16.78 -8.68 0.76
N GLN A 5 17.23 -9.15 -0.40
CA GLN A 5 16.32 -9.66 -1.41
C GLN A 5 15.57 -10.87 -0.86
N ARG A 6 16.29 -11.72 -0.13
CA ARG A 6 15.68 -12.91 0.46
C ARG A 6 14.63 -12.50 1.49
N ASP A 7 14.94 -11.48 2.29
CA ASP A 7 14.01 -11.00 3.30
C ASP A 7 12.70 -10.56 2.65
N ALA A 8 12.81 -9.81 1.57
CA ALA A 8 11.61 -9.34 0.88
C ALA A 8 10.80 -10.51 0.34
N ILE A 9 11.51 -11.46 -0.29
CA ILE A 9 10.86 -12.64 -0.83
C ILE A 9 10.24 -13.45 0.31
N ALA A 10 10.97 -13.57 1.41
CA ALA A 10 10.50 -14.32 2.56
C ALA A 10 9.18 -13.73 3.05
N ALA A 11 9.11 -12.41 3.13
CA ALA A 11 7.91 -11.74 3.59
C ALA A 11 6.73 -12.01 2.65
N ALA A 12 6.99 -11.96 1.35
CA ALA A 12 5.94 -12.18 0.36
C ALA A 12 5.33 -13.58 0.50
N ILE A 13 6.18 -14.60 0.50
CA ILE A 13 5.69 -15.98 0.61
C ILE A 13 5.10 -16.24 1.99
N ASP A 14 5.73 -15.67 3.02
CA ASP A 14 5.24 -15.87 4.37
C ASP A 14 3.80 -15.41 4.48
N VAL A 15 3.51 -14.19 4.06
CA VAL A 15 2.13 -13.71 4.14
C VAL A 15 1.21 -14.54 3.26
N LEU A 16 1.68 -14.93 2.09
CA LEU A 16 0.85 -15.73 1.21
C LEU A 16 0.31 -16.94 1.96
N ASN A 17 1.21 -17.66 2.61
CA ASN A 17 0.85 -18.84 3.37
C ASN A 17 0.25 -18.52 4.73
N GLU A 18 0.92 -17.63 5.47
CA GLU A 18 0.49 -17.23 6.79
C GLU A 18 -0.82 -16.45 6.73
N GLU A 19 -0.99 -15.72 5.64
CA GLU A 19 -2.20 -14.93 5.42
C GLU A 19 -2.40 -13.92 6.54
N ARG A 20 -1.39 -13.06 6.76
CA ARG A 20 -1.47 -12.02 7.80
C ARG A 20 -0.63 -10.80 7.39
N VAL A 21 -0.97 -9.66 7.99
CA VAL A 21 -0.29 -8.40 7.70
C VAL A 21 1.11 -8.35 8.33
N ILE A 22 2.09 -7.84 7.57
CA ILE A 22 3.47 -7.72 8.06
C ILE A 22 3.96 -6.27 7.95
N ALA A 23 5.10 -5.98 8.57
CA ALA A 23 5.65 -4.62 8.53
C ALA A 23 6.02 -4.22 7.10
N TYR A 24 5.64 -3.00 6.72
CA TYR A 24 5.90 -2.45 5.39
C TYR A 24 6.63 -1.09 5.56
N PRO A 25 7.61 -0.76 4.72
CA PRO A 25 8.35 0.53 4.85
C PRO A 25 7.55 1.69 4.26
N THR A 26 7.76 2.90 4.77
CA THR A 26 7.04 4.08 4.26
C THR A 26 7.98 5.24 4.03
N GLU A 27 7.74 5.96 2.94
CA GLU A 27 8.57 7.10 2.59
C GLU A 27 8.20 8.30 3.46
N ALA A 28 7.62 8.04 4.62
CA ALA A 28 7.22 9.11 5.54
C ALA A 28 7.03 8.58 6.97
N VAL A 29 5.95 7.79 7.18
CA VAL A 29 5.67 7.23 8.52
C VAL A 29 5.49 5.72 8.42
N PHE A 30 6.25 4.99 9.23
CA PHE A 30 6.20 3.54 9.23
C PHE A 30 4.76 3.02 9.24
N GLY A 31 4.57 1.84 8.65
CA GLY A 31 3.25 1.23 8.58
C GLY A 31 3.35 -0.27 8.30
N VAL A 32 2.20 -0.89 8.00
CA VAL A 32 2.14 -2.34 7.71
C VAL A 32 1.38 -2.57 6.40
N GLY A 33 1.41 -3.81 5.90
CA GLY A 33 0.70 -4.11 4.65
C GLY A 33 0.41 -5.59 4.50
N CYS A 34 -0.27 -5.97 3.42
CA CYS A 34 -0.62 -7.39 3.21
C CYS A 34 -0.84 -7.72 1.74
N ASP A 35 -1.45 -8.89 1.49
CA ASP A 35 -1.70 -9.37 0.12
C ASP A 35 -3.07 -8.92 -0.44
N PRO A 36 -3.13 -7.96 -1.38
CA PRO A 36 -4.42 -7.51 -1.99
C PRO A 36 -5.42 -8.65 -2.16
N ASP A 37 -5.02 -9.62 -2.96
CA ASP A 37 -5.87 -10.78 -3.23
C ASP A 37 -5.92 -11.72 -2.04
N SER A 38 -6.51 -11.26 -0.95
CA SER A 38 -6.64 -12.07 0.26
C SER A 38 -7.80 -11.57 1.12
N GLU A 39 -8.63 -12.50 1.58
CA GLU A 39 -9.79 -12.18 2.39
C GLU A 39 -9.37 -11.61 3.74
N THR A 40 -8.13 -11.88 4.14
CA THR A 40 -7.64 -11.41 5.43
C THR A 40 -7.68 -9.89 5.50
N ALA A 41 -7.43 -9.23 4.36
CA ALA A 41 -7.44 -7.78 4.33
C ALA A 41 -8.80 -7.20 4.75
N VAL A 42 -9.88 -7.68 4.12
CA VAL A 42 -11.21 -7.18 4.45
C VAL A 42 -11.58 -7.55 5.89
N MET A 43 -11.33 -8.80 6.29
CA MET A 43 -11.66 -9.24 7.65
C MET A 43 -10.78 -8.55 8.71
N ARG A 44 -9.46 -8.49 8.49
CA ARG A 44 -8.56 -7.88 9.47
C ARG A 44 -8.88 -6.39 9.62
N LEU A 45 -9.37 -5.77 8.55
CA LEU A 45 -9.74 -4.37 8.63
C LEU A 45 -11.03 -4.24 9.44
N LEU A 46 -12.08 -4.85 8.92
CA LEU A 46 -13.38 -4.80 9.57
C LEU A 46 -13.27 -5.25 11.01
N GLU A 47 -12.22 -5.98 11.31
CA GLU A 47 -12.03 -6.50 12.63
C GLU A 47 -11.86 -5.35 13.62
N LEU A 48 -10.64 -4.89 13.75
CA LEU A 48 -10.32 -3.79 14.66
C LEU A 48 -10.69 -2.40 14.10
N LYS A 49 -10.56 -2.18 12.78
CA LYS A 49 -10.84 -0.85 12.24
C LYS A 49 -12.33 -0.56 12.21
N GLN A 50 -13.07 -1.51 11.64
CA GLN A 50 -14.52 -1.40 11.52
C GLN A 50 -14.96 0.04 11.24
N ARG A 51 -14.58 0.57 10.07
CA ARG A 51 -14.95 1.93 9.69
C ARG A 51 -14.36 2.31 8.31
N PRO A 52 -13.06 2.18 8.12
CA PRO A 52 -12.40 2.54 6.82
C PRO A 52 -12.67 1.48 5.76
N VAL A 53 -13.27 0.38 6.16
CA VAL A 53 -13.55 -0.70 5.24
C VAL A 53 -14.20 -0.16 3.96
N ASP A 54 -15.13 0.76 4.15
CA ASP A 54 -15.86 1.35 3.02
C ASP A 54 -14.94 2.27 2.20
N LYS A 55 -14.18 3.11 2.90
CA LYS A 55 -13.28 4.06 2.25
C LYS A 55 -12.23 3.35 1.40
N GLY A 56 -11.73 2.23 1.90
CA GLY A 56 -10.69 1.49 1.18
C GLY A 56 -9.35 2.21 1.31
N LEU A 57 -8.50 1.68 2.19
CA LEU A 57 -7.18 2.25 2.43
C LEU A 57 -6.40 2.47 1.14
N ILE A 58 -5.10 2.74 1.29
CA ILE A 58 -4.21 2.97 0.14
C ILE A 58 -3.40 1.70 -0.15
N LEU A 59 -3.31 1.35 -1.43
CA LEU A 59 -2.58 0.15 -1.86
C LEU A 59 -1.34 0.57 -2.65
N ILE A 60 -0.23 -0.18 -2.51
CA ILE A 60 1.01 0.15 -3.25
C ILE A 60 1.36 -0.94 -4.26
N ALA A 61 1.61 -0.52 -5.51
CA ALA A 61 1.95 -1.42 -6.60
C ALA A 61 3.36 -1.12 -7.10
N ALA A 62 4.00 -2.12 -7.69
CA ALA A 62 5.35 -1.96 -8.21
C ALA A 62 5.34 -2.13 -9.72
N ASN A 63 4.41 -2.95 -10.20
CA ASN A 63 4.29 -3.20 -11.65
C ASN A 63 3.00 -2.61 -12.20
N TYR A 64 3.04 -2.21 -13.47
CA TYR A 64 1.88 -1.61 -14.15
C TYR A 64 0.85 -2.66 -14.54
N GLU A 65 1.30 -3.90 -14.65
CA GLU A 65 0.40 -4.98 -15.04
C GLU A 65 -0.85 -4.99 -14.18
N GLN A 66 -0.72 -4.54 -12.93
CA GLN A 66 -1.87 -4.50 -12.01
C GLN A 66 -2.55 -3.13 -12.03
N LEU A 67 -1.98 -2.15 -12.75
CA LEU A 67 -2.60 -0.83 -12.85
C LEU A 67 -3.53 -0.81 -14.05
N LYS A 68 -3.30 -1.72 -14.99
CA LYS A 68 -4.10 -1.78 -16.21
C LYS A 68 -5.51 -2.34 -15.97
N PRO A 69 -5.70 -3.34 -15.14
CA PRO A 69 -7.03 -3.93 -14.88
C PRO A 69 -7.64 -3.44 -13.57
N TYR A 70 -6.87 -2.65 -12.81
CA TYR A 70 -7.34 -2.13 -11.53
C TYR A 70 -8.09 -0.80 -11.72
N ILE A 71 -7.86 -0.15 -12.87
CA ILE A 71 -8.53 1.12 -13.21
C ILE A 71 -9.35 0.90 -14.48
N ASP A 72 -10.24 1.84 -14.80
CA ASP A 72 -11.07 1.71 -15.99
C ASP A 72 -10.22 1.68 -17.26
N ASP A 73 -8.96 2.07 -17.12
CA ASP A 73 -8.05 2.07 -18.26
C ASP A 73 -8.56 3.00 -19.36
N THR A 74 -9.23 4.08 -18.97
CA THR A 74 -9.78 5.05 -19.93
C THR A 74 -8.94 6.32 -19.94
N MET A 75 -8.55 6.77 -18.74
CA MET A 75 -7.74 7.97 -18.60
C MET A 75 -6.25 7.63 -18.67
N LEU A 76 -5.96 6.37 -18.35
CA LEU A 76 -4.59 5.91 -18.33
C LEU A 76 -3.99 5.88 -19.72
N THR A 77 -2.79 6.42 -19.81
CA THR A 77 -2.10 6.55 -21.08
C THR A 77 -0.58 6.48 -20.87
N ASP A 78 0.15 6.38 -21.98
CA ASP A 78 1.62 6.29 -21.91
C ASP A 78 2.21 7.52 -21.23
N VAL A 79 1.70 8.70 -21.56
CA VAL A 79 2.21 9.93 -20.97
C VAL A 79 2.05 9.95 -19.46
N GLN A 80 0.99 9.32 -18.96
CA GLN A 80 0.74 9.25 -17.52
C GLN A 80 1.87 8.49 -16.82
N ARG A 81 2.29 7.40 -17.45
CA ARG A 81 3.37 6.57 -16.91
C ARG A 81 4.64 7.38 -16.86
N GLU A 82 4.95 7.94 -18.00
CA GLU A 82 6.15 8.76 -18.12
C GLU A 82 6.13 9.86 -17.09
N THR A 83 5.02 10.55 -17.06
CA THR A 83 4.84 11.67 -16.15
C THR A 83 4.96 11.26 -14.69
N ILE A 84 4.25 10.21 -14.28
CA ILE A 84 4.33 9.79 -12.88
C ILE A 84 5.72 9.23 -12.60
N PHE A 85 6.33 8.64 -13.63
CA PHE A 85 7.68 8.08 -13.50
C PHE A 85 8.75 9.17 -13.55
N SER A 86 8.56 10.18 -14.38
CA SER A 86 9.53 11.26 -14.52
C SER A 86 9.34 12.34 -13.44
N ARG A 87 8.24 12.25 -12.71
CA ARG A 87 7.92 13.21 -11.65
C ARG A 87 7.73 12.47 -10.33
N TRP A 88 8.84 12.18 -9.65
CA TRP A 88 8.81 11.46 -8.37
C TRP A 88 8.12 10.10 -8.55
N PRO A 89 8.48 9.10 -7.76
CA PRO A 89 7.87 7.74 -7.87
C PRO A 89 6.40 7.74 -7.44
N GLY A 90 6.03 8.71 -6.62
CA GLY A 90 4.65 8.81 -6.13
C GLY A 90 4.58 9.65 -4.85
N PRO A 91 4.58 10.95 -4.98
CA PRO A 91 4.53 11.86 -3.79
C PRO A 91 3.13 11.99 -3.20
N VAL A 92 2.11 11.75 -4.03
CA VAL A 92 0.71 11.84 -3.59
C VAL A 92 -0.11 10.67 -4.13
N THR A 93 -1.08 10.22 -3.35
CA THR A 93 -1.95 9.11 -3.75
C THR A 93 -3.17 9.65 -4.50
N PHE A 94 -3.69 8.85 -5.43
CA PHE A 94 -4.86 9.24 -6.24
C PHE A 94 -5.94 8.16 -6.18
N VAL A 95 -7.21 8.57 -6.19
CA VAL A 95 -8.33 7.60 -6.13
C VAL A 95 -8.94 7.42 -7.51
N PHE A 96 -8.69 6.24 -8.09
CA PHE A 96 -9.18 5.90 -9.43
C PHE A 96 -10.50 5.14 -9.36
N PRO A 97 -11.36 5.26 -10.35
CA PRO A 97 -12.67 4.54 -10.37
C PRO A 97 -12.47 3.03 -10.53
N ALA A 98 -12.33 2.34 -9.40
CA ALA A 98 -12.15 0.90 -9.44
C ALA A 98 -13.35 0.23 -10.10
N PRO A 99 -13.16 -0.90 -10.76
CA PRO A 99 -14.28 -1.63 -11.44
C PRO A 99 -15.22 -2.29 -10.45
N ALA A 100 -16.45 -2.55 -10.89
CA ALA A 100 -17.46 -3.20 -10.04
C ALA A 100 -18.26 -4.20 -10.87
N THR A 101 -17.75 -5.43 -10.94
CA THR A 101 -18.42 -6.48 -11.70
C THR A 101 -19.80 -6.79 -11.13
N THR A 102 -19.88 -6.87 -9.79
CA THR A 102 -21.16 -7.16 -9.14
C THR A 102 -21.13 -6.95 -7.63
N PRO A 103 -20.06 -7.31 -6.96
CA PRO A 103 -19.96 -7.17 -5.48
C PRO A 103 -19.92 -5.70 -5.02
N ARG A 104 -19.56 -5.53 -3.75
CA ARG A 104 -19.49 -4.19 -3.13
C ARG A 104 -18.34 -4.13 -2.13
N TRP A 105 -17.76 -5.28 -1.80
CA TRP A 105 -16.66 -5.33 -0.84
C TRP A 105 -15.42 -4.65 -1.39
N LEU A 106 -15.41 -4.32 -2.68
CA LEU A 106 -14.24 -3.66 -3.25
C LEU A 106 -14.12 -2.27 -2.64
N THR A 107 -15.27 -1.62 -2.46
CA THR A 107 -15.32 -0.29 -1.84
C THR A 107 -16.61 -0.13 -1.03
N GLY A 108 -17.70 -0.65 -1.58
CA GLY A 108 -19.00 -0.57 -0.91
C GLY A 108 -19.44 0.87 -0.64
N ARG A 109 -18.54 1.84 -0.79
CA ARG A 109 -18.89 3.23 -0.52
C ARG A 109 -19.49 3.86 -1.80
N PHE A 110 -18.77 3.71 -2.90
CA PHE A 110 -19.21 4.23 -4.19
C PHE A 110 -18.49 3.52 -5.32
N ASP A 111 -17.39 4.11 -5.80
CA ASP A 111 -16.63 3.50 -6.87
C ASP A 111 -15.32 4.25 -7.10
N SER A 112 -14.43 4.16 -6.13
CA SER A 112 -13.14 4.85 -6.24
C SER A 112 -12.17 4.35 -5.17
N LEU A 113 -10.95 3.97 -5.59
CA LEU A 113 -9.93 3.46 -4.66
C LEU A 113 -8.59 4.20 -4.75
N ALA A 114 -8.13 4.66 -3.57
CA ALA A 114 -6.83 5.32 -3.43
C ALA A 114 -5.71 4.29 -3.62
N VAL A 115 -4.86 4.52 -4.62
CA VAL A 115 -3.75 3.60 -4.91
C VAL A 115 -2.54 4.40 -5.41
N ARG A 116 -1.35 3.81 -5.30
CA ARG A 116 -0.12 4.48 -5.75
C ARG A 116 0.94 3.47 -6.18
N VAL A 117 1.91 3.93 -6.97
CA VAL A 117 3.00 3.06 -7.46
C VAL A 117 4.34 3.65 -7.05
N THR A 118 5.25 2.78 -6.60
CA THR A 118 6.59 3.20 -6.17
C THR A 118 7.66 2.36 -6.87
N ASP A 119 8.85 2.91 -6.95
CA ASP A 119 9.97 2.21 -7.58
C ASP A 119 11.30 2.78 -7.09
N HIS A 120 11.69 2.39 -5.88
CA HIS A 120 12.93 2.90 -5.30
C HIS A 120 13.29 2.18 -3.99
N PRO A 121 12.35 1.80 -3.14
CA PRO A 121 12.66 1.15 -1.85
C PRO A 121 12.61 -0.38 -1.96
N LEU A 122 12.54 -1.04 -0.81
CA LEU A 122 12.48 -2.50 -0.79
C LEU A 122 11.07 -2.96 -1.12
N VAL A 123 10.19 -2.00 -1.28
CA VAL A 123 8.80 -2.31 -1.58
C VAL A 123 8.70 -3.11 -2.85
N VAL A 124 9.44 -2.69 -3.88
CA VAL A 124 9.42 -3.44 -5.12
C VAL A 124 9.74 -4.88 -4.83
N ALA A 125 10.93 -5.13 -4.34
CA ALA A 125 11.34 -6.49 -4.01
C ALA A 125 10.18 -7.25 -3.34
N LEU A 126 9.50 -6.59 -2.41
CA LEU A 126 8.38 -7.21 -1.72
C LEU A 126 7.18 -7.43 -2.67
N CYS A 127 6.81 -6.38 -3.40
CA CYS A 127 5.68 -6.46 -4.33
C CYS A 127 6.04 -7.33 -5.53
N GLN A 128 7.20 -7.06 -6.09
CA GLN A 128 7.69 -7.79 -7.25
C GLN A 128 7.70 -9.27 -6.88
N ALA A 129 8.16 -9.54 -5.69
CA ALA A 129 8.28 -10.90 -5.21
C ALA A 129 6.90 -11.55 -5.24
N TYR A 130 5.97 -10.90 -4.57
CA TYR A 130 4.61 -11.39 -4.50
C TYR A 130 4.03 -11.43 -5.89
N GLY A 131 4.62 -10.64 -6.76
CA GLY A 131 4.17 -10.55 -8.12
C GLY A 131 2.96 -9.65 -8.20
N LYS A 132 2.53 -9.09 -7.05
CA LYS A 132 1.37 -8.21 -7.02
C LYS A 132 1.51 -7.20 -5.86
N PRO A 133 0.80 -6.09 -5.93
CA PRO A 133 0.84 -5.01 -4.91
C PRO A 133 0.81 -5.53 -3.47
N LEU A 134 0.97 -4.58 -2.55
CA LEU A 134 0.92 -4.84 -1.12
C LEU A 134 -0.05 -3.83 -0.54
N VAL A 135 -1.10 -4.28 0.14
CA VAL A 135 -2.04 -3.31 0.69
C VAL A 135 -1.32 -2.52 1.76
N SER A 136 -1.67 -1.24 1.85
CA SER A 136 -1.02 -0.34 2.83
C SER A 136 -2.01 0.05 3.93
N THR A 137 -1.66 -0.30 5.17
CA THR A 137 -2.51 0.02 6.33
C THR A 137 -1.64 0.60 7.46
N SER A 138 -2.28 1.30 8.39
CA SER A 138 -1.56 1.89 9.51
C SER A 138 -1.09 0.83 10.49
N ALA A 139 0.09 1.02 11.04
CA ALA A 139 0.64 0.07 12.00
C ALA A 139 -0.21 0.02 13.27
N ASN A 140 -0.75 1.17 13.66
CA ASN A 140 -1.57 1.23 14.86
C ASN A 140 -2.60 0.13 14.88
N LEU A 141 -2.94 -0.28 16.10
CA LEU A 141 -3.88 -1.36 16.34
C LEU A 141 -5.08 -0.87 17.16
N SER A 142 -5.81 -1.81 17.76
CA SER A 142 -6.96 -1.46 18.57
C SER A 142 -6.54 -0.60 19.76
N GLY A 143 -5.39 -0.95 20.35
CA GLY A 143 -4.87 -0.20 21.49
C GLY A 143 -3.41 -0.54 21.74
N LEU A 144 -2.80 -1.28 20.81
CA LEU A 144 -1.40 -1.66 20.94
C LEU A 144 -0.50 -0.62 20.26
N PRO A 145 0.52 -0.08 20.92
CA PRO A 145 1.42 0.92 20.30
C PRO A 145 1.72 0.61 18.82
N PRO A 146 2.08 1.60 18.03
CA PRO A 146 2.39 1.40 16.58
C PRO A 146 3.76 0.76 16.35
N CYS A 147 4.22 0.80 15.09
CA CYS A 147 5.51 0.24 14.70
C CYS A 147 6.46 1.37 14.31
N ARG A 148 6.96 2.10 15.31
CA ARG A 148 7.84 3.22 15.04
C ARG A 148 8.99 2.77 14.14
N THR A 149 9.48 1.56 14.35
CA THR A 149 10.55 1.03 13.53
C THR A 149 10.56 -0.49 13.65
N VAL A 150 11.31 -1.16 12.78
CA VAL A 150 11.39 -2.57 12.82
C VAL A 150 11.88 -3.00 14.20
N ASP A 151 12.54 -2.07 14.87
CA ASP A 151 13.00 -2.33 16.22
C ASP A 151 11.77 -2.55 17.09
N GLU A 152 10.68 -1.88 16.72
CA GLU A 152 9.43 -2.01 17.46
C GLU A 152 8.92 -3.47 17.36
N VAL A 153 8.29 -3.80 16.22
CA VAL A 153 7.78 -5.15 15.92
C VAL A 153 8.71 -6.23 16.48
N ARG A 154 10.00 -5.90 16.54
CA ARG A 154 11.01 -6.84 17.04
C ARG A 154 10.89 -7.05 18.54
N ALA A 155 10.86 -5.96 19.27
CA ALA A 155 10.74 -6.03 20.73
C ALA A 155 9.34 -6.49 21.05
N GLN A 156 8.51 -6.34 20.05
CA GLN A 156 7.10 -6.67 20.12
C GLN A 156 6.85 -8.16 19.85
N PHE A 157 7.46 -8.70 18.79
CA PHE A 157 7.27 -10.11 18.41
C PHE A 157 8.60 -10.83 18.16
N GLY A 158 9.66 -10.07 17.91
CA GLY A 158 10.97 -10.68 17.64
C GLY A 158 11.12 -11.03 16.16
N ALA A 159 10.39 -10.32 15.32
CA ALA A 159 10.44 -10.55 13.89
C ALA A 159 11.88 -10.74 13.40
N ALA A 160 12.49 -9.67 12.92
CA ALA A 160 13.86 -9.74 12.41
C ALA A 160 13.90 -10.67 11.20
N PHE A 161 12.83 -10.63 10.41
CA PHE A 161 12.72 -11.47 9.22
C PHE A 161 11.44 -11.11 8.47
N PRO A 162 10.28 -11.29 9.08
CA PRO A 162 8.97 -10.92 8.44
C PRO A 162 8.79 -9.41 8.40
N VAL A 163 9.91 -8.70 8.38
CA VAL A 163 9.93 -7.23 8.38
C VAL A 163 10.82 -6.70 7.27
N VAL A 164 10.72 -5.39 7.01
CA VAL A 164 11.53 -4.74 5.97
C VAL A 164 12.34 -3.57 6.56
N PRO A 165 13.26 -3.86 7.46
CA PRO A 165 14.13 -2.82 8.10
C PRO A 165 14.55 -1.69 7.20
N GLY A 166 14.62 -0.52 7.80
CA GLY A 166 15.04 0.66 7.08
C GLY A 166 15.16 1.86 8.01
N GLU A 167 15.10 3.07 7.42
CA GLU A 167 15.20 4.31 8.20
C GLU A 167 14.25 5.37 7.65
N THR A 168 14.59 6.65 7.86
CA THR A 168 13.76 7.74 7.39
C THR A 168 14.62 8.98 7.10
N GLY A 169 14.32 10.09 7.75
CA GLY A 169 15.08 11.32 7.54
C GLY A 169 14.54 12.08 6.34
N GLY A 170 13.34 11.71 5.91
CA GLY A 170 12.69 12.35 4.76
C GLY A 170 11.18 12.33 4.91
N ARG A 171 10.72 12.79 6.09
CA ARG A 171 9.29 12.82 6.39
C ARG A 171 8.73 14.21 6.12
N LEU A 172 9.52 15.05 5.48
CA LEU A 172 9.09 16.41 5.17
C LEU A 172 7.87 16.38 4.26
N ASN A 173 7.96 15.54 3.24
CA ASN A 173 6.86 15.40 2.28
C ASN A 173 5.69 14.61 2.88
N PRO A 174 4.52 15.22 3.12
CA PRO A 174 3.36 14.48 3.70
C PRO A 174 2.64 13.65 2.64
N SER A 175 1.91 12.60 3.08
CA SER A 175 1.17 11.73 2.15
C SER A 175 -0.32 11.98 2.27
N GLU A 176 -0.92 12.37 1.15
CA GLU A 176 -2.34 12.68 1.09
C GLU A 176 -2.99 11.99 -0.11
N ILE A 177 -4.32 12.07 -0.19
CA ILE A 177 -5.07 11.48 -1.30
C ILE A 177 -5.80 12.56 -2.09
N ARG A 178 -5.87 12.40 -3.41
CA ARG A 178 -6.53 13.39 -4.27
C ARG A 178 -7.51 12.72 -5.23
N ASP A 179 -8.35 13.55 -5.83
CA ASP A 179 -9.34 13.06 -6.78
C ASP A 179 -8.70 12.79 -8.14
N ALA A 180 -8.55 11.51 -8.44
CA ALA A 180 -7.95 11.10 -9.70
C ALA A 180 -8.83 11.50 -10.87
N LEU A 181 -10.11 11.78 -10.58
CA LEU A 181 -11.04 12.17 -11.64
C LEU A 181 -10.60 13.48 -12.28
N THR A 182 -10.15 14.43 -11.46
CA THR A 182 -9.70 15.73 -11.95
C THR A 182 -8.23 15.97 -11.57
N GLY A 183 -7.87 15.60 -10.35
CA GLY A 183 -6.51 15.78 -9.88
C GLY A 183 -6.13 17.27 -9.85
N GLU A 184 -7.14 18.12 -9.67
CA GLU A 184 -6.92 19.56 -9.64
C GLU A 184 -6.40 20.02 -8.28
N LEU A 185 -5.76 21.17 -8.29
CA LEU A 185 -5.20 21.74 -7.07
C LEU A 185 -6.31 22.22 -6.14
N PHE A 186 -5.93 22.72 -4.96
CA PHE A 186 -6.89 23.21 -3.97
C PHE A 186 -6.82 24.74 -3.89
N ARG A 187 -7.38 25.42 -4.89
CA ARG A 187 -7.37 26.87 -4.91
C ARG A 187 -8.29 27.41 -3.83
N GLN A 188 -7.83 28.46 -3.17
CA GLN A 188 -8.63 29.11 -2.15
C GLN A 188 -7.93 30.37 -1.64
N GLY A 189 -6.62 30.44 -1.86
CA GLY A 189 -5.85 31.61 -1.44
C GLY A 189 -6.15 32.82 -2.31
N ASN A 1 22.76 -6.25 0.74
CA ASN A 1 22.24 -7.09 -0.37
C ASN A 1 22.58 -8.55 -0.10
N ASN A 2 23.07 -8.82 1.10
CA ASN A 2 23.44 -10.19 1.48
C ASN A 2 22.20 -11.09 1.48
N ASN A 3 21.09 -10.57 1.99
CA ASN A 3 19.85 -11.33 2.05
C ASN A 3 18.64 -10.40 2.11
N LEU A 4 18.84 -9.14 1.71
CA LEU A 4 17.75 -8.17 1.72
C LEU A 4 16.65 -8.61 0.76
N GLN A 5 17.05 -9.08 -0.42
CA GLN A 5 16.10 -9.56 -1.42
C GLN A 5 15.35 -10.77 -0.87
N ARG A 6 16.08 -11.66 -0.21
CA ARG A 6 15.49 -12.87 0.36
C ARG A 6 14.47 -12.49 1.43
N ASP A 7 14.82 -11.50 2.24
CA ASP A 7 13.92 -11.05 3.31
C ASP A 7 12.61 -10.53 2.72
N ALA A 8 12.71 -9.75 1.66
CA ALA A 8 11.51 -9.21 1.01
C ALA A 8 10.67 -10.35 0.45
N ILE A 9 11.33 -11.29 -0.21
CA ILE A 9 10.65 -12.44 -0.77
C ILE A 9 10.02 -13.26 0.34
N ALA A 10 10.77 -13.43 1.43
CA ALA A 10 10.28 -14.19 2.56
C ALA A 10 8.98 -13.58 3.09
N ALA A 11 8.93 -12.26 3.15
CA ALA A 11 7.75 -11.56 3.63
C ALA A 11 6.55 -11.81 2.70
N ALA A 12 6.79 -11.74 1.40
CA ALA A 12 5.71 -11.93 0.44
C ALA A 12 5.08 -13.32 0.55
N ILE A 13 5.91 -14.35 0.50
CA ILE A 13 5.41 -15.71 0.59
C ILE A 13 4.86 -15.99 1.98
N ASP A 14 5.50 -15.44 3.00
CA ASP A 14 5.05 -15.67 4.35
C ASP A 14 3.61 -15.21 4.50
N VAL A 15 3.31 -13.99 4.07
CA VAL A 15 1.94 -13.49 4.17
C VAL A 15 1.00 -14.31 3.30
N LEU A 16 1.46 -14.70 2.13
CA LEU A 16 0.61 -15.49 1.25
C LEU A 16 0.07 -16.69 2.01
N ASN A 17 0.98 -17.42 2.63
CA ASN A 17 0.62 -18.61 3.39
C ASN A 17 0.03 -18.28 4.77
N GLU A 18 0.71 -17.39 5.49
CA GLU A 18 0.29 -16.99 6.82
C GLU A 18 -1.02 -16.21 6.77
N GLU A 19 -1.20 -15.48 5.67
CA GLU A 19 -2.40 -14.67 5.48
C GLU A 19 -2.58 -13.66 6.61
N ARG A 20 -1.58 -12.81 6.82
CA ARG A 20 -1.64 -11.78 7.87
C ARG A 20 -0.80 -10.57 7.47
N VAL A 21 -1.10 -9.44 8.09
CA VAL A 21 -0.42 -8.18 7.80
C VAL A 21 0.99 -8.16 8.39
N ILE A 22 1.97 -7.61 7.63
CA ILE A 22 3.36 -7.54 8.11
C ILE A 22 3.89 -6.11 8.02
N ALA A 23 5.03 -5.87 8.67
CA ALA A 23 5.61 -4.53 8.67
C ALA A 23 6.03 -4.12 7.26
N TYR A 24 5.75 -2.86 6.92
CA TYR A 24 6.06 -2.30 5.61
C TYR A 24 6.78 -0.95 5.82
N PRO A 25 7.78 -0.61 5.00
CA PRO A 25 8.52 0.68 5.19
C PRO A 25 7.75 1.86 4.61
N THR A 26 7.88 3.04 5.24
CA THR A 26 7.18 4.25 4.79
C THR A 26 8.15 5.41 4.66
N GLU A 27 8.06 6.12 3.54
CA GLU A 27 8.92 7.27 3.30
C GLU A 27 8.44 8.46 4.16
N ALA A 28 7.78 8.16 5.27
CA ALA A 28 7.27 9.20 6.16
C ALA A 28 7.06 8.66 7.56
N VAL A 29 5.99 7.88 7.75
CA VAL A 29 5.66 7.29 9.07
C VAL A 29 5.54 5.77 8.96
N PHE A 30 6.30 5.07 9.80
CA PHE A 30 6.30 3.61 9.80
C PHE A 30 4.88 3.07 9.72
N GLY A 31 4.70 2.00 8.93
CA GLY A 31 3.38 1.40 8.77
C GLY A 31 3.49 -0.10 8.50
N VAL A 32 2.35 -0.72 8.17
CA VAL A 32 2.27 -2.15 7.89
C VAL A 32 1.53 -2.38 6.58
N GLY A 33 1.55 -3.62 6.07
CA GLY A 33 0.86 -3.91 4.81
C GLY A 33 0.54 -5.39 4.66
N CYS A 34 -0.11 -5.76 3.56
CA CYS A 34 -0.48 -7.16 3.33
C CYS A 34 -0.62 -7.46 1.84
N ASP A 35 -1.29 -8.57 1.52
CA ASP A 35 -1.47 -9.03 0.13
C ASP A 35 -2.83 -8.62 -0.48
N PRO A 36 -2.90 -7.65 -1.40
CA PRO A 36 -4.18 -7.25 -2.06
C PRO A 36 -5.11 -8.41 -2.37
N ASP A 37 -6.29 -8.04 -2.85
CA ASP A 37 -7.32 -9.02 -3.22
C ASP A 37 -7.29 -10.24 -2.30
N SER A 38 -7.84 -10.07 -1.10
CA SER A 38 -7.88 -11.16 -0.12
C SER A 38 -9.07 -10.98 0.83
N GLU A 39 -9.75 -12.08 1.13
CA GLU A 39 -10.89 -12.05 2.02
C GLU A 39 -10.45 -11.77 3.44
N THR A 40 -9.28 -12.28 3.78
CA THR A 40 -8.74 -12.12 5.13
C THR A 40 -8.44 -10.65 5.45
N ALA A 41 -7.84 -9.94 4.52
CA ALA A 41 -7.50 -8.53 4.75
C ALA A 41 -8.75 -7.68 5.00
N VAL A 42 -9.74 -7.80 4.12
CA VAL A 42 -10.98 -7.04 4.27
C VAL A 42 -11.67 -7.43 5.57
N MET A 43 -11.75 -8.73 5.82
CA MET A 43 -12.37 -9.23 7.04
C MET A 43 -11.58 -8.75 8.26
N ARG A 44 -10.25 -8.78 8.13
CA ARG A 44 -9.35 -8.34 9.17
C ARG A 44 -9.58 -6.87 9.50
N LEU A 45 -9.94 -6.08 8.50
CA LEU A 45 -10.21 -4.68 8.75
C LEU A 45 -11.56 -4.57 9.45
N LEU A 46 -12.59 -5.04 8.75
CA LEU A 46 -13.95 -5.01 9.26
C LEU A 46 -14.02 -5.68 10.63
N GLU A 47 -13.01 -6.47 10.94
CA GLU A 47 -12.98 -7.18 12.18
C GLU A 47 -12.85 -6.19 13.34
N LEU A 48 -11.62 -5.83 13.63
CA LEU A 48 -11.33 -4.91 14.71
C LEU A 48 -11.61 -3.43 14.34
N LYS A 49 -11.38 -3.04 13.08
CA LYS A 49 -11.57 -1.64 12.71
C LYS A 49 -13.05 -1.32 12.62
N GLN A 50 -13.76 -2.16 11.88
CA GLN A 50 -15.19 -2.00 11.67
C GLN A 50 -15.59 -0.52 11.57
N ARG A 51 -15.11 0.16 10.53
CA ARG A 51 -15.41 1.58 10.32
C ARG A 51 -14.71 2.13 9.05
N PRO A 52 -13.42 1.97 8.92
CA PRO A 52 -12.66 2.49 7.74
C PRO A 52 -12.89 1.66 6.49
N VAL A 53 -13.56 0.51 6.66
CA VAL A 53 -13.81 -0.38 5.52
C VAL A 53 -14.21 0.43 4.28
N ASP A 54 -15.16 1.36 4.46
CA ASP A 54 -15.62 2.20 3.36
C ASP A 54 -14.52 3.17 2.94
N LYS A 55 -13.80 3.69 3.91
CA LYS A 55 -12.75 4.64 3.62
C LYS A 55 -11.71 4.00 2.71
N GLY A 56 -11.41 2.73 2.96
CA GLY A 56 -10.44 2.02 2.14
C GLY A 56 -9.09 2.70 2.20
N LEU A 57 -8.17 2.10 2.94
CA LEU A 57 -6.83 2.63 3.09
C LEU A 57 -6.18 2.90 1.75
N ILE A 58 -4.86 3.01 1.77
CA ILE A 58 -4.07 3.24 0.57
C ILE A 58 -3.31 1.97 0.22
N LEU A 59 -3.11 1.71 -1.07
CA LEU A 59 -2.41 0.52 -1.53
C LEU A 59 -1.17 0.93 -2.31
N ILE A 60 -0.05 0.21 -2.14
CA ILE A 60 1.19 0.56 -2.88
C ILE A 60 1.49 -0.48 -3.97
N ALA A 61 1.79 0.01 -5.16
CA ALA A 61 2.10 -0.84 -6.31
C ALA A 61 3.50 -0.55 -6.80
N ALA A 62 4.13 -1.53 -7.42
CA ALA A 62 5.50 -1.38 -7.93
C ALA A 62 5.47 -1.46 -9.44
N ASN A 63 4.48 -2.18 -9.97
CA ASN A 63 4.35 -2.34 -11.43
C ASN A 63 3.04 -1.73 -11.92
N TYR A 64 3.04 -1.27 -13.16
CA TYR A 64 1.85 -0.68 -13.75
C TYR A 64 0.90 -1.79 -14.20
N GLU A 65 1.44 -3.01 -14.23
CA GLU A 65 0.67 -4.17 -14.65
C GLU A 65 -0.65 -4.25 -13.89
N GLN A 66 -0.65 -3.75 -12.65
CA GLN A 66 -1.85 -3.77 -11.81
C GLN A 66 -2.65 -2.46 -11.90
N LEU A 67 -2.06 -1.39 -12.46
CA LEU A 67 -2.77 -0.11 -12.60
C LEU A 67 -3.45 -0.08 -13.97
N LYS A 68 -3.06 -1.01 -14.84
CA LYS A 68 -3.61 -1.07 -16.19
C LYS A 68 -4.99 -1.75 -16.25
N PRO A 69 -5.24 -2.78 -15.48
CA PRO A 69 -6.53 -3.49 -15.49
C PRO A 69 -7.41 -3.09 -14.30
N TYR A 70 -6.84 -2.26 -13.41
CA TYR A 70 -7.56 -1.82 -12.23
C TYR A 70 -8.27 -0.49 -12.50
N ILE A 71 -7.92 0.15 -13.62
CA ILE A 71 -8.55 1.43 -14.02
C ILE A 71 -9.08 1.29 -15.45
N ASP A 72 -10.08 2.09 -15.79
CA ASP A 72 -10.67 2.04 -17.13
C ASP A 72 -9.64 2.44 -18.17
N ASP A 73 -9.80 1.93 -19.39
CA ASP A 73 -8.89 2.24 -20.48
C ASP A 73 -9.44 3.37 -21.33
N THR A 74 -9.92 4.43 -20.67
CA THR A 74 -10.48 5.59 -21.38
C THR A 74 -9.63 6.83 -21.11
N MET A 75 -9.18 6.97 -19.87
CA MET A 75 -8.34 8.11 -19.47
C MET A 75 -6.87 7.74 -19.55
N LEU A 76 -6.60 6.45 -19.44
CA LEU A 76 -5.24 5.95 -19.46
C LEU A 76 -4.70 5.86 -20.88
N THR A 77 -3.48 6.32 -21.03
CA THR A 77 -2.83 6.37 -22.34
C THR A 77 -1.32 6.18 -22.18
N ASP A 78 -0.64 5.99 -23.32
CA ASP A 78 0.81 5.79 -23.33
C ASP A 78 1.55 6.99 -22.73
N VAL A 79 1.10 8.19 -23.08
CA VAL A 79 1.74 9.40 -22.57
C VAL A 79 1.67 9.47 -21.06
N GLN A 80 0.57 8.96 -20.48
CA GLN A 80 0.40 8.98 -19.04
C GLN A 80 1.47 8.14 -18.35
N ARG A 81 1.79 7.01 -18.96
CA ARG A 81 2.80 6.11 -18.42
C ARG A 81 4.15 6.80 -18.44
N GLU A 82 4.45 7.30 -19.61
CA GLU A 82 5.71 8.00 -19.80
C GLU A 82 5.82 9.14 -18.83
N THR A 83 4.78 9.94 -18.79
CA THR A 83 4.72 11.12 -17.97
C THR A 83 4.81 10.78 -16.48
N ILE A 84 4.00 9.84 -16.02
CA ILE A 84 4.04 9.49 -14.60
C ILE A 84 5.37 8.82 -14.29
N PHE A 85 5.98 8.23 -15.31
CA PHE A 85 7.28 7.55 -15.16
C PHE A 85 8.44 8.53 -15.31
N SER A 86 8.25 9.54 -16.16
CA SER A 86 9.31 10.53 -16.42
C SER A 86 9.23 11.69 -15.43
N ARG A 87 8.07 11.87 -14.80
CA ARG A 87 7.86 12.95 -13.83
C ARG A 87 7.58 12.39 -12.45
N TRP A 88 8.64 12.02 -11.73
CA TRP A 88 8.52 11.47 -10.38
C TRP A 88 7.61 10.23 -10.38
N PRO A 89 7.81 9.31 -9.46
CA PRO A 89 6.98 8.07 -9.38
C PRO A 89 5.54 8.39 -8.96
N GLY A 90 5.35 9.58 -8.38
CA GLY A 90 4.02 10.03 -7.93
C GLY A 90 3.84 9.83 -6.43
N PRO A 91 4.53 10.59 -5.63
CA PRO A 91 4.43 10.51 -4.14
C PRO A 91 2.99 10.68 -3.64
N VAL A 92 2.25 11.57 -4.28
CA VAL A 92 0.87 11.84 -3.89
C VAL A 92 -0.06 10.70 -4.32
N THR A 93 -0.95 10.31 -3.41
CA THR A 93 -1.90 9.23 -3.68
C THR A 93 -3.18 9.77 -4.32
N PHE A 94 -3.76 8.98 -5.24
CA PHE A 94 -5.00 9.36 -5.94
C PHE A 94 -6.05 8.25 -5.80
N VAL A 95 -7.33 8.63 -5.70
CA VAL A 95 -8.42 7.63 -5.59
C VAL A 95 -9.09 7.47 -6.94
N PHE A 96 -8.75 6.36 -7.60
CA PHE A 96 -9.28 6.08 -8.94
C PHE A 96 -10.62 5.34 -8.85
N PRO A 97 -11.53 5.55 -9.78
CA PRO A 97 -12.85 4.85 -9.76
C PRO A 97 -12.69 3.40 -10.21
N ALA A 98 -12.69 2.48 -9.24
CA ALA A 98 -12.54 1.06 -9.59
C ALA A 98 -13.72 0.61 -10.46
N PRO A 99 -13.52 -0.37 -11.32
CA PRO A 99 -14.60 -0.86 -12.23
C PRO A 99 -15.67 -1.64 -11.48
N ALA A 100 -16.89 -1.62 -12.01
CA ALA A 100 -18.01 -2.34 -11.39
C ALA A 100 -17.78 -3.85 -11.42
N THR A 101 -17.16 -4.32 -12.50
CA THR A 101 -16.89 -5.75 -12.66
C THR A 101 -16.11 -6.31 -11.48
N THR A 102 -15.10 -5.58 -11.02
CA THR A 102 -14.30 -6.04 -9.90
C THR A 102 -15.19 -6.17 -8.65
N PRO A 103 -14.83 -7.01 -7.68
CA PRO A 103 -15.63 -7.18 -6.42
C PRO A 103 -16.04 -5.86 -5.77
N ARG A 104 -16.39 -5.95 -4.48
CA ARG A 104 -16.81 -4.78 -3.70
C ARG A 104 -16.22 -4.85 -2.28
N TRP A 105 -15.47 -5.91 -2.00
CA TRP A 105 -14.87 -6.09 -0.71
C TRP A 105 -13.65 -5.19 -0.56
N LEU A 106 -13.32 -4.47 -1.62
CA LEU A 106 -12.17 -3.56 -1.60
C LEU A 106 -12.58 -2.24 -0.97
N THR A 107 -13.89 -1.98 -0.93
CA THR A 107 -14.41 -0.75 -0.33
C THR A 107 -15.72 -1.03 0.41
N GLY A 108 -16.58 -1.85 -0.20
CA GLY A 108 -17.85 -2.21 0.42
C GLY A 108 -18.78 -1.01 0.59
N ARG A 109 -18.59 0.03 -0.23
CA ARG A 109 -19.45 1.22 -0.15
C ARG A 109 -19.49 1.96 -1.50
N PHE A 110 -18.40 2.67 -1.81
CA PHE A 110 -18.30 3.43 -3.07
C PHE A 110 -17.22 2.84 -3.96
N ASP A 111 -17.31 3.13 -5.26
CA ASP A 111 -16.34 2.61 -6.22
C ASP A 111 -15.19 3.59 -6.43
N SER A 112 -14.27 3.64 -5.47
CA SER A 112 -13.10 4.51 -5.57
C SER A 112 -12.04 4.07 -4.57
N LEU A 113 -10.80 3.89 -5.05
CA LEU A 113 -9.71 3.44 -4.16
C LEU A 113 -8.41 4.24 -4.33
N ALA A 114 -7.91 4.71 -3.17
CA ALA A 114 -6.65 5.43 -3.05
C ALA A 114 -5.49 4.48 -3.29
N VAL A 115 -4.62 4.81 -4.26
CA VAL A 115 -3.47 3.96 -4.59
C VAL A 115 -2.27 4.80 -4.98
N ARG A 116 -1.07 4.26 -4.74
CA ARG A 116 0.18 4.95 -5.07
C ARG A 116 1.21 3.99 -5.63
N VAL A 117 2.13 4.52 -6.44
CA VAL A 117 3.20 3.71 -7.05
C VAL A 117 4.55 4.27 -6.64
N THR A 118 5.46 3.39 -6.23
CA THR A 118 6.80 3.81 -5.80
C THR A 118 7.85 2.91 -6.43
N ASP A 119 9.06 3.45 -6.59
CA ASP A 119 10.16 2.70 -7.18
C ASP A 119 11.49 3.25 -6.69
N HIS A 120 11.91 2.80 -5.50
CA HIS A 120 13.16 3.27 -4.92
C HIS A 120 13.55 2.50 -3.65
N PRO A 121 12.63 2.11 -2.79
CA PRO A 121 12.96 1.40 -1.54
C PRO A 121 12.87 -0.11 -1.71
N LEU A 122 12.78 -0.81 -0.58
CA LEU A 122 12.68 -2.26 -0.59
C LEU A 122 11.26 -2.69 -0.92
N VAL A 123 10.40 -1.70 -1.03
CA VAL A 123 9.00 -1.97 -1.33
C VAL A 123 8.88 -2.72 -2.63
N VAL A 124 9.62 -2.29 -3.65
CA VAL A 124 9.56 -2.98 -4.93
C VAL A 124 9.86 -4.45 -4.69
N ALA A 125 11.04 -4.74 -4.22
CA ALA A 125 11.43 -6.11 -3.93
C ALA A 125 10.27 -6.87 -3.26
N LEU A 126 9.61 -6.23 -2.30
CA LEU A 126 8.49 -6.87 -1.62
C LEU A 126 7.28 -7.02 -2.56
N CYS A 127 6.93 -5.95 -3.27
CA CYS A 127 5.79 -5.98 -4.19
C CYS A 127 6.11 -6.82 -5.41
N GLN A 128 7.27 -6.54 -5.99
CA GLN A 128 7.75 -7.25 -7.16
C GLN A 128 7.75 -8.74 -6.84
N ALA A 129 8.20 -9.04 -5.64
CA ALA A 129 8.32 -10.41 -5.20
C ALA A 129 6.96 -11.09 -5.24
N TYR A 130 6.01 -10.46 -4.57
CA TYR A 130 4.65 -10.97 -4.51
C TYR A 130 4.08 -11.01 -5.90
N GLY A 131 4.68 -10.22 -6.78
CA GLY A 131 4.22 -10.15 -8.14
C GLY A 131 3.04 -9.20 -8.22
N LYS A 132 2.62 -8.66 -7.06
CA LYS A 132 1.49 -7.75 -7.01
C LYS A 132 1.65 -6.77 -5.84
N PRO A 133 0.97 -5.65 -5.87
CA PRO A 133 1.03 -4.59 -4.82
C PRO A 133 1.01 -5.17 -3.41
N LEU A 134 1.13 -4.26 -2.45
CA LEU A 134 1.08 -4.58 -1.03
C LEU A 134 0.10 -3.60 -0.40
N VAL A 135 -0.94 -4.08 0.27
CA VAL A 135 -1.87 -3.11 0.86
C VAL A 135 -1.12 -2.35 1.92
N SER A 136 -1.45 -1.07 2.09
CA SER A 136 -0.74 -0.24 3.10
C SER A 136 -1.71 0.27 4.16
N THR A 137 -1.43 -0.07 5.42
CA THR A 137 -2.27 0.35 6.56
C THR A 137 -1.40 0.98 7.66
N SER A 138 -2.03 1.72 8.56
CA SER A 138 -1.29 2.35 9.65
C SER A 138 -0.86 1.29 10.66
N ALA A 139 0.31 1.48 11.28
CA ALA A 139 0.82 0.54 12.26
C ALA A 139 0.06 0.66 13.58
N ASN A 140 -1.11 0.03 13.63
CA ASN A 140 -1.93 0.06 14.84
C ASN A 140 -2.90 -1.09 14.86
N LEU A 141 -3.47 -1.33 16.04
CA LEU A 141 -4.40 -2.43 16.24
C LEU A 141 -5.56 -1.97 17.13
N SER A 142 -6.29 -2.94 17.68
CA SER A 142 -7.42 -2.63 18.55
C SER A 142 -6.95 -1.88 19.78
N GLY A 143 -5.86 -2.33 20.38
CA GLY A 143 -5.32 -1.68 21.56
C GLY A 143 -3.86 -2.04 21.76
N LEU A 144 -3.30 -2.77 20.81
CA LEU A 144 -1.91 -3.17 20.89
C LEU A 144 -0.99 -2.02 20.40
N PRO A 145 0.00 -1.58 21.17
CA PRO A 145 0.89 -0.48 20.74
C PRO A 145 1.23 -0.55 19.24
N PRO A 146 1.60 0.55 18.63
CA PRO A 146 1.94 0.59 17.18
C PRO A 146 3.32 -0.02 16.89
N CYS A 147 3.81 0.21 15.67
CA CYS A 147 5.11 -0.29 15.24
C CYS A 147 6.04 0.90 14.98
N ARG A 148 6.57 1.47 16.05
CA ARG A 148 7.46 2.62 15.90
C ARG A 148 8.65 2.26 15.01
N THR A 149 9.10 1.02 15.11
CA THR A 149 10.22 0.57 14.28
C THR A 149 10.24 -0.95 14.31
N VAL A 150 11.02 -1.55 13.44
CA VAL A 150 11.11 -2.97 13.40
C VAL A 150 11.55 -3.49 14.77
N ASP A 151 12.11 -2.60 15.57
CA ASP A 151 12.51 -2.98 16.92
C ASP A 151 11.25 -3.33 17.70
N GLU A 152 10.18 -2.60 17.40
CA GLU A 152 8.88 -2.80 18.05
C GLU A 152 8.36 -4.24 17.79
N VAL A 153 7.94 -4.47 16.56
CA VAL A 153 7.42 -5.76 16.11
C VAL A 153 8.34 -6.91 16.54
N ARG A 154 9.63 -6.63 16.64
CA ARG A 154 10.61 -7.66 17.04
C ARG A 154 10.67 -7.76 18.56
N ALA A 155 10.71 -6.60 19.18
CA ALA A 155 10.77 -6.53 20.63
C ALA A 155 9.60 -7.25 21.22
N GLN A 156 8.49 -7.01 20.57
CA GLN A 156 7.21 -7.54 20.99
C GLN A 156 7.00 -9.00 20.52
N PHE A 157 7.25 -9.27 19.22
CA PHE A 157 7.02 -10.62 18.64
C PHE A 157 8.34 -11.36 18.35
N GLY A 158 9.38 -10.64 17.94
CA GLY A 158 10.66 -11.28 17.62
C GLY A 158 10.79 -11.55 16.12
N ALA A 159 10.06 -10.78 15.32
CA ALA A 159 10.09 -10.93 13.87
C ALA A 159 11.53 -11.13 13.38
N ALA A 160 12.19 -10.04 12.97
CA ALA A 160 13.55 -10.13 12.47
C ALA A 160 13.57 -10.99 11.20
N PHE A 161 12.52 -10.86 10.41
CA PHE A 161 12.40 -11.62 9.18
C PHE A 161 11.13 -11.18 8.43
N PRO A 162 9.96 -11.35 9.00
CA PRO A 162 8.68 -10.91 8.37
C PRO A 162 8.55 -9.39 8.43
N VAL A 163 9.71 -8.72 8.44
CA VAL A 163 9.78 -7.26 8.54
C VAL A 163 10.74 -6.69 7.50
N VAL A 164 10.68 -5.37 7.32
CA VAL A 164 11.56 -4.65 6.38
C VAL A 164 12.33 -3.54 7.10
N PRO A 165 13.21 -3.89 8.01
CA PRO A 165 14.04 -2.92 8.78
C PRO A 165 14.52 -1.72 7.99
N GLY A 166 14.55 -0.60 8.69
CA GLY A 166 15.00 0.66 8.11
C GLY A 166 14.62 1.83 9.01
N GLU A 167 15.02 3.03 8.61
CA GLU A 167 14.72 4.24 9.38
C GLU A 167 14.63 5.46 8.44
N THR A 168 13.83 6.44 8.83
CA THR A 168 13.65 7.66 8.03
C THR A 168 13.46 8.89 8.92
N GLY A 169 13.81 10.05 8.39
CA GLY A 169 13.67 11.30 9.15
C GLY A 169 12.28 11.40 9.76
N GLY A 170 11.27 11.56 8.90
CA GLY A 170 9.87 11.67 9.35
C GLY A 170 9.21 12.90 8.72
N ARG A 171 9.55 13.16 7.47
CA ARG A 171 8.99 14.30 6.75
C ARG A 171 7.63 13.93 6.15
N LEU A 172 6.63 14.79 6.36
CA LEU A 172 5.29 14.53 5.85
C LEU A 172 5.20 15.00 4.39
N ASN A 173 4.22 14.45 3.68
CA ASN A 173 4.01 14.81 2.27
C ASN A 173 3.07 16.03 2.18
N PRO A 174 3.24 16.88 1.19
CA PRO A 174 2.36 18.09 1.04
C PRO A 174 0.93 17.71 0.64
N SER A 175 0.79 16.50 0.10
CA SER A 175 -0.52 16.01 -0.32
C SER A 175 -0.52 14.50 -0.37
N GLU A 176 -1.44 13.91 0.36
CA GLU A 176 -1.56 12.47 0.45
C GLU A 176 -2.60 11.95 -0.55
N ILE A 177 -3.85 11.82 -0.10
CA ILE A 177 -4.92 11.32 -0.97
C ILE A 177 -5.61 12.48 -1.69
N ARG A 178 -5.80 12.33 -3.00
CA ARG A 178 -6.44 13.35 -3.84
C ARG A 178 -7.54 12.76 -4.68
N ASP A 179 -8.44 13.62 -5.10
CA ASP A 179 -9.56 13.21 -5.92
C ASP A 179 -9.07 12.99 -7.34
N ALA A 180 -8.95 11.72 -7.71
CA ALA A 180 -8.47 11.36 -9.03
C ALA A 180 -9.44 11.82 -10.12
N LEU A 181 -10.70 12.00 -9.74
CA LEU A 181 -11.72 12.44 -10.67
C LEU A 181 -11.41 13.84 -11.22
N THR A 182 -10.95 14.74 -10.33
CA THR A 182 -10.62 16.12 -10.73
C THR A 182 -9.15 16.44 -10.44
N GLY A 183 -8.68 16.03 -9.27
CA GLY A 183 -7.29 16.28 -8.89
C GLY A 183 -7.08 17.76 -8.61
N GLU A 184 -8.13 18.43 -8.10
CA GLU A 184 -8.08 19.85 -7.79
C GLU A 184 -8.16 20.09 -6.29
N LEU A 185 -7.69 21.26 -5.86
CA LEU A 185 -7.71 21.62 -4.44
C LEU A 185 -9.15 21.74 -3.95
N PHE A 186 -9.32 22.17 -2.68
CA PHE A 186 -10.65 22.33 -2.09
C PHE A 186 -10.78 23.72 -1.47
N ARG A 187 -11.11 24.71 -2.30
CA ARG A 187 -11.26 26.08 -1.81
C ARG A 187 -12.55 26.23 -1.03
N GLN A 188 -12.46 26.98 0.07
CA GLN A 188 -13.63 27.24 0.89
C GLN A 188 -13.30 28.24 1.99
N GLY A 189 -12.02 28.33 2.32
CA GLY A 189 -11.58 29.25 3.37
C GLY A 189 -12.02 28.76 4.75
N ASN A 1 21.37 -14.28 -4.34
CA ASN A 1 21.86 -14.74 -3.02
C ASN A 1 21.94 -13.56 -2.06
N ASN A 2 21.13 -12.54 -2.32
CA ASN A 2 21.12 -11.35 -1.48
C ASN A 2 20.17 -11.53 -0.30
N ASN A 3 20.62 -11.11 0.88
CA ASN A 3 19.80 -11.22 2.08
C ASN A 3 18.53 -10.39 1.96
N LEU A 4 18.67 -9.20 1.39
CA LEU A 4 17.53 -8.30 1.23
C LEU A 4 16.49 -8.93 0.31
N GLN A 5 16.95 -9.57 -0.76
CA GLN A 5 16.04 -10.22 -1.69
C GLN A 5 15.30 -11.36 -1.02
N ARG A 6 16.01 -12.16 -0.24
CA ARG A 6 15.41 -13.29 0.47
C ARG A 6 14.38 -12.79 1.47
N ASP A 7 14.71 -11.71 2.17
CA ASP A 7 13.81 -11.15 3.17
C ASP A 7 12.52 -10.70 2.50
N ALA A 8 12.63 -10.04 1.36
CA ALA A 8 11.46 -9.57 0.63
C ALA A 8 10.62 -10.76 0.18
N ILE A 9 11.28 -11.77 -0.36
CA ILE A 9 10.59 -12.96 -0.81
C ILE A 9 9.94 -13.67 0.37
N ALA A 10 10.70 -13.75 1.47
CA ALA A 10 10.20 -14.40 2.67
C ALA A 10 8.93 -13.71 3.17
N ALA A 11 8.92 -12.38 3.13
CA ALA A 11 7.76 -11.63 3.59
C ALA A 11 6.54 -11.92 2.70
N ALA A 12 6.74 -11.87 1.38
CA ALA A 12 5.65 -12.11 0.44
C ALA A 12 5.07 -13.51 0.57
N ILE A 13 5.94 -14.53 0.53
CA ILE A 13 5.48 -15.90 0.62
C ILE A 13 4.92 -16.19 2.00
N ASP A 14 5.56 -15.67 3.05
CA ASP A 14 5.09 -15.91 4.39
C ASP A 14 3.66 -15.42 4.55
N VAL A 15 3.37 -14.20 4.14
CA VAL A 15 2.01 -13.69 4.27
C VAL A 15 1.05 -14.49 3.40
N LEU A 16 1.49 -14.86 2.22
CA LEU A 16 0.64 -15.63 1.33
C LEU A 16 0.10 -16.85 2.07
N ASN A 17 1.00 -17.59 2.69
CA ASN A 17 0.64 -18.79 3.42
C ASN A 17 0.07 -18.49 4.82
N GLU A 18 0.75 -17.61 5.55
CA GLU A 18 0.35 -17.23 6.89
C GLU A 18 -0.95 -16.45 6.88
N GLU A 19 -1.14 -15.69 5.81
CA GLU A 19 -2.35 -14.88 5.65
C GLU A 19 -2.50 -13.89 6.81
N ARG A 20 -1.50 -13.02 6.99
CA ARG A 20 -1.54 -12.01 8.06
C ARG A 20 -0.72 -10.79 7.64
N VAL A 21 -1.02 -9.66 8.29
CA VAL A 21 -0.35 -8.39 7.98
C VAL A 21 1.08 -8.33 8.55
N ILE A 22 2.01 -7.75 7.77
CA ILE A 22 3.42 -7.61 8.21
C ILE A 22 3.87 -6.14 8.11
N ALA A 23 5.02 -5.82 8.70
CA ALA A 23 5.52 -4.45 8.68
C ALA A 23 5.86 -3.98 7.26
N TYR A 24 5.37 -2.79 6.92
CA TYR A 24 5.62 -2.18 5.60
C TYR A 24 6.44 -0.89 5.79
N PRO A 25 7.50 -0.65 5.02
CA PRO A 25 8.32 0.58 5.22
C PRO A 25 7.72 1.79 4.51
N THR A 26 7.79 2.96 5.15
CA THR A 26 7.25 4.19 4.56
C THR A 26 8.21 5.34 4.83
N GLU A 27 8.47 6.14 3.80
CA GLU A 27 9.38 7.26 3.96
C GLU A 27 8.92 8.20 5.07
N ALA A 28 7.61 8.47 5.12
CA ALA A 28 7.07 9.37 6.13
C ALA A 28 7.06 8.71 7.51
N VAL A 29 6.05 7.86 7.76
CA VAL A 29 5.92 7.17 9.05
C VAL A 29 5.66 5.68 8.83
N PHE A 30 6.45 4.85 9.50
CA PHE A 30 6.32 3.41 9.38
C PHE A 30 4.86 2.97 9.34
N GLY A 31 4.63 1.78 8.77
CA GLY A 31 3.29 1.24 8.66
C GLY A 31 3.33 -0.27 8.44
N VAL A 32 2.18 -0.86 8.12
CA VAL A 32 2.08 -2.31 7.88
C VAL A 32 1.34 -2.55 6.58
N GLY A 33 1.35 -3.80 6.08
CA GLY A 33 0.67 -4.09 4.84
C GLY A 33 0.37 -5.57 4.70
N CYS A 34 -0.29 -5.96 3.58
CA CYS A 34 -0.63 -7.36 3.39
C CYS A 34 -0.87 -7.70 1.91
N ASP A 35 -1.53 -8.83 1.67
CA ASP A 35 -1.80 -9.32 0.32
C ASP A 35 -3.16 -8.85 -0.25
N PRO A 36 -3.21 -7.88 -1.17
CA PRO A 36 -4.50 -7.42 -1.79
C PRO A 36 -5.50 -8.54 -2.02
N ASP A 37 -5.09 -9.48 -2.86
CA ASP A 37 -5.94 -10.61 -3.21
C ASP A 37 -6.07 -11.60 -2.06
N SER A 38 -6.68 -11.15 -0.96
CA SER A 38 -6.87 -12.01 0.21
C SER A 38 -8.13 -11.60 0.99
N GLU A 39 -8.97 -12.59 1.31
CA GLU A 39 -10.20 -12.34 2.04
C GLU A 39 -9.91 -11.85 3.46
N THR A 40 -8.82 -12.33 4.04
CA THR A 40 -8.45 -11.96 5.39
C THR A 40 -8.24 -10.45 5.52
N ALA A 41 -7.57 -9.87 4.53
CA ALA A 41 -7.28 -8.44 4.55
C ALA A 41 -8.54 -7.60 4.68
N VAL A 42 -9.53 -7.87 3.84
CA VAL A 42 -10.79 -7.11 3.90
C VAL A 42 -11.50 -7.35 5.22
N MET A 43 -11.51 -8.61 5.65
CA MET A 43 -12.13 -8.94 6.93
C MET A 43 -11.38 -8.27 8.07
N ARG A 44 -10.05 -8.24 7.96
CA ARG A 44 -9.21 -7.60 8.95
C ARG A 44 -9.58 -6.12 9.03
N LEU A 45 -9.80 -5.55 7.86
CA LEU A 45 -10.14 -4.15 7.79
C LEU A 45 -11.48 -3.91 8.48
N LEU A 46 -12.47 -4.67 8.06
CA LEU A 46 -13.82 -4.57 8.61
C LEU A 46 -13.90 -5.09 10.04
N GLU A 47 -12.86 -5.74 10.49
CA GLU A 47 -12.85 -6.33 11.80
C GLU A 47 -12.79 -5.25 12.88
N LEU A 48 -11.59 -4.78 13.16
CA LEU A 48 -11.38 -3.78 14.19
C LEU A 48 -11.80 -2.36 13.78
N LYS A 49 -11.63 -2.00 12.50
CA LYS A 49 -11.95 -0.64 12.08
C LYS A 49 -13.45 -0.47 11.93
N GLN A 50 -14.04 -1.39 11.16
CA GLN A 50 -15.48 -1.38 10.91
C GLN A 50 -16.03 0.04 10.79
N ARG A 51 -15.61 0.75 9.73
CA ARG A 51 -16.07 2.12 9.49
C ARG A 51 -15.39 2.71 8.23
N PRO A 52 -14.08 2.70 8.16
CA PRO A 52 -13.33 3.27 6.99
C PRO A 52 -13.35 2.34 5.78
N VAL A 53 -13.88 1.14 5.96
CA VAL A 53 -13.93 0.18 4.87
C VAL A 53 -14.36 0.84 3.57
N ASP A 54 -15.40 1.68 3.64
CA ASP A 54 -15.88 2.37 2.45
C ASP A 54 -14.82 3.31 1.91
N LYS A 55 -14.18 4.02 2.83
CA LYS A 55 -13.14 4.95 2.43
C LYS A 55 -12.00 4.17 1.77
N GLY A 56 -11.75 2.96 2.29
CA GLY A 56 -10.71 2.10 1.75
C GLY A 56 -9.35 2.75 1.90
N LEU A 57 -8.52 2.13 2.73
CA LEU A 57 -7.19 2.64 3.00
C LEU A 57 -6.40 2.87 1.71
N ILE A 58 -5.08 2.94 1.84
CA ILE A 58 -4.19 3.14 0.70
C ILE A 58 -3.46 1.84 0.37
N LEU A 59 -3.30 1.57 -0.91
CA LEU A 59 -2.63 0.35 -1.38
C LEU A 59 -1.40 0.76 -2.19
N ILE A 60 -0.29 0.01 -2.08
CA ILE A 60 0.94 0.35 -2.81
C ILE A 60 1.23 -0.71 -3.90
N ALA A 61 1.52 -0.22 -5.10
CA ALA A 61 1.84 -1.09 -6.25
C ALA A 61 3.24 -0.77 -6.75
N ALA A 62 3.89 -1.75 -7.35
CA ALA A 62 5.24 -1.57 -7.88
C ALA A 62 5.20 -1.64 -9.39
N ASN A 63 4.22 -2.38 -9.92
CA ASN A 63 4.09 -2.53 -11.38
C ASN A 63 2.78 -1.95 -11.87
N TYR A 64 2.79 -1.41 -13.08
CA TYR A 64 1.58 -0.84 -13.67
C TYR A 64 0.70 -1.97 -14.16
N GLU A 65 1.28 -3.16 -14.21
CA GLU A 65 0.56 -4.35 -14.66
C GLU A 65 -0.76 -4.47 -13.92
N GLN A 66 -0.77 -4.04 -12.65
CA GLN A 66 -1.98 -4.12 -11.82
C GLN A 66 -2.82 -2.83 -11.85
N LEU A 67 -2.28 -1.74 -12.40
CA LEU A 67 -3.05 -0.49 -12.47
C LEU A 67 -3.79 -0.44 -13.82
N LYS A 68 -3.37 -1.29 -14.73
CA LYS A 68 -3.97 -1.32 -16.07
C LYS A 68 -5.31 -2.07 -16.10
N PRO A 69 -5.46 -3.17 -15.39
CA PRO A 69 -6.72 -3.95 -15.39
C PRO A 69 -7.55 -3.71 -14.13
N TYR A 70 -7.02 -2.90 -13.20
CA TYR A 70 -7.71 -2.63 -11.94
C TYR A 70 -8.50 -1.32 -12.04
N ILE A 71 -8.29 -0.59 -13.14
CA ILE A 71 -9.00 0.66 -13.41
C ILE A 71 -9.40 0.69 -14.88
N ASP A 72 -10.28 1.63 -15.24
CA ASP A 72 -10.73 1.74 -16.62
C ASP A 72 -9.55 2.08 -17.53
N ASP A 73 -8.47 2.57 -16.92
CA ASP A 73 -7.27 2.93 -17.66
C ASP A 73 -7.60 3.93 -18.77
N THR A 74 -8.85 4.37 -18.82
CA THR A 74 -9.26 5.33 -19.85
C THR A 74 -8.61 6.68 -19.59
N MET A 75 -8.50 7.02 -18.32
CA MET A 75 -7.90 8.29 -17.91
C MET A 75 -6.43 8.27 -18.27
N LEU A 76 -5.82 7.13 -18.01
CA LEU A 76 -4.42 6.90 -18.25
C LEU A 76 -4.15 6.81 -19.75
N THR A 77 -2.99 7.31 -20.14
CA THR A 77 -2.57 7.33 -21.54
C THR A 77 -1.05 7.26 -21.64
N ASP A 78 -0.57 6.87 -22.81
CA ASP A 78 0.87 6.74 -23.05
C ASP A 78 1.65 7.91 -22.45
N VAL A 79 1.17 9.12 -22.65
CA VAL A 79 1.87 10.30 -22.14
C VAL A 79 1.97 10.25 -20.62
N GLN A 80 0.90 9.82 -19.96
CA GLN A 80 0.87 9.74 -18.50
C GLN A 80 1.89 8.72 -17.97
N ARG A 81 2.03 7.59 -18.65
CA ARG A 81 2.98 6.57 -18.19
C ARG A 81 4.37 7.12 -18.31
N GLU A 82 4.65 7.62 -19.48
CA GLU A 82 5.96 8.19 -19.76
C GLU A 82 6.27 9.25 -18.74
N THR A 83 5.33 10.14 -18.58
CA THR A 83 5.47 11.26 -17.68
C THR A 83 5.67 10.79 -16.24
N ILE A 84 4.81 9.90 -15.74
CA ILE A 84 4.98 9.44 -14.37
C ILE A 84 6.27 8.61 -14.27
N PHE A 85 6.58 7.90 -15.34
CA PHE A 85 7.79 7.10 -15.40
C PHE A 85 9.03 7.99 -15.47
N SER A 86 8.94 9.08 -16.23
CA SER A 86 10.07 10.00 -16.41
C SER A 86 10.10 11.04 -15.29
N ARG A 87 8.97 11.20 -14.60
CA ARG A 87 8.84 12.15 -13.51
C ARG A 87 8.63 11.39 -12.20
N TRP A 88 8.65 12.12 -11.07
CA TRP A 88 8.45 11.50 -9.75
C TRP A 88 7.46 10.32 -9.83
N PRO A 89 7.62 9.31 -8.99
CA PRO A 89 6.73 8.11 -9.01
C PRO A 89 5.31 8.47 -8.56
N GLY A 90 5.18 9.62 -7.90
CA GLY A 90 3.88 10.11 -7.42
C GLY A 90 3.73 9.89 -5.92
N PRO A 91 4.46 10.63 -5.13
CA PRO A 91 4.41 10.52 -3.63
C PRO A 91 2.99 10.64 -3.10
N VAL A 92 2.22 11.58 -3.64
CA VAL A 92 0.85 11.78 -3.20
C VAL A 92 -0.07 10.69 -3.75
N THR A 93 -1.00 10.24 -2.91
CA THR A 93 -1.94 9.19 -3.28
C THR A 93 -3.21 9.78 -3.90
N PHE A 94 -3.85 9.02 -4.80
CA PHE A 94 -5.09 9.47 -5.46
C PHE A 94 -6.16 8.36 -5.38
N VAL A 95 -7.43 8.76 -5.32
CA VAL A 95 -8.55 7.79 -5.27
C VAL A 95 -9.18 7.70 -6.64
N PHE A 96 -9.03 6.53 -7.26
CA PHE A 96 -9.57 6.31 -8.62
C PHE A 96 -10.90 5.55 -8.55
N PRO A 97 -11.77 5.74 -9.51
CA PRO A 97 -13.09 5.03 -9.55
C PRO A 97 -12.93 3.57 -9.97
N ALA A 98 -13.19 2.66 -9.02
CA ALA A 98 -13.07 1.24 -9.31
C ALA A 98 -14.31 0.76 -10.06
N PRO A 99 -14.20 -0.28 -10.87
CA PRO A 99 -15.37 -0.81 -11.64
C PRO A 99 -16.46 -1.35 -10.72
N ALA A 100 -17.70 -1.32 -11.19
CA ALA A 100 -18.83 -1.80 -10.39
C ALA A 100 -19.08 -3.29 -10.64
N THR A 101 -18.74 -3.76 -11.83
CA THR A 101 -18.96 -5.15 -12.18
C THR A 101 -18.27 -6.09 -11.20
N THR A 102 -17.02 -5.80 -10.88
CA THR A 102 -16.28 -6.64 -9.95
C THR A 102 -17.07 -6.76 -8.64
N PRO A 103 -17.04 -7.89 -7.97
CA PRO A 103 -17.77 -8.11 -6.68
C PRO A 103 -18.01 -6.83 -5.86
N ARG A 104 -17.32 -6.70 -4.72
CA ARG A 104 -17.51 -5.53 -3.87
C ARG A 104 -16.47 -5.52 -2.73
N TRP A 105 -15.58 -6.50 -2.73
CA TRP A 105 -14.56 -6.57 -1.69
C TRP A 105 -13.47 -5.52 -1.91
N LEU A 106 -13.52 -4.82 -3.05
CA LEU A 106 -12.53 -3.79 -3.33
C LEU A 106 -12.77 -2.57 -2.42
N THR A 107 -14.04 -2.29 -2.14
CA THR A 107 -14.40 -1.16 -1.27
C THR A 107 -15.46 -1.58 -0.25
N GLY A 108 -16.42 -2.41 -0.69
CA GLY A 108 -17.48 -2.88 0.21
C GLY A 108 -18.64 -1.90 0.31
N ARG A 109 -18.52 -0.72 -0.29
CA ARG A 109 -19.58 0.28 -0.22
C ARG A 109 -19.62 1.14 -1.48
N PHE A 110 -18.65 2.03 -1.64
CA PHE A 110 -18.60 2.91 -2.80
C PHE A 110 -17.84 2.23 -3.93
N ASP A 111 -17.45 3.01 -4.93
CA ASP A 111 -16.71 2.47 -6.08
C ASP A 111 -15.48 3.32 -6.37
N SER A 112 -14.68 3.57 -5.35
CA SER A 112 -13.45 4.36 -5.51
C SER A 112 -12.44 3.94 -4.46
N LEU A 113 -11.14 4.11 -4.76
CA LEU A 113 -10.12 3.70 -3.78
C LEU A 113 -8.75 4.37 -3.99
N ALA A 114 -8.18 4.79 -2.85
CA ALA A 114 -6.87 5.42 -2.76
C ALA A 114 -5.78 4.39 -3.07
N VAL A 115 -4.91 4.72 -4.02
CA VAL A 115 -3.82 3.83 -4.39
C VAL A 115 -2.60 4.65 -4.81
N ARG A 116 -1.41 4.06 -4.67
CA ARG A 116 -0.17 4.76 -5.03
C ARG A 116 0.86 3.79 -5.57
N VAL A 117 1.81 4.31 -6.36
CA VAL A 117 2.88 3.49 -6.95
C VAL A 117 4.23 4.07 -6.53
N THR A 118 5.14 3.20 -6.13
CA THR A 118 6.47 3.61 -5.70
C THR A 118 7.54 2.74 -6.34
N ASP A 119 8.73 3.30 -6.49
CA ASP A 119 9.84 2.57 -7.11
C ASP A 119 11.18 3.14 -6.63
N HIS A 120 11.60 2.70 -5.44
CA HIS A 120 12.85 3.19 -4.87
C HIS A 120 13.27 2.44 -3.60
N PRO A 121 12.35 2.05 -2.73
CA PRO A 121 12.70 1.34 -1.48
C PRO A 121 12.63 -0.18 -1.64
N LEU A 122 12.59 -0.87 -0.52
CA LEU A 122 12.51 -2.31 -0.52
C LEU A 122 11.09 -2.76 -0.84
N VAL A 123 10.21 -1.78 -0.97
CA VAL A 123 8.81 -2.06 -1.25
C VAL A 123 8.70 -2.83 -2.55
N VAL A 124 9.42 -2.40 -3.58
CA VAL A 124 9.37 -3.11 -4.85
C VAL A 124 9.67 -4.56 -4.60
N ALA A 125 10.86 -4.84 -4.12
CA ALA A 125 11.26 -6.20 -3.82
C ALA A 125 10.12 -6.96 -3.14
N LEU A 126 9.44 -6.31 -2.21
CA LEU A 126 8.32 -6.94 -1.51
C LEU A 126 7.12 -7.13 -2.44
N CYS A 127 6.74 -6.07 -3.17
CA CYS A 127 5.61 -6.13 -4.10
C CYS A 127 5.95 -7.00 -5.30
N GLN A 128 7.10 -6.72 -5.88
CA GLN A 128 7.60 -7.45 -7.03
C GLN A 128 7.61 -8.93 -6.68
N ALA A 129 8.05 -9.19 -5.48
CA ALA A 129 8.18 -10.56 -5.00
C ALA A 129 6.82 -11.23 -5.04
N TYR A 130 5.87 -10.61 -4.36
CA TYR A 130 4.52 -11.11 -4.31
C TYR A 130 3.96 -11.12 -5.71
N GLY A 131 4.56 -10.32 -6.55
CA GLY A 131 4.13 -10.20 -7.93
C GLY A 131 2.92 -9.31 -8.00
N LYS A 132 2.49 -8.77 -6.84
CA LYS A 132 1.33 -7.90 -6.81
C LYS A 132 1.43 -6.90 -5.65
N PRO A 133 0.70 -5.81 -5.71
CA PRO A 133 0.71 -4.74 -4.67
C PRO A 133 0.65 -5.29 -3.26
N LEU A 134 0.93 -4.40 -2.31
CA LEU A 134 0.86 -4.71 -0.89
C LEU A 134 -0.12 -3.74 -0.28
N VAL A 135 -1.18 -4.22 0.37
CA VAL A 135 -2.10 -3.27 0.96
C VAL A 135 -1.34 -2.51 2.01
N SER A 136 -1.67 -1.24 2.21
CA SER A 136 -0.94 -0.41 3.21
C SER A 136 -1.90 0.17 4.25
N THR A 137 -1.57 -0.09 5.53
CA THR A 137 -2.37 0.40 6.65
C THR A 137 -1.45 1.04 7.69
N SER A 138 -2.03 1.79 8.61
CA SER A 138 -1.24 2.45 9.65
C SER A 138 -0.72 1.43 10.66
N ALA A 139 0.42 1.74 11.25
CA ALA A 139 1.03 0.85 12.24
C ALA A 139 0.10 0.63 13.43
N ASN A 140 -0.61 1.67 13.83
CA ASN A 140 -1.52 1.59 14.96
C ASN A 140 -2.54 0.48 14.77
N LEU A 141 -3.03 -0.02 15.89
CA LEU A 141 -3.99 -1.11 15.93
C LEU A 141 -5.18 -0.71 16.82
N SER A 142 -5.93 -1.72 17.30
CA SER A 142 -7.07 -1.46 18.17
C SER A 142 -6.62 -0.76 19.44
N GLY A 143 -5.46 -1.18 19.95
CA GLY A 143 -4.91 -0.60 21.18
C GLY A 143 -3.46 -0.99 21.33
N LEU A 144 -2.95 -1.75 20.37
CA LEU A 144 -1.56 -2.19 20.44
C LEU A 144 -0.63 -1.07 19.92
N PRO A 145 0.36 -0.64 20.69
CA PRO A 145 1.29 0.44 20.25
C PRO A 145 1.65 0.31 18.76
N PRO A 146 2.05 1.39 18.12
CA PRO A 146 2.41 1.36 16.67
C PRO A 146 3.77 0.71 16.42
N CYS A 147 4.33 0.96 15.23
CA CYS A 147 5.63 0.41 14.84
C CYS A 147 6.60 1.53 14.56
N ARG A 148 7.11 2.14 15.62
CA ARG A 148 8.05 3.25 15.44
C ARG A 148 9.21 2.82 14.56
N THR A 149 9.57 1.55 14.65
CA THR A 149 10.64 1.00 13.84
C THR A 149 10.62 -0.51 13.92
N VAL A 150 11.33 -1.16 13.02
CA VAL A 150 11.37 -2.59 13.01
C VAL A 150 11.84 -3.09 14.38
N ASP A 151 12.45 -2.19 15.15
CA ASP A 151 12.87 -2.52 16.49
C ASP A 151 11.64 -2.78 17.33
N GLU A 152 10.58 -2.04 17.04
CA GLU A 152 9.31 -2.17 17.75
C GLU A 152 8.74 -3.59 17.59
N VAL A 153 8.29 -3.89 16.38
CA VAL A 153 7.74 -5.21 16.02
C VAL A 153 8.65 -6.34 16.49
N ARG A 154 9.94 -6.08 16.53
CA ARG A 154 10.92 -7.08 16.97
C ARG A 154 10.94 -7.15 18.47
N ALA A 155 11.10 -6.00 19.07
CA ALA A 155 11.12 -5.89 20.51
C ALA A 155 9.90 -6.57 21.09
N GLN A 156 8.79 -6.28 20.45
CA GLN A 156 7.47 -6.71 20.86
C GLN A 156 7.10 -8.14 20.40
N PHE A 157 7.62 -8.58 19.24
CA PHE A 157 7.29 -9.92 18.71
C PHE A 157 8.56 -10.72 18.40
N GLY A 158 9.61 -10.03 17.99
CA GLY A 158 10.88 -10.69 17.67
C GLY A 158 10.99 -11.03 16.19
N ALA A 159 10.25 -10.30 15.37
CA ALA A 159 10.26 -10.51 13.93
C ALA A 159 11.69 -10.71 13.42
N ALA A 160 12.32 -9.64 12.97
CA ALA A 160 13.68 -9.74 12.44
C ALA A 160 13.69 -10.67 11.23
N PHE A 161 12.63 -10.58 10.44
CA PHE A 161 12.49 -11.41 9.24
C PHE A 161 11.21 -11.01 8.50
N PRO A 162 10.05 -11.16 9.10
CA PRO A 162 8.75 -10.75 8.47
C PRO A 162 8.62 -9.24 8.46
N VAL A 163 9.76 -8.56 8.41
CA VAL A 163 9.82 -7.09 8.44
C VAL A 163 10.75 -6.56 7.34
N VAL A 164 10.67 -5.25 7.09
CA VAL A 164 11.53 -4.59 6.09
C VAL A 164 12.34 -3.46 6.71
N PRO A 165 13.25 -3.77 7.61
CA PRO A 165 14.14 -2.78 8.30
C PRO A 165 14.61 -1.65 7.42
N GLY A 166 14.77 -0.50 8.07
CA GLY A 166 15.24 0.69 7.38
C GLY A 166 15.21 1.90 8.29
N GLU A 167 14.99 3.08 7.70
CA GLU A 167 14.94 4.33 8.46
C GLU A 167 13.88 5.25 7.87
N THR A 168 13.92 6.53 8.25
CA THR A 168 12.96 7.51 7.75
C THR A 168 13.61 8.87 7.54
N GLY A 169 13.04 9.64 6.63
CA GLY A 169 13.54 10.97 6.31
C GLY A 169 12.54 11.72 5.47
N GLY A 170 11.51 12.23 6.14
CA GLY A 170 10.46 12.97 5.46
C GLY A 170 9.24 13.12 6.37
N ARG A 171 9.46 13.80 7.49
CA ARG A 171 8.41 14.01 8.47
C ARG A 171 7.46 15.13 8.04
N LEU A 172 7.84 15.85 6.99
CA LEU A 172 7.02 16.93 6.48
C LEU A 172 5.66 16.39 6.03
N ASN A 173 5.67 15.23 5.40
CA ASN A 173 4.44 14.58 4.93
C ASN A 173 3.86 15.32 3.72
N PRO A 174 4.65 15.54 2.70
CA PRO A 174 4.18 16.23 1.47
C PRO A 174 3.21 15.36 0.68
N SER A 175 3.21 14.06 0.99
CA SER A 175 2.34 13.09 0.32
C SER A 175 1.08 12.85 1.14
N GLU A 176 -0.06 13.09 0.49
CA GLU A 176 -1.35 12.94 1.11
C GLU A 176 -2.30 12.20 0.19
N ILE A 177 -3.61 12.28 0.48
CA ILE A 177 -4.64 11.63 -0.33
C ILE A 177 -5.48 12.68 -1.05
N ARG A 178 -5.68 12.51 -2.36
CA ARG A 178 -6.46 13.48 -3.15
C ARG A 178 -7.46 12.79 -4.07
N ASP A 179 -8.34 13.61 -4.63
CA ASP A 179 -9.36 13.12 -5.53
C ASP A 179 -8.78 12.92 -6.93
N ALA A 180 -8.60 11.66 -7.30
CA ALA A 180 -8.04 11.33 -8.59
C ALA A 180 -9.03 11.69 -9.70
N LEU A 181 -10.29 11.90 -9.32
CA LEU A 181 -11.32 12.26 -10.29
C LEU A 181 -11.00 13.59 -10.93
N THR A 182 -10.54 14.55 -10.11
CA THR A 182 -10.20 15.90 -10.57
C THR A 182 -8.69 16.11 -10.49
N GLY A 183 -8.10 15.69 -9.37
CA GLY A 183 -6.66 15.84 -9.18
C GLY A 183 -6.29 17.29 -8.92
N GLU A 184 -7.27 18.08 -8.51
CA GLU A 184 -7.06 19.49 -8.24
C GLU A 184 -6.19 19.67 -7.00
N LEU A 185 -5.36 20.70 -7.02
CA LEU A 185 -4.47 20.99 -5.91
C LEU A 185 -5.26 21.46 -4.69
N PHE A 186 -4.54 21.66 -3.58
CA PHE A 186 -5.17 22.11 -2.32
C PHE A 186 -4.52 23.41 -1.85
N ARG A 187 -3.74 24.04 -2.73
CA ARG A 187 -3.07 25.28 -2.40
C ARG A 187 -4.08 26.42 -2.32
N GLN A 188 -3.77 27.53 -2.98
CA GLN A 188 -4.66 28.69 -2.99
C GLN A 188 -5.95 28.37 -3.74
N GLY A 189 -5.81 27.62 -4.84
CA GLY A 189 -6.97 27.24 -5.64
C GLY A 189 -7.79 28.48 -6.03
N ASN A 1 24.71 -13.08 -3.06
CA ASN A 1 24.12 -13.88 -1.95
C ASN A 1 23.55 -12.95 -0.90
N ASN A 2 22.70 -12.02 -1.32
CA ASN A 2 22.08 -11.07 -0.39
C ASN A 2 20.87 -11.71 0.27
N ASN A 3 20.69 -11.44 1.57
CA ASN A 3 19.57 -12.00 2.31
C ASN A 3 18.34 -11.10 2.20
N LEU A 4 18.54 -9.91 1.64
CA LEU A 4 17.44 -8.97 1.47
C LEU A 4 16.39 -9.55 0.53
N GLN A 5 16.84 -10.17 -0.55
CA GLN A 5 15.93 -10.76 -1.52
C GLN A 5 15.15 -11.91 -0.87
N ARG A 6 15.86 -12.73 -0.11
CA ARG A 6 15.22 -13.87 0.56
C ARG A 6 14.23 -13.37 1.61
N ASP A 7 14.60 -12.30 2.31
CA ASP A 7 13.73 -11.74 3.33
C ASP A 7 12.43 -11.23 2.72
N ALA A 8 12.52 -10.52 1.60
CA ALA A 8 11.33 -10.01 0.94
C ALA A 8 10.44 -11.16 0.48
N ILE A 9 11.06 -12.16 -0.12
CA ILE A 9 10.33 -13.33 -0.59
C ILE A 9 9.71 -14.07 0.59
N ALA A 10 10.50 -14.20 1.66
CA ALA A 10 10.04 -14.89 2.86
C ALA A 10 8.79 -14.22 3.41
N ALA A 11 8.79 -12.89 3.41
CA ALA A 11 7.67 -12.12 3.92
C ALA A 11 6.41 -12.35 3.07
N ALA A 12 6.57 -12.30 1.76
CA ALA A 12 5.44 -12.50 0.85
C ALA A 12 4.79 -13.87 1.04
N ILE A 13 5.60 -14.93 1.01
CA ILE A 13 5.06 -16.28 1.16
C ILE A 13 4.55 -16.52 2.58
N ASP A 14 5.27 -16.01 3.57
CA ASP A 14 4.87 -16.21 4.95
C ASP A 14 3.46 -15.67 5.15
N VAL A 15 3.23 -14.42 4.78
CA VAL A 15 1.91 -13.84 4.93
C VAL A 15 0.89 -14.60 4.10
N LEU A 16 1.26 -15.00 2.90
CA LEU A 16 0.34 -15.72 2.04
C LEU A 16 -0.20 -16.93 2.81
N ASN A 17 0.70 -17.69 3.40
CA ASN A 17 0.31 -18.89 4.15
C ASN A 17 -0.19 -18.53 5.56
N GLU A 18 0.61 -17.75 6.29
CA GLU A 18 0.27 -17.37 7.64
C GLU A 18 -0.99 -16.50 7.67
N GLU A 19 -1.20 -15.73 6.60
CA GLU A 19 -2.37 -14.87 6.46
C GLU A 19 -2.48 -13.86 7.61
N ARG A 20 -1.79 -12.72 7.47
CA ARG A 20 -1.83 -11.67 8.49
C ARG A 20 -1.38 -10.33 7.88
N VAL A 21 -0.65 -9.55 8.68
CA VAL A 21 -0.14 -8.26 8.25
C VAL A 21 1.31 -8.11 8.76
N ILE A 22 2.21 -7.56 7.92
CA ILE A 22 3.64 -7.43 8.31
C ILE A 22 4.14 -6.01 8.11
N ALA A 23 5.28 -5.71 8.74
CA ALA A 23 5.87 -4.38 8.66
C ALA A 23 6.24 -4.00 7.22
N TYR A 24 5.76 -2.83 6.83
CA TYR A 24 6.01 -2.28 5.48
C TYR A 24 6.79 -0.96 5.65
N PRO A 25 7.78 -0.67 4.83
CA PRO A 25 8.56 0.60 4.96
C PRO A 25 7.82 1.77 4.32
N THR A 26 8.02 2.98 4.85
CA THR A 26 7.35 4.17 4.31
C THR A 26 8.33 5.32 4.20
N GLU A 27 8.19 6.08 3.11
CA GLU A 27 9.05 7.21 2.87
C GLU A 27 8.62 8.40 3.73
N ALA A 28 7.88 8.10 4.80
CA ALA A 28 7.38 9.15 5.70
C ALA A 28 7.11 8.59 7.10
N VAL A 29 6.03 7.83 7.24
CA VAL A 29 5.66 7.25 8.53
C VAL A 29 5.56 5.73 8.44
N PHE A 30 6.28 5.05 9.33
CA PHE A 30 6.27 3.60 9.36
C PHE A 30 4.86 3.05 9.44
N GLY A 31 4.64 1.91 8.77
CA GLY A 31 3.33 1.27 8.75
C GLY A 31 3.49 -0.23 8.50
N VAL A 32 2.37 -0.90 8.22
CA VAL A 32 2.37 -2.35 7.96
C VAL A 32 1.56 -2.63 6.70
N GLY A 33 1.64 -3.84 6.16
CA GLY A 33 0.88 -4.17 4.96
C GLY A 33 0.60 -5.65 4.84
N CYS A 34 -0.04 -6.05 3.73
CA CYS A 34 -0.39 -7.45 3.51
C CYS A 34 -0.47 -7.75 2.02
N ASP A 35 -1.05 -8.91 1.68
CA ASP A 35 -1.17 -9.33 0.28
C ASP A 35 -2.57 -9.05 -0.28
N PRO A 36 -2.75 -8.10 -1.22
CA PRO A 36 -4.08 -7.82 -1.83
C PRO A 36 -4.95 -9.05 -2.05
N ASP A 37 -6.20 -8.79 -2.37
CA ASP A 37 -7.16 -9.87 -2.61
C ASP A 37 -7.04 -10.96 -1.55
N SER A 38 -7.40 -10.62 -0.30
CA SER A 38 -7.32 -11.58 0.80
C SER A 38 -8.49 -11.39 1.76
N GLU A 39 -9.06 -12.51 2.21
CA GLU A 39 -10.18 -12.49 3.13
C GLU A 39 -9.71 -12.06 4.53
N THR A 40 -8.50 -12.45 4.87
CA THR A 40 -7.93 -12.14 6.19
C THR A 40 -7.77 -10.65 6.42
N ALA A 41 -7.23 -9.93 5.44
CA ALA A 41 -7.01 -8.50 5.60
C ALA A 41 -8.32 -7.74 5.79
N VAL A 42 -9.31 -8.03 4.94
CA VAL A 42 -10.61 -7.36 5.04
C VAL A 42 -11.26 -7.69 6.38
N MET A 43 -11.22 -8.97 6.76
CA MET A 43 -11.79 -9.39 8.04
C MET A 43 -11.03 -8.75 9.20
N ARG A 44 -9.72 -8.69 9.05
CA ARG A 44 -8.83 -8.10 10.03
C ARG A 44 -9.17 -6.63 10.23
N LEU A 45 -9.61 -5.98 9.16
CA LEU A 45 -9.99 -4.58 9.29
C LEU A 45 -11.35 -4.52 9.95
N LEU A 46 -12.31 -5.20 9.35
CA LEU A 46 -13.68 -5.22 9.87
C LEU A 46 -13.67 -5.70 11.32
N GLU A 47 -12.58 -6.34 11.70
CA GLU A 47 -12.46 -6.88 13.03
C GLU A 47 -12.39 -5.74 14.03
N LEU A 48 -11.19 -5.22 14.24
CA LEU A 48 -10.99 -4.12 15.16
C LEU A 48 -11.47 -2.78 14.63
N LYS A 49 -11.36 -2.55 13.30
CA LYS A 49 -11.75 -1.25 12.75
C LYS A 49 -13.26 -1.14 12.65
N GLN A 50 -13.83 -1.88 11.71
CA GLN A 50 -15.26 -1.86 11.49
C GLN A 50 -15.73 -0.41 11.29
N ARG A 51 -15.55 0.08 10.05
CA ARG A 51 -15.92 1.45 9.66
C ARG A 51 -15.14 1.82 8.37
N PRO A 52 -13.84 1.90 8.42
CA PRO A 52 -13.00 2.25 7.23
C PRO A 52 -13.06 1.16 6.16
N VAL A 53 -13.62 0.01 6.53
CA VAL A 53 -13.72 -1.09 5.59
C VAL A 53 -14.23 -0.60 4.24
N ASP A 54 -15.27 0.23 4.27
CA ASP A 54 -15.87 0.75 3.05
C ASP A 54 -14.89 1.71 2.35
N LYS A 55 -14.27 2.58 3.12
CA LYS A 55 -13.34 3.55 2.56
C LYS A 55 -12.17 2.84 1.87
N GLY A 56 -11.68 1.77 2.48
CA GLY A 56 -10.58 1.01 1.91
C GLY A 56 -9.27 1.78 2.00
N LEU A 57 -8.37 1.25 2.82
CA LEU A 57 -7.06 1.85 3.02
C LEU A 57 -6.36 2.15 1.70
N ILE A 58 -5.08 2.50 1.79
CA ILE A 58 -4.27 2.78 0.60
C ILE A 58 -3.42 1.57 0.26
N LEU A 59 -3.30 1.26 -1.02
CA LEU A 59 -2.55 0.09 -1.48
C LEU A 59 -1.32 0.55 -2.26
N ILE A 60 -0.18 -0.17 -2.13
CA ILE A 60 1.05 0.22 -2.85
C ILE A 60 1.40 -0.83 -3.91
N ALA A 61 1.60 -0.37 -5.14
CA ALA A 61 1.96 -1.23 -6.27
C ALA A 61 3.37 -0.90 -6.70
N ALA A 62 4.03 -1.87 -7.31
CA ALA A 62 5.40 -1.68 -7.78
C ALA A 62 5.45 -1.80 -9.27
N ASN A 63 4.49 -2.55 -9.84
CA ASN A 63 4.44 -2.75 -11.29
C ASN A 63 3.14 -2.22 -11.87
N TYR A 64 3.24 -1.69 -13.09
CA TYR A 64 2.09 -1.15 -13.79
C TYR A 64 1.19 -2.30 -14.24
N GLU A 65 1.72 -3.51 -14.16
CA GLU A 65 0.98 -4.69 -14.57
C GLU A 65 -0.39 -4.70 -13.94
N GLN A 66 -0.51 -4.18 -12.71
CA GLN A 66 -1.80 -4.15 -12.01
C GLN A 66 -2.55 -2.81 -12.19
N LEU A 67 -1.86 -1.76 -12.65
CA LEU A 67 -2.54 -0.46 -12.86
C LEU A 67 -3.02 -0.37 -14.30
N LYS A 68 -2.53 -1.29 -15.13
CA LYS A 68 -2.88 -1.32 -16.55
C LYS A 68 -4.23 -1.97 -16.82
N PRO A 69 -4.60 -3.02 -16.12
CA PRO A 69 -5.87 -3.72 -16.34
C PRO A 69 -6.90 -3.39 -15.27
N TYR A 70 -6.48 -2.59 -14.28
CA TYR A 70 -7.35 -2.21 -13.17
C TYR A 70 -7.99 -0.84 -13.42
N ILE A 71 -7.50 -0.12 -14.45
CA ILE A 71 -8.04 1.20 -14.80
C ILE A 71 -8.31 1.27 -16.31
N ASP A 72 -9.18 2.19 -16.72
CA ASP A 72 -9.49 2.35 -18.13
C ASP A 72 -8.30 2.95 -18.88
N ASP A 73 -8.29 2.78 -20.19
CA ASP A 73 -7.21 3.29 -21.03
C ASP A 73 -7.58 4.64 -21.62
N THR A 74 -8.70 5.20 -21.17
CA THR A 74 -9.16 6.51 -21.68
C THR A 74 -8.20 7.60 -21.25
N MET A 75 -7.82 7.58 -19.98
CA MET A 75 -6.91 8.57 -19.42
C MET A 75 -5.47 8.18 -19.68
N LEU A 76 -5.29 6.98 -20.24
CA LEU A 76 -3.95 6.46 -20.51
C LEU A 76 -3.52 6.77 -21.93
N THR A 77 -2.48 7.57 -22.05
CA THR A 77 -2.00 7.99 -23.36
C THR A 77 -0.51 8.35 -23.28
N ASP A 78 0.12 8.50 -24.43
CA ASP A 78 1.55 8.82 -24.50
C ASP A 78 1.92 9.88 -23.47
N VAL A 79 1.09 10.92 -23.38
CA VAL A 79 1.35 12.00 -22.43
C VAL A 79 1.29 11.49 -21.00
N GLN A 80 0.45 10.51 -20.74
CA GLN A 80 0.33 9.96 -19.39
C GLN A 80 1.61 9.26 -18.99
N ARG A 81 2.16 8.49 -19.91
CA ARG A 81 3.40 7.76 -19.67
C ARG A 81 4.49 8.75 -19.32
N GLU A 82 4.58 9.75 -20.16
CA GLU A 82 5.57 10.79 -19.97
C GLU A 82 5.40 11.43 -18.63
N THR A 83 4.16 11.80 -18.35
CA THR A 83 3.80 12.48 -17.13
C THR A 83 4.07 11.62 -15.89
N ILE A 84 3.61 10.37 -15.90
CA ILE A 84 3.81 9.51 -14.74
C ILE A 84 5.31 9.17 -14.60
N PHE A 85 6.00 9.11 -15.73
CA PHE A 85 7.44 8.80 -15.74
C PHE A 85 8.29 10.04 -15.44
N SER A 86 7.89 11.18 -16.01
CA SER A 86 8.63 12.43 -15.85
C SER A 86 8.37 13.07 -14.50
N ARG A 87 7.48 12.47 -13.70
CA ARG A 87 7.14 13.01 -12.38
C ARG A 87 7.42 11.95 -11.30
N TRP A 88 7.42 12.38 -10.03
CA TRP A 88 7.67 11.46 -8.92
C TRP A 88 6.91 10.15 -9.14
N PRO A 89 7.40 9.03 -8.63
CA PRO A 89 6.72 7.72 -8.81
C PRO A 89 5.39 7.66 -8.05
N GLY A 90 5.25 8.54 -7.06
CA GLY A 90 4.03 8.58 -6.26
C GLY A 90 4.12 9.64 -5.16
N PRO A 91 3.92 10.90 -5.48
CA PRO A 91 3.99 11.99 -4.48
C PRO A 91 2.71 12.11 -3.64
N VAL A 92 1.55 11.85 -4.28
CA VAL A 92 0.25 11.92 -3.60
C VAL A 92 -0.64 10.75 -3.99
N THR A 93 -1.51 10.33 -3.08
CA THR A 93 -2.42 9.21 -3.35
C THR A 93 -3.63 9.70 -4.14
N PHE A 94 -3.93 9.02 -5.25
CA PHE A 94 -5.05 9.40 -6.12
C PHE A 94 -6.11 8.29 -6.15
N VAL A 95 -7.38 8.68 -6.08
CA VAL A 95 -8.49 7.69 -6.14
C VAL A 95 -8.94 7.51 -7.57
N PHE A 96 -8.51 6.41 -8.15
CA PHE A 96 -8.85 6.12 -9.55
C PHE A 96 -10.25 5.51 -9.64
N PRO A 97 -11.03 5.82 -10.66
CA PRO A 97 -12.40 5.26 -10.81
C PRO A 97 -12.36 3.84 -11.36
N ALA A 98 -12.65 2.87 -10.52
CA ALA A 98 -12.64 1.48 -10.94
C ALA A 98 -13.74 1.25 -12.00
N PRO A 99 -13.60 0.23 -12.82
CA PRO A 99 -14.60 -0.06 -13.89
C PRO A 99 -15.94 -0.49 -13.32
N ALA A 100 -15.93 -0.94 -12.05
CA ALA A 100 -17.15 -1.39 -11.36
C ALA A 100 -17.33 -2.90 -11.54
N THR A 101 -16.81 -3.42 -12.64
CA THR A 101 -16.92 -4.84 -12.93
C THR A 101 -16.30 -5.66 -11.81
N THR A 102 -15.12 -5.25 -11.35
CA THR A 102 -14.45 -5.97 -10.28
C THR A 102 -15.43 -6.12 -9.10
N PRO A 103 -15.29 -7.15 -8.29
CA PRO A 103 -16.18 -7.41 -7.10
C PRO A 103 -16.73 -6.15 -6.43
N ARG A 104 -16.35 -5.92 -5.17
CA ARG A 104 -16.83 -4.74 -4.43
C ARG A 104 -16.22 -4.71 -3.02
N TRP A 105 -15.47 -5.75 -2.65
CA TRP A 105 -14.85 -5.79 -1.33
C TRP A 105 -13.60 -4.93 -1.29
N LEU A 106 -13.16 -4.47 -2.46
CA LEU A 106 -11.97 -3.63 -2.50
C LEU A 106 -12.29 -2.28 -1.87
N THR A 107 -13.54 -1.84 -2.05
CA THR A 107 -13.99 -0.56 -1.49
C THR A 107 -15.44 -0.70 -0.99
N GLY A 108 -16.29 -1.39 -1.73
CA GLY A 108 -17.68 -1.55 -1.32
C GLY A 108 -18.42 -0.22 -1.17
N ARG A 109 -17.68 0.90 -1.15
CA ARG A 109 -18.31 2.22 -1.03
C ARG A 109 -18.74 2.71 -2.40
N PHE A 110 -17.79 2.70 -3.35
CA PHE A 110 -18.06 3.15 -4.72
C PHE A 110 -17.09 2.48 -5.69
N ASP A 111 -17.20 2.84 -6.97
CA ASP A 111 -16.32 2.25 -8.00
C ASP A 111 -15.05 3.06 -8.16
N SER A 112 -14.37 3.32 -7.05
CA SER A 112 -13.12 4.07 -7.09
C SER A 112 -12.30 3.81 -5.84
N LEU A 113 -10.97 4.01 -5.90
CA LEU A 113 -10.14 3.75 -4.73
C LEU A 113 -8.73 4.39 -4.81
N ALA A 114 -8.31 4.88 -3.64
CA ALA A 114 -6.98 5.50 -3.44
C ALA A 114 -5.90 4.42 -3.54
N VAL A 115 -4.93 4.63 -4.42
CA VAL A 115 -3.83 3.69 -4.59
C VAL A 115 -2.57 4.46 -4.95
N ARG A 116 -1.41 3.84 -4.78
CA ARG A 116 -0.13 4.52 -5.06
C ARG A 116 0.89 3.54 -5.64
N VAL A 117 1.83 4.08 -6.42
CA VAL A 117 2.90 3.27 -7.04
C VAL A 117 4.25 3.81 -6.62
N THR A 118 5.16 2.90 -6.26
CA THR A 118 6.51 3.28 -5.85
C THR A 118 7.55 2.38 -6.52
N ASP A 119 8.73 2.94 -6.77
CA ASP A 119 9.81 2.21 -7.42
C ASP A 119 11.16 2.76 -6.97
N HIS A 120 11.58 2.38 -5.77
CA HIS A 120 12.84 2.87 -5.23
C HIS A 120 13.25 2.18 -3.92
N PRO A 121 12.34 1.83 -3.03
CA PRO A 121 12.70 1.18 -1.75
C PRO A 121 12.65 -0.34 -1.85
N LEU A 122 12.58 -1.00 -0.70
CA LEU A 122 12.52 -2.45 -0.66
C LEU A 122 11.11 -2.92 -0.98
N VAL A 123 10.22 -1.97 -1.13
CA VAL A 123 8.82 -2.28 -1.41
C VAL A 123 8.73 -3.08 -2.69
N VAL A 124 9.46 -2.66 -3.72
CA VAL A 124 9.44 -3.40 -4.98
C VAL A 124 9.75 -4.85 -4.68
N ALA A 125 10.93 -5.11 -4.17
CA ALA A 125 11.32 -6.47 -3.82
C ALA A 125 10.15 -7.21 -3.16
N LEU A 126 9.47 -6.56 -2.22
CA LEU A 126 8.33 -7.20 -1.55
C LEU A 126 7.17 -7.43 -2.53
N CYS A 127 6.79 -6.37 -3.24
CA CYS A 127 5.68 -6.46 -4.21
C CYS A 127 6.06 -7.30 -5.42
N GLN A 128 7.23 -7.02 -5.96
CA GLN A 128 7.74 -7.74 -7.12
C GLN A 128 7.75 -9.22 -6.79
N ALA A 129 8.18 -9.51 -5.58
CA ALA A 129 8.29 -10.88 -5.12
C ALA A 129 6.93 -11.55 -5.16
N TYR A 130 5.98 -10.89 -4.53
CA TYR A 130 4.62 -11.39 -4.49
C TYR A 130 4.06 -11.39 -5.89
N GLY A 131 4.66 -10.56 -6.72
CA GLY A 131 4.24 -10.42 -8.10
C GLY A 131 3.04 -9.50 -8.14
N LYS A 132 2.63 -8.96 -6.98
CA LYS A 132 1.49 -8.07 -6.92
C LYS A 132 1.65 -7.10 -5.72
N PRO A 133 0.95 -5.98 -5.75
CA PRO A 133 1.01 -4.93 -4.69
C PRO A 133 1.05 -5.49 -3.27
N LEU A 134 1.08 -4.56 -2.33
CA LEU A 134 1.05 -4.86 -0.90
C LEU A 134 0.04 -3.91 -0.27
N VAL A 135 -0.97 -4.41 0.43
CA VAL A 135 -1.92 -3.46 1.00
C VAL A 135 -1.21 -2.65 2.05
N SER A 136 -1.57 -1.37 2.16
CA SER A 136 -0.94 -0.47 3.14
C SER A 136 -1.90 -0.12 4.27
N THR A 137 -1.51 -0.44 5.51
CA THR A 137 -2.33 -0.17 6.69
C THR A 137 -1.47 0.49 7.77
N SER A 138 -2.12 1.21 8.68
CA SER A 138 -1.40 1.88 9.76
C SER A 138 -0.91 0.87 10.79
N ALA A 139 0.28 1.12 11.33
CA ALA A 139 0.85 0.22 12.32
C ALA A 139 0.02 0.18 13.59
N ASN A 140 -0.53 1.33 13.97
CA ASN A 140 -1.36 1.40 15.17
C ASN A 140 -2.43 0.34 15.16
N LEU A 141 -2.80 -0.10 16.36
CA LEU A 141 -3.79 -1.13 16.56
C LEU A 141 -4.97 -0.59 17.36
N SER A 142 -5.73 -1.48 18.00
CA SER A 142 -6.87 -1.08 18.80
C SER A 142 -6.42 -0.15 19.93
N GLY A 143 -5.31 -0.51 20.58
CA GLY A 143 -4.79 0.28 21.68
C GLY A 143 -3.34 -0.08 21.94
N LEU A 144 -2.75 -0.84 21.02
CA LEU A 144 -1.36 -1.25 21.16
C LEU A 144 -0.43 -0.26 20.44
N PRO A 145 0.60 0.28 21.08
CA PRO A 145 1.51 1.27 20.41
C PRO A 145 1.80 0.89 18.94
N PRO A 146 2.18 1.85 18.11
CA PRO A 146 2.49 1.60 16.67
C PRO A 146 3.85 0.93 16.47
N CYS A 147 4.31 0.93 15.21
CA CYS A 147 5.60 0.33 14.84
C CYS A 147 6.55 1.44 14.42
N ARG A 148 7.09 2.17 15.40
CA ARG A 148 7.98 3.27 15.09
C ARG A 148 9.12 2.82 14.20
N THR A 149 9.62 1.60 14.44
CA THR A 149 10.70 1.05 13.64
C THR A 149 10.68 -0.47 13.77
N VAL A 150 11.42 -1.15 12.92
CA VAL A 150 11.48 -2.58 12.97
C VAL A 150 11.95 -3.00 14.35
N ASP A 151 12.59 -2.09 15.06
CA ASP A 151 13.03 -2.37 16.40
C ASP A 151 11.78 -2.60 17.25
N GLU A 152 10.72 -1.86 16.90
CA GLU A 152 9.46 -1.99 17.61
C GLU A 152 8.91 -3.42 17.47
N VAL A 153 8.30 -3.71 16.31
CA VAL A 153 7.75 -5.04 15.99
C VAL A 153 8.61 -6.16 16.59
N ARG A 154 9.92 -5.93 16.62
CA ARG A 154 10.87 -6.93 17.13
C ARG A 154 10.70 -7.14 18.63
N ALA A 155 10.74 -6.06 19.38
CA ALA A 155 10.58 -6.15 20.83
C ALA A 155 9.16 -6.56 21.13
N GLN A 156 8.37 -6.37 20.11
CA GLN A 156 6.94 -6.65 20.13
C GLN A 156 6.64 -8.14 19.83
N PHE A 157 7.29 -8.68 18.81
CA PHE A 157 7.05 -10.08 18.41
C PHE A 157 8.37 -10.86 18.26
N GLY A 158 9.43 -10.14 17.92
CA GLY A 158 10.75 -10.76 17.72
C GLY A 158 10.97 -11.08 16.25
N ALA A 159 10.27 -10.34 15.39
CA ALA A 159 10.38 -10.53 13.95
C ALA A 159 11.84 -10.69 13.53
N ALA A 160 12.45 -9.59 13.09
CA ALA A 160 13.84 -9.65 12.63
C ALA A 160 13.93 -10.58 11.42
N PHE A 161 12.88 -10.56 10.61
CA PHE A 161 12.81 -11.41 9.42
C PHE A 161 11.54 -11.05 8.62
N PRO A 162 10.36 -11.22 9.17
CA PRO A 162 9.09 -10.86 8.48
C PRO A 162 8.91 -9.35 8.44
N VAL A 163 10.03 -8.64 8.48
CA VAL A 163 10.06 -7.17 8.48
C VAL A 163 10.97 -6.65 7.39
N VAL A 164 10.88 -5.34 7.11
CA VAL A 164 11.71 -4.69 6.11
C VAL A 164 12.53 -3.53 6.73
N PRO A 165 13.44 -3.84 7.63
CA PRO A 165 14.31 -2.82 8.31
C PRO A 165 14.77 -1.69 7.43
N GLY A 166 14.85 -0.53 8.06
CA GLY A 166 15.30 0.67 7.37
C GLY A 166 14.95 1.92 8.16
N GLU A 167 15.26 3.08 7.60
CA GLU A 167 14.98 4.36 8.25
C GLU A 167 14.54 5.38 7.20
N THR A 168 13.74 6.37 7.64
CA THR A 168 13.26 7.40 6.72
C THR A 168 13.14 8.75 7.43
N GLY A 169 13.21 9.82 6.63
CA GLY A 169 13.11 11.17 7.17
C GLY A 169 12.54 12.12 6.13
N GLY A 170 11.22 12.08 6.02
CA GLY A 170 10.51 12.93 5.06
C GLY A 170 9.01 12.91 5.38
N ARG A 171 8.65 13.50 6.52
CA ARG A 171 7.25 13.54 6.95
C ARG A 171 6.58 14.83 6.48
N LEU A 172 7.31 15.64 5.71
CA LEU A 172 6.77 16.88 5.19
C LEU A 172 5.58 16.58 4.28
N ASN A 173 5.76 15.62 3.39
CA ASN A 173 4.71 15.20 2.45
C ASN A 173 4.34 13.73 2.69
N PRO A 174 3.39 13.45 3.57
CA PRO A 174 3.00 12.04 3.88
C PRO A 174 2.13 11.44 2.77
N SER A 175 1.73 12.28 1.82
CA SER A 175 0.90 11.84 0.70
C SER A 175 -0.57 11.76 1.10
N GLU A 176 -1.32 12.74 0.65
CA GLU A 176 -2.74 12.84 0.92
C GLU A 176 -3.56 12.13 -0.14
N ILE A 177 -4.88 12.18 -0.01
CA ILE A 177 -5.78 11.54 -0.98
C ILE A 177 -6.57 12.59 -1.77
N ARG A 178 -6.48 12.52 -3.11
CA ARG A 178 -7.19 13.47 -3.99
C ARG A 178 -8.12 12.75 -4.95
N ASP A 179 -9.05 13.52 -5.49
CA ASP A 179 -9.99 12.98 -6.45
C ASP A 179 -9.28 12.88 -7.79
N ALA A 180 -8.96 11.65 -8.16
CA ALA A 180 -8.25 11.43 -9.40
C ALA A 180 -9.11 11.78 -10.61
N LEU A 181 -10.41 11.95 -10.36
CA LEU A 181 -11.34 12.30 -11.43
C LEU A 181 -10.98 13.67 -12.01
N THR A 182 -10.65 14.62 -11.13
CA THR A 182 -10.29 15.99 -11.57
C THR A 182 -8.87 16.34 -11.12
N GLY A 183 -8.53 15.99 -9.88
CA GLY A 183 -7.20 16.28 -9.36
C GLY A 183 -6.97 17.79 -9.30
N GLU A 184 -8.06 18.55 -9.20
CA GLU A 184 -7.97 19.99 -9.14
C GLU A 184 -7.51 20.45 -7.77
N LEU A 185 -6.93 21.65 -7.74
CA LEU A 185 -6.44 22.23 -6.50
C LEU A 185 -7.60 22.65 -5.61
N PHE A 186 -7.29 23.14 -4.41
CA PHE A 186 -8.32 23.58 -3.46
C PHE A 186 -8.38 25.10 -3.38
N ARG A 187 -7.43 25.77 -4.03
CA ARG A 187 -7.41 27.22 -4.03
C ARG A 187 -8.50 27.78 -4.94
N GLN A 188 -9.20 28.81 -4.45
CA GLN A 188 -10.28 29.46 -5.21
C GLN A 188 -10.10 30.98 -5.16
N GLY A 189 -10.01 31.58 -6.35
CA GLY A 189 -9.84 33.02 -6.46
C GLY A 189 -11.12 33.76 -6.07
N ASN A 1 21.77 -15.71 -4.10
CA ASN A 1 20.74 -14.64 -3.96
C ASN A 1 21.14 -13.70 -2.83
N ASN A 2 20.62 -12.47 -2.88
CA ASN A 2 20.93 -11.47 -1.85
C ASN A 2 20.07 -11.72 -0.62
N ASN A 3 20.62 -11.40 0.55
CA ASN A 3 19.87 -11.59 1.79
C ASN A 3 18.63 -10.71 1.83
N LEU A 4 18.78 -9.47 1.37
CA LEU A 4 17.66 -8.55 1.34
C LEU A 4 16.57 -9.06 0.40
N GLN A 5 16.98 -9.58 -0.76
CA GLN A 5 16.02 -10.10 -1.73
C GLN A 5 15.26 -11.27 -1.12
N ARG A 6 16.00 -12.21 -0.55
CA ARG A 6 15.39 -13.38 0.06
C ARG A 6 14.42 -12.96 1.16
N ASP A 7 14.82 -11.96 1.95
CA ASP A 7 13.96 -11.47 3.02
C ASP A 7 12.65 -10.94 2.47
N ALA A 8 12.72 -10.17 1.39
CA ALA A 8 11.50 -9.62 0.77
C ALA A 8 10.63 -10.76 0.26
N ILE A 9 11.25 -11.72 -0.40
CA ILE A 9 10.54 -12.88 -0.93
C ILE A 9 9.95 -13.65 0.24
N ALA A 10 10.75 -13.81 1.29
CA ALA A 10 10.29 -14.53 2.47
C ALA A 10 9.02 -13.90 3.04
N ALA A 11 9.01 -12.56 3.06
CA ALA A 11 7.85 -11.82 3.57
C ALA A 11 6.60 -12.12 2.74
N ALA A 12 6.74 -12.06 1.43
CA ALA A 12 5.60 -12.29 0.55
C ALA A 12 5.01 -13.70 0.74
N ILE A 13 5.85 -14.72 0.64
CA ILE A 13 5.38 -16.09 0.78
C ILE A 13 4.90 -16.37 2.21
N ASP A 14 5.59 -15.81 3.18
CA ASP A 14 5.21 -16.03 4.56
C ASP A 14 3.78 -15.56 4.79
N VAL A 15 3.47 -14.33 4.38
CA VAL A 15 2.11 -13.84 4.57
C VAL A 15 1.12 -14.68 3.80
N LEU A 16 1.49 -15.08 2.60
CA LEU A 16 0.58 -15.89 1.80
C LEU A 16 0.12 -17.10 2.61
N ASN A 17 1.09 -17.81 3.17
CA ASN A 17 0.81 -19.00 3.98
C ASN A 17 0.31 -18.63 5.39
N GLU A 18 1.02 -17.72 6.06
CA GLU A 18 0.67 -17.32 7.41
C GLU A 18 -0.65 -16.56 7.42
N GLU A 19 -0.92 -15.88 6.32
CA GLU A 19 -2.16 -15.11 6.17
C GLU A 19 -2.31 -14.08 7.28
N ARG A 20 -1.35 -13.16 7.37
CA ARG A 20 -1.40 -12.11 8.40
C ARG A 20 -0.64 -10.87 7.92
N VAL A 21 -0.94 -9.73 8.53
CA VAL A 21 -0.32 -8.46 8.17
C VAL A 21 1.11 -8.35 8.73
N ILE A 22 2.05 -7.82 7.91
CA ILE A 22 3.46 -7.66 8.34
C ILE A 22 3.91 -6.21 8.17
N ALA A 23 5.06 -5.86 8.76
CA ALA A 23 5.58 -4.51 8.69
C ALA A 23 5.93 -4.12 7.25
N TYR A 24 5.51 -2.92 6.86
CA TYR A 24 5.74 -2.38 5.52
C TYR A 24 6.39 -0.98 5.68
N PRO A 25 7.38 -0.61 4.89
CA PRO A 25 8.03 0.72 5.05
C PRO A 25 7.22 1.83 4.40
N THR A 26 7.30 3.05 4.94
CA THR A 26 6.55 4.19 4.41
C THR A 26 7.48 5.38 4.20
N GLU A 27 7.29 6.10 3.10
CA GLU A 27 8.11 7.27 2.81
C GLU A 27 7.66 8.45 3.66
N ALA A 28 6.97 8.15 4.77
CA ALA A 28 6.46 9.20 5.67
C ALA A 28 6.28 8.66 7.09
N VAL A 29 5.23 7.86 7.29
CA VAL A 29 4.93 7.30 8.62
C VAL A 29 4.85 5.77 8.54
N PHE A 30 5.60 5.12 9.41
CA PHE A 30 5.63 3.66 9.45
C PHE A 30 4.22 3.09 9.34
N GLY A 31 4.13 1.91 8.72
CA GLY A 31 2.85 1.25 8.54
C GLY A 31 3.05 -0.25 8.34
N VAL A 32 1.95 -0.95 8.04
CA VAL A 32 1.99 -2.40 7.81
C VAL A 32 1.23 -2.72 6.52
N GLY A 33 1.34 -3.97 6.03
CA GLY A 33 0.65 -4.31 4.79
C GLY A 33 0.42 -5.82 4.66
N CYS A 34 -0.24 -6.20 3.55
CA CYS A 34 -0.56 -7.61 3.30
C CYS A 34 -0.67 -7.87 1.79
N ASP A 35 -1.28 -8.98 1.41
CA ASP A 35 -1.43 -9.35 0.00
C ASP A 35 -2.84 -9.05 -0.56
N PRO A 36 -3.01 -8.08 -1.46
CA PRO A 36 -4.34 -7.77 -2.08
C PRO A 36 -5.21 -8.99 -2.33
N ASP A 37 -6.45 -8.70 -2.69
CA ASP A 37 -7.43 -9.74 -2.98
C ASP A 37 -7.33 -10.88 -1.98
N SER A 38 -7.79 -10.64 -0.76
CA SER A 38 -7.76 -11.65 0.30
C SER A 38 -8.89 -11.43 1.29
N GLU A 39 -9.47 -12.53 1.76
CA GLU A 39 -10.57 -12.48 2.70
C GLU A 39 -10.08 -12.01 4.07
N THR A 40 -8.83 -12.31 4.38
CA THR A 40 -8.26 -11.95 5.67
C THR A 40 -8.25 -10.44 5.88
N ALA A 41 -7.89 -9.67 4.85
CA ALA A 41 -7.84 -8.22 4.98
C ALA A 41 -9.20 -7.65 5.40
N VAL A 42 -10.25 -8.01 4.67
CA VAL A 42 -11.59 -7.52 4.98
C VAL A 42 -12.04 -8.00 6.37
N MET A 43 -11.83 -9.28 6.65
CA MET A 43 -12.23 -9.84 7.94
C MET A 43 -11.40 -9.27 9.11
N ARG A 44 -10.08 -9.20 8.95
CA ARG A 44 -9.21 -8.70 10.03
C ARG A 44 -9.50 -7.23 10.31
N LEU A 45 -9.94 -6.51 9.28
CA LEU A 45 -10.27 -5.10 9.48
C LEU A 45 -11.61 -5.01 10.22
N LEU A 46 -12.65 -5.54 9.62
CA LEU A 46 -13.97 -5.50 10.22
C LEU A 46 -13.91 -6.04 11.64
N GLU A 47 -12.91 -6.84 11.91
CA GLU A 47 -12.75 -7.44 13.19
C GLU A 47 -12.58 -6.35 14.25
N LEU A 48 -11.35 -5.91 14.43
CA LEU A 48 -11.05 -4.87 15.40
C LEU A 48 -11.45 -3.47 14.93
N LYS A 49 -11.35 -3.19 13.62
CA LYS A 49 -11.65 -1.84 13.13
C LYS A 49 -13.15 -1.59 13.10
N GLN A 50 -13.84 -2.25 12.17
CA GLN A 50 -15.27 -2.11 12.05
C GLN A 50 -15.63 -0.62 11.93
N ARG A 51 -15.46 -0.10 10.71
CA ARG A 51 -15.73 1.32 10.38
C ARG A 51 -15.02 1.68 9.06
N PRO A 52 -13.70 1.63 9.03
CA PRO A 52 -12.90 1.95 7.80
C PRO A 52 -13.10 0.92 6.70
N VAL A 53 -13.74 -0.20 7.04
CA VAL A 53 -13.96 -1.26 6.06
C VAL A 53 -14.43 -0.68 4.73
N ASP A 54 -15.43 0.19 4.79
CA ASP A 54 -15.98 0.78 3.59
C ASP A 54 -14.97 1.72 2.93
N LYS A 55 -14.28 2.51 3.75
CA LYS A 55 -13.30 3.45 3.24
C LYS A 55 -12.21 2.71 2.47
N GLY A 56 -11.77 1.58 3.01
CA GLY A 56 -10.74 0.80 2.35
C GLY A 56 -9.40 1.53 2.40
N LEU A 57 -8.48 0.95 3.14
CA LEU A 57 -7.16 1.53 3.29
C LEU A 57 -6.51 1.88 1.96
N ILE A 58 -5.23 2.23 2.01
CA ILE A 58 -4.45 2.57 0.82
C ILE A 58 -3.68 1.33 0.37
N LEU A 59 -3.45 1.19 -0.93
CA LEU A 59 -2.72 0.03 -1.47
C LEU A 59 -1.51 0.52 -2.27
N ILE A 60 -0.37 -0.21 -2.18
CA ILE A 60 0.85 0.19 -2.92
C ILE A 60 1.20 -0.85 -3.99
N ALA A 61 1.44 -0.36 -5.22
CA ALA A 61 1.81 -1.21 -6.35
C ALA A 61 3.22 -0.85 -6.77
N ALA A 62 3.88 -1.75 -7.48
CA ALA A 62 5.25 -1.53 -7.93
C ALA A 62 5.32 -1.70 -9.44
N ASN A 63 4.39 -2.48 -9.98
CA ASN A 63 4.35 -2.72 -11.44
C ASN A 63 3.07 -2.18 -12.06
N TYR A 64 3.22 -1.32 -13.07
CA TYR A 64 2.07 -0.76 -13.74
C TYR A 64 1.22 -1.88 -14.31
N GLU A 65 1.81 -3.08 -14.33
CA GLU A 65 1.12 -4.25 -14.84
C GLU A 65 -0.26 -4.39 -14.23
N GLN A 66 -0.39 -3.97 -12.97
CA GLN A 66 -1.67 -4.07 -12.27
C GLN A 66 -2.49 -2.75 -12.34
N LEU A 67 -1.88 -1.65 -12.80
CA LEU A 67 -2.63 -0.38 -12.91
C LEU A 67 -3.22 -0.27 -14.31
N LYS A 68 -2.73 -1.11 -15.21
CA LYS A 68 -3.18 -1.09 -16.61
C LYS A 68 -4.51 -1.81 -16.80
N PRO A 69 -4.77 -2.92 -16.13
CA PRO A 69 -6.03 -3.68 -16.28
C PRO A 69 -6.98 -3.42 -15.11
N TYR A 70 -6.53 -2.66 -14.13
CA TYR A 70 -7.33 -2.36 -12.93
C TYR A 70 -8.04 -1.01 -13.09
N ILE A 71 -7.67 -0.25 -14.12
CA ILE A 71 -8.30 1.05 -14.41
C ILE A 71 -8.56 1.17 -15.91
N ASP A 72 -9.40 2.12 -16.30
CA ASP A 72 -9.68 2.32 -17.71
C ASP A 72 -8.44 2.82 -18.43
N ASP A 73 -8.43 2.66 -19.74
CA ASP A 73 -7.30 3.08 -20.58
C ASP A 73 -7.54 4.48 -21.14
N THR A 74 -8.55 5.16 -20.62
CA THR A 74 -8.88 6.50 -21.08
C THR A 74 -7.84 7.49 -20.58
N MET A 75 -7.43 7.31 -19.33
CA MET A 75 -6.43 8.18 -18.71
C MET A 75 -5.02 7.70 -19.05
N LEU A 76 -4.92 6.44 -19.48
CA LEU A 76 -3.63 5.84 -19.81
C LEU A 76 -3.33 5.96 -21.30
N THR A 77 -2.25 6.65 -21.61
CA THR A 77 -1.86 6.89 -22.97
C THR A 77 -0.37 7.20 -23.06
N ASP A 78 0.21 7.06 -24.25
CA ASP A 78 1.63 7.31 -24.46
C ASP A 78 2.13 8.50 -23.65
N VAL A 79 1.41 9.61 -23.71
CA VAL A 79 1.81 10.81 -22.98
C VAL A 79 1.80 10.54 -21.47
N GLN A 80 0.86 9.71 -21.02
CA GLN A 80 0.74 9.40 -19.60
C GLN A 80 1.97 8.62 -19.11
N ARG A 81 2.44 7.70 -19.94
CA ARG A 81 3.60 6.89 -19.59
C ARG A 81 4.80 7.79 -19.44
N GLU A 82 5.01 8.56 -20.48
CA GLU A 82 6.14 9.48 -20.51
C GLU A 82 6.09 10.39 -19.33
N THR A 83 4.93 10.98 -19.14
CA THR A 83 4.73 11.92 -18.06
C THR A 83 4.95 11.29 -16.70
N ILE A 84 4.31 10.15 -16.43
CA ILE A 84 4.50 9.51 -15.13
C ILE A 84 5.94 9.03 -15.00
N PHE A 85 6.50 8.57 -16.12
CA PHE A 85 7.88 8.13 -16.12
C PHE A 85 8.82 9.30 -15.90
N SER A 86 8.49 10.43 -16.53
CA SER A 86 9.31 11.63 -16.41
C SER A 86 8.94 12.43 -15.17
N ARG A 87 7.74 12.16 -14.63
CA ARG A 87 7.25 12.85 -13.44
C ARG A 87 7.36 11.95 -12.21
N TRP A 88 7.52 12.58 -11.04
CA TRP A 88 7.63 11.86 -9.77
C TRP A 88 6.77 10.58 -9.77
N PRO A 89 7.13 9.58 -9.01
CA PRO A 89 6.35 8.30 -8.95
C PRO A 89 4.98 8.53 -8.33
N GLY A 90 4.84 9.65 -7.63
CA GLY A 90 3.57 10.02 -6.98
C GLY A 90 3.57 9.68 -5.49
N PRO A 91 4.36 10.37 -4.70
CA PRO A 91 4.45 10.14 -3.23
C PRO A 91 3.07 10.22 -2.57
N VAL A 92 2.25 11.16 -3.03
CA VAL A 92 0.91 11.34 -2.50
C VAL A 92 -0.04 10.30 -3.08
N THR A 93 -1.01 9.89 -2.27
CA THR A 93 -1.99 8.89 -2.69
C THR A 93 -3.17 9.56 -3.40
N PHE A 94 -3.70 8.88 -4.42
CA PHE A 94 -4.83 9.38 -5.21
C PHE A 94 -5.95 8.34 -5.27
N VAL A 95 -7.21 8.80 -5.17
CA VAL A 95 -8.38 7.88 -5.25
C VAL A 95 -8.88 7.81 -6.68
N PHE A 96 -8.51 6.73 -7.34
CA PHE A 96 -8.86 6.53 -8.76
C PHE A 96 -10.18 5.77 -8.92
N PRO A 97 -10.91 6.00 -9.99
CA PRO A 97 -12.19 5.26 -10.23
C PRO A 97 -11.90 3.78 -10.52
N ALA A 98 -12.76 2.90 -10.02
CA ALA A 98 -12.59 1.45 -10.21
C ALA A 98 -13.76 0.89 -11.06
N PRO A 99 -13.49 0.34 -12.26
CA PRO A 99 -14.59 -0.21 -13.11
C PRO A 99 -15.56 -1.10 -12.32
N ALA A 100 -16.69 -1.42 -12.95
CA ALA A 100 -17.69 -2.27 -12.30
C ALA A 100 -17.27 -3.73 -12.37
N THR A 101 -16.45 -4.06 -13.36
CA THR A 101 -15.99 -5.44 -13.52
C THR A 101 -15.10 -5.85 -12.35
N THR A 102 -14.35 -4.88 -11.82
CA THR A 102 -13.48 -5.14 -10.69
C THR A 102 -14.32 -5.40 -9.43
N PRO A 103 -13.77 -6.04 -8.40
CA PRO A 103 -14.53 -6.31 -7.12
C PRO A 103 -15.27 -5.08 -6.57
N ARG A 104 -15.56 -5.13 -5.27
CA ARG A 104 -16.28 -4.03 -4.62
C ARG A 104 -16.23 -4.19 -3.10
N TRP A 105 -15.69 -5.30 -2.64
CA TRP A 105 -15.58 -5.56 -1.20
C TRP A 105 -14.33 -4.90 -0.68
N LEU A 106 -13.54 -4.41 -1.62
CA LEU A 106 -12.29 -3.74 -1.31
C LEU A 106 -12.56 -2.31 -0.85
N THR A 107 -13.76 -1.82 -1.13
CA THR A 107 -14.17 -0.49 -0.74
C THR A 107 -15.66 -0.49 -0.39
N GLY A 108 -16.46 -1.14 -1.23
CA GLY A 108 -17.90 -1.23 -1.00
C GLY A 108 -18.55 0.15 -0.74
N ARG A 109 -17.76 1.22 -0.72
CA ARG A 109 -18.30 2.57 -0.48
C ARG A 109 -18.73 3.19 -1.81
N PHE A 110 -17.78 3.23 -2.75
CA PHE A 110 -18.05 3.80 -4.08
C PHE A 110 -17.09 3.20 -5.11
N ASP A 111 -17.33 3.55 -6.37
CA ASP A 111 -16.50 3.03 -7.46
C ASP A 111 -15.17 3.78 -7.55
N SER A 112 -14.46 3.90 -6.43
CA SER A 112 -13.18 4.59 -6.41
C SER A 112 -12.36 4.14 -5.20
N LEU A 113 -11.04 4.34 -5.25
CA LEU A 113 -10.21 3.92 -4.12
C LEU A 113 -8.77 4.48 -4.16
N ALA A 114 -8.32 4.85 -2.95
CA ALA A 114 -6.98 5.39 -2.70
C ALA A 114 -5.91 4.32 -2.94
N VAL A 115 -5.11 4.52 -3.99
CA VAL A 115 -4.03 3.58 -4.34
C VAL A 115 -2.84 4.37 -4.87
N ARG A 116 -1.64 3.77 -4.85
CA ARG A 116 -0.45 4.48 -5.34
C ARG A 116 0.64 3.50 -5.80
N VAL A 117 1.58 4.02 -6.60
CA VAL A 117 2.71 3.24 -7.11
C VAL A 117 4.02 3.87 -6.66
N THR A 118 4.98 3.02 -6.26
CA THR A 118 6.30 3.51 -5.81
C THR A 118 7.41 2.72 -6.49
N ASP A 119 8.55 3.36 -6.68
CA ASP A 119 9.70 2.72 -7.32
C ASP A 119 11.00 3.32 -6.80
N HIS A 120 11.43 2.87 -5.63
CA HIS A 120 12.65 3.38 -5.03
C HIS A 120 13.10 2.61 -3.79
N PRO A 121 12.19 2.14 -2.94
CA PRO A 121 12.58 1.40 -1.71
C PRO A 121 12.55 -0.11 -1.91
N LEU A 122 12.54 -0.82 -0.79
CA LEU A 122 12.50 -2.27 -0.83
C LEU A 122 11.08 -2.74 -1.10
N VAL A 123 10.18 -1.80 -1.17
CA VAL A 123 8.78 -2.12 -1.42
C VAL A 123 8.66 -2.88 -2.71
N VAL A 124 9.33 -2.40 -3.76
CA VAL A 124 9.27 -3.09 -5.04
C VAL A 124 9.63 -4.54 -4.83
N ALA A 125 10.83 -4.80 -4.38
CA ALA A 125 11.28 -6.16 -4.13
C ALA A 125 10.17 -6.97 -3.45
N LEU A 126 9.49 -6.40 -2.48
CA LEU A 126 8.41 -7.09 -1.79
C LEU A 126 7.19 -7.27 -2.71
N CYS A 127 6.80 -6.18 -3.38
CA CYS A 127 5.64 -6.23 -4.28
C CYS A 127 5.97 -7.03 -5.53
N GLN A 128 7.11 -6.71 -6.12
CA GLN A 128 7.59 -7.38 -7.31
C GLN A 128 7.65 -8.87 -7.04
N ALA A 129 8.13 -9.19 -5.84
CA ALA A 129 8.29 -10.57 -5.44
C ALA A 129 6.95 -11.27 -5.49
N TYR A 130 5.99 -10.69 -4.81
CA TYR A 130 4.64 -11.25 -4.77
C TYR A 130 4.08 -11.24 -6.16
N GLY A 131 4.66 -10.39 -7.01
CA GLY A 131 4.21 -10.26 -8.37
C GLY A 131 2.99 -9.36 -8.41
N LYS A 132 2.57 -8.87 -7.23
CA LYS A 132 1.41 -8.00 -7.16
C LYS A 132 1.53 -7.06 -5.94
N PRO A 133 0.81 -5.95 -5.95
CA PRO A 133 0.84 -4.94 -4.86
C PRO A 133 0.85 -5.54 -3.46
N LEU A 134 0.88 -4.63 -2.50
CA LEU A 134 0.84 -4.96 -1.10
C LEU A 134 -0.16 -4.01 -0.45
N VAL A 135 -1.18 -4.52 0.23
CA VAL A 135 -2.13 -3.60 0.83
C VAL A 135 -1.39 -2.83 1.90
N SER A 136 -1.75 -1.56 2.10
CA SER A 136 -1.08 -0.73 3.12
C SER A 136 -2.08 -0.28 4.19
N THR A 137 -1.70 -0.50 5.46
CA THR A 137 -2.56 -0.12 6.60
C THR A 137 -1.76 0.69 7.61
N SER A 138 -2.46 1.40 8.48
CA SER A 138 -1.80 2.21 9.50
C SER A 138 -1.19 1.32 10.57
N ALA A 139 -0.08 1.77 11.13
CA ALA A 139 0.62 1.01 12.16
C ALA A 139 -0.26 0.85 13.39
N ASN A 140 -1.02 1.89 13.73
CA ASN A 140 -1.89 1.84 14.91
C ASN A 140 -2.81 0.64 14.85
N LEU A 141 -3.28 0.25 16.03
CA LEU A 141 -4.16 -0.90 16.20
C LEU A 141 -5.36 -0.52 17.08
N SER A 142 -5.99 -1.53 17.68
CA SER A 142 -7.15 -1.28 18.54
C SER A 142 -6.75 -0.40 19.71
N GLY A 143 -5.61 -0.69 20.31
CA GLY A 143 -5.11 0.08 21.44
C GLY A 143 -3.66 -0.24 21.71
N LEU A 144 -3.03 -0.92 20.77
CA LEU A 144 -1.63 -1.30 20.90
C LEU A 144 -0.74 -0.19 20.30
N PRO A 145 0.26 0.32 21.02
CA PRO A 145 1.14 1.39 20.48
C PRO A 145 1.49 1.16 19.00
N PRO A 146 1.80 2.21 18.26
CA PRO A 146 2.14 2.10 16.83
C PRO A 146 3.56 1.54 16.61
N CYS A 147 3.79 0.99 15.42
CA CYS A 147 5.08 0.45 15.06
C CYS A 147 5.97 1.60 14.63
N ARG A 148 6.44 2.34 15.62
CA ARG A 148 7.28 3.50 15.34
C ARG A 148 8.48 3.11 14.48
N THR A 149 9.01 1.92 14.70
CA THR A 149 10.13 1.43 13.90
C THR A 149 10.16 -0.08 14.00
N VAL A 150 10.97 -0.72 13.17
CA VAL A 150 11.07 -2.13 13.18
C VAL A 150 11.53 -2.57 14.57
N ASP A 151 12.19 -1.67 15.28
CA ASP A 151 12.63 -1.97 16.63
C ASP A 151 11.40 -2.18 17.49
N GLU A 152 10.28 -1.61 17.05
CA GLU A 152 9.03 -1.74 17.77
C GLU A 152 8.54 -3.19 17.65
N VAL A 153 7.94 -3.52 16.50
CA VAL A 153 7.47 -4.87 16.19
C VAL A 153 8.40 -5.93 16.78
N ARG A 154 9.68 -5.57 16.88
CA ARG A 154 10.69 -6.49 17.42
C ARG A 154 10.53 -6.64 18.93
N ALA A 155 10.48 -5.53 19.64
CA ALA A 155 10.32 -5.59 21.10
C ALA A 155 8.95 -6.14 21.39
N GLN A 156 8.13 -6.01 20.36
CA GLN A 156 6.74 -6.43 20.38
C GLN A 156 6.60 -7.94 20.09
N PHE A 157 7.33 -8.43 19.08
CA PHE A 157 7.23 -9.85 18.68
C PHE A 157 8.61 -10.49 18.56
N GLY A 158 9.61 -9.67 18.27
CA GLY A 158 10.98 -10.17 18.10
C GLY A 158 11.25 -10.50 16.63
N ALA A 159 10.52 -9.84 15.75
CA ALA A 159 10.67 -10.04 14.33
C ALA A 159 12.14 -10.11 13.93
N ALA A 160 12.68 -8.98 13.47
CA ALA A 160 14.07 -8.93 13.04
C ALA A 160 14.24 -9.85 11.83
N PHE A 161 13.20 -9.94 11.02
CA PHE A 161 13.22 -10.78 9.84
C PHE A 161 11.93 -10.58 9.03
N PRO A 162 10.77 -10.87 9.58
CA PRO A 162 9.48 -10.64 8.87
C PRO A 162 9.16 -9.14 8.79
N VAL A 163 10.22 -8.33 8.77
CA VAL A 163 10.10 -6.87 8.74
C VAL A 163 10.98 -6.27 7.65
N VAL A 164 10.75 -4.98 7.34
CA VAL A 164 11.54 -4.26 6.33
C VAL A 164 12.22 -3.04 6.94
N PRO A 165 13.15 -3.23 7.86
CA PRO A 165 13.90 -2.13 8.52
C PRO A 165 14.20 -0.93 7.65
N GLY A 166 14.05 0.24 8.26
CA GLY A 166 14.33 1.47 7.58
C GLY A 166 13.83 2.66 8.38
N GLU A 167 14.14 3.87 7.92
CA GLU A 167 13.72 5.09 8.61
C GLU A 167 13.71 6.27 7.66
N THR A 168 12.74 7.18 7.86
CA THR A 168 12.64 8.37 7.02
C THR A 168 12.07 9.54 7.82
N GLY A 169 12.44 10.75 7.40
CA GLY A 169 11.98 11.95 8.08
C GLY A 169 10.45 12.06 8.03
N GLY A 170 9.93 12.43 6.87
CA GLY A 170 8.50 12.59 6.70
C GLY A 170 8.08 13.93 7.25
N ARG A 171 9.08 14.79 7.38
CA ARG A 171 8.90 16.13 7.91
C ARG A 171 8.08 16.99 6.95
N LEU A 172 8.34 16.83 5.65
CA LEU A 172 7.66 17.62 4.64
C LEU A 172 6.15 17.39 4.67
N ASN A 173 5.73 16.12 4.73
CA ASN A 173 4.31 15.79 4.75
C ASN A 173 3.53 16.67 3.76
N PRO A 174 3.84 16.56 2.48
CA PRO A 174 3.18 17.38 1.43
C PRO A 174 1.71 17.01 1.18
N SER A 175 1.31 15.79 1.55
CA SER A 175 -0.07 15.36 1.33
C SER A 175 -0.16 13.84 1.43
N GLU A 176 -1.29 13.38 1.92
CA GLU A 176 -1.54 11.97 2.10
C GLU A 176 -2.43 11.42 0.99
N ILE A 177 -3.71 11.79 1.00
CA ILE A 177 -4.68 11.34 -0.01
C ILE A 177 -5.32 12.53 -0.73
N ARG A 178 -5.56 12.37 -2.04
CA ARG A 178 -6.16 13.42 -2.85
C ARG A 178 -7.21 12.88 -3.81
N ASP A 179 -7.97 13.81 -4.39
CA ASP A 179 -9.02 13.46 -5.33
C ASP A 179 -8.44 13.30 -6.73
N ALA A 180 -8.36 12.06 -7.16
CA ALA A 180 -7.81 11.74 -8.47
C ALA A 180 -8.68 12.33 -9.59
N LEU A 181 -9.90 12.74 -9.24
CA LEU A 181 -10.81 13.32 -10.22
C LEU A 181 -10.21 14.59 -10.79
N THR A 182 -9.63 15.42 -9.92
CA THR A 182 -9.02 16.69 -10.34
C THR A 182 -7.49 16.63 -10.17
N GLY A 183 -7.06 16.07 -9.04
CA GLY A 183 -5.63 15.96 -8.76
C GLY A 183 -5.02 17.32 -8.43
N GLU A 184 -5.87 18.25 -8.04
CA GLU A 184 -5.42 19.60 -7.70
C GLU A 184 -4.65 19.59 -6.38
N LEU A 185 -4.31 20.78 -5.90
CA LEU A 185 -3.57 20.92 -4.65
C LEU A 185 -4.51 20.79 -3.45
N PHE A 186 -3.93 20.82 -2.25
CA PHE A 186 -4.72 20.70 -1.00
C PHE A 186 -4.46 21.91 -0.12
N ARG A 187 -5.16 23.00 -0.39
CA ARG A 187 -4.99 24.22 0.40
C ARG A 187 -5.73 24.10 1.72
N GLN A 188 -5.08 24.56 2.77
CA GLN A 188 -5.70 24.57 4.09
C GLN A 188 -4.81 25.30 5.09
N GLY A 189 -3.50 25.28 4.83
CA GLY A 189 -2.55 25.95 5.71
C GLY A 189 -1.15 25.37 5.50
N ASN A 1 23.18 -8.15 0.06
CA ASN A 1 21.71 -7.90 0.19
C ASN A 1 20.96 -9.23 0.01
N ASN A 2 21.68 -10.33 0.15
CA ASN A 2 21.08 -11.65 0.00
C ASN A 2 19.99 -11.87 1.04
N ASN A 3 20.26 -11.45 2.27
CA ASN A 3 19.30 -11.59 3.35
C ASN A 3 18.05 -10.78 3.06
N LEU A 4 18.24 -9.57 2.53
CA LEU A 4 17.12 -8.70 2.20
C LEU A 4 16.22 -9.36 1.16
N GLN A 5 16.84 -9.99 0.17
CA GLN A 5 16.09 -10.66 -0.88
C GLN A 5 15.28 -11.82 -0.29
N ARG A 6 15.94 -12.60 0.56
CA ARG A 6 15.27 -13.72 1.20
C ARG A 6 14.12 -13.24 2.07
N ASP A 7 14.32 -12.10 2.71
CA ASP A 7 13.28 -11.53 3.57
C ASP A 7 12.05 -11.17 2.74
N ALA A 8 12.27 -10.57 1.57
CA ALA A 8 11.15 -10.19 0.70
C ALA A 8 10.35 -11.42 0.29
N ILE A 9 11.04 -12.45 -0.19
CA ILE A 9 10.35 -13.67 -0.59
C ILE A 9 9.69 -14.30 0.62
N ALA A 10 10.41 -14.32 1.74
CA ALA A 10 9.89 -14.89 2.98
C ALA A 10 8.60 -14.20 3.38
N ALA A 11 8.61 -12.87 3.35
CA ALA A 11 7.45 -12.09 3.73
C ALA A 11 6.24 -12.41 2.84
N ALA A 12 6.48 -12.50 1.54
CA ALA A 12 5.40 -12.78 0.60
C ALA A 12 4.73 -14.13 0.88
N ILE A 13 5.55 -15.17 0.96
CA ILE A 13 5.03 -16.51 1.20
C ILE A 13 4.50 -16.66 2.62
N ASP A 14 5.20 -16.06 3.58
CA ASP A 14 4.76 -16.18 4.96
C ASP A 14 3.35 -15.64 5.12
N VAL A 15 3.12 -14.40 4.71
CA VAL A 15 1.79 -13.83 4.83
C VAL A 15 0.80 -14.62 4.00
N LEU A 16 1.21 -15.05 2.81
CA LEU A 16 0.32 -15.81 1.96
C LEU A 16 -0.23 -17.00 2.74
N ASN A 17 0.66 -17.76 3.35
CA ASN A 17 0.27 -18.94 4.12
C ASN A 17 -0.25 -18.57 5.51
N GLU A 18 0.52 -17.76 6.23
CA GLU A 18 0.17 -17.34 7.57
C GLU A 18 -1.11 -16.51 7.56
N GLU A 19 -1.31 -15.77 6.48
CA GLU A 19 -2.50 -14.95 6.30
C GLU A 19 -2.71 -13.90 7.41
N ARG A 20 -2.02 -12.76 7.29
CA ARG A 20 -2.18 -11.68 8.26
C ARG A 20 -1.62 -10.38 7.70
N VAL A 21 -0.97 -9.60 8.57
CA VAL A 21 -0.38 -8.32 8.16
C VAL A 21 1.03 -8.21 8.75
N ILE A 22 2.00 -7.69 7.98
CA ILE A 22 3.39 -7.57 8.44
C ILE A 22 3.94 -6.16 8.24
N ALA A 23 5.06 -5.86 8.92
CA ALA A 23 5.69 -4.55 8.83
C ALA A 23 6.19 -4.28 7.40
N TYR A 24 6.05 -3.04 6.94
CA TYR A 24 6.48 -2.68 5.58
C TYR A 24 7.03 -1.23 5.55
N PRO A 25 7.82 -0.81 4.55
CA PRO A 25 8.36 0.58 4.50
C PRO A 25 7.28 1.58 4.03
N THR A 26 7.46 2.86 4.39
CA THR A 26 6.51 3.90 3.98
C THR A 26 7.25 5.14 3.52
N GLU A 27 6.59 5.92 2.68
CA GLU A 27 7.17 7.15 2.14
C GLU A 27 6.99 8.30 3.11
N ALA A 28 6.63 7.99 4.35
CA ALA A 28 6.42 9.02 5.36
C ALA A 28 6.50 8.44 6.77
N VAL A 29 5.56 7.55 7.11
CA VAL A 29 5.51 6.94 8.44
C VAL A 29 5.48 5.41 8.32
N PHE A 30 6.40 4.77 9.03
CA PHE A 30 6.50 3.32 9.01
C PHE A 30 5.17 2.70 9.43
N GLY A 31 4.69 1.73 8.64
CA GLY A 31 3.42 1.07 8.92
C GLY A 31 3.49 -0.43 8.60
N VAL A 32 2.34 -1.01 8.29
CA VAL A 32 2.24 -2.45 7.97
C VAL A 32 1.44 -2.65 6.69
N GLY A 33 1.48 -3.86 6.11
CA GLY A 33 0.74 -4.13 4.88
C GLY A 33 0.45 -5.62 4.69
N CYS A 34 -0.22 -5.96 3.59
CA CYS A 34 -0.57 -7.34 3.29
C CYS A 34 -0.72 -7.55 1.78
N ASP A 35 -1.05 -8.77 1.37
CA ASP A 35 -1.17 -9.08 -0.06
C ASP A 35 -2.62 -8.92 -0.61
N PRO A 36 -2.91 -7.93 -1.45
CA PRO A 36 -4.27 -7.74 -2.06
C PRO A 36 -4.98 -9.05 -2.41
N ASP A 37 -6.22 -8.88 -2.83
CA ASP A 37 -7.05 -10.00 -3.24
C ASP A 37 -7.02 -11.12 -2.21
N SER A 38 -7.53 -10.85 -1.01
CA SER A 38 -7.56 -11.84 0.06
C SER A 38 -8.80 -11.65 0.93
N GLU A 39 -9.43 -12.75 1.29
CA GLU A 39 -10.61 -12.73 2.12
C GLU A 39 -10.26 -12.32 3.54
N THR A 40 -9.09 -12.77 3.99
CA THR A 40 -8.63 -12.48 5.33
C THR A 40 -8.41 -10.98 5.53
N ALA A 41 -7.80 -10.34 4.54
CA ALA A 41 -7.51 -8.92 4.63
C ALA A 41 -8.78 -8.09 4.82
N VAL A 42 -9.78 -8.33 3.98
CA VAL A 42 -11.04 -7.59 4.08
C VAL A 42 -11.71 -7.87 5.42
N MET A 43 -11.74 -9.13 5.83
CA MET A 43 -12.34 -9.49 7.11
C MET A 43 -11.55 -8.87 8.25
N ARG A 44 -10.22 -8.88 8.13
CA ARG A 44 -9.34 -8.28 9.13
C ARG A 44 -9.65 -6.80 9.21
N LEU A 45 -9.85 -6.21 8.07
CA LEU A 45 -10.10 -4.79 8.01
C LEU A 45 -11.42 -4.48 8.71
N LEU A 46 -12.47 -5.16 8.28
CA LEU A 46 -13.81 -4.97 8.84
C LEU A 46 -13.92 -5.51 10.26
N GLU A 47 -12.94 -6.26 10.69
CA GLU A 47 -12.96 -6.87 11.99
C GLU A 47 -12.83 -5.83 13.09
N LEU A 48 -11.60 -5.44 13.37
CA LEU A 48 -11.33 -4.47 14.42
C LEU A 48 -11.67 -3.02 14.03
N LYS A 49 -11.47 -2.65 12.75
CA LYS A 49 -11.72 -1.27 12.36
C LYS A 49 -13.20 -1.00 12.23
N GLN A 50 -13.87 -1.87 11.48
CA GLN A 50 -15.30 -1.78 11.24
C GLN A 50 -15.77 -0.31 11.13
N ARG A 51 -15.30 0.38 10.08
CA ARG A 51 -15.67 1.78 9.87
C ARG A 51 -14.97 2.36 8.61
N PRO A 52 -13.66 2.26 8.50
CA PRO A 52 -12.89 2.81 7.35
C PRO A 52 -12.95 1.92 6.12
N VAL A 53 -13.59 0.76 6.26
CA VAL A 53 -13.69 -0.17 5.14
C VAL A 53 -14.13 0.58 3.88
N ASP A 54 -15.12 1.44 4.04
CA ASP A 54 -15.62 2.22 2.90
C ASP A 54 -14.56 3.21 2.43
N LYS A 55 -13.86 3.81 3.38
CA LYS A 55 -12.84 4.77 3.04
C LYS A 55 -11.76 4.08 2.21
N GLY A 56 -11.46 2.84 2.56
CA GLY A 56 -10.46 2.08 1.83
C GLY A 56 -9.08 2.70 1.97
N LEU A 57 -8.24 2.03 2.74
CA LEU A 57 -6.89 2.50 2.99
C LEU A 57 -6.14 2.78 1.68
N ILE A 58 -4.82 2.88 1.77
CA ILE A 58 -3.98 3.13 0.60
C ILE A 58 -3.20 1.87 0.25
N LEU A 59 -3.17 1.53 -1.03
CA LEU A 59 -2.48 0.33 -1.51
C LEU A 59 -1.23 0.76 -2.29
N ILE A 60 -0.11 0.01 -2.15
CA ILE A 60 1.13 0.36 -2.87
C ILE A 60 1.44 -0.66 -3.97
N ALA A 61 1.58 -0.16 -5.19
CA ALA A 61 1.89 -0.98 -6.37
C ALA A 61 3.26 -0.62 -6.90
N ALA A 62 3.87 -1.54 -7.62
CA ALA A 62 5.20 -1.33 -8.18
C ALA A 62 5.15 -1.51 -9.67
N ASN A 63 4.17 -2.29 -10.14
CA ASN A 63 4.02 -2.54 -11.58
C ASN A 63 2.71 -1.96 -12.09
N TYR A 64 2.80 -1.21 -13.18
CA TYR A 64 1.62 -0.60 -13.79
C TYR A 64 0.68 -1.67 -14.29
N GLU A 65 1.19 -2.90 -14.35
CA GLU A 65 0.41 -4.03 -14.81
C GLU A 65 -0.93 -4.09 -14.09
N GLN A 66 -0.97 -3.61 -12.83
CA GLN A 66 -2.21 -3.63 -12.05
C GLN A 66 -2.97 -2.27 -12.12
N LEU A 67 -2.31 -1.19 -12.57
CA LEU A 67 -2.99 0.10 -12.66
C LEU A 67 -3.57 0.27 -14.07
N LYS A 68 -3.12 -0.58 -14.99
CA LYS A 68 -3.55 -0.53 -16.37
C LYS A 68 -4.91 -1.20 -16.59
N PRO A 69 -5.20 -2.30 -15.94
CA PRO A 69 -6.48 -3.02 -16.13
C PRO A 69 -7.44 -2.78 -14.96
N TYR A 70 -6.98 -2.04 -13.96
CA TYR A 70 -7.79 -1.75 -12.77
C TYR A 70 -8.46 -0.39 -12.88
N ILE A 71 -8.06 0.40 -13.89
CA ILE A 71 -8.64 1.73 -14.13
C ILE A 71 -9.01 1.88 -15.60
N ASP A 72 -9.91 2.82 -15.89
CA ASP A 72 -10.33 3.05 -17.28
C ASP A 72 -9.16 3.56 -18.11
N ASP A 73 -9.27 3.38 -19.42
CA ASP A 73 -8.22 3.81 -20.35
C ASP A 73 -8.52 5.21 -20.88
N THR A 74 -9.51 5.87 -20.30
CA THR A 74 -9.90 7.21 -20.72
C THR A 74 -8.89 8.24 -20.21
N MET A 75 -8.44 8.03 -18.97
CA MET A 75 -7.50 8.94 -18.33
C MET A 75 -6.07 8.42 -18.47
N LEU A 76 -5.94 7.15 -18.83
CA LEU A 76 -4.62 6.51 -18.95
C LEU A 76 -4.15 6.46 -20.40
N THR A 77 -2.97 6.99 -20.61
CA THR A 77 -2.38 7.05 -21.95
C THR A 77 -0.86 6.98 -21.87
N ASP A 78 -0.20 6.99 -23.02
CA ASP A 78 1.27 6.89 -23.07
C ASP A 78 1.91 8.05 -22.31
N VAL A 79 1.38 9.25 -22.49
CA VAL A 79 1.93 10.41 -21.83
C VAL A 79 1.84 10.25 -20.31
N GLN A 80 0.83 9.54 -19.84
CA GLN A 80 0.64 9.32 -18.41
C GLN A 80 1.84 8.54 -17.85
N ARG A 81 2.25 7.54 -18.62
CA ARG A 81 3.36 6.68 -18.23
C ARG A 81 4.64 7.48 -18.18
N GLU A 82 4.90 8.13 -19.27
CA GLU A 82 6.10 8.93 -19.39
C GLU A 82 6.18 9.92 -18.25
N THR A 83 5.08 10.63 -18.06
CA THR A 83 5.00 11.65 -17.04
C THR A 83 5.19 11.08 -15.63
N ILE A 84 4.46 10.02 -15.30
CA ILE A 84 4.58 9.42 -13.97
C ILE A 84 5.95 8.76 -13.85
N PHE A 85 6.50 8.35 -14.98
CA PHE A 85 7.82 7.72 -15.00
C PHE A 85 8.94 8.76 -15.10
N SER A 86 8.60 9.96 -15.60
CA SER A 86 9.60 11.03 -15.78
C SER A 86 9.44 12.16 -14.76
N ARG A 87 8.25 12.75 -14.71
CA ARG A 87 8.00 13.86 -13.79
C ARG A 87 8.17 13.43 -12.34
N TRP A 88 7.61 12.28 -11.99
CA TRP A 88 7.70 11.74 -10.63
C TRP A 88 6.82 10.48 -10.55
N PRO A 89 7.12 9.57 -9.65
CA PRO A 89 6.33 8.31 -9.49
C PRO A 89 4.93 8.59 -8.93
N GLY A 90 4.76 9.78 -8.36
CA GLY A 90 3.47 10.19 -7.80
C GLY A 90 3.43 9.96 -6.28
N PRO A 91 4.18 10.72 -5.53
CA PRO A 91 4.22 10.59 -4.05
C PRO A 91 2.81 10.72 -3.44
N VAL A 92 2.01 11.60 -4.03
CA VAL A 92 0.65 11.82 -3.57
C VAL A 92 -0.27 10.70 -4.04
N THR A 93 -1.23 10.35 -3.19
CA THR A 93 -2.18 9.28 -3.50
C THR A 93 -3.46 9.83 -4.14
N PHE A 94 -4.02 9.08 -5.09
CA PHE A 94 -5.26 9.48 -5.78
C PHE A 94 -6.30 8.36 -5.72
N VAL A 95 -7.58 8.72 -5.62
CA VAL A 95 -8.67 7.71 -5.56
C VAL A 95 -9.26 7.52 -6.93
N PHE A 96 -8.87 6.40 -7.55
CA PHE A 96 -9.35 6.07 -8.91
C PHE A 96 -10.64 5.28 -8.84
N PRO A 97 -11.54 5.43 -9.80
CA PRO A 97 -12.82 4.67 -9.80
C PRO A 97 -12.62 3.22 -10.27
N ALA A 98 -12.79 2.28 -9.35
CA ALA A 98 -12.62 0.87 -9.68
C ALA A 98 -13.79 0.40 -10.54
N PRO A 99 -13.58 -0.54 -11.45
CA PRO A 99 -14.67 -1.05 -12.34
C PRO A 99 -15.78 -1.75 -11.55
N ALA A 100 -17.00 -1.61 -12.04
CA ALA A 100 -18.16 -2.21 -11.41
C ALA A 100 -18.07 -3.73 -11.47
N THR A 101 -17.54 -4.24 -12.57
CA THR A 101 -17.41 -5.68 -12.76
C THR A 101 -16.65 -6.34 -11.61
N THR A 102 -15.57 -5.70 -11.16
CA THR A 102 -14.79 -6.26 -10.07
C THR A 102 -15.63 -6.33 -8.80
N PRO A 103 -15.30 -7.23 -7.86
CA PRO A 103 -16.05 -7.36 -6.57
C PRO A 103 -16.33 -6.03 -5.86
N ARG A 104 -16.53 -6.12 -4.53
CA ARG A 104 -16.82 -4.94 -3.69
C ARG A 104 -16.00 -5.00 -2.40
N TRP A 105 -15.22 -6.08 -2.24
CA TRP A 105 -14.41 -6.25 -1.06
C TRP A 105 -13.19 -5.35 -1.09
N LEU A 106 -13.07 -4.58 -2.17
CA LEU A 106 -11.94 -3.66 -2.34
C LEU A 106 -12.28 -2.32 -1.68
N THR A 107 -13.57 -2.09 -1.42
CA THR A 107 -14.02 -0.84 -0.78
C THR A 107 -15.16 -1.13 0.19
N GLY A 108 -16.06 -2.03 -0.22
CA GLY A 108 -17.19 -2.40 0.65
C GLY A 108 -18.27 -1.30 0.70
N ARG A 109 -18.26 -0.40 -0.28
CA ARG A 109 -19.26 0.68 -0.30
C ARG A 109 -19.40 1.25 -1.73
N PHE A 110 -18.40 2.03 -2.14
CA PHE A 110 -18.38 2.65 -3.47
C PHE A 110 -17.45 1.89 -4.40
N ASP A 111 -17.24 2.43 -5.60
CA ASP A 111 -16.36 1.79 -6.60
C ASP A 111 -15.15 2.67 -6.90
N SER A 112 -14.38 2.98 -5.85
CA SER A 112 -13.18 3.79 -6.02
C SER A 112 -12.23 3.58 -4.84
N LEU A 113 -10.95 3.90 -5.03
CA LEU A 113 -10.01 3.73 -3.93
C LEU A 113 -8.65 4.43 -4.14
N ALA A 114 -8.15 4.96 -3.03
CA ALA A 114 -6.86 5.64 -2.95
C ALA A 114 -5.73 4.62 -3.15
N VAL A 115 -4.90 4.84 -4.17
CA VAL A 115 -3.79 3.93 -4.46
C VAL A 115 -2.58 4.71 -4.92
N ARG A 116 -1.39 4.13 -4.77
CA ARG A 116 -0.16 4.82 -5.17
C ARG A 116 0.88 3.85 -5.70
N VAL A 117 1.72 4.33 -6.63
CA VAL A 117 2.79 3.52 -7.21
C VAL A 117 4.13 4.12 -6.80
N THR A 118 5.06 3.27 -6.38
CA THR A 118 6.39 3.72 -5.94
C THR A 118 7.49 2.92 -6.62
N ASP A 119 8.64 3.55 -6.80
CA ASP A 119 9.78 2.90 -7.44
C ASP A 119 11.08 3.50 -6.94
N HIS A 120 11.57 2.99 -5.82
CA HIS A 120 12.81 3.49 -5.25
C HIS A 120 13.31 2.64 -4.07
N PRO A 121 12.46 2.12 -3.21
CA PRO A 121 12.89 1.31 -2.05
C PRO A 121 12.80 -0.19 -2.32
N LEU A 122 12.75 -0.97 -1.25
CA LEU A 122 12.66 -2.42 -1.35
C LEU A 122 11.24 -2.85 -1.67
N VAL A 123 10.34 -1.88 -1.66
CA VAL A 123 8.96 -2.18 -1.91
C VAL A 123 8.80 -2.86 -3.26
N VAL A 124 9.48 -2.34 -4.26
CA VAL A 124 9.41 -2.95 -5.58
C VAL A 124 9.80 -4.41 -5.47
N ALA A 125 11.03 -4.64 -5.05
CA ALA A 125 11.51 -6.02 -4.92
C ALA A 125 10.44 -6.94 -4.34
N LEU A 126 9.77 -6.54 -3.26
CA LEU A 126 8.73 -7.42 -2.71
C LEU A 126 7.52 -7.48 -3.64
N CYS A 127 7.06 -6.31 -4.12
CA CYS A 127 5.90 -6.27 -5.02
C CYS A 127 6.23 -6.88 -6.38
N GLN A 128 7.36 -6.47 -6.93
CA GLN A 128 7.82 -6.96 -8.21
C GLN A 128 7.89 -8.48 -8.16
N ALA A 129 8.41 -8.97 -7.04
CA ALA A 129 8.60 -10.39 -6.85
C ALA A 129 7.27 -11.11 -6.94
N TYR A 130 6.34 -10.66 -6.09
CA TYR A 130 5.01 -11.21 -6.04
C TYR A 130 4.33 -10.95 -7.37
N GLY A 131 4.67 -9.79 -7.92
CA GLY A 131 4.12 -9.35 -9.18
C GLY A 131 2.86 -8.54 -8.93
N LYS A 132 2.50 -8.34 -7.64
CA LYS A 132 1.29 -7.58 -7.32
C LYS A 132 1.51 -6.67 -6.07
N PRO A 133 0.77 -5.58 -5.96
CA PRO A 133 0.88 -4.61 -4.82
C PRO A 133 0.89 -5.27 -3.45
N LEU A 134 0.86 -4.40 -2.45
CA LEU A 134 0.80 -4.77 -1.05
C LEU A 134 -0.14 -3.76 -0.38
N VAL A 135 -1.18 -4.21 0.31
CA VAL A 135 -2.07 -3.24 0.93
C VAL A 135 -1.30 -2.48 1.98
N SER A 136 -1.59 -1.18 2.11
CA SER A 136 -0.90 -0.33 3.11
C SER A 136 -1.86 0.04 4.23
N THR A 137 -1.49 -0.33 5.46
CA THR A 137 -2.29 -0.04 6.66
C THR A 137 -1.40 0.54 7.75
N SER A 138 -1.97 1.47 8.54
CA SER A 138 -1.20 2.09 9.62
C SER A 138 -0.88 1.06 10.70
N ALA A 139 0.29 1.19 11.30
CA ALA A 139 0.72 0.26 12.35
C ALA A 139 -0.14 0.41 13.60
N ASN A 140 -1.24 -0.33 13.65
CA ASN A 140 -2.13 -0.27 14.80
C ASN A 140 -3.05 -1.48 14.82
N LEU A 141 -3.66 -1.70 15.97
CA LEU A 141 -4.54 -2.83 16.18
C LEU A 141 -5.68 -2.44 17.13
N SER A 142 -6.37 -3.45 17.66
CA SER A 142 -7.48 -3.21 18.58
C SER A 142 -7.00 -2.51 19.85
N GLY A 143 -5.84 -2.95 20.34
CA GLY A 143 -5.27 -2.37 21.56
C GLY A 143 -3.78 -2.63 21.65
N LEU A 144 -3.25 -3.31 20.64
CA LEU A 144 -1.83 -3.61 20.61
C LEU A 144 -1.04 -2.37 20.16
N PRO A 145 -0.24 -1.74 21.01
CA PRO A 145 0.54 -0.52 20.63
C PRO A 145 1.00 -0.54 19.16
N PRO A 146 1.23 0.61 18.57
CA PRO A 146 1.66 0.72 17.14
C PRO A 146 3.10 0.25 16.93
N CYS A 147 3.64 0.52 15.74
CA CYS A 147 5.00 0.14 15.37
C CYS A 147 5.72 1.35 14.80
N ARG A 148 6.25 2.19 15.69
CA ARG A 148 6.96 3.39 15.23
C ARG A 148 8.03 3.02 14.22
N THR A 149 8.69 1.88 14.42
CA THR A 149 9.72 1.44 13.49
C THR A 149 9.97 -0.06 13.70
N VAL A 150 10.77 -0.64 12.83
CA VAL A 150 11.08 -2.03 12.93
C VAL A 150 11.72 -2.32 14.29
N ASP A 151 12.30 -1.29 14.89
CA ASP A 151 12.90 -1.45 16.20
C ASP A 151 11.77 -1.77 17.18
N GLU A 152 10.57 -1.29 16.85
CA GLU A 152 9.41 -1.53 17.70
C GLU A 152 9.04 -3.02 17.64
N VAL A 153 8.35 -3.42 16.56
CA VAL A 153 7.95 -4.82 16.32
C VAL A 153 9.01 -5.79 16.85
N ARG A 154 10.26 -5.33 16.82
CA ARG A 154 11.39 -6.13 17.29
C ARG A 154 11.38 -6.26 18.81
N ALA A 155 11.31 -5.13 19.48
CA ALA A 155 11.29 -5.14 20.94
C ALA A 155 9.96 -5.71 21.40
N GLN A 156 9.05 -5.68 20.44
CA GLN A 156 7.68 -6.14 20.63
C GLN A 156 7.57 -7.65 20.42
N PHE A 157 8.21 -8.17 19.37
CA PHE A 157 8.14 -9.62 19.05
C PHE A 157 9.52 -10.22 18.81
N GLY A 158 10.48 -9.39 18.40
CA GLY A 158 11.84 -9.86 18.12
C GLY A 158 11.97 -10.25 16.66
N ALA A 159 11.11 -9.67 15.83
CA ALA A 159 11.12 -9.94 14.40
C ALA A 159 12.55 -9.94 13.85
N ALA A 160 13.01 -8.79 13.36
CA ALA A 160 14.34 -8.71 12.79
C ALA A 160 14.47 -9.68 11.61
N PHE A 161 13.33 -9.90 10.94
CA PHE A 161 13.29 -10.80 9.79
C PHE A 161 11.93 -10.66 9.07
N PRO A 162 10.82 -10.94 9.71
CA PRO A 162 9.47 -10.77 9.09
C PRO A 162 9.11 -9.29 8.97
N VAL A 163 10.14 -8.47 8.83
CA VAL A 163 10.00 -7.01 8.74
C VAL A 163 10.81 -6.47 7.58
N VAL A 164 10.56 -5.20 7.22
CA VAL A 164 11.31 -4.53 6.13
C VAL A 164 11.96 -3.24 6.64
N PRO A 165 12.93 -3.34 7.53
CA PRO A 165 13.66 -2.18 8.10
C PRO A 165 13.95 -1.06 7.12
N GLY A 166 13.95 0.14 7.67
CA GLY A 166 14.24 1.32 6.89
C GLY A 166 13.90 2.60 7.65
N GLU A 167 14.81 3.57 7.63
CA GLU A 167 14.59 4.83 8.31
C GLU A 167 13.71 5.74 7.47
N THR A 168 12.97 6.63 8.13
CA THR A 168 12.09 7.56 7.42
C THR A 168 12.02 8.91 8.12
N GLY A 169 11.83 9.96 7.33
CA GLY A 169 11.74 11.32 7.86
C GLY A 169 10.67 11.41 8.94
N GLY A 170 9.40 11.26 8.54
CA GLY A 170 8.29 11.34 9.47
C GLY A 170 7.74 12.74 9.50
N ARG A 171 8.25 13.56 8.59
CA ARG A 171 7.84 14.94 8.47
C ARG A 171 6.48 15.05 7.76
N LEU A 172 5.69 13.99 7.86
CA LEU A 172 4.37 13.98 7.23
C LEU A 172 4.52 14.33 5.74
N ASN A 173 3.40 14.62 5.08
CA ASN A 173 3.43 14.95 3.65
C ASN A 173 2.47 16.13 3.39
N PRO A 174 2.74 16.95 2.39
CA PRO A 174 1.87 18.11 2.06
C PRO A 174 0.52 17.67 1.49
N SER A 175 0.44 16.41 1.08
CA SER A 175 -0.79 15.87 0.52
C SER A 175 -0.84 14.37 0.71
N GLU A 176 -2.05 13.82 0.72
CA GLU A 176 -2.25 12.39 0.90
C GLU A 176 -3.15 11.84 -0.19
N ILE A 177 -4.46 11.75 0.09
CA ILE A 177 -5.43 11.22 -0.88
C ILE A 177 -6.19 12.38 -1.54
N ARG A 178 -6.26 12.37 -2.88
CA ARG A 178 -6.95 13.42 -3.65
C ARG A 178 -8.03 12.81 -4.53
N ASP A 179 -8.92 13.68 -4.98
CA ASP A 179 -9.99 13.24 -5.86
C ASP A 179 -9.43 13.08 -7.27
N ALA A 180 -9.24 11.83 -7.64
CA ALA A 180 -8.66 11.51 -8.94
C ALA A 180 -9.59 11.97 -10.07
N LEU A 181 -10.85 12.21 -9.72
CA LEU A 181 -11.85 12.66 -10.70
C LEU A 181 -11.45 13.99 -11.32
N THR A 182 -10.98 14.92 -10.48
CA THR A 182 -10.57 16.26 -10.96
C THR A 182 -9.07 16.29 -11.18
N GLY A 183 -8.33 15.70 -10.24
CA GLY A 183 -6.88 15.68 -10.35
C GLY A 183 -6.33 17.10 -10.36
N GLU A 184 -7.08 18.02 -9.76
CA GLU A 184 -6.69 19.41 -9.69
C GLU A 184 -5.30 19.54 -9.07
N LEU A 185 -4.44 20.27 -9.77
CA LEU A 185 -3.06 20.48 -9.31
C LEU A 185 -2.93 21.83 -8.60
N PHE A 186 -1.73 22.13 -8.12
CA PHE A 186 -1.49 23.40 -7.42
C PHE A 186 -1.09 24.48 -8.41
N ARG A 187 -0.39 24.09 -9.46
CA ARG A 187 0.05 25.04 -10.47
C ARG A 187 -1.13 25.54 -11.29
N GLN A 188 -1.11 26.83 -11.63
CA GLN A 188 -2.18 27.45 -12.42
C GLN A 188 -1.59 28.38 -13.47
N GLY A 189 -0.39 28.87 -13.19
CA GLY A 189 0.30 29.78 -14.12
C GLY A 189 -0.38 31.14 -14.14
N ASN A 1 25.25 -9.46 -0.60
CA ASN A 1 24.36 -9.75 0.55
C ASN A 1 23.00 -10.22 0.05
N ASN A 2 22.63 -11.46 0.39
CA ASN A 2 21.35 -12.02 -0.05
C ASN A 2 20.32 -11.92 1.08
N ASN A 3 20.66 -11.17 2.12
CA ASN A 3 19.75 -10.99 3.24
C ASN A 3 18.48 -10.28 2.80
N LEU A 4 18.65 -9.27 1.96
CA LEU A 4 17.52 -8.49 1.46
C LEU A 4 16.57 -9.39 0.67
N GLN A 5 17.14 -10.26 -0.16
CA GLN A 5 16.32 -11.17 -0.95
C GLN A 5 15.57 -12.15 -0.06
N ARG A 6 16.26 -12.66 0.96
CA ARG A 6 15.65 -13.61 1.88
C ARG A 6 14.49 -12.97 2.65
N ASP A 7 14.70 -11.73 3.10
CA ASP A 7 13.68 -11.02 3.85
C ASP A 7 12.45 -10.73 2.98
N ALA A 8 12.69 -10.24 1.76
CA ALA A 8 11.58 -9.90 0.86
C ALA A 8 10.77 -11.13 0.45
N ILE A 9 11.45 -12.19 0.03
CA ILE A 9 10.75 -13.40 -0.40
C ILE A 9 10.06 -14.07 0.79
N ALA A 10 10.75 -14.10 1.90
CA ALA A 10 10.22 -14.73 3.10
C ALA A 10 8.96 -14.01 3.57
N ALA A 11 8.97 -12.69 3.49
CA ALA A 11 7.80 -11.91 3.90
C ALA A 11 6.63 -12.16 2.96
N ALA A 12 6.91 -12.13 1.65
CA ALA A 12 5.88 -12.34 0.65
C ALA A 12 5.26 -13.74 0.73
N ILE A 13 6.11 -14.77 0.77
CA ILE A 13 5.61 -16.15 0.83
C ILE A 13 4.96 -16.44 2.17
N ASP A 14 5.54 -15.92 3.26
CA ASP A 14 4.98 -16.16 4.57
C ASP A 14 3.55 -15.65 4.64
N VAL A 15 3.34 -14.38 4.31
CA VAL A 15 1.99 -13.81 4.34
C VAL A 15 1.08 -14.56 3.38
N LEU A 16 1.59 -14.91 2.21
CA LEU A 16 0.78 -15.62 1.24
C LEU A 16 0.16 -16.85 1.88
N ASN A 17 0.98 -17.64 2.56
CA ASN A 17 0.52 -18.85 3.21
C ASN A 17 -0.10 -18.55 4.59
N GLU A 18 0.63 -17.81 5.41
CA GLU A 18 0.20 -17.47 6.74
C GLU A 18 -1.06 -16.60 6.72
N GLU A 19 -1.16 -15.77 5.70
CA GLU A 19 -2.32 -14.89 5.53
C GLU A 19 -2.53 -13.96 6.73
N ARG A 20 -1.80 -12.85 6.74
CA ARG A 20 -1.92 -11.85 7.80
C ARG A 20 -1.44 -10.50 7.28
N VAL A 21 -0.82 -9.71 8.17
CA VAL A 21 -0.29 -8.40 7.80
C VAL A 21 1.13 -8.24 8.36
N ILE A 22 2.05 -7.64 7.59
CA ILE A 22 3.44 -7.47 8.03
C ILE A 22 3.90 -6.02 7.91
N ALA A 23 5.03 -5.70 8.55
CA ALA A 23 5.55 -4.34 8.53
C ALA A 23 5.96 -3.92 7.11
N TYR A 24 5.45 -2.77 6.67
CA TYR A 24 5.74 -2.22 5.34
C TYR A 24 6.45 -0.86 5.52
N PRO A 25 7.45 -0.53 4.72
CA PRO A 25 8.17 0.77 4.88
C PRO A 25 7.36 1.93 4.31
N THR A 26 7.44 3.09 4.96
CA THR A 26 6.70 4.28 4.51
C THR A 26 7.59 5.52 4.61
N GLU A 27 7.59 6.34 3.57
CA GLU A 27 8.40 7.54 3.57
C GLU A 27 8.10 8.39 4.81
N ALA A 28 6.81 8.53 5.14
CA ALA A 28 6.42 9.33 6.31
C ALA A 28 6.69 8.56 7.60
N VAL A 29 5.77 7.66 7.97
CA VAL A 29 5.90 6.86 9.20
C VAL A 29 5.63 5.39 8.91
N PHE A 30 6.55 4.53 9.32
CA PHE A 30 6.41 3.09 9.10
C PHE A 30 4.96 2.63 9.23
N GLY A 31 4.59 1.65 8.41
CA GLY A 31 3.24 1.10 8.42
C GLY A 31 3.27 -0.41 8.22
N VAL A 32 2.12 -0.99 7.88
CA VAL A 32 2.01 -2.43 7.66
C VAL A 32 1.30 -2.70 6.34
N GLY A 33 1.31 -3.95 5.87
CA GLY A 33 0.66 -4.26 4.61
C GLY A 33 0.35 -5.75 4.46
N CYS A 34 -0.24 -6.13 3.33
CA CYS A 34 -0.59 -7.53 3.10
C CYS A 34 -0.74 -7.82 1.60
N ASP A 35 -1.29 -8.98 1.26
CA ASP A 35 -1.46 -9.40 -0.13
C ASP A 35 -2.83 -9.02 -0.72
N PRO A 36 -2.95 -8.04 -1.63
CA PRO A 36 -4.24 -7.66 -2.26
C PRO A 36 -5.18 -8.83 -2.54
N ASP A 37 -6.38 -8.47 -2.96
CA ASP A 37 -7.40 -9.46 -3.29
C ASP A 37 -7.41 -10.61 -2.30
N SER A 38 -7.91 -10.35 -1.10
CA SER A 38 -7.97 -11.38 -0.06
C SER A 38 -9.11 -11.09 0.91
N GLU A 39 -9.88 -12.13 1.22
CA GLU A 39 -11.00 -12.01 2.13
C GLU A 39 -10.51 -11.72 3.56
N THR A 40 -9.36 -12.27 3.90
CA THR A 40 -8.80 -12.09 5.24
C THR A 40 -8.45 -10.63 5.52
N ALA A 41 -7.79 -9.97 4.57
CA ALA A 41 -7.40 -8.58 4.77
C ALA A 41 -8.61 -7.68 5.01
N VAL A 42 -9.61 -7.78 4.13
CA VAL A 42 -10.82 -6.97 4.27
C VAL A 42 -11.53 -7.30 5.58
N MET A 43 -11.66 -8.59 5.88
CA MET A 43 -12.29 -9.02 7.11
C MET A 43 -11.46 -8.56 8.30
N ARG A 44 -10.13 -8.65 8.17
CA ARG A 44 -9.20 -8.24 9.20
C ARG A 44 -9.38 -6.75 9.51
N LEU A 45 -9.71 -5.97 8.50
CA LEU A 45 -9.93 -4.55 8.73
C LEU A 45 -11.26 -4.39 9.43
N LEU A 46 -12.31 -4.84 8.77
CA LEU A 46 -13.66 -4.74 9.30
C LEU A 46 -13.75 -5.39 10.67
N GLU A 47 -12.77 -6.22 10.99
CA GLU A 47 -12.75 -6.92 12.24
C GLU A 47 -12.55 -5.94 13.39
N LEU A 48 -11.29 -5.62 13.66
CA LEU A 48 -10.96 -4.69 14.73
C LEU A 48 -11.25 -3.23 14.36
N LYS A 49 -11.08 -2.86 13.07
CA LYS A 49 -11.29 -1.46 12.69
C LYS A 49 -12.77 -1.14 12.64
N GLN A 50 -13.44 -1.70 11.64
CA GLN A 50 -14.86 -1.47 11.47
C GLN A 50 -15.14 0.04 11.50
N ARG A 51 -14.88 0.67 10.35
CA ARG A 51 -15.06 2.11 10.17
C ARG A 51 -14.30 2.57 8.91
N PRO A 52 -12.98 2.43 8.87
CA PRO A 52 -12.16 2.84 7.69
C PRO A 52 -12.45 1.99 6.45
N VAL A 53 -13.12 0.84 6.64
CA VAL A 53 -13.43 -0.04 5.52
C VAL A 53 -13.89 0.78 4.30
N ASP A 54 -14.84 1.69 4.52
CA ASP A 54 -15.36 2.52 3.43
C ASP A 54 -14.28 3.44 2.88
N LYS A 55 -13.51 4.02 3.79
CA LYS A 55 -12.45 4.92 3.38
C LYS A 55 -11.47 4.18 2.48
N GLY A 56 -11.22 2.92 2.78
CA GLY A 56 -10.30 2.12 1.99
C GLY A 56 -8.90 2.68 2.05
N LEU A 57 -8.03 1.98 2.77
CA LEU A 57 -6.65 2.41 2.92
C LEU A 57 -5.99 2.68 1.59
N ILE A 58 -4.66 2.72 1.61
CA ILE A 58 -3.88 2.92 0.39
C ILE A 58 -3.19 1.62 0.02
N LEU A 59 -3.03 1.38 -1.28
CA LEU A 59 -2.38 0.15 -1.77
C LEU A 59 -1.14 0.54 -2.56
N ILE A 60 -0.03 -0.21 -2.39
CA ILE A 60 1.22 0.13 -3.11
C ILE A 60 1.52 -0.93 -4.18
N ALA A 61 1.85 -0.46 -5.38
CA ALA A 61 2.19 -1.33 -6.51
C ALA A 61 3.59 -1.01 -6.99
N ALA A 62 4.24 -2.01 -7.58
CA ALA A 62 5.59 -1.83 -8.09
C ALA A 62 5.58 -1.89 -9.60
N ASN A 63 4.62 -2.64 -10.16
CA ASN A 63 4.50 -2.76 -11.63
C ASN A 63 3.24 -2.07 -12.14
N TYR A 64 3.31 -1.57 -13.37
CA TYR A 64 2.17 -0.90 -13.98
C TYR A 64 1.21 -1.97 -14.50
N GLU A 65 1.73 -3.19 -14.56
CA GLU A 65 0.96 -4.33 -15.03
C GLU A 65 -0.36 -4.44 -14.29
N GLN A 66 -0.39 -4.02 -13.02
CA GLN A 66 -1.61 -4.09 -12.21
C GLN A 66 -2.41 -2.77 -12.22
N LEU A 67 -1.83 -1.68 -12.73
CA LEU A 67 -2.58 -0.40 -12.80
C LEU A 67 -3.26 -0.29 -14.16
N LYS A 68 -2.82 -1.12 -15.08
CA LYS A 68 -3.36 -1.11 -16.44
C LYS A 68 -4.72 -1.82 -16.53
N PRO A 69 -4.93 -2.92 -15.85
CA PRO A 69 -6.21 -3.67 -15.90
C PRO A 69 -7.07 -3.45 -14.66
N TYR A 70 -6.56 -2.70 -13.69
CA TYR A 70 -7.28 -2.44 -12.44
C TYR A 70 -8.01 -1.09 -12.49
N ILE A 71 -7.73 -0.31 -13.55
CA ILE A 71 -8.38 0.99 -13.74
C ILE A 71 -8.81 1.13 -15.20
N ASP A 72 -9.70 2.08 -15.47
CA ASP A 72 -10.15 2.29 -16.83
C ASP A 72 -9.00 2.77 -17.70
N ASP A 73 -9.12 2.55 -19.00
CA ASP A 73 -8.08 2.95 -19.95
C ASP A 73 -8.37 4.33 -20.54
N THR A 74 -9.39 5.00 -19.98
CA THR A 74 -9.77 6.33 -20.47
C THR A 74 -8.73 7.36 -20.03
N MET A 75 -8.30 7.24 -18.78
CA MET A 75 -7.33 8.16 -18.20
C MET A 75 -5.91 7.67 -18.44
N LEU A 76 -5.77 6.46 -18.97
CA LEU A 76 -4.45 5.86 -19.19
C LEU A 76 -4.06 5.96 -20.66
N THR A 77 -2.94 6.63 -20.91
CA THR A 77 -2.48 6.85 -22.27
C THR A 77 -0.98 7.18 -22.27
N ASP A 78 -0.35 7.00 -23.42
CA ASP A 78 1.09 7.25 -23.55
C ASP A 78 1.53 8.48 -22.76
N VAL A 79 0.81 9.58 -22.91
CA VAL A 79 1.16 10.81 -22.20
C VAL A 79 1.04 10.60 -20.69
N GLN A 80 0.10 9.77 -20.27
CA GLN A 80 -0.10 9.50 -18.84
C GLN A 80 1.12 8.79 -18.27
N ARG A 81 1.67 7.86 -19.03
CA ARG A 81 2.82 7.09 -18.59
C ARG A 81 4.00 8.02 -18.42
N GLU A 82 4.24 8.75 -19.47
CA GLU A 82 5.35 9.69 -19.48
C GLU A 82 5.23 10.64 -18.31
N THR A 83 4.05 11.21 -18.19
CA THR A 83 3.76 12.18 -17.16
C THR A 83 3.92 11.60 -15.76
N ILE A 84 3.33 10.44 -15.49
CA ILE A 84 3.44 9.86 -14.17
C ILE A 84 4.88 9.39 -13.93
N PHE A 85 5.53 8.93 -14.99
CA PHE A 85 6.91 8.46 -14.90
C PHE A 85 7.91 9.61 -14.79
N SER A 86 7.65 10.69 -15.54
CA SER A 86 8.54 11.84 -15.54
C SER A 86 8.34 12.69 -14.29
N ARG A 87 7.10 12.72 -13.81
CA ARG A 87 6.76 13.50 -12.62
C ARG A 87 6.76 12.61 -11.37
N TRP A 88 7.97 12.28 -10.90
CA TRP A 88 8.13 11.44 -9.71
C TRP A 88 7.41 10.08 -9.88
N PRO A 89 7.89 9.03 -9.25
CA PRO A 89 7.25 7.68 -9.37
C PRO A 89 5.90 7.63 -8.64
N GLY A 90 5.69 8.58 -7.72
CA GLY A 90 4.45 8.63 -6.96
C GLY A 90 4.61 9.50 -5.72
N PRO A 91 4.49 10.80 -5.86
CA PRO A 91 4.65 11.75 -4.72
C PRO A 91 3.37 11.85 -3.87
N VAL A 92 2.22 11.67 -4.51
CA VAL A 92 0.93 11.74 -3.83
C VAL A 92 0.01 10.62 -4.29
N THR A 93 -0.86 10.17 -3.39
CA THR A 93 -1.81 9.09 -3.69
C THR A 93 -3.13 9.66 -4.21
N PHE A 94 -3.75 8.96 -5.17
CA PHE A 94 -5.04 9.39 -5.75
C PHE A 94 -6.07 8.26 -5.65
N VAL A 95 -7.34 8.62 -5.46
CA VAL A 95 -8.42 7.63 -5.39
C VAL A 95 -9.12 7.54 -6.72
N PHE A 96 -8.88 6.43 -7.42
CA PHE A 96 -9.45 6.22 -8.76
C PHE A 96 -10.75 5.42 -8.66
N PRO A 97 -11.68 5.61 -9.59
CA PRO A 97 -12.95 4.83 -9.58
C PRO A 97 -12.72 3.41 -10.06
N ALA A 98 -12.75 2.47 -9.14
CA ALA A 98 -12.52 1.07 -9.48
C ALA A 98 -13.60 0.59 -10.47
N PRO A 99 -13.29 -0.35 -11.34
CA PRO A 99 -14.27 -0.86 -12.35
C PRO A 99 -15.34 -1.75 -11.74
N ALA A 100 -16.47 -1.86 -12.44
CA ALA A 100 -17.58 -2.69 -11.99
C ALA A 100 -18.06 -2.27 -10.59
N THR A 101 -19.36 -2.01 -10.48
CA THR A 101 -19.96 -1.62 -9.20
C THR A 101 -20.62 -2.84 -8.56
N THR A 102 -20.64 -3.94 -9.30
CA THR A 102 -21.25 -5.17 -8.81
C THR A 102 -20.65 -5.60 -7.46
N PRO A 103 -19.35 -5.51 -7.32
CA PRO A 103 -18.66 -5.89 -6.08
C PRO A 103 -18.54 -4.70 -5.13
N ARG A 104 -17.98 -4.93 -3.95
CA ARG A 104 -17.81 -3.86 -2.98
C ARG A 104 -16.74 -4.22 -1.94
N TRP A 105 -16.07 -5.35 -2.17
CA TRP A 105 -15.01 -5.79 -1.26
C TRP A 105 -13.76 -4.93 -1.44
N LEU A 106 -13.77 -4.12 -2.50
CA LEU A 106 -12.62 -3.25 -2.80
C LEU A 106 -12.73 -1.92 -2.04
N THR A 107 -13.93 -1.61 -1.54
CA THR A 107 -14.14 -0.36 -0.80
C THR A 107 -15.10 -0.59 0.38
N GLY A 108 -16.12 -1.40 0.16
CA GLY A 108 -17.09 -1.70 1.21
C GLY A 108 -18.16 -0.61 1.34
N ARG A 109 -18.24 0.27 0.34
CA ARG A 109 -19.23 1.35 0.37
C ARG A 109 -19.43 1.93 -1.04
N PHE A 110 -18.39 2.61 -1.54
CA PHE A 110 -18.44 3.22 -2.86
C PHE A 110 -17.63 2.38 -3.86
N ASP A 111 -17.27 2.98 -5.00
CA ASP A 111 -16.49 2.26 -6.02
C ASP A 111 -15.26 3.06 -6.42
N SER A 112 -14.37 3.27 -5.45
CA SER A 112 -13.13 4.00 -5.70
C SER A 112 -12.10 3.67 -4.62
N LEU A 113 -10.81 3.85 -4.93
CA LEU A 113 -9.78 3.53 -3.94
C LEU A 113 -8.42 4.20 -4.20
N ALA A 114 -7.82 4.63 -3.08
CA ALA A 114 -6.50 5.27 -3.05
C ALA A 114 -5.42 4.24 -3.37
N VAL A 115 -4.57 4.55 -4.36
CA VAL A 115 -3.48 3.65 -4.75
C VAL A 115 -2.27 4.46 -5.18
N ARG A 116 -1.08 3.87 -5.04
CA ARG A 116 0.16 4.56 -5.41
C ARG A 116 1.20 3.56 -5.90
N VAL A 117 2.17 4.05 -6.70
CA VAL A 117 3.24 3.21 -7.24
C VAL A 117 4.59 3.74 -6.76
N THR A 118 5.43 2.83 -6.26
CA THR A 118 6.77 3.18 -5.78
C THR A 118 7.80 2.21 -6.33
N ASP A 119 8.85 2.74 -6.93
CA ASP A 119 9.90 1.92 -7.51
C ASP A 119 11.27 2.50 -7.15
N HIS A 120 11.75 2.14 -5.96
CA HIS A 120 13.03 2.64 -5.48
C HIS A 120 13.47 1.98 -4.17
N PRO A 121 12.58 1.66 -3.26
CA PRO A 121 12.96 1.05 -1.97
C PRO A 121 12.86 -0.47 -2.02
N LEU A 122 12.77 -1.09 -0.84
CA LEU A 122 12.67 -2.54 -0.74
C LEU A 122 11.25 -3.01 -1.07
N VAL A 123 10.36 -2.05 -1.22
CA VAL A 123 8.98 -2.36 -1.53
C VAL A 123 8.90 -3.18 -2.80
N VAL A 124 9.65 -2.76 -3.83
CA VAL A 124 9.63 -3.52 -5.08
C VAL A 124 9.91 -4.98 -4.76
N ALA A 125 11.08 -5.26 -4.22
CA ALA A 125 11.43 -6.61 -3.86
C ALA A 125 10.25 -7.34 -3.22
N LEU A 126 9.56 -6.66 -2.30
CA LEU A 126 8.40 -7.26 -1.65
C LEU A 126 7.25 -7.49 -2.66
N CYS A 127 6.91 -6.44 -3.41
CA CYS A 127 5.83 -6.52 -4.40
C CYS A 127 6.22 -7.39 -5.59
N GLN A 128 7.40 -7.13 -6.10
CA GLN A 128 7.92 -7.87 -7.24
C GLN A 128 7.88 -9.35 -6.89
N ALA A 129 8.28 -9.64 -5.66
CA ALA A 129 8.36 -11.01 -5.20
C ALA A 129 7.01 -11.68 -5.29
N TYR A 130 6.04 -11.04 -4.65
CA TYR A 130 4.69 -11.56 -4.62
C TYR A 130 4.14 -11.59 -6.04
N GLY A 131 4.72 -10.74 -6.87
CA GLY A 131 4.29 -10.62 -8.25
C GLY A 131 3.11 -9.68 -8.35
N LYS A 132 2.69 -9.10 -7.20
CA LYS A 132 1.57 -8.19 -7.20
C LYS A 132 1.69 -7.20 -6.01
N PRO A 133 1.01 -6.08 -6.08
CA PRO A 133 1.05 -5.02 -5.03
C PRO A 133 1.00 -5.58 -3.62
N LEU A 134 1.09 -4.66 -2.65
CA LEU A 134 1.01 -4.98 -1.24
C LEU A 134 0.02 -3.99 -0.62
N VAL A 135 -1.04 -4.45 0.01
CA VAL A 135 -1.97 -3.47 0.58
C VAL A 135 -1.21 -2.74 1.66
N SER A 136 -1.52 -1.46 1.86
CA SER A 136 -0.82 -0.66 2.89
C SER A 136 -1.79 -0.09 3.90
N THR A 137 -1.51 -0.34 5.19
CA THR A 137 -2.35 0.14 6.30
C THR A 137 -1.46 0.82 7.36
N SER A 138 -2.07 1.61 8.23
CA SER A 138 -1.32 2.30 9.28
C SER A 138 -0.92 1.29 10.36
N ALA A 139 0.25 1.51 10.96
CA ALA A 139 0.73 0.62 12.00
C ALA A 139 -0.03 0.87 13.31
N ASN A 140 -1.14 0.18 13.48
CA ASN A 140 -1.95 0.33 14.67
C ASN A 140 -2.87 -0.85 14.84
N LEU A 141 -3.40 -0.99 16.04
CA LEU A 141 -4.30 -2.10 16.38
C LEU A 141 -5.46 -1.58 17.23
N SER A 142 -6.20 -2.51 17.83
CA SER A 142 -7.34 -2.14 18.66
C SER A 142 -6.90 -1.31 19.86
N GLY A 143 -5.77 -1.68 20.44
CA GLY A 143 -5.25 -0.95 21.59
C GLY A 143 -3.78 -1.26 21.81
N LEU A 144 -3.16 -1.95 20.85
CA LEU A 144 -1.75 -2.29 20.96
C LEU A 144 -0.90 -1.17 20.34
N PRO A 145 0.09 -0.64 21.04
CA PRO A 145 0.95 0.46 20.49
C PRO A 145 1.25 0.26 18.99
N PRO A 146 1.59 1.32 18.28
CA PRO A 146 1.92 1.24 16.82
C PRO A 146 3.31 0.65 16.56
N CYS A 147 3.77 0.81 15.31
CA CYS A 147 5.09 0.31 14.89
C CYS A 147 5.95 1.49 14.45
N ARG A 148 6.48 2.23 15.42
CA ARG A 148 7.32 3.39 15.11
C ARG A 148 8.49 2.98 14.23
N THR A 149 8.99 1.77 14.44
CA THR A 149 10.10 1.29 13.62
C THR A 149 10.21 -0.23 13.75
N VAL A 150 11.03 -0.82 12.91
CA VAL A 150 11.21 -2.23 12.96
C VAL A 150 11.71 -2.62 14.35
N ASP A 151 12.27 -1.63 15.04
CA ASP A 151 12.74 -1.85 16.39
C ASP A 151 11.50 -2.16 17.24
N GLU A 152 10.40 -1.54 16.87
CA GLU A 152 9.15 -1.73 17.59
C GLU A 152 8.70 -3.21 17.45
N VAL A 153 8.09 -3.55 16.30
CA VAL A 153 7.63 -4.91 15.99
C VAL A 153 8.61 -5.94 16.55
N ARG A 154 9.88 -5.57 16.63
CA ARG A 154 10.91 -6.48 17.15
C ARG A 154 10.78 -6.68 18.65
N ALA A 155 10.67 -5.57 19.36
CA ALA A 155 10.55 -5.65 20.82
C ALA A 155 9.18 -6.18 21.14
N GLN A 156 8.35 -6.08 20.13
CA GLN A 156 6.96 -6.47 20.19
C GLN A 156 6.78 -7.99 19.95
N PHE A 157 7.30 -8.49 18.82
CA PHE A 157 7.16 -9.91 18.45
C PHE A 157 8.51 -10.58 18.20
N GLY A 158 9.56 -9.80 18.00
CA GLY A 158 10.89 -10.37 17.73
C GLY A 158 11.06 -10.71 16.25
N ALA A 159 10.31 -10.02 15.41
CA ALA A 159 10.37 -10.23 13.98
C ALA A 159 11.81 -10.40 13.49
N ALA A 160 12.41 -9.30 13.04
CA ALA A 160 13.77 -9.36 12.52
C ALA A 160 13.82 -10.28 11.31
N PHE A 161 12.73 -10.28 10.55
CA PHE A 161 12.64 -11.10 9.35
C PHE A 161 11.35 -10.74 8.59
N PRO A 162 10.19 -10.93 9.18
CA PRO A 162 8.89 -10.57 8.53
C PRO A 162 8.71 -9.05 8.50
N VAL A 163 9.84 -8.34 8.46
CA VAL A 163 9.86 -6.89 8.46
C VAL A 163 10.77 -6.35 7.36
N VAL A 164 10.67 -5.04 7.12
CA VAL A 164 11.51 -4.38 6.10
C VAL A 164 12.29 -3.21 6.71
N PRO A 165 13.20 -3.49 7.61
CA PRO A 165 14.06 -2.45 8.28
C PRO A 165 14.55 -1.36 7.36
N GLY A 166 14.70 -0.19 7.96
CA GLY A 166 15.19 0.96 7.22
C GLY A 166 15.13 2.24 8.04
N GLU A 167 14.78 3.34 7.38
CA GLU A 167 14.68 4.65 8.05
C GLU A 167 13.57 5.48 7.41
N THR A 168 13.38 6.69 7.92
CA THR A 168 12.35 7.59 7.39
C THR A 168 12.82 9.04 7.45
N GLY A 169 12.20 9.87 6.62
CA GLY A 169 12.55 11.29 6.58
C GLY A 169 11.94 11.95 5.35
N GLY A 170 10.61 11.96 5.33
CA GLY A 170 9.87 12.57 4.22
C GLY A 170 8.43 12.85 4.63
N ARG A 171 8.18 14.04 5.18
CA ARG A 171 6.83 14.43 5.61
C ARG A 171 6.51 15.86 5.20
N LEU A 172 5.96 16.03 3.99
CA LEU A 172 5.62 17.36 3.48
C LEU A 172 4.25 17.79 4.01
N ASN A 173 3.26 17.89 3.12
CA ASN A 173 1.91 18.29 3.51
C ASN A 173 1.11 17.08 4.00
N PRO A 174 0.17 17.27 4.91
CA PRO A 174 -0.66 16.14 5.44
C PRO A 174 -1.67 15.64 4.40
N SER A 175 -2.11 14.40 4.57
CA SER A 175 -3.09 13.81 3.65
C SER A 175 -2.46 13.57 2.29
N GLU A 176 -2.02 12.33 2.11
CA GLU A 176 -1.39 11.92 0.88
C GLU A 176 -2.41 11.52 -0.18
N ILE A 177 -3.66 11.30 0.25
CA ILE A 177 -4.73 10.90 -0.68
C ILE A 177 -5.47 12.12 -1.22
N ARG A 178 -5.72 12.11 -2.52
CA ARG A 178 -6.43 13.21 -3.19
C ARG A 178 -7.48 12.69 -4.15
N ASP A 179 -8.30 13.61 -4.67
CA ASP A 179 -9.35 13.23 -5.61
C ASP A 179 -8.76 13.01 -7.00
N ALA A 180 -8.65 11.74 -7.36
CA ALA A 180 -8.11 11.37 -8.66
C ALA A 180 -9.02 11.85 -9.78
N LEU A 181 -10.28 12.12 -9.44
CA LEU A 181 -11.24 12.57 -10.43
C LEU A 181 -10.82 13.93 -11.00
N THR A 182 -10.37 14.83 -10.12
CA THR A 182 -9.94 16.18 -10.52
C THR A 182 -8.45 16.37 -10.26
N GLY A 183 -7.99 15.92 -9.10
CA GLY A 183 -6.59 16.05 -8.75
C GLY A 183 -6.21 17.53 -8.59
N GLU A 184 -7.20 18.35 -8.28
CA GLU A 184 -6.98 19.78 -8.10
C GLU A 184 -6.17 20.06 -6.85
N LEU A 185 -5.94 21.33 -6.57
CA LEU A 185 -5.17 21.74 -5.40
C LEU A 185 -6.05 21.74 -4.15
N PHE A 186 -5.45 22.05 -3.01
CA PHE A 186 -6.19 22.08 -1.75
C PHE A 186 -6.80 23.48 -1.53
N ARG A 187 -6.05 24.51 -1.89
CA ARG A 187 -6.53 25.87 -1.71
C ARG A 187 -7.64 26.19 -2.70
N GLN A 188 -8.68 26.88 -2.23
CA GLN A 188 -9.82 27.24 -3.08
C GLN A 188 -10.42 28.57 -2.63
N GLY A 189 -10.24 28.88 -1.34
CA GLY A 189 -10.77 30.12 -0.77
C GLY A 189 -12.23 30.31 -1.16
N ASN A 1 22.44 -7.00 0.19
CA ASN A 1 21.83 -8.02 -0.72
C ASN A 1 22.22 -9.40 -0.24
N ASN A 2 22.82 -9.49 0.95
CA ASN A 2 23.23 -10.78 1.50
C ASN A 2 22.02 -11.66 1.74
N ASN A 3 20.95 -11.06 2.25
CA ASN A 3 19.71 -11.79 2.52
C ASN A 3 18.51 -10.86 2.49
N LEU A 4 18.73 -9.61 2.07
CA LEU A 4 17.65 -8.64 1.99
C LEU A 4 16.59 -9.11 0.99
N GLN A 5 17.05 -9.63 -0.14
CA GLN A 5 16.14 -10.12 -1.16
C GLN A 5 15.33 -11.30 -0.61
N ARG A 6 16.01 -12.17 0.11
CA ARG A 6 15.37 -13.33 0.72
C ARG A 6 14.32 -12.87 1.73
N ASP A 7 14.70 -11.86 2.51
CA ASP A 7 13.79 -11.33 3.53
C ASP A 7 12.49 -10.83 2.87
N ALA A 8 12.62 -10.06 1.80
CA ALA A 8 11.45 -9.54 1.10
C ALA A 8 10.59 -10.69 0.58
N ILE A 9 11.26 -11.68 0.00
CA ILE A 9 10.56 -12.84 -0.53
C ILE A 9 9.89 -13.59 0.61
N ALA A 10 10.62 -13.74 1.71
CA ALA A 10 10.11 -14.43 2.89
C ALA A 10 8.81 -13.78 3.36
N ALA A 11 8.80 -12.45 3.39
CA ALA A 11 7.62 -11.71 3.83
C ALA A 11 6.43 -11.98 2.91
N ALA A 12 6.65 -11.90 1.61
CA ALA A 12 5.58 -12.11 0.65
C ALA A 12 4.95 -13.50 0.77
N ILE A 13 5.77 -14.53 0.75
CA ILE A 13 5.26 -15.90 0.85
C ILE A 13 4.68 -16.17 2.22
N ASP A 14 5.33 -15.65 3.26
CA ASP A 14 4.85 -15.87 4.60
C ASP A 14 3.43 -15.36 4.74
N VAL A 15 3.18 -14.11 4.37
CA VAL A 15 1.83 -13.56 4.48
C VAL A 15 0.86 -14.36 3.60
N LEU A 16 1.30 -14.73 2.41
CA LEU A 16 0.44 -15.50 1.53
C LEU A 16 -0.11 -16.71 2.27
N ASN A 17 0.79 -17.47 2.88
CA ASN A 17 0.41 -18.68 3.61
C ASN A 17 -0.15 -18.35 5.01
N GLU A 18 0.61 -17.54 5.76
CA GLU A 18 0.23 -17.16 7.10
C GLU A 18 -1.06 -16.35 7.10
N GLU A 19 -1.26 -15.60 6.01
CA GLU A 19 -2.47 -14.78 5.83
C GLU A 19 -2.69 -13.76 6.95
N ARG A 20 -1.99 -12.62 6.86
CA ARG A 20 -2.16 -11.55 7.85
C ARG A 20 -1.58 -10.23 7.32
N VAL A 21 -1.04 -9.43 8.23
CA VAL A 21 -0.44 -8.13 7.88
C VAL A 21 0.96 -8.04 8.48
N ILE A 22 1.93 -7.50 7.72
CA ILE A 22 3.32 -7.38 8.21
C ILE A 22 3.86 -5.97 8.06
N ALA A 23 5.00 -5.70 8.70
CA ALA A 23 5.60 -4.37 8.65
C ALA A 23 6.02 -3.99 7.23
N TYR A 24 5.69 -2.75 6.86
CA TYR A 24 6.01 -2.20 5.53
C TYR A 24 6.75 -0.86 5.72
N PRO A 25 7.78 -0.55 4.95
CA PRO A 25 8.54 0.73 5.12
C PRO A 25 7.79 1.90 4.50
N THR A 26 7.89 3.08 5.14
CA THR A 26 7.22 4.28 4.64
C THR A 26 8.18 5.47 4.67
N GLU A 27 8.23 6.22 3.57
CA GLU A 27 9.10 7.38 3.49
C GLU A 27 8.56 8.54 4.34
N ALA A 28 7.88 8.18 5.44
CA ALA A 28 7.30 9.19 6.33
C ALA A 28 7.12 8.63 7.74
N VAL A 29 6.07 7.83 7.92
CA VAL A 29 5.77 7.23 9.23
C VAL A 29 5.58 5.73 9.07
N PHE A 30 6.28 4.96 9.92
CA PHE A 30 6.19 3.51 9.86
C PHE A 30 4.75 3.04 9.69
N GLY A 31 4.56 1.98 8.91
CA GLY A 31 3.23 1.43 8.65
C GLY A 31 3.33 -0.08 8.38
N VAL A 32 2.20 -0.69 8.05
CA VAL A 32 2.15 -2.14 7.76
C VAL A 32 1.44 -2.38 6.44
N GLY A 33 1.46 -3.61 5.94
CA GLY A 33 0.80 -3.92 4.68
C GLY A 33 0.51 -5.39 4.52
N CYS A 34 -0.10 -5.77 3.39
CA CYS A 34 -0.43 -7.19 3.17
C CYS A 34 -0.63 -7.50 1.68
N ASP A 35 -1.29 -8.63 1.42
CA ASP A 35 -1.52 -9.09 0.04
C ASP A 35 -2.89 -8.62 -0.54
N PRO A 36 -2.93 -7.66 -1.47
CA PRO A 36 -4.21 -7.19 -2.09
C PRO A 36 -5.20 -8.33 -2.33
N ASP A 37 -4.79 -9.27 -3.16
CA ASP A 37 -5.65 -10.41 -3.51
C ASP A 37 -5.71 -11.43 -2.38
N SER A 38 -6.35 -11.05 -1.27
CA SER A 38 -6.47 -11.95 -0.12
C SER A 38 -7.72 -11.60 0.70
N GLU A 39 -8.50 -12.64 1.00
CA GLU A 39 -9.72 -12.47 1.77
C GLU A 39 -9.40 -12.11 3.22
N THR A 40 -8.28 -12.64 3.72
CA THR A 40 -7.88 -12.37 5.08
C THR A 40 -7.71 -10.86 5.31
N ALA A 41 -7.12 -10.19 4.34
CA ALA A 41 -6.87 -8.76 4.43
C ALA A 41 -8.17 -7.96 4.60
N VAL A 42 -9.14 -8.16 3.73
CA VAL A 42 -10.37 -7.43 3.80
C VAL A 42 -11.09 -7.72 5.12
N MET A 43 -11.11 -8.97 5.52
CA MET A 43 -11.79 -9.31 6.76
C MET A 43 -11.09 -8.68 7.97
N ARG A 44 -9.78 -8.90 8.12
CA ARG A 44 -9.04 -8.33 9.26
C ARG A 44 -9.06 -6.80 9.24
N LEU A 45 -8.97 -6.23 8.05
CA LEU A 45 -8.95 -4.78 7.90
C LEU A 45 -10.28 -4.15 8.32
N LEU A 46 -11.37 -4.64 7.75
CA LEU A 46 -12.70 -4.11 8.04
C LEU A 46 -13.22 -4.63 9.38
N GLU A 47 -12.50 -5.57 9.97
CA GLU A 47 -12.89 -6.17 11.23
C GLU A 47 -12.79 -5.18 12.38
N LEU A 48 -11.57 -5.00 12.86
CA LEU A 48 -11.32 -4.13 14.00
C LEU A 48 -11.48 -2.66 13.67
N LYS A 49 -11.06 -2.26 12.47
CA LYS A 49 -11.15 -0.85 12.11
C LYS A 49 -12.61 -0.45 11.96
N GLN A 50 -13.36 -1.28 11.23
CA GLN A 50 -14.79 -1.06 11.00
C GLN A 50 -15.14 0.44 10.99
N ARG A 51 -14.64 1.14 9.98
CA ARG A 51 -14.88 2.58 9.85
C ARG A 51 -14.21 3.14 8.58
N PRO A 52 -12.92 2.93 8.40
CA PRO A 52 -12.20 3.42 7.19
C PRO A 52 -12.59 2.56 5.99
N VAL A 53 -13.43 1.58 6.27
CA VAL A 53 -13.90 0.66 5.26
C VAL A 53 -14.32 1.42 4.00
N ASP A 54 -15.12 2.48 4.15
CA ASP A 54 -15.56 3.27 2.99
C ASP A 54 -14.41 4.09 2.44
N LYS A 55 -13.60 4.64 3.34
CA LYS A 55 -12.48 5.47 2.93
C LYS A 55 -11.51 4.66 2.07
N GLY A 56 -11.30 3.40 2.43
CA GLY A 56 -10.38 2.55 1.68
C GLY A 56 -8.98 3.14 1.76
N LEU A 57 -8.12 2.48 2.51
CA LEU A 57 -6.76 2.93 2.70
C LEU A 57 -6.03 3.15 1.39
N ILE A 58 -4.70 3.16 1.46
CA ILE A 58 -3.85 3.34 0.28
C ILE A 58 -3.14 2.03 -0.02
N LEU A 59 -2.88 1.78 -1.31
CA LEU A 59 -2.21 0.54 -1.73
C LEU A 59 -0.95 0.91 -2.51
N ILE A 60 0.15 0.15 -2.33
CA ILE A 60 1.41 0.46 -3.05
C ILE A 60 1.69 -0.60 -4.12
N ALA A 61 1.99 -0.13 -5.33
CA ALA A 61 2.30 -1.01 -6.46
C ALA A 61 3.70 -0.72 -6.97
N ALA A 62 4.39 -1.74 -7.45
CA ALA A 62 5.75 -1.58 -7.95
C ALA A 62 5.77 -1.61 -9.45
N ASN A 63 4.80 -2.35 -10.03
CA ASN A 63 4.71 -2.46 -11.51
C ASN A 63 3.40 -1.89 -12.01
N TYR A 64 3.41 -1.41 -13.26
CA TYR A 64 2.20 -0.85 -13.87
C TYR A 64 1.31 -1.99 -14.36
N GLU A 65 1.91 -3.18 -14.43
CA GLU A 65 1.21 -4.36 -14.88
C GLU A 65 -0.09 -4.53 -14.12
N GLN A 66 -0.09 -4.10 -12.85
CA GLN A 66 -1.29 -4.21 -12.00
C GLN A 66 -2.14 -2.94 -12.06
N LEU A 67 -1.64 -1.86 -12.66
CA LEU A 67 -2.42 -0.62 -12.75
C LEU A 67 -3.24 -0.64 -14.05
N LYS A 68 -2.83 -1.49 -14.98
CA LYS A 68 -3.51 -1.57 -16.27
C LYS A 68 -4.85 -2.33 -16.20
N PRO A 69 -4.97 -3.39 -15.42
CA PRO A 69 -6.23 -4.17 -15.32
C PRO A 69 -6.99 -3.91 -14.02
N TYR A 70 -6.42 -3.07 -13.15
CA TYR A 70 -7.03 -2.78 -11.84
C TYR A 70 -7.90 -1.51 -11.92
N ILE A 71 -7.78 -0.78 -13.03
CA ILE A 71 -8.57 0.45 -13.26
C ILE A 71 -9.30 0.32 -14.60
N ASP A 72 -10.24 1.22 -14.86
CA ASP A 72 -11.00 1.16 -16.11
C ASP A 72 -10.09 1.34 -17.31
N ASP A 73 -8.89 1.89 -17.08
CA ASP A 73 -7.93 2.11 -18.15
C ASP A 73 -8.54 2.98 -19.25
N THR A 74 -9.55 3.75 -18.88
CA THR A 74 -10.23 4.66 -19.83
C THR A 74 -9.52 6.00 -19.83
N MET A 75 -9.16 6.47 -18.64
CA MET A 75 -8.47 7.75 -18.50
C MET A 75 -6.97 7.57 -18.71
N LEU A 76 -6.51 6.33 -18.52
CA LEU A 76 -5.10 6.00 -18.67
C LEU A 76 -4.71 6.00 -20.14
N THR A 77 -3.56 6.59 -20.41
CA THR A 77 -3.07 6.73 -21.78
C THR A 77 -1.54 6.84 -21.80
N ASP A 78 -0.95 6.67 -22.98
CA ASP A 78 0.50 6.73 -23.12
C ASP A 78 1.09 7.96 -22.43
N VAL A 79 0.47 9.11 -22.65
CA VAL A 79 0.97 10.34 -22.05
C VAL A 79 0.92 10.27 -20.52
N GLN A 80 -0.06 9.56 -19.99
CA GLN A 80 -0.20 9.42 -18.55
C GLN A 80 1.00 8.66 -17.97
N ARG A 81 1.43 7.63 -18.69
CA ARG A 81 2.57 6.83 -18.25
C ARG A 81 3.80 7.69 -18.22
N GLU A 82 4.04 8.31 -19.35
CA GLU A 82 5.19 9.18 -19.49
C GLU A 82 5.20 10.21 -18.39
N THR A 83 4.06 10.85 -18.26
CA THR A 83 3.89 11.91 -17.29
C THR A 83 4.11 11.42 -15.87
N ILE A 84 3.45 10.34 -15.48
CA ILE A 84 3.62 9.83 -14.12
C ILE A 84 5.04 9.28 -13.95
N PHE A 85 5.60 8.76 -15.03
CA PHE A 85 6.95 8.21 -15.00
C PHE A 85 8.00 9.31 -15.02
N SER A 86 7.72 10.40 -15.77
CA SER A 86 8.68 11.50 -15.89
C SER A 86 8.52 12.50 -14.74
N ARG A 87 7.37 12.45 -14.06
CA ARG A 87 7.09 13.35 -12.95
C ARG A 87 7.01 12.57 -11.64
N TRP A 88 8.18 12.22 -11.10
CA TRP A 88 8.26 11.47 -9.85
C TRP A 88 7.49 10.14 -9.97
N PRO A 89 7.89 9.11 -9.26
CA PRO A 89 7.20 7.78 -9.33
C PRO A 89 5.78 7.84 -8.75
N GLY A 90 5.54 8.81 -7.88
CA GLY A 90 4.22 8.95 -7.26
C GLY A 90 4.31 9.74 -5.96
N PRO A 91 4.38 11.06 -6.05
CA PRO A 91 4.49 11.94 -4.85
C PRO A 91 3.13 12.17 -4.20
N VAL A 92 2.05 11.87 -4.93
CA VAL A 92 0.70 12.06 -4.43
C VAL A 92 -0.18 10.85 -4.76
N THR A 93 -1.10 10.52 -3.84
CA THR A 93 -2.00 9.39 -4.03
C THR A 93 -3.34 9.88 -4.61
N PHE A 94 -3.81 9.17 -5.64
CA PHE A 94 -5.07 9.53 -6.32
C PHE A 94 -6.09 8.39 -6.19
N VAL A 95 -7.37 8.74 -5.98
CA VAL A 95 -8.43 7.72 -5.83
C VAL A 95 -9.20 7.56 -7.14
N PHE A 96 -8.99 6.41 -7.78
CA PHE A 96 -9.63 6.10 -9.07
C PHE A 96 -10.91 5.28 -8.86
N PRO A 97 -11.90 5.43 -9.72
CA PRO A 97 -13.17 4.64 -9.59
C PRO A 97 -12.92 3.16 -9.88
N ALA A 98 -12.54 2.41 -8.86
CA ALA A 98 -12.26 1.00 -9.03
C ALA A 98 -13.40 0.31 -9.78
N PRO A 99 -13.13 -0.74 -10.54
CA PRO A 99 -14.18 -1.49 -11.28
C PRO A 99 -15.00 -2.34 -10.31
N ALA A 100 -16.22 -2.70 -10.69
CA ALA A 100 -17.04 -3.51 -9.81
C ALA A 100 -18.41 -3.80 -10.43
N THR A 101 -18.72 -5.08 -10.61
CA THR A 101 -20.01 -5.49 -11.14
C THR A 101 -21.00 -5.62 -10.00
N THR A 102 -20.65 -6.46 -9.03
CA THR A 102 -21.46 -6.66 -7.83
C THR A 102 -20.61 -7.20 -6.68
N PRO A 103 -19.60 -6.48 -6.24
CA PRO A 103 -18.69 -6.91 -5.15
C PRO A 103 -18.99 -6.20 -3.83
N ARG A 104 -18.52 -4.97 -3.72
CA ARG A 104 -18.72 -4.15 -2.52
C ARG A 104 -17.74 -4.55 -1.42
N TRP A 105 -16.95 -5.59 -1.67
CA TRP A 105 -15.96 -6.05 -0.70
C TRP A 105 -14.66 -5.29 -0.88
N LEU A 106 -14.60 -4.55 -1.97
CA LEU A 106 -13.43 -3.77 -2.32
C LEU A 106 -13.44 -2.40 -1.65
N THR A 107 -14.62 -1.97 -1.19
CA THR A 107 -14.76 -0.68 -0.53
C THR A 107 -15.79 -0.74 0.60
N GLY A 108 -16.91 -1.45 0.37
CA GLY A 108 -17.94 -1.58 1.41
C GLY A 108 -18.93 -0.41 1.40
N ARG A 109 -18.71 0.60 0.55
CA ARG A 109 -19.60 1.74 0.52
C ARG A 109 -19.59 2.43 -0.85
N PHE A 110 -18.56 3.24 -1.12
CA PHE A 110 -18.44 3.93 -2.41
C PHE A 110 -17.55 3.11 -3.34
N ASP A 111 -17.27 3.66 -4.53
CA ASP A 111 -16.43 2.97 -5.52
C ASP A 111 -15.26 3.86 -5.94
N SER A 112 -14.22 3.87 -5.12
CA SER A 112 -13.02 4.65 -5.42
C SER A 112 -11.89 4.22 -4.50
N LEU A 113 -10.72 3.91 -5.10
CA LEU A 113 -9.57 3.45 -4.31
C LEU A 113 -8.29 4.28 -4.54
N ALA A 114 -7.72 4.75 -3.42
CA ALA A 114 -6.47 5.50 -3.40
C ALA A 114 -5.31 4.53 -3.61
N VAL A 115 -4.41 4.85 -4.54
CA VAL A 115 -3.26 3.99 -4.83
C VAL A 115 -2.05 4.82 -5.18
N ARG A 116 -0.86 4.26 -4.94
CA ARG A 116 0.40 4.95 -5.22
C ARG A 116 1.45 3.95 -5.73
N VAL A 117 2.44 4.46 -6.46
CA VAL A 117 3.51 3.60 -7.00
C VAL A 117 4.87 4.12 -6.55
N THR A 118 5.71 3.21 -6.05
CA THR A 118 7.06 3.56 -5.60
C THR A 118 8.05 2.53 -6.12
N ASP A 119 9.13 3.01 -6.74
CA ASP A 119 10.15 2.13 -7.29
C ASP A 119 11.53 2.67 -6.94
N HIS A 120 12.04 2.28 -5.77
CA HIS A 120 13.34 2.76 -5.32
C HIS A 120 13.80 2.05 -4.04
N PRO A 121 12.93 1.74 -3.10
CA PRO A 121 13.32 1.08 -1.83
C PRO A 121 13.16 -0.43 -1.92
N LEU A 122 13.09 -1.07 -0.76
CA LEU A 122 12.94 -2.52 -0.70
C LEU A 122 11.50 -2.91 -0.97
N VAL A 123 10.65 -1.91 -1.10
CA VAL A 123 9.23 -2.17 -1.34
C VAL A 123 9.07 -2.98 -2.61
N VAL A 124 9.79 -2.61 -3.66
CA VAL A 124 9.70 -3.36 -4.90
C VAL A 124 9.95 -4.82 -4.61
N ALA A 125 11.13 -5.13 -4.11
CA ALA A 125 11.47 -6.50 -3.77
C ALA A 125 10.29 -7.20 -3.09
N LEU A 126 9.65 -6.51 -2.16
CA LEU A 126 8.49 -7.08 -1.47
C LEU A 126 7.28 -7.22 -2.40
N CYS A 127 6.98 -6.16 -3.16
CA CYS A 127 5.85 -6.19 -4.09
C CYS A 127 6.15 -7.10 -5.27
N GLN A 128 7.32 -6.87 -5.86
CA GLN A 128 7.77 -7.65 -6.98
C GLN A 128 7.73 -9.13 -6.61
N ALA A 129 8.16 -9.39 -5.39
CA ALA A 129 8.23 -10.74 -4.88
C ALA A 129 6.85 -11.38 -4.92
N TYR A 130 5.90 -10.70 -4.29
CA TYR A 130 4.54 -11.18 -4.26
C TYR A 130 4.02 -11.24 -5.67
N GLY A 131 4.70 -10.53 -6.54
CA GLY A 131 4.31 -10.46 -7.92
C GLY A 131 3.16 -9.49 -8.07
N LYS A 132 2.74 -8.88 -6.95
CA LYS A 132 1.64 -7.94 -6.99
C LYS A 132 1.76 -6.94 -5.81
N PRO A 133 1.12 -5.79 -5.92
CA PRO A 133 1.16 -4.71 -4.88
C PRO A 133 1.09 -5.25 -3.45
N LEU A 134 1.26 -4.33 -2.51
CA LEU A 134 1.17 -4.61 -1.10
C LEU A 134 0.19 -3.61 -0.50
N VAL A 135 -0.88 -4.05 0.15
CA VAL A 135 -1.81 -3.07 0.68
C VAL A 135 -1.09 -2.32 1.76
N SER A 136 -1.41 -1.03 1.92
CA SER A 136 -0.75 -0.19 2.96
C SER A 136 -1.77 0.30 3.98
N THR A 137 -1.51 -0.03 5.26
CA THR A 137 -2.38 0.36 6.37
C THR A 137 -1.55 0.96 7.50
N SER A 138 -2.21 1.66 8.41
CA SER A 138 -1.51 2.26 9.54
C SER A 138 -1.06 1.19 10.53
N ALA A 139 0.09 1.40 11.17
CA ALA A 139 0.62 0.44 12.13
C ALA A 139 -0.32 0.30 13.32
N ASN A 140 -0.91 1.41 13.75
CA ASN A 140 -1.81 1.39 14.89
C ASN A 140 -2.84 0.28 14.75
N LEU A 141 -3.26 -0.21 15.90
CA LEU A 141 -4.23 -1.31 15.99
C LEU A 141 -5.45 -0.88 16.82
N SER A 142 -6.17 -1.85 17.34
CA SER A 142 -7.35 -1.56 18.17
C SER A 142 -6.93 -0.79 19.41
N GLY A 143 -5.82 -1.23 20.02
CA GLY A 143 -5.31 -0.58 21.22
C GLY A 143 -3.86 -0.95 21.46
N LEU A 144 -3.30 -1.72 20.53
CA LEU A 144 -1.91 -2.13 20.64
C LEU A 144 -0.97 -1.07 20.05
N PRO A 145 0.01 -0.57 20.78
CA PRO A 145 0.95 0.47 20.24
C PRO A 145 1.34 0.18 18.79
N PRO A 146 1.77 1.18 18.04
CA PRO A 146 2.19 1.00 16.62
C PRO A 146 3.57 0.37 16.50
N CYS A 147 4.18 0.48 15.31
CA CYS A 147 5.52 -0.04 15.04
C CYS A 147 6.47 1.13 14.83
N ARG A 148 6.92 1.72 15.93
CA ARG A 148 7.83 2.84 15.84
C ARG A 148 9.05 2.45 15.02
N THR A 149 9.43 1.19 15.11
CA THR A 149 10.56 0.69 14.33
C THR A 149 10.52 -0.83 14.35
N VAL A 150 11.25 -1.45 13.45
CA VAL A 150 11.27 -2.88 13.40
C VAL A 150 11.70 -3.41 14.76
N ASP A 151 12.27 -2.54 15.57
CA ASP A 151 12.67 -2.94 16.92
C ASP A 151 11.40 -3.24 17.70
N GLU A 152 10.35 -2.48 17.39
CA GLU A 152 9.05 -2.63 18.03
C GLU A 152 8.47 -4.05 17.80
N VAL A 153 8.06 -4.29 16.56
CA VAL A 153 7.50 -5.56 16.13
C VAL A 153 8.37 -6.74 16.57
N ARG A 154 9.68 -6.51 16.62
CA ARG A 154 10.61 -7.56 17.04
C ARG A 154 10.61 -7.68 18.55
N ALA A 155 10.78 -6.56 19.19
CA ALA A 155 10.78 -6.51 20.64
C ALA A 155 9.53 -7.17 21.17
N GLN A 156 8.44 -6.82 20.51
CA GLN A 156 7.12 -7.24 20.88
C GLN A 156 6.72 -8.64 20.34
N PHE A 157 7.26 -9.04 19.18
CA PHE A 157 6.92 -10.36 18.59
C PHE A 157 8.16 -11.19 18.30
N GLY A 158 9.25 -10.52 17.93
CA GLY A 158 10.51 -11.19 17.62
C GLY A 158 10.63 -11.46 16.12
N ALA A 159 9.94 -10.66 15.32
CA ALA A 159 9.98 -10.81 13.88
C ALA A 159 11.42 -11.04 13.40
N ALA A 160 12.11 -9.97 13.02
CA ALA A 160 13.48 -10.09 12.53
C ALA A 160 13.49 -10.96 11.27
N PHE A 161 12.45 -10.79 10.46
CA PHE A 161 12.31 -11.56 9.22
C PHE A 161 11.07 -11.08 8.46
N PRO A 162 9.89 -11.23 9.04
CA PRO A 162 8.62 -10.75 8.39
C PRO A 162 8.53 -9.23 8.46
N VAL A 163 9.69 -8.58 8.46
CA VAL A 163 9.78 -7.13 8.55
C VAL A 163 10.75 -6.58 7.52
N VAL A 164 10.70 -5.27 7.31
CA VAL A 164 11.59 -4.58 6.34
C VAL A 164 12.40 -3.48 7.04
N PRO A 165 13.27 -3.85 7.96
CA PRO A 165 14.12 -2.89 8.72
C PRO A 165 14.59 -1.67 7.95
N GLY A 166 14.62 -0.57 8.67
CA GLY A 166 15.07 0.70 8.10
C GLY A 166 14.76 1.86 9.03
N GLU A 167 15.15 3.06 8.63
CA GLU A 167 14.92 4.25 9.44
C GLU A 167 14.92 5.50 8.56
N THR A 168 14.14 6.51 8.96
CA THR A 168 14.05 7.76 8.20
C THR A 168 13.88 8.94 9.15
N GLY A 169 14.34 10.11 8.72
CA GLY A 169 14.23 11.31 9.53
C GLY A 169 12.80 11.57 9.93
N GLY A 170 11.97 11.92 8.94
CA GLY A 170 10.56 12.20 9.19
C GLY A 170 10.00 13.12 8.11
N ARG A 171 10.05 12.65 6.87
CA ARG A 171 9.54 13.43 5.75
C ARG A 171 8.03 13.34 5.67
N LEU A 172 7.35 14.43 6.04
CA LEU A 172 5.90 14.47 6.02
C LEU A 172 5.41 14.71 4.59
N ASN A 173 4.11 14.46 4.37
CA ASN A 173 3.53 14.65 3.05
C ASN A 173 2.03 14.94 3.18
N PRO A 174 1.68 16.10 3.65
CA PRO A 174 0.25 16.51 3.83
C PRO A 174 -0.53 16.50 2.52
N SER A 175 -1.79 16.08 2.59
CA SER A 175 -2.63 16.03 1.41
C SER A 175 -2.02 15.11 0.37
N GLU A 176 -2.09 13.81 0.64
CA GLU A 176 -1.55 12.79 -0.25
C GLU A 176 -2.66 12.15 -1.07
N ILE A 177 -3.86 12.09 -0.49
CA ILE A 177 -5.01 11.49 -1.16
C ILE A 177 -5.85 12.58 -1.82
N ARG A 178 -6.02 12.49 -3.15
CA ARG A 178 -6.81 13.48 -3.91
C ARG A 178 -7.85 12.82 -4.79
N ASP A 179 -8.79 13.63 -5.27
CA ASP A 179 -9.84 13.15 -6.13
C ASP A 179 -9.32 12.96 -7.54
N ALA A 180 -9.13 11.70 -7.93
CA ALA A 180 -8.63 11.39 -9.25
C ALA A 180 -9.64 11.77 -10.31
N LEU A 181 -10.89 11.94 -9.91
CA LEU A 181 -11.95 12.32 -10.84
C LEU A 181 -11.66 13.69 -11.46
N THR A 182 -11.20 14.62 -10.63
CA THR A 182 -10.88 15.99 -11.10
C THR A 182 -9.39 16.27 -10.99
N GLY A 183 -8.81 15.90 -9.86
CA GLY A 183 -7.39 16.12 -9.63
C GLY A 183 -7.09 17.61 -9.56
N GLU A 184 -8.10 18.40 -9.19
CA GLU A 184 -7.95 19.83 -9.09
C GLU A 184 -6.91 20.21 -8.05
N LEU A 185 -6.01 21.09 -8.44
CA LEU A 185 -4.94 21.54 -7.55
C LEU A 185 -5.47 22.53 -6.52
N PHE A 186 -4.57 23.05 -5.69
CA PHE A 186 -4.94 24.02 -4.65
C PHE A 186 -4.50 25.42 -5.09
N ARG A 187 -5.13 25.95 -6.13
CA ARG A 187 -4.80 27.28 -6.66
C ARG A 187 -6.08 28.10 -6.83
N GLN A 188 -5.97 29.41 -6.57
CA GLN A 188 -7.12 30.33 -6.71
C GLN A 188 -6.69 31.62 -7.39
N GLY A 189 -5.38 31.87 -7.40
CA GLY A 189 -4.84 33.08 -8.02
C GLY A 189 -3.34 32.93 -8.27
N ASN A 1 24.63 -7.77 -0.36
CA ASN A 1 24.02 -8.67 0.65
C ASN A 1 22.66 -9.14 0.17
N ASN A 2 22.48 -10.47 0.09
CA ASN A 2 21.23 -11.05 -0.36
C ASN A 2 20.29 -11.32 0.82
N ASN A 3 20.70 -10.90 2.01
CA ASN A 3 19.88 -11.11 3.20
C ASN A 3 18.56 -10.36 3.09
N LEU A 4 18.62 -9.13 2.56
CA LEU A 4 17.42 -8.33 2.40
C LEU A 4 16.47 -9.01 1.42
N GLN A 5 17.02 -9.56 0.34
CA GLN A 5 16.19 -10.24 -0.65
C GLN A 5 15.47 -11.42 -0.01
N ARG A 6 16.22 -12.17 0.80
CA ARG A 6 15.64 -13.32 1.48
C ARG A 6 14.48 -12.86 2.37
N ASP A 7 14.67 -11.74 3.04
CA ASP A 7 13.63 -11.19 3.91
C ASP A 7 12.39 -10.88 3.09
N ALA A 8 12.59 -10.33 1.90
CA ALA A 8 11.47 -9.97 1.04
C ALA A 8 10.64 -11.21 0.69
N ILE A 9 11.31 -12.27 0.27
CA ILE A 9 10.60 -13.50 -0.09
C ILE A 9 9.90 -14.09 1.13
N ALA A 10 10.60 -14.12 2.25
CA ALA A 10 10.02 -14.68 3.48
C ALA A 10 8.72 -13.99 3.83
N ALA A 11 8.72 -12.66 3.77
CA ALA A 11 7.53 -11.89 4.10
C ALA A 11 6.39 -12.20 3.13
N ALA A 12 6.69 -12.25 1.83
CA ALA A 12 5.67 -12.53 0.82
C ALA A 12 5.02 -13.90 1.00
N ILE A 13 5.84 -14.95 1.12
CA ILE A 13 5.31 -16.30 1.27
C ILE A 13 4.64 -16.49 2.63
N ASP A 14 5.23 -15.93 3.68
CA ASP A 14 4.68 -16.08 5.01
C ASP A 14 3.26 -15.52 5.03
N VAL A 15 3.08 -14.27 4.62
CA VAL A 15 1.76 -13.66 4.61
C VAL A 15 0.83 -14.42 3.66
N LEU A 16 1.36 -14.84 2.53
CA LEU A 16 0.54 -15.57 1.57
C LEU A 16 -0.15 -16.74 2.26
N ASN A 17 0.65 -17.51 2.98
CA ASN A 17 0.14 -18.69 3.69
C ASN A 17 -0.52 -18.30 5.02
N GLU A 18 0.20 -17.53 5.82
CA GLU A 18 -0.26 -17.11 7.12
C GLU A 18 -1.48 -16.20 7.01
N GLU A 19 -1.50 -15.40 5.95
CA GLU A 19 -2.62 -14.49 5.69
C GLU A 19 -2.85 -13.50 6.84
N ARG A 20 -2.14 -12.37 6.81
CA ARG A 20 -2.29 -11.34 7.83
C ARG A 20 -1.76 -10.00 7.31
N VAL A 21 -0.95 -9.33 8.13
CA VAL A 21 -0.37 -8.04 7.76
C VAL A 21 1.04 -7.97 8.35
N ILE A 22 2.00 -7.41 7.59
CA ILE A 22 3.39 -7.31 8.08
C ILE A 22 3.96 -5.92 7.91
N ALA A 23 5.06 -5.65 8.61
CA ALA A 23 5.70 -4.35 8.54
C ALA A 23 6.12 -4.03 7.11
N TYR A 24 5.86 -2.79 6.71
CA TYR A 24 6.18 -2.29 5.35
C TYR A 24 6.89 -0.93 5.49
N PRO A 25 7.83 -0.59 4.65
CA PRO A 25 8.56 0.72 4.75
C PRO A 25 7.72 1.85 4.17
N THR A 26 7.85 3.05 4.75
CA THR A 26 7.10 4.22 4.28
C THR A 26 8.04 5.39 4.07
N GLU A 27 7.88 6.10 2.96
CA GLU A 27 8.72 7.25 2.68
C GLU A 27 8.28 8.43 3.55
N ALA A 28 7.59 8.13 4.66
CA ALA A 28 7.12 9.17 5.57
C ALA A 28 6.92 8.63 6.98
N VAL A 29 5.86 7.84 7.17
CA VAL A 29 5.53 7.27 8.50
C VAL A 29 5.47 5.74 8.45
N PHE A 30 6.23 5.11 9.34
CA PHE A 30 6.28 3.67 9.43
C PHE A 30 4.87 3.08 9.38
N GLY A 31 4.68 2.06 8.55
CA GLY A 31 3.37 1.42 8.39
C GLY A 31 3.51 -0.08 8.17
N VAL A 32 2.39 -0.73 7.85
CA VAL A 32 2.34 -2.18 7.62
C VAL A 32 1.61 -2.46 6.30
N GLY A 33 1.67 -3.71 5.82
CA GLY A 33 1.00 -4.05 4.56
C GLY A 33 0.70 -5.53 4.43
N CYS A 34 0.12 -5.93 3.29
CA CYS A 34 -0.22 -7.33 3.06
C CYS A 34 -0.31 -7.62 1.55
N ASP A 35 -0.94 -8.74 1.19
CA ASP A 35 -1.07 -9.15 -0.21
C ASP A 35 -2.45 -8.81 -0.84
N PRO A 36 -2.55 -7.85 -1.77
CA PRO A 36 -3.85 -7.52 -2.44
C PRO A 36 -4.70 -8.73 -2.78
N ASP A 37 -5.90 -8.44 -3.26
CA ASP A 37 -6.84 -9.47 -3.66
C ASP A 37 -6.85 -10.61 -2.64
N SER A 38 -7.31 -10.31 -1.42
CA SER A 38 -7.38 -11.30 -0.36
C SER A 38 -8.49 -10.96 0.63
N GLU A 39 -9.22 -11.98 1.07
CA GLU A 39 -10.31 -11.81 2.01
C GLU A 39 -9.81 -11.33 3.36
N THR A 40 -8.57 -11.69 3.69
CA THR A 40 -7.97 -11.32 4.96
C THR A 40 -7.90 -9.81 5.14
N ALA A 41 -7.52 -9.09 4.08
CA ALA A 41 -7.40 -7.64 4.17
C ALA A 41 -8.73 -6.99 4.55
N VAL A 42 -9.78 -7.33 3.82
CA VAL A 42 -11.08 -6.76 4.11
C VAL A 42 -11.57 -7.19 5.50
N MET A 43 -11.45 -8.48 5.81
CA MET A 43 -11.88 -8.99 7.11
C MET A 43 -11.05 -8.43 8.27
N ARG A 44 -9.71 -8.45 8.12
CA ARG A 44 -8.83 -7.97 9.20
C ARG A 44 -9.09 -6.49 9.46
N LEU A 45 -9.48 -5.76 8.43
CA LEU A 45 -9.76 -4.35 8.61
C LEU A 45 -11.08 -4.20 9.37
N LEU A 46 -12.14 -4.68 8.76
CA LEU A 46 -13.47 -4.58 9.34
C LEU A 46 -13.48 -5.18 10.74
N GLU A 47 -12.50 -6.00 11.01
CA GLU A 47 -12.41 -6.66 12.27
C GLU A 47 -12.20 -5.63 13.39
N LEU A 48 -10.96 -5.26 13.60
CA LEU A 48 -10.62 -4.28 14.63
C LEU A 48 -10.92 -2.83 14.21
N LYS A 49 -10.72 -2.49 12.92
CA LYS A 49 -10.92 -1.10 12.51
C LYS A 49 -12.40 -0.76 12.45
N GLN A 50 -13.16 -1.63 11.82
CA GLN A 50 -14.59 -1.45 11.67
C GLN A 50 -14.98 0.03 11.49
N ARG A 51 -14.53 0.62 10.38
CA ARG A 51 -14.83 2.02 10.10
C ARG A 51 -14.20 2.48 8.76
N PRO A 52 -12.91 2.29 8.56
CA PRO A 52 -12.23 2.74 7.31
C PRO A 52 -12.53 1.83 6.12
N VAL A 53 -13.21 0.71 6.36
CA VAL A 53 -13.54 -0.22 5.28
C VAL A 53 -13.97 0.55 4.02
N ASP A 54 -14.85 1.54 4.20
CA ASP A 54 -15.33 2.35 3.08
C ASP A 54 -14.22 3.21 2.53
N LYS A 55 -13.41 3.75 3.42
CA LYS A 55 -12.31 4.61 3.01
C LYS A 55 -11.34 3.84 2.13
N GLY A 56 -11.08 2.58 2.48
CA GLY A 56 -10.14 1.77 1.69
C GLY A 56 -8.75 2.39 1.76
N LEU A 57 -7.88 1.76 2.53
CA LEU A 57 -6.52 2.23 2.72
C LEU A 57 -5.82 2.54 1.40
N ILE A 58 -4.51 2.74 1.48
CA ILE A 58 -3.70 3.01 0.31
C ILE A 58 -2.94 1.74 -0.06
N LEU A 59 -2.69 1.53 -1.36
CA LEU A 59 -1.99 0.33 -1.83
C LEU A 59 -0.72 0.76 -2.57
N ILE A 60 0.39 0.02 -2.39
CA ILE A 60 1.65 0.36 -3.07
C ILE A 60 1.96 -0.66 -4.17
N ALA A 61 2.30 -0.16 -5.35
CA ALA A 61 2.60 -1.01 -6.51
C ALA A 61 4.00 -0.70 -7.02
N ALA A 62 4.62 -1.69 -7.65
CA ALA A 62 5.98 -1.53 -8.19
C ALA A 62 5.93 -1.59 -9.71
N ASN A 63 4.96 -2.33 -10.26
CA ASN A 63 4.83 -2.44 -11.73
C ASN A 63 3.53 -1.81 -12.20
N TYR A 64 3.52 -1.32 -13.44
CA TYR A 64 2.33 -0.69 -14.00
C TYR A 64 1.35 -1.76 -14.45
N GLU A 65 1.84 -2.98 -14.53
CA GLU A 65 1.03 -4.11 -14.96
C GLU A 65 -0.22 -4.20 -14.12
N GLN A 66 -0.14 -3.77 -12.85
CA GLN A 66 -1.28 -3.81 -11.94
C GLN A 66 -2.03 -2.47 -11.93
N LEU A 67 -1.49 -1.43 -12.58
CA LEU A 67 -2.18 -0.14 -12.64
C LEU A 67 -3.09 -0.11 -13.87
N LYS A 68 -2.80 -0.99 -14.83
CA LYS A 68 -3.57 -1.04 -16.07
C LYS A 68 -4.95 -1.67 -15.89
N PRO A 69 -5.10 -2.72 -15.11
CA PRO A 69 -6.41 -3.39 -14.91
C PRO A 69 -7.07 -3.01 -13.58
N TYR A 70 -6.36 -2.24 -12.77
CA TYR A 70 -6.87 -1.83 -11.46
C TYR A 70 -7.64 -0.51 -11.58
N ILE A 71 -7.44 0.21 -12.69
CA ILE A 71 -8.14 1.47 -12.96
C ILE A 71 -8.89 1.35 -14.28
N ASP A 72 -9.92 2.17 -14.46
CA ASP A 72 -10.70 2.13 -15.70
C ASP A 72 -9.82 2.55 -16.88
N ASP A 73 -10.09 1.96 -18.03
CA ASP A 73 -9.32 2.25 -19.25
C ASP A 73 -9.98 3.38 -20.06
N THR A 74 -10.50 4.38 -19.35
CA THR A 74 -11.15 5.53 -20.02
C THR A 74 -10.28 6.77 -19.89
N MET A 75 -9.69 6.96 -18.71
CA MET A 75 -8.82 8.11 -18.44
C MET A 75 -7.37 7.74 -18.71
N LEU A 76 -7.11 6.44 -18.75
CA LEU A 76 -5.76 5.93 -18.96
C LEU A 76 -5.35 5.99 -20.43
N THR A 77 -4.20 6.60 -20.66
CA THR A 77 -3.71 6.80 -22.02
C THR A 77 -2.18 6.90 -22.01
N ASP A 78 -1.57 6.74 -23.19
CA ASP A 78 -0.10 6.80 -23.32
C ASP A 78 0.47 8.03 -22.62
N VAL A 79 -0.14 9.19 -22.85
CA VAL A 79 0.35 10.42 -22.24
C VAL A 79 0.31 10.34 -20.71
N GLN A 80 -0.65 9.60 -20.18
CA GLN A 80 -0.78 9.45 -18.73
C GLN A 80 0.41 8.71 -18.16
N ARG A 81 0.83 7.68 -18.89
CA ARG A 81 1.97 6.87 -18.47
C ARG A 81 3.22 7.72 -18.45
N GLU A 82 3.43 8.38 -19.56
CA GLU A 82 4.59 9.22 -19.72
C GLU A 82 4.62 10.27 -18.63
N THR A 83 3.50 10.93 -18.48
CA THR A 83 3.37 12.00 -17.51
C THR A 83 3.59 11.49 -16.08
N ILE A 84 2.91 10.42 -15.69
CA ILE A 84 3.10 9.91 -14.34
C ILE A 84 4.52 9.35 -14.19
N PHE A 85 5.05 8.84 -15.29
CA PHE A 85 6.41 8.28 -15.29
C PHE A 85 7.46 9.39 -15.32
N SER A 86 7.18 10.48 -16.04
CA SER A 86 8.14 11.59 -16.17
C SER A 86 7.99 12.59 -15.02
N ARG A 87 6.85 12.56 -14.34
CA ARG A 87 6.59 13.47 -13.22
C ARG A 87 6.58 12.70 -11.90
N TRP A 88 7.77 12.37 -11.41
CA TRP A 88 7.89 11.63 -10.15
C TRP A 88 7.17 10.28 -10.27
N PRO A 89 7.63 9.25 -9.59
CA PRO A 89 6.98 7.89 -9.68
C PRO A 89 5.58 7.87 -9.07
N GLY A 90 5.36 8.70 -8.05
CA GLY A 90 4.05 8.76 -7.39
C GLY A 90 4.17 9.14 -5.91
N PRO A 91 4.70 10.31 -5.62
CA PRO A 91 4.86 10.79 -4.22
C PRO A 91 3.52 11.13 -3.57
N VAL A 92 2.48 11.27 -4.41
CA VAL A 92 1.13 11.60 -3.94
C VAL A 92 0.15 10.52 -4.39
N THR A 93 -0.74 10.13 -3.48
CA THR A 93 -1.74 9.10 -3.75
C THR A 93 -3.05 9.71 -4.27
N PHE A 94 -3.59 9.10 -5.33
CA PHE A 94 -4.84 9.56 -5.94
C PHE A 94 -5.89 8.44 -5.90
N VAL A 95 -7.16 8.79 -5.61
CA VAL A 95 -8.23 7.77 -5.54
C VAL A 95 -9.00 7.71 -6.84
N PHE A 96 -8.79 6.61 -7.57
CA PHE A 96 -9.44 6.40 -8.87
C PHE A 96 -10.72 5.59 -8.72
N PRO A 97 -11.70 5.80 -9.59
CA PRO A 97 -12.99 5.04 -9.51
C PRO A 97 -12.78 3.58 -9.90
N ALA A 98 -12.42 2.76 -8.92
CA ALA A 98 -12.18 1.35 -9.18
C ALA A 98 -13.37 0.73 -9.94
N PRO A 99 -13.15 -0.31 -10.70
CA PRO A 99 -14.24 -0.99 -11.47
C PRO A 99 -15.21 -1.73 -10.54
N ALA A 100 -16.43 -1.95 -11.04
CA ALA A 100 -17.45 -2.65 -10.26
C ALA A 100 -18.38 -3.43 -11.18
N THR A 101 -17.88 -4.54 -11.70
CA THR A 101 -18.68 -5.37 -12.60
C THR A 101 -19.85 -6.00 -11.86
N THR A 102 -19.64 -6.34 -10.59
CA THR A 102 -20.69 -6.95 -9.78
C THR A 102 -20.36 -6.99 -8.28
N PRO A 103 -19.13 -7.24 -7.91
CA PRO A 103 -18.72 -7.33 -6.47
C PRO A 103 -18.82 -5.99 -5.74
N ARG A 104 -18.19 -5.94 -4.58
CA ARG A 104 -18.20 -4.74 -3.75
C ARG A 104 -17.22 -4.89 -2.57
N TRP A 105 -16.56 -6.04 -2.51
CA TRP A 105 -15.63 -6.29 -1.42
C TRP A 105 -14.36 -5.46 -1.57
N LEU A 106 -14.22 -4.77 -2.69
CA LEU A 106 -13.03 -3.93 -2.92
C LEU A 106 -13.11 -2.68 -2.04
N THR A 107 -14.32 -2.31 -1.64
CA THR A 107 -14.54 -1.14 -0.78
C THR A 107 -15.68 -1.42 0.20
N GLY A 108 -16.72 -2.09 -0.29
CA GLY A 108 -17.86 -2.44 0.55
C GLY A 108 -18.82 -1.27 0.74
N ARG A 109 -18.52 -0.11 0.16
CA ARG A 109 -19.38 1.06 0.29
C ARG A 109 -19.33 1.92 -0.97
N PHE A 110 -18.30 2.76 -1.11
CA PHE A 110 -18.17 3.60 -2.29
C PHE A 110 -17.38 2.86 -3.35
N ASP A 111 -17.06 3.56 -4.45
CA ASP A 111 -16.30 2.94 -5.55
C ASP A 111 -15.13 3.83 -5.96
N SER A 112 -14.12 3.90 -5.10
CA SER A 112 -12.93 4.69 -5.37
C SER A 112 -11.79 4.22 -4.46
N LEU A 113 -10.63 3.91 -5.06
CA LEU A 113 -9.47 3.41 -4.30
C LEU A 113 -8.19 4.24 -4.47
N ALA A 114 -7.61 4.62 -3.32
CA ALA A 114 -6.34 5.35 -3.25
C ALA A 114 -5.18 4.37 -3.50
N VAL A 115 -4.37 4.66 -4.52
CA VAL A 115 -3.22 3.81 -4.86
C VAL A 115 -2.02 4.65 -5.27
N ARG A 116 -0.83 4.07 -5.12
CA ARG A 116 0.41 4.78 -5.47
C ARG A 116 1.48 3.78 -5.94
N VAL A 117 2.45 4.30 -6.69
CA VAL A 117 3.56 3.47 -7.21
C VAL A 117 4.89 4.03 -6.75
N THR A 118 5.77 3.14 -6.28
CA THR A 118 7.11 3.53 -5.83
C THR A 118 8.13 2.51 -6.32
N ASP A 119 9.18 3.01 -6.97
CA ASP A 119 10.25 2.15 -7.51
C ASP A 119 11.62 2.72 -7.14
N HIS A 120 12.11 2.34 -5.95
CA HIS A 120 13.41 2.83 -5.49
C HIS A 120 13.88 2.11 -4.21
N PRO A 121 13.00 1.74 -3.30
CA PRO A 121 13.40 1.07 -2.05
C PRO A 121 13.28 -0.45 -2.15
N LEU A 122 13.19 -1.11 -1.02
CA LEU A 122 13.08 -2.57 -0.99
C LEU A 122 11.65 -3.01 -1.31
N VAL A 123 10.76 -2.04 -1.41
CA VAL A 123 9.37 -2.33 -1.70
C VAL A 123 9.27 -3.12 -2.98
N VAL A 124 9.99 -2.68 -4.01
CA VAL A 124 9.98 -3.39 -5.29
C VAL A 124 10.25 -4.85 -5.02
N ALA A 125 11.42 -5.15 -4.48
CA ALA A 125 11.77 -6.52 -4.14
C ALA A 125 10.58 -7.25 -3.52
N LEU A 126 9.90 -6.58 -2.59
CA LEU A 126 8.73 -7.18 -1.95
C LEU A 126 7.59 -7.38 -2.96
N CYS A 127 7.25 -6.30 -3.69
CA CYS A 127 6.16 -6.36 -4.68
C CYS A 127 6.54 -7.22 -5.87
N GLN A 128 7.73 -6.96 -6.40
CA GLN A 128 8.24 -7.69 -7.53
C GLN A 128 8.21 -9.17 -7.21
N ALA A 129 8.60 -9.47 -5.99
CA ALA A 129 8.68 -10.83 -5.53
C ALA A 129 7.31 -11.47 -5.61
N TYR A 130 6.35 -10.81 -4.98
CA TYR A 130 4.98 -11.26 -4.97
C TYR A 130 4.44 -11.22 -6.39
N GLY A 131 5.08 -10.40 -7.20
CA GLY A 131 4.66 -10.24 -8.58
C GLY A 131 3.48 -9.29 -8.63
N LYS A 132 3.07 -8.78 -7.46
CA LYS A 132 1.93 -7.87 -7.40
C LYS A 132 2.08 -6.92 -6.19
N PRO A 133 1.39 -5.80 -6.21
CA PRO A 133 1.44 -4.77 -5.12
C PRO A 133 1.39 -5.37 -3.73
N LEU A 134 1.46 -4.46 -2.75
CA LEU A 134 1.37 -4.80 -1.34
C LEU A 134 0.39 -3.81 -0.71
N VAL A 135 -0.68 -4.28 -0.08
CA VAL A 135 -1.61 -3.31 0.50
C VAL A 135 -0.86 -2.56 1.59
N SER A 136 -1.18 -1.29 1.76
CA SER A 136 -0.51 -0.47 2.79
C SER A 136 -1.50 0.07 3.82
N THR A 137 -1.18 -0.14 5.09
CA THR A 137 -2.03 0.30 6.20
C THR A 137 -1.20 1.05 7.24
N SER A 138 -1.88 1.77 8.13
CA SER A 138 -1.20 2.53 9.17
C SER A 138 -0.71 1.58 10.27
N ALA A 139 0.41 1.92 10.89
CA ALA A 139 0.97 1.09 11.96
C ALA A 139 0.16 1.26 13.25
N ASN A 140 -0.87 0.44 13.42
CA ASN A 140 -1.69 0.51 14.61
C ASN A 140 -2.54 -0.73 14.76
N LEU A 141 -3.05 -0.93 15.97
CA LEU A 141 -3.87 -2.09 16.30
C LEU A 141 -5.04 -1.67 17.20
N SER A 142 -5.69 -2.65 17.81
CA SER A 142 -6.82 -2.38 18.70
C SER A 142 -6.39 -1.53 19.88
N GLY A 143 -5.25 -1.88 20.48
CA GLY A 143 -4.75 -1.14 21.62
C GLY A 143 -3.27 -1.38 21.82
N LEU A 144 -2.64 -2.02 20.84
CA LEU A 144 -1.20 -2.31 20.91
C LEU A 144 -0.42 -1.12 20.33
N PRO A 145 0.56 -0.57 21.04
CA PRO A 145 1.35 0.58 20.51
C PRO A 145 1.65 0.44 19.02
N PRO A 146 1.87 1.52 18.32
CA PRO A 146 2.15 1.48 16.85
C PRO A 146 3.56 0.99 16.54
N CYS A 147 3.72 0.36 15.39
CA CYS A 147 5.01 -0.15 14.96
C CYS A 147 5.91 1.02 14.66
N ARG A 148 6.37 1.67 15.72
CA ARG A 148 7.24 2.82 15.57
C ARG A 148 8.49 2.47 14.79
N THR A 149 8.97 1.24 14.96
CA THR A 149 10.14 0.78 14.21
C THR A 149 10.17 -0.74 14.24
N VAL A 150 10.94 -1.34 13.36
CA VAL A 150 11.01 -2.76 13.32
C VAL A 150 11.44 -3.28 14.70
N ASP A 151 11.99 -2.39 15.51
CA ASP A 151 12.37 -2.76 16.86
C ASP A 151 11.10 -3.13 17.62
N GLU A 152 10.02 -2.39 17.30
CA GLU A 152 8.72 -2.61 17.91
C GLU A 152 8.22 -4.04 17.64
N VAL A 153 7.78 -4.27 16.41
CA VAL A 153 7.27 -5.58 15.96
C VAL A 153 8.18 -6.72 16.43
N ARG A 154 9.45 -6.42 16.58
CA ARG A 154 10.42 -7.42 17.03
C ARG A 154 10.41 -7.52 18.55
N ALA A 155 10.40 -6.38 19.18
CA ALA A 155 10.40 -6.29 20.62
C ALA A 155 9.20 -7.00 21.17
N GLN A 156 8.11 -6.80 20.46
CA GLN A 156 6.84 -7.35 20.84
C GLN A 156 6.66 -8.82 20.42
N PHE A 157 6.97 -9.14 19.15
CA PHE A 157 6.80 -10.52 18.64
C PHE A 157 8.15 -11.21 18.36
N GLY A 158 9.17 -10.46 17.94
CA GLY A 158 10.48 -11.06 17.64
C GLY A 158 10.66 -11.33 16.16
N ALA A 159 9.97 -10.54 15.33
CA ALA A 159 10.06 -10.71 13.88
C ALA A 159 11.52 -10.91 13.45
N ALA A 160 12.17 -9.82 13.06
CA ALA A 160 13.56 -9.89 12.59
C ALA A 160 13.63 -10.77 11.35
N PHE A 161 12.58 -10.68 10.52
CA PHE A 161 12.50 -11.47 9.29
C PHE A 161 11.26 -11.05 8.50
N PRO A 162 10.07 -11.23 9.04
CA PRO A 162 8.81 -10.82 8.36
C PRO A 162 8.65 -9.31 8.38
N VAL A 163 9.79 -8.61 8.41
CA VAL A 163 9.81 -7.15 8.47
C VAL A 163 10.76 -6.55 7.43
N VAL A 164 10.67 -5.23 7.22
CA VAL A 164 11.52 -4.51 6.28
C VAL A 164 12.26 -3.36 6.98
N PRO A 165 13.12 -3.67 7.92
CA PRO A 165 13.91 -2.67 8.69
C PRO A 165 14.33 -1.44 7.90
N GLY A 166 14.29 -0.32 8.61
CA GLY A 166 14.68 0.95 8.01
C GLY A 166 14.25 2.11 8.90
N GLU A 167 14.51 3.33 8.42
CA GLU A 167 14.15 4.55 9.17
C GLU A 167 13.80 5.67 8.20
N THR A 168 12.93 6.59 8.66
CA THR A 168 12.51 7.71 7.82
C THR A 168 12.33 8.98 8.65
N GLY A 169 12.60 10.13 8.02
CA GLY A 169 12.47 11.43 8.69
C GLY A 169 11.25 12.18 8.20
N GLY A 170 10.10 11.57 8.35
CA GLY A 170 8.85 12.19 7.92
C GLY A 170 7.65 11.49 8.57
N ARG A 171 7.71 11.35 9.88
CA ARG A 171 6.63 10.70 10.63
C ARG A 171 5.36 11.52 10.54
N LEU A 172 5.49 12.85 10.68
CA LEU A 172 4.34 13.75 10.61
C LEU A 172 4.24 14.42 9.24
N ASN A 173 3.22 15.25 9.06
CA ASN A 173 2.99 15.97 7.80
C ASN A 173 2.27 15.09 6.78
N PRO A 174 1.13 14.56 7.14
CA PRO A 174 0.31 13.70 6.24
C PRO A 174 -0.34 14.53 5.13
N SER A 175 -0.46 13.95 3.93
CA SER A 175 -1.07 14.65 2.79
C SER A 175 -0.63 13.97 1.48
N GLU A 176 -1.23 12.83 1.18
CA GLU A 176 -0.90 12.07 -0.03
C GLU A 176 -2.16 11.64 -0.78
N ILE A 177 -3.27 11.50 -0.06
CA ILE A 177 -4.53 11.08 -0.69
C ILE A 177 -5.29 12.28 -1.23
N ARG A 178 -5.58 12.25 -2.54
CA ARG A 178 -6.31 13.34 -3.20
C ARG A 178 -7.39 12.82 -4.13
N ASP A 179 -8.25 13.73 -4.56
CA ASP A 179 -9.34 13.37 -5.46
C ASP A 179 -8.83 13.23 -6.89
N ALA A 180 -8.73 11.98 -7.33
CA ALA A 180 -8.25 11.68 -8.68
C ALA A 180 -9.22 12.22 -9.73
N LEU A 181 -10.43 12.59 -9.28
CA LEU A 181 -11.43 13.12 -10.18
C LEU A 181 -10.94 14.43 -10.80
N THR A 182 -10.31 15.28 -9.98
CA THR A 182 -9.80 16.58 -10.46
C THR A 182 -8.30 16.66 -10.26
N GLY A 183 -7.79 15.86 -9.33
CA GLY A 183 -6.36 15.84 -9.05
C GLY A 183 -5.97 16.92 -8.04
N GLU A 184 -6.90 17.23 -7.14
CA GLU A 184 -6.68 18.24 -6.12
C GLU A 184 -7.78 18.19 -5.05
N LEU A 185 -7.41 18.47 -3.81
CA LEU A 185 -8.38 18.46 -2.70
C LEU A 185 -9.02 19.83 -2.54
N PHE A 186 -9.98 19.92 -1.62
CA PHE A 186 -10.68 21.18 -1.36
C PHE A 186 -10.31 21.73 0.02
N ARG A 187 -9.64 20.89 0.82
CA ARG A 187 -9.22 21.29 2.15
C ARG A 187 -8.04 22.24 2.07
N GLN A 188 -8.07 23.29 2.89
CA GLN A 188 -6.99 24.28 2.91
C GLN A 188 -6.89 24.94 4.28
N GLY A 189 -7.97 24.83 5.07
CA GLY A 189 -7.98 25.42 6.40
C GLY A 189 -9.39 25.41 6.99
N ASN A 1 27.23 -9.74 2.49
CA ASN A 1 26.07 -10.61 2.17
C ASN A 1 24.92 -9.77 1.63
N ASN A 2 23.97 -10.43 0.97
CA ASN A 2 22.81 -9.75 0.39
C ASN A 2 21.57 -10.63 0.52
N ASN A 3 20.92 -10.58 1.67
CA ASN A 3 19.71 -11.37 1.95
C ASN A 3 18.47 -10.49 1.89
N LEU A 4 18.62 -9.29 1.36
CA LEU A 4 17.50 -8.36 1.26
C LEU A 4 16.41 -8.95 0.36
N GLN A 5 16.82 -9.56 -0.75
CA GLN A 5 15.88 -10.16 -1.67
C GLN A 5 15.14 -11.31 -1.00
N ARG A 6 15.88 -12.10 -0.23
CA ARG A 6 15.29 -13.23 0.47
C ARG A 6 14.28 -12.73 1.49
N ASP A 7 14.65 -11.64 2.18
CA ASP A 7 13.77 -11.06 3.19
C ASP A 7 12.44 -10.65 2.57
N ALA A 8 12.50 -9.99 1.42
CA ALA A 8 11.28 -9.55 0.74
C ALA A 8 10.46 -10.77 0.33
N ILE A 9 11.13 -11.78 -0.20
CA ILE A 9 10.44 -12.99 -0.62
C ILE A 9 9.81 -13.69 0.58
N ALA A 10 10.56 -13.75 1.68
CA ALA A 10 10.06 -14.39 2.89
C ALA A 10 8.76 -13.72 3.35
N ALA A 11 8.76 -12.39 3.37
CA ALA A 11 7.58 -11.65 3.79
C ALA A 11 6.38 -11.94 2.90
N ALA A 12 6.60 -11.93 1.59
CA ALA A 12 5.50 -12.17 0.65
C ALA A 12 4.88 -13.55 0.85
N ILE A 13 5.70 -14.59 0.84
CA ILE A 13 5.19 -15.95 1.00
C ILE A 13 4.65 -16.18 2.40
N ASP A 14 5.34 -15.64 3.41
CA ASP A 14 4.90 -15.83 4.78
C ASP A 14 3.48 -15.33 4.95
N VAL A 15 3.22 -14.10 4.55
CA VAL A 15 1.87 -13.56 4.68
C VAL A 15 0.89 -14.35 3.83
N LEU A 16 1.29 -14.73 2.63
CA LEU A 16 0.41 -15.50 1.77
C LEU A 16 -0.12 -16.71 2.54
N ASN A 17 0.80 -17.47 3.12
CA ASN A 17 0.45 -18.68 3.87
C ASN A 17 -0.08 -18.36 5.28
N GLU A 18 0.67 -17.53 6.01
CA GLU A 18 0.32 -17.15 7.36
C GLU A 18 -0.98 -16.34 7.38
N GLU A 19 -1.18 -15.58 6.31
CA GLU A 19 -2.40 -14.76 6.16
C GLU A 19 -2.58 -13.73 7.27
N ARG A 20 -1.87 -12.59 7.16
CA ARG A 20 -2.02 -11.51 8.13
C ARG A 20 -1.42 -10.21 7.59
N VAL A 21 -0.89 -9.38 8.49
CA VAL A 21 -0.30 -8.09 8.12
C VAL A 21 1.15 -8.01 8.65
N ILE A 22 2.08 -7.44 7.86
CA ILE A 22 3.50 -7.34 8.29
C ILE A 22 4.03 -5.93 8.13
N ALA A 23 5.17 -5.66 8.75
CA ALA A 23 5.77 -4.33 8.67
C ALA A 23 6.10 -3.97 7.23
N TYR A 24 5.77 -2.72 6.87
CA TYR A 24 5.99 -2.20 5.51
C TYR A 24 6.66 -0.81 5.65
N PRO A 25 7.55 -0.43 4.74
CA PRO A 25 8.23 0.90 4.82
C PRO A 25 7.29 2.03 4.39
N THR A 26 7.42 3.21 5.01
CA THR A 26 6.58 4.36 4.68
C THR A 26 7.42 5.61 4.48
N GLU A 27 7.19 6.31 3.39
CA GLU A 27 7.93 7.52 3.09
C GLU A 27 7.46 8.66 3.98
N ALA A 28 7.00 8.33 5.19
CA ALA A 28 6.52 9.34 6.12
C ALA A 28 6.53 8.80 7.54
N VAL A 29 5.58 7.92 7.85
CA VAL A 29 5.47 7.33 9.18
C VAL A 29 5.33 5.81 9.08
N PHE A 30 6.12 5.10 9.88
CA PHE A 30 6.09 3.64 9.88
C PHE A 30 4.67 3.11 9.77
N GLY A 31 4.51 1.99 9.05
CA GLY A 31 3.21 1.37 8.86
C GLY A 31 3.36 -0.11 8.55
N VAL A 32 2.23 -0.75 8.23
CA VAL A 32 2.22 -2.19 7.91
C VAL A 32 1.44 -2.41 6.62
N GLY A 33 1.44 -3.62 6.09
CA GLY A 33 0.71 -3.90 4.86
C GLY A 33 0.40 -5.38 4.70
N CYS A 34 -0.31 -5.73 3.62
CA CYS A 34 -0.67 -7.14 3.39
C CYS A 34 -0.96 -7.42 1.91
N ASP A 35 -1.49 -8.61 1.63
CA ASP A 35 -1.77 -9.02 0.25
C ASP A 35 -3.16 -8.56 -0.27
N PRO A 36 -3.24 -7.58 -1.18
CA PRO A 36 -4.56 -7.13 -1.76
C PRO A 36 -5.55 -8.27 -1.96
N ASP A 37 -5.16 -9.21 -2.79
CA ASP A 37 -6.02 -10.35 -3.13
C ASP A 37 -6.08 -11.35 -1.98
N SER A 38 -6.78 -10.96 -0.91
CA SER A 38 -6.94 -11.83 0.25
C SER A 38 -8.20 -11.47 1.03
N GLU A 39 -9.01 -12.48 1.33
CA GLU A 39 -10.24 -12.31 2.06
C GLU A 39 -9.96 -11.84 3.49
N THR A 40 -8.87 -12.32 4.05
CA THR A 40 -8.50 -11.97 5.41
C THR A 40 -8.26 -10.46 5.55
N ALA A 41 -7.55 -9.89 4.57
CA ALA A 41 -7.24 -8.47 4.60
C ALA A 41 -8.50 -7.61 4.71
N VAL A 42 -9.46 -7.83 3.84
CA VAL A 42 -10.70 -7.06 3.87
C VAL A 42 -11.44 -7.30 5.19
N MET A 43 -11.49 -8.55 5.63
CA MET A 43 -12.13 -8.89 6.89
C MET A 43 -11.40 -8.20 8.06
N ARG A 44 -10.07 -8.20 7.99
CA ARG A 44 -9.24 -7.56 9.01
C ARG A 44 -9.58 -6.08 9.06
N LEU A 45 -9.77 -5.50 7.89
CA LEU A 45 -10.07 -4.09 7.81
C LEU A 45 -11.43 -3.83 8.46
N LEU A 46 -12.43 -4.53 7.96
CA LEU A 46 -13.81 -4.40 8.45
C LEU A 46 -13.95 -4.92 9.87
N GLU A 47 -12.96 -5.61 10.37
CA GLU A 47 -13.01 -6.21 11.68
C GLU A 47 -13.03 -5.12 12.76
N LEU A 48 -11.84 -4.64 13.09
CA LEU A 48 -11.72 -3.63 14.13
C LEU A 48 -12.13 -2.22 13.67
N LYS A 49 -11.84 -1.87 12.41
CA LYS A 49 -12.16 -0.52 11.96
C LYS A 49 -13.65 -0.36 11.72
N GLN A 50 -14.21 -1.28 10.94
CA GLN A 50 -15.64 -1.27 10.64
C GLN A 50 -16.17 0.16 10.47
N ARG A 51 -15.69 0.86 9.44
CA ARG A 51 -16.12 2.24 9.17
C ARG A 51 -15.38 2.84 7.94
N PRO A 52 -14.07 2.82 7.93
CA PRO A 52 -13.26 3.41 6.81
C PRO A 52 -13.24 2.48 5.59
N VAL A 53 -13.80 1.29 5.74
CA VAL A 53 -13.81 0.33 4.65
C VAL A 53 -14.22 1.01 3.35
N ASP A 54 -15.25 1.86 3.43
CA ASP A 54 -15.72 2.58 2.26
C ASP A 54 -14.67 3.55 1.75
N LYS A 55 -14.01 4.22 2.69
CA LYS A 55 -12.97 5.15 2.31
C LYS A 55 -11.85 4.38 1.62
N GLY A 56 -11.59 3.17 2.11
CA GLY A 56 -10.57 2.33 1.52
C GLY A 56 -9.19 2.94 1.66
N LEU A 57 -8.38 2.34 2.52
CA LEU A 57 -7.03 2.82 2.77
C LEU A 57 -6.24 3.00 1.48
N ILE A 58 -4.92 3.15 1.61
CA ILE A 58 -4.04 3.33 0.45
C ILE A 58 -3.28 2.04 0.17
N LEU A 59 -3.23 1.67 -1.11
CA LEU A 59 -2.54 0.46 -1.54
C LEU A 59 -1.30 0.83 -2.35
N ILE A 60 -0.21 0.07 -2.24
CA ILE A 60 1.03 0.38 -2.98
C ILE A 60 1.33 -0.69 -4.05
N ALA A 61 1.51 -0.24 -5.28
CA ALA A 61 1.82 -1.13 -6.42
C ALA A 61 3.21 -0.82 -6.92
N ALA A 62 3.89 -1.84 -7.42
CA ALA A 62 5.25 -1.68 -7.94
C ALA A 62 5.26 -1.74 -9.45
N ASN A 63 4.29 -2.46 -10.01
CA ASN A 63 4.20 -2.60 -11.48
C ASN A 63 2.86 -2.09 -12.00
N TYR A 64 2.86 -1.61 -13.24
CA TYR A 64 1.64 -1.12 -13.86
C TYR A 64 0.79 -2.30 -14.30
N GLU A 65 1.42 -3.48 -14.30
CA GLU A 65 0.74 -4.71 -14.69
C GLU A 65 -0.57 -4.87 -13.96
N GLN A 66 -0.62 -4.37 -12.72
CA GLN A 66 -1.84 -4.46 -11.89
C GLN A 66 -2.72 -3.21 -12.00
N LEU A 67 -2.21 -2.11 -12.57
CA LEU A 67 -3.02 -0.89 -12.72
C LEU A 67 -3.72 -0.89 -14.08
N LYS A 68 -3.24 -1.74 -14.97
CA LYS A 68 -3.78 -1.82 -16.32
C LYS A 68 -5.09 -2.62 -16.39
N PRO A 69 -5.24 -3.69 -15.63
CA PRO A 69 -6.47 -4.52 -15.67
C PRO A 69 -7.36 -4.27 -14.44
N TYR A 70 -6.89 -3.42 -13.53
CA TYR A 70 -7.63 -3.13 -12.30
C TYR A 70 -8.47 -1.87 -12.47
N ILE A 71 -8.22 -1.14 -13.56
CA ILE A 71 -8.98 0.08 -13.87
C ILE A 71 -9.52 -0.03 -15.30
N ASP A 72 -10.43 0.86 -15.66
CA ASP A 72 -11.03 0.84 -16.99
C ASP A 72 -9.95 1.04 -18.05
N ASP A 73 -8.78 1.46 -17.61
CA ASP A 73 -7.66 1.68 -18.52
C ASP A 73 -8.05 2.67 -19.62
N THR A 74 -9.07 3.48 -19.34
CA THR A 74 -9.52 4.49 -20.31
C THR A 74 -8.81 5.82 -20.06
N MET A 75 -8.63 6.16 -18.79
CA MET A 75 -7.97 7.40 -18.43
C MET A 75 -6.45 7.25 -18.58
N LEU A 76 -5.98 6.01 -18.49
CA LEU A 76 -4.56 5.73 -18.59
C LEU A 76 -4.10 5.77 -20.04
N THR A 77 -2.97 6.45 -20.24
CA THR A 77 -2.40 6.64 -21.56
C THR A 77 -0.88 6.67 -21.48
N ASP A 78 -0.23 6.68 -22.64
CA ASP A 78 1.25 6.69 -22.71
C ASP A 78 1.82 7.92 -22.00
N VAL A 79 1.17 9.06 -22.20
CA VAL A 79 1.64 10.31 -21.60
C VAL A 79 1.63 10.22 -20.07
N GLN A 80 0.64 9.52 -19.51
CA GLN A 80 0.55 9.38 -18.06
C GLN A 80 1.77 8.65 -17.51
N ARG A 81 2.19 7.61 -18.22
CA ARG A 81 3.34 6.82 -17.80
C ARG A 81 4.57 7.71 -17.80
N GLU A 82 4.77 8.34 -18.93
CA GLU A 82 5.89 9.22 -19.08
C GLU A 82 5.86 10.27 -18.00
N THR A 83 4.71 10.91 -17.88
CA THR A 83 4.52 11.97 -16.91
C THR A 83 4.74 11.50 -15.48
N ILE A 84 4.11 10.40 -15.09
CA ILE A 84 4.28 9.92 -13.72
C ILE A 84 5.72 9.42 -13.54
N PHE A 85 6.29 8.90 -14.62
CA PHE A 85 7.66 8.40 -14.58
C PHE A 85 8.67 9.55 -14.57
N SER A 86 8.35 10.63 -15.31
CA SER A 86 9.26 11.78 -15.41
C SER A 86 9.01 12.77 -14.27
N ARG A 87 7.87 12.65 -13.60
CA ARG A 87 7.52 13.54 -12.49
C ARG A 87 7.32 12.76 -11.20
N TRP A 88 8.44 12.39 -10.56
CA TRP A 88 8.41 11.64 -9.30
C TRP A 88 7.60 10.33 -9.46
N PRO A 89 7.93 9.28 -8.73
CA PRO A 89 7.22 7.96 -8.83
C PRO A 89 5.77 8.06 -8.33
N GLY A 90 5.50 9.07 -7.51
CA GLY A 90 4.16 9.26 -6.96
C GLY A 90 4.22 10.08 -5.68
N PRO A 91 4.27 11.39 -5.77
CA PRO A 91 4.34 12.26 -4.56
C PRO A 91 3.00 12.39 -3.85
N VAL A 92 1.91 12.13 -4.56
CA VAL A 92 0.56 12.23 -3.99
C VAL A 92 -0.31 11.04 -4.40
N THR A 93 -1.15 10.60 -3.47
CA THR A 93 -2.05 9.47 -3.73
C THR A 93 -3.36 9.96 -4.36
N PHE A 94 -3.93 9.15 -5.27
CA PHE A 94 -5.18 9.51 -5.95
C PHE A 94 -6.21 8.39 -5.82
N VAL A 95 -7.49 8.75 -5.66
CA VAL A 95 -8.57 7.75 -5.53
C VAL A 95 -9.26 7.57 -6.87
N PHE A 96 -8.96 6.44 -7.51
CA PHE A 96 -9.52 6.14 -8.83
C PHE A 96 -10.85 5.39 -8.70
N PRO A 97 -11.75 5.54 -9.65
CA PRO A 97 -13.06 4.82 -9.61
C PRO A 97 -12.88 3.36 -10.03
N ALA A 98 -13.01 2.45 -9.07
CA ALA A 98 -12.85 1.04 -9.36
C ALA A 98 -13.99 0.54 -10.26
N PRO A 99 -13.75 -0.41 -11.13
CA PRO A 99 -14.80 -0.94 -12.06
C PRO A 99 -15.84 -1.80 -11.34
N ALA A 100 -17.04 -1.89 -11.91
CA ALA A 100 -18.10 -2.68 -11.33
C ALA A 100 -17.79 -4.18 -11.42
N THR A 101 -17.14 -4.57 -12.50
CA THR A 101 -16.80 -5.98 -12.71
C THR A 101 -15.98 -6.54 -11.56
N THR A 102 -15.02 -5.78 -11.06
CA THR A 102 -14.19 -6.24 -9.96
C THR A 102 -15.08 -6.63 -8.76
N PRO A 103 -14.62 -7.48 -7.85
CA PRO A 103 -15.41 -7.90 -6.64
C PRO A 103 -16.06 -6.74 -5.88
N ARG A 104 -16.02 -6.83 -4.55
CA ARG A 104 -16.60 -5.81 -3.67
C ARG A 104 -15.73 -5.62 -2.44
N TRP A 105 -14.72 -6.46 -2.30
CA TRP A 105 -13.81 -6.40 -1.18
C TRP A 105 -12.87 -5.21 -1.28
N LEU A 106 -12.80 -4.61 -2.47
CA LEU A 106 -11.92 -3.44 -2.65
C LEU A 106 -12.48 -2.26 -1.86
N THR A 107 -13.80 -2.14 -1.84
CA THR A 107 -14.47 -1.06 -1.11
C THR A 107 -15.78 -1.55 -0.50
N GLY A 108 -16.49 -2.37 -1.26
CA GLY A 108 -17.75 -2.96 -0.81
C GLY A 108 -18.86 -1.92 -0.61
N ARG A 109 -18.52 -0.63 -0.59
CA ARG A 109 -19.53 0.43 -0.39
C ARG A 109 -19.69 1.27 -1.67
N PHE A 110 -18.81 2.25 -1.85
CA PHE A 110 -18.89 3.12 -3.03
C PHE A 110 -18.31 2.41 -4.25
N ASP A 111 -17.31 3.02 -4.86
CA ASP A 111 -16.68 2.43 -6.04
C ASP A 111 -15.42 3.21 -6.42
N SER A 112 -14.54 3.41 -5.45
CA SER A 112 -13.29 4.13 -5.70
C SER A 112 -12.26 3.79 -4.64
N LEU A 113 -10.98 4.07 -4.90
CA LEU A 113 -9.95 3.76 -3.91
C LEU A 113 -8.60 4.42 -4.17
N ALA A 114 -8.04 4.92 -3.06
CA ALA A 114 -6.73 5.55 -3.01
C ALA A 114 -5.63 4.52 -3.29
N VAL A 115 -4.76 4.83 -4.25
CA VAL A 115 -3.67 3.94 -4.60
C VAL A 115 -2.44 4.74 -5.03
N ARG A 116 -1.26 4.17 -4.82
CA ARG A 116 0.00 4.84 -5.16
C ARG A 116 1.01 3.85 -5.73
N VAL A 117 1.96 4.36 -6.51
CA VAL A 117 3.02 3.51 -7.10
C VAL A 117 4.39 4.01 -6.65
N THR A 118 5.22 3.09 -6.17
CA THR A 118 6.58 3.42 -5.72
C THR A 118 7.57 2.41 -6.28
N ASP A 119 8.61 2.92 -6.92
CA ASP A 119 9.65 2.07 -7.52
C ASP A 119 11.02 2.62 -7.19
N HIS A 120 11.53 2.26 -6.00
CA HIS A 120 12.83 2.74 -5.57
C HIS A 120 13.29 2.06 -4.27
N PRO A 121 12.41 1.75 -3.34
CA PRO A 121 12.80 1.12 -2.06
C PRO A 121 12.67 -0.40 -2.11
N LEU A 122 12.58 -1.02 -0.94
CA LEU A 122 12.45 -2.47 -0.85
C LEU A 122 11.01 -2.88 -1.15
N VAL A 123 10.15 -1.92 -1.32
CA VAL A 123 8.76 -2.19 -1.59
C VAL A 123 8.64 -3.03 -2.84
N VAL A 124 9.36 -2.66 -3.89
CA VAL A 124 9.30 -3.43 -5.12
C VAL A 124 9.60 -4.88 -4.80
N ALA A 125 10.79 -5.12 -4.30
CA ALA A 125 11.19 -6.47 -3.93
C ALA A 125 10.03 -7.21 -3.23
N LEU A 126 9.36 -6.52 -2.31
CA LEU A 126 8.23 -7.12 -1.61
C LEU A 126 7.04 -7.33 -2.55
N CYS A 127 6.67 -6.29 -3.31
CA CYS A 127 5.54 -6.39 -4.24
C CYS A 127 5.88 -7.30 -5.41
N GLN A 128 7.04 -7.04 -5.99
CA GLN A 128 7.52 -7.80 -7.13
C GLN A 128 7.55 -9.27 -6.75
N ALA A 129 7.98 -9.52 -5.54
CA ALA A 129 8.11 -10.87 -5.04
C ALA A 129 6.77 -11.56 -5.07
N TYR A 130 5.82 -10.93 -4.41
CA TYR A 130 4.47 -11.45 -4.34
C TYR A 130 3.89 -11.48 -5.74
N GLY A 131 4.38 -10.55 -6.54
CA GLY A 131 3.92 -10.40 -7.91
C GLY A 131 2.75 -9.45 -7.96
N LYS A 132 2.35 -8.90 -6.79
CA LYS A 132 1.23 -7.96 -6.76
C LYS A 132 1.39 -6.96 -5.60
N PRO A 133 0.72 -5.82 -5.68
CA PRO A 133 0.78 -4.74 -4.66
C PRO A 133 0.76 -5.26 -3.24
N LEU A 134 0.90 -4.33 -2.31
CA LEU A 134 0.85 -4.60 -0.88
C LEU A 134 -0.10 -3.58 -0.28
N VAL A 135 -1.15 -3.99 0.41
CA VAL A 135 -2.06 -3.01 0.97
C VAL A 135 -1.34 -2.22 2.03
N SER A 136 -1.66 -0.94 2.14
CA SER A 136 -1.02 -0.06 3.14
C SER A 136 -1.99 0.30 4.27
N THR A 137 -1.63 -0.05 5.50
CA THR A 137 -2.48 0.24 6.68
C THR A 137 -1.60 0.76 7.83
N SER A 138 -2.24 1.38 8.81
CA SER A 138 -1.52 1.93 9.97
C SER A 138 -0.90 0.81 10.81
N ALA A 139 0.23 1.11 11.44
CA ALA A 139 0.92 0.12 12.27
C ALA A 139 0.09 -0.30 13.47
N ASN A 140 -0.61 0.64 14.09
CA ASN A 140 -1.41 0.32 15.27
C ASN A 140 -2.55 -0.61 14.93
N LEU A 141 -2.99 -1.34 15.96
CA LEU A 141 -4.06 -2.30 15.81
C LEU A 141 -4.94 -2.33 17.08
N SER A 142 -5.96 -3.18 17.06
CA SER A 142 -6.87 -3.29 18.19
C SER A 142 -6.13 -3.75 19.46
N GLY A 143 -5.23 -4.73 19.30
CA GLY A 143 -4.48 -5.27 20.43
C GLY A 143 -3.05 -5.58 20.05
N LEU A 144 -2.33 -4.57 19.54
CA LEU A 144 -0.94 -4.76 19.14
C LEU A 144 -0.20 -3.41 19.14
N PRO A 145 0.70 -3.15 20.08
CA PRO A 145 1.44 -1.85 20.10
C PRO A 145 1.86 -1.42 18.69
N PRO A 146 2.07 -0.15 18.45
CA PRO A 146 2.47 0.36 17.11
C PRO A 146 3.78 -0.26 16.63
N CYS A 147 4.43 0.40 15.67
CA CYS A 147 5.69 -0.08 15.12
C CYS A 147 6.56 1.11 14.70
N ARG A 148 7.12 1.81 15.68
CA ARG A 148 7.95 2.96 15.38
C ARG A 148 9.07 2.56 14.43
N THR A 149 9.66 1.39 14.65
CA THR A 149 10.72 0.89 13.79
C THR A 149 10.75 -0.62 13.85
N VAL A 150 11.48 -1.24 12.96
CA VAL A 150 11.56 -2.67 12.94
C VAL A 150 12.09 -3.19 14.27
N ASP A 151 12.80 -2.33 14.98
CA ASP A 151 13.30 -2.70 16.29
C ASP A 151 12.12 -2.92 17.21
N GLU A 152 11.01 -2.26 16.87
CA GLU A 152 9.78 -2.39 17.64
C GLU A 152 9.21 -3.81 17.46
N VAL A 153 8.53 -4.04 16.33
CA VAL A 153 7.96 -5.35 15.98
C VAL A 153 8.89 -6.47 16.46
N ARG A 154 10.18 -6.17 16.49
CA ARG A 154 11.19 -7.15 16.92
C ARG A 154 11.11 -7.39 18.42
N ALA A 155 11.09 -6.31 19.18
CA ALA A 155 11.02 -6.44 20.63
C ALA A 155 9.63 -6.90 20.99
N GLN A 156 8.76 -6.67 20.04
CA GLN A 156 7.34 -6.98 20.15
C GLN A 156 7.06 -8.45 19.82
N PHE A 157 7.68 -8.97 18.74
CA PHE A 157 7.46 -10.36 18.33
C PHE A 157 8.77 -11.10 18.11
N GLY A 158 9.78 -10.38 17.62
CA GLY A 158 11.09 -10.99 17.36
C GLY A 158 11.25 -11.24 15.86
N ALA A 159 10.51 -10.48 15.06
CA ALA A 159 10.58 -10.62 13.62
C ALA A 159 12.03 -10.74 13.15
N ALA A 160 12.60 -9.62 12.70
CA ALA A 160 13.98 -9.63 12.20
C ALA A 160 14.05 -10.50 10.95
N PHE A 161 12.96 -10.48 10.18
CA PHE A 161 12.87 -11.27 8.96
C PHE A 161 11.56 -10.91 8.22
N PRO A 162 10.42 -11.14 8.83
CA PRO A 162 9.10 -10.78 8.21
C PRO A 162 8.89 -9.27 8.24
N VAL A 163 10.00 -8.52 8.22
CA VAL A 163 9.98 -7.06 8.28
C VAL A 163 10.83 -6.46 7.17
N VAL A 164 10.68 -5.15 6.97
CA VAL A 164 11.45 -4.41 5.96
C VAL A 164 12.27 -3.28 6.59
N PRO A 165 13.23 -3.60 7.44
CA PRO A 165 14.10 -2.61 8.13
C PRO A 165 14.45 -1.39 7.30
N GLY A 166 14.45 -0.25 7.98
CA GLY A 166 14.79 1.01 7.35
C GLY A 166 14.26 2.19 8.16
N GLU A 167 14.39 3.39 7.60
CA GLU A 167 13.91 4.60 8.26
C GLU A 167 13.71 5.73 7.25
N THR A 168 13.10 6.82 7.71
CA THR A 168 12.84 7.98 6.85
C THR A 168 13.23 9.26 7.58
N GLY A 169 12.93 9.32 8.88
CA GLY A 169 13.25 10.48 9.72
C GLY A 169 12.02 10.97 10.47
N GLY A 170 11.09 11.59 9.74
CA GLY A 170 9.87 12.10 10.35
C GLY A 170 9.31 13.24 9.51
N ARG A 171 8.13 13.04 8.94
CA ARG A 171 7.50 14.06 8.09
C ARG A 171 6.01 14.19 8.43
N LEU A 172 5.52 15.43 8.43
CA LEU A 172 4.11 15.69 8.76
C LEU A 172 3.18 15.02 7.76
N ASN A 173 3.46 15.19 6.47
CA ASN A 173 2.62 14.61 5.43
C ASN A 173 3.23 14.88 4.05
N PRO A 174 4.19 14.10 3.61
CA PRO A 174 4.83 14.30 2.28
C PRO A 174 3.92 13.86 1.13
N SER A 175 2.87 13.10 1.47
CA SER A 175 1.93 12.61 0.46
C SER A 175 0.54 12.45 1.05
N GLU A 176 -0.43 13.06 0.37
CA GLU A 176 -1.82 13.03 0.79
C GLU A 176 -2.68 12.33 -0.25
N ILE A 177 -4.00 12.32 -0.02
CA ILE A 177 -4.95 11.67 -0.95
C ILE A 177 -5.84 12.73 -1.60
N ARG A 178 -6.01 12.63 -2.93
CA ARG A 178 -6.84 13.59 -3.67
C ARG A 178 -7.88 12.88 -4.52
N ASP A 179 -8.84 13.66 -5.00
CA ASP A 179 -9.90 13.12 -5.84
C ASP A 179 -9.40 12.96 -7.26
N ALA A 180 -9.17 11.71 -7.65
CA ALA A 180 -8.67 11.40 -8.98
C ALA A 180 -9.66 11.84 -10.06
N LEU A 181 -10.92 12.04 -9.67
CA LEU A 181 -11.96 12.44 -10.62
C LEU A 181 -11.63 13.81 -11.21
N THR A 182 -11.15 14.73 -10.37
CA THR A 182 -10.81 16.08 -10.81
C THR A 182 -9.35 16.39 -10.50
N GLY A 183 -8.90 16.01 -9.31
CA GLY A 183 -7.52 16.25 -8.91
C GLY A 183 -7.28 17.72 -8.58
N GLU A 184 -8.35 18.44 -8.31
CA GLU A 184 -8.24 19.86 -7.98
C GLU A 184 -7.72 20.06 -6.56
N LEU A 185 -7.82 21.30 -6.07
CA LEU A 185 -7.35 21.65 -4.72
C LEU A 185 -8.53 21.68 -3.74
N PHE A 186 -8.25 21.98 -2.47
CA PHE A 186 -9.30 22.03 -1.44
C PHE A 186 -9.72 23.46 -1.16
N ARG A 187 -9.92 24.24 -2.22
CA ARG A 187 -10.33 25.65 -2.08
C ARG A 187 -11.85 25.77 -2.18
N GLN A 188 -12.43 26.55 -1.26
CA GLN A 188 -13.88 26.75 -1.22
C GLN A 188 -14.22 28.18 -0.84
N GLY A 189 -13.23 28.89 -0.30
CA GLY A 189 -13.42 30.28 0.11
C GLY A 189 -14.32 30.36 1.34
#